data_9M4W
#
_entry.id   9M4W
#
_cell.length_a   1.00
_cell.length_b   1.00
_cell.length_c   1.00
_cell.angle_alpha   90.00
_cell.angle_beta   90.00
_cell.angle_gamma   90.00
#
_symmetry.space_group_name_H-M   'P 1'
#
loop_
_entity.id
_entity.type
_entity.pdbx_description
1 polymer 'Short transient receptor potential channel 5'
2 non-polymer 'ZINC ION'
3 non-polymer PHOSPHATIDYLETHANOLAMINE
4 non-polymer '(2S)-3-(hexadecanoyloxy)-2-[(9Z)-octadec-9-enoyloxy]propyl 2-(trimethylammonio)ethyl phosphate'
5 non-polymer 'CHOLESTEROL HEMISUCCINATE'
6 non-polymer '(-)-englerin A'
#
_entity_poly.entity_id   1
_entity_poly.type   'polypeptide(L)'
_entity_poly.pdbx_seq_one_letter_code
;PEFMAQLYYKKVNYSPYRDRIPLQIVRAETELSAEEKAFLNAVEKGDYATVKQALQEAEIYYNVNINCMDPLGRSALLIA
IENENLEIMELLLNHSVYVGDALLYAIRKEVVGAVELLLSYRRPSGEKQVPTLMMDTQFSEFTPDITPIMLAAHTNNYEI
IKLLVQKRVTIPRPHQIRCNCVECVSSSEVDSLRHSRSRLNIYKALASPSLIALSSEDPILTAFRLGWELKELSKVENEF
KAEYEELSQQCKLFAKDLLDQARSSRELEIILNHRDDHSEELDPQKYHDLAKLKVAIKYHQKEFVAQPNCQQLLATLWYD
GFPGWRRKHWVVKLLTCMTIGFLFPMLSIAYLISPRSNLGLFIKKPFIKFICHTASYLTFLFMLLLASQHIVRTDLHVQG
PPPTVVEWMILPWVLGFIWGEIKEMWDGGFTEYIHDWWNLMDFAMNSLYLATISLKIVAYVKYNGSRPREEWEMWHPTLI
AEALFAISNILSSLRLISLFTANSHLGPLQISLGRMLLDILKFLFIYCLVLLAFANGLNQLYFYYETRAIDEPNNCKGIR
CEKQNNAFSTLFETLQSLFWSVFGLLNLYVTNVKARHEFTEFVGATMFGTYNVISLVVLLNMLIAMMNNSYQLIADHADI
EWKFARTKLWMSYFDEGGTLPPPFNIIPSPKSFLYLGNWFNNTFCPKRDPDGRRRRRNLRSFTERNADSLIQNQHYQEVI
RNLVKRYVAAMIRNSKTHEGLTEENFKELKQDISSFRYEVLDLLGNR
;
_entity_poly.pdbx_strand_id   A,B,C,D
#
# COMPACT_ATOMS: atom_id res chain seq x y z
N PRO A 1 -23.11 18.74 -40.33
CA PRO A 1 -22.67 18.19 -39.04
C PRO A 1 -22.19 16.75 -39.16
N GLU A 2 -21.00 16.48 -38.63
CA GLU A 2 -20.43 15.14 -38.67
C GLU A 2 -21.01 14.33 -37.50
N PHE A 3 -21.88 13.38 -37.82
CA PHE A 3 -22.55 12.56 -36.83
C PHE A 3 -21.83 11.24 -36.63
N MET A 4 -21.98 10.68 -35.44
CA MET A 4 -21.54 9.31 -35.16
C MET A 4 -22.64 8.36 -35.59
N ALA A 5 -22.52 7.84 -36.81
CA ALA A 5 -23.54 6.97 -37.38
C ALA A 5 -23.23 5.52 -37.08
N GLN A 6 -24.24 4.67 -37.28
CA GLN A 6 -24.12 3.22 -37.08
C GLN A 6 -23.66 2.89 -35.67
N LEU A 7 -24.28 3.54 -34.69
CA LEU A 7 -24.03 3.21 -33.29
C LEU A 7 -24.89 2.03 -32.85
N TYR A 8 -26.22 2.15 -33.02
CA TYR A 8 -27.14 1.10 -32.64
C TYR A 8 -27.64 0.27 -33.81
N TYR A 9 -27.62 0.80 -35.03
CA TYR A 9 -28.21 0.15 -36.18
C TYR A 9 -27.25 0.20 -37.36
N LYS A 10 -27.36 -0.79 -38.24
CA LYS A 10 -26.45 -0.87 -39.39
C LYS A 10 -26.82 0.16 -40.46
N LYS A 11 -28.08 0.58 -40.51
CA LYS A 11 -28.55 1.49 -41.56
C LYS A 11 -27.75 2.78 -41.57
N VAL A 12 -27.44 3.25 -42.77
CA VAL A 12 -26.67 4.47 -42.94
C VAL A 12 -27.58 5.69 -42.87
N ARG A 18 -31.49 11.69 -39.49
CA ARG A 18 -30.04 11.62 -39.53
C ARG A 18 -29.43 12.12 -38.22
N ASP A 19 -30.08 13.10 -37.60
CA ASP A 19 -29.61 13.69 -36.37
C ASP A 19 -30.19 13.03 -35.12
N ARG A 20 -30.96 11.97 -35.29
CA ARG A 20 -31.61 11.28 -34.18
C ARG A 20 -31.32 9.79 -34.28
N ILE A 21 -31.36 9.11 -33.14
CA ILE A 21 -31.25 7.66 -33.07
C ILE A 21 -32.66 7.12 -32.83
N PRO A 22 -33.33 6.55 -33.84
CA PRO A 22 -34.68 6.01 -33.63
C PRO A 22 -34.60 4.67 -32.91
N LEU A 23 -35.14 4.63 -31.70
CA LEU A 23 -35.03 3.46 -30.84
C LEU A 23 -36.28 2.59 -31.01
N GLN A 24 -36.07 1.33 -31.40
CA GLN A 24 -37.14 0.35 -31.43
C GLN A 24 -36.67 -0.92 -30.74
N ILE A 25 -37.63 -1.75 -30.35
CA ILE A 25 -37.34 -3.05 -29.75
C ILE A 25 -36.79 -3.95 -30.86
N VAL A 26 -35.47 -4.19 -30.84
CA VAL A 26 -34.85 -4.91 -31.94
C VAL A 26 -35.17 -6.40 -31.88
N ARG A 27 -34.94 -7.02 -30.72
CA ARG A 27 -35.29 -8.44 -30.53
C ARG A 27 -36.67 -8.52 -29.90
N ALA A 28 -37.68 -8.20 -30.70
CA ALA A 28 -39.06 -8.24 -30.25
C ALA A 28 -39.48 -9.69 -30.02
N GLU A 29 -40.16 -9.91 -28.90
CA GLU A 29 -40.60 -11.24 -28.48
C GLU A 29 -42.11 -11.26 -28.33
N THR A 30 -42.70 -12.40 -28.67
CA THR A 30 -44.15 -12.56 -28.71
C THR A 30 -44.77 -12.30 -27.34
N GLU A 31 -45.57 -11.24 -27.24
CA GLU A 31 -46.20 -10.86 -25.99
C GLU A 31 -47.38 -11.79 -25.67
N LEU A 32 -47.85 -11.70 -24.43
CA LEU A 32 -48.99 -12.49 -23.98
C LEU A 32 -50.29 -11.75 -24.24
N SER A 33 -51.39 -12.49 -24.14
CA SER A 33 -52.71 -11.89 -24.32
C SER A 33 -53.06 -11.00 -23.13
N ALA A 34 -54.12 -10.20 -23.30
CA ALA A 34 -54.61 -9.37 -22.20
C ALA A 34 -55.10 -10.25 -21.06
N GLU A 35 -55.79 -11.35 -21.38
CA GLU A 35 -56.20 -12.28 -20.34
C GLU A 35 -55.04 -13.06 -19.76
N GLU A 36 -54.02 -13.37 -20.57
CA GLU A 36 -52.81 -13.98 -20.02
C GLU A 36 -52.10 -13.01 -19.08
N LYS A 37 -52.02 -11.74 -19.47
CA LYS A 37 -51.45 -10.73 -18.58
C LYS A 37 -52.26 -10.61 -17.31
N ALA A 38 -53.59 -10.74 -17.41
CA ALA A 38 -54.42 -10.75 -16.22
C ALA A 38 -54.12 -11.95 -15.33
N PHE A 39 -53.89 -13.11 -15.95
CA PHE A 39 -53.55 -14.31 -15.19
C PHE A 39 -52.24 -14.13 -14.42
N LEU A 40 -51.23 -13.60 -15.08
CA LEU A 40 -49.95 -13.37 -14.41
C LEU A 40 -50.04 -12.26 -13.37
N ASN A 41 -50.85 -11.24 -13.64
CA ASN A 41 -51.04 -10.19 -12.64
C ASN A 41 -51.76 -10.72 -11.42
N ALA A 42 -52.72 -11.62 -11.62
CA ALA A 42 -53.40 -12.25 -10.48
C ALA A 42 -52.45 -13.12 -9.68
N VAL A 43 -51.61 -13.91 -10.35
CA VAL A 43 -50.71 -14.78 -9.61
C VAL A 43 -49.63 -13.97 -8.90
N GLU A 44 -49.24 -12.82 -9.47
CA GLU A 44 -48.31 -11.93 -8.79
C GLU A 44 -48.97 -11.27 -7.59
N LYS A 45 -50.22 -10.83 -7.75
CA LYS A 45 -50.91 -10.07 -6.71
C LYS A 45 -51.25 -10.92 -5.50
N GLY A 46 -51.59 -12.19 -5.71
CA GLY A 46 -52.03 -13.05 -4.63
C GLY A 46 -53.52 -13.32 -4.58
N ASP A 47 -54.27 -12.92 -5.61
CA ASP A 47 -55.69 -13.19 -5.65
C ASP A 47 -55.93 -14.68 -5.90
N TYR A 48 -56.10 -15.44 -4.81
CA TYR A 48 -56.29 -16.88 -4.92
C TYR A 48 -57.56 -17.23 -5.70
N ALA A 49 -58.66 -16.53 -5.39
CA ALA A 49 -59.92 -16.81 -6.07
C ALA A 49 -59.84 -16.47 -7.56
N THR A 50 -59.18 -15.36 -7.89
CA THR A 50 -59.07 -14.97 -9.30
C THR A 50 -58.28 -16.00 -10.10
N VAL A 51 -57.15 -16.45 -9.58
CA VAL A 51 -56.34 -17.46 -10.26
C VAL A 51 -57.12 -18.77 -10.38
N LYS A 52 -57.79 -19.17 -9.29
CA LYS A 52 -58.57 -20.40 -9.31
C LYS A 52 -59.64 -20.34 -10.39
N GLN A 53 -60.38 -19.24 -10.46
CA GLN A 53 -61.42 -19.08 -11.47
C GLN A 53 -60.82 -19.07 -12.87
N ALA A 54 -59.71 -18.36 -13.05
CA ALA A 54 -59.11 -18.21 -14.38
C ALA A 54 -58.67 -19.56 -14.92
N LEU A 55 -57.96 -20.35 -14.13
CA LEU A 55 -57.53 -21.64 -14.66
C LEU A 55 -58.63 -22.68 -14.64
N GLN A 56 -59.63 -22.55 -13.77
CA GLN A 56 -60.79 -23.43 -13.83
C GLN A 56 -61.53 -23.26 -15.14
N GLU A 57 -61.72 -22.02 -15.58
CA GLU A 57 -62.34 -21.80 -16.88
C GLU A 57 -61.38 -22.11 -18.03
N ALA A 58 -60.07 -21.94 -17.81
CA ALA A 58 -59.10 -22.36 -18.82
C ALA A 58 -59.13 -23.86 -19.05
N GLU A 59 -59.54 -24.64 -18.04
CA GLU A 59 -59.65 -26.07 -18.22
C GLU A 59 -60.70 -26.41 -19.27
N ILE A 60 -61.79 -25.66 -19.32
CA ILE A 60 -62.89 -26.00 -20.23
C ILE A 60 -62.46 -25.82 -21.67
N TYR A 61 -62.12 -24.60 -22.07
CA TYR A 61 -61.74 -24.30 -23.44
C TYR A 61 -60.21 -24.22 -23.55
N TYR A 62 -59.72 -23.72 -24.68
CA TYR A 62 -58.30 -23.53 -24.90
C TYR A 62 -57.89 -22.06 -24.99
N ASN A 63 -58.82 -21.13 -24.72
CA ASN A 63 -58.55 -19.72 -24.96
C ASN A 63 -57.43 -19.21 -24.06
N VAL A 64 -57.31 -19.78 -22.86
CA VAL A 64 -56.28 -19.39 -21.90
C VAL A 64 -55.21 -20.48 -21.88
N ASN A 65 -53.96 -20.06 -21.67
CA ASN A 65 -52.82 -20.97 -21.62
C ASN A 65 -52.39 -21.17 -20.18
N ILE A 66 -52.32 -22.44 -19.76
CA ILE A 66 -51.85 -22.75 -18.41
C ILE A 66 -50.36 -22.47 -18.27
N ASN A 67 -49.57 -22.85 -19.29
CA ASN A 67 -48.12 -22.69 -19.28
C ASN A 67 -47.67 -21.37 -19.89
N CYS A 68 -48.51 -20.33 -19.80
CA CYS A 68 -48.14 -19.02 -20.32
C CYS A 68 -46.87 -18.52 -19.66
N MET A 69 -45.96 -17.98 -20.48
CA MET A 69 -44.63 -17.61 -20.05
C MET A 69 -44.43 -16.11 -20.21
N ASP A 70 -44.00 -15.44 -19.15
CA ASP A 70 -43.79 -14.00 -19.19
C ASP A 70 -42.61 -13.66 -20.10
N PRO A 71 -42.60 -12.45 -20.65
CA PRO A 71 -41.41 -12.00 -21.41
C PRO A 71 -40.12 -12.12 -20.63
N LEU A 72 -40.13 -11.89 -19.31
CA LEU A 72 -38.95 -12.10 -18.48
C LEU A 72 -38.65 -13.57 -18.24
N GLY A 73 -39.42 -14.47 -18.82
CA GLY A 73 -39.13 -15.89 -18.74
C GLY A 73 -39.74 -16.62 -17.56
N ARG A 74 -40.37 -15.92 -16.63
CA ARG A 74 -40.92 -16.53 -15.44
C ARG A 74 -42.42 -16.74 -15.60
N SER A 75 -42.85 -18.00 -15.58
CA SER A 75 -44.26 -18.34 -15.73
C SER A 75 -44.98 -18.04 -14.42
N ALA A 76 -46.26 -18.42 -14.34
CA ALA A 76 -47.05 -18.13 -13.15
C ALA A 76 -46.48 -18.86 -11.93
N LEU A 77 -46.04 -20.11 -12.12
CA LEU A 77 -45.51 -20.90 -11.01
C LEU A 77 -44.26 -20.24 -10.42
N LEU A 78 -43.40 -19.67 -11.27
CA LEU A 78 -42.20 -19.04 -10.78
C LEU A 78 -42.51 -17.75 -10.01
N ILE A 79 -43.53 -17.01 -10.45
CA ILE A 79 -43.95 -15.83 -9.69
C ILE A 79 -44.53 -16.25 -8.35
N ALA A 80 -45.29 -17.34 -8.32
CA ALA A 80 -45.79 -17.86 -7.05
C ALA A 80 -44.64 -18.27 -6.14
N ILE A 81 -43.61 -18.90 -6.70
CA ILE A 81 -42.45 -19.30 -5.91
C ILE A 81 -41.74 -18.08 -5.33
N GLU A 82 -41.53 -17.07 -6.17
CA GLU A 82 -40.79 -15.88 -5.73
C GLU A 82 -41.52 -15.14 -4.63
N ASN A 83 -42.85 -15.17 -4.64
CA ASN A 83 -43.67 -14.54 -3.62
C ASN A 83 -44.00 -15.47 -2.47
N GLU A 84 -43.45 -16.69 -2.47
CA GLU A 84 -43.72 -17.71 -1.46
C GLU A 84 -45.22 -17.91 -1.25
N ASN A 85 -45.97 -17.95 -2.35
CA ASN A 85 -47.40 -18.23 -2.28
C ASN A 85 -47.61 -19.74 -2.36
N LEU A 86 -47.58 -20.38 -1.20
CA LEU A 86 -47.73 -21.83 -1.14
C LEU A 86 -49.08 -22.29 -1.65
N GLU A 87 -50.14 -21.56 -1.32
CA GLU A 87 -51.49 -21.97 -1.72
C GLU A 87 -51.69 -21.87 -3.21
N ILE A 88 -51.27 -20.75 -3.82
CA ILE A 88 -51.35 -20.62 -5.27
C ILE A 88 -50.46 -21.65 -5.94
N MET A 89 -49.29 -21.93 -5.35
CA MET A 89 -48.41 -22.97 -5.88
C MET A 89 -49.12 -24.31 -5.92
N GLU A 90 -49.77 -24.68 -4.81
CA GLU A 90 -50.46 -25.96 -4.74
C GLU A 90 -51.61 -26.02 -5.73
N LEU A 91 -52.38 -24.94 -5.85
CA LEU A 91 -53.49 -24.92 -6.79
C LEU A 91 -53.00 -25.04 -8.22
N LEU A 92 -51.89 -24.37 -8.55
CA LEU A 92 -51.31 -24.49 -9.88
C LEU A 92 -50.82 -25.91 -10.15
N LEU A 93 -50.16 -26.53 -9.16
CA LEU A 93 -49.64 -27.87 -9.34
C LEU A 93 -50.75 -28.90 -9.48
N ASN A 94 -51.87 -28.69 -8.79
CA ASN A 94 -53.00 -29.60 -8.92
C ASN A 94 -53.57 -29.58 -10.32
N HIS A 95 -53.63 -28.40 -10.93
CA HIS A 95 -54.22 -28.22 -12.25
C HIS A 95 -53.21 -28.37 -13.38
N SER A 96 -52.11 -29.07 -13.14
CA SER A 96 -51.15 -29.46 -14.17
C SER A 96 -50.51 -28.24 -14.85
N VAL A 97 -49.87 -27.42 -14.05
CA VAL A 97 -48.97 -26.40 -14.57
C VAL A 97 -47.63 -27.04 -14.87
N TYR A 98 -46.97 -26.59 -15.94
CA TYR A 98 -45.63 -27.08 -16.23
C TYR A 98 -44.71 -26.81 -15.05
N VAL A 99 -44.00 -27.83 -14.61
CA VAL A 99 -43.23 -27.77 -13.38
C VAL A 99 -41.75 -27.95 -13.71
N GLY A 100 -41.38 -27.55 -14.92
CA GLY A 100 -39.98 -27.66 -15.32
C GLY A 100 -39.15 -26.58 -14.64
N ASP A 101 -38.08 -27.01 -13.97
CA ASP A 101 -37.09 -26.12 -13.36
C ASP A 101 -37.67 -25.21 -12.28
N ALA A 102 -38.86 -25.53 -11.77
CA ALA A 102 -39.41 -24.74 -10.67
C ALA A 102 -38.75 -25.08 -9.34
N LEU A 103 -38.35 -26.35 -9.17
CA LEU A 103 -37.61 -26.74 -7.98
C LEU A 103 -36.30 -25.98 -7.87
N LEU A 104 -35.63 -25.73 -8.99
CA LEU A 104 -34.37 -25.00 -8.96
C LEU A 104 -34.58 -23.57 -8.48
N TYR A 105 -35.64 -22.92 -8.96
CA TYR A 105 -35.93 -21.56 -8.50
C TYR A 105 -36.30 -21.54 -7.02
N ALA A 106 -37.07 -22.54 -6.56
CA ALA A 106 -37.39 -22.63 -5.15
C ALA A 106 -36.13 -22.81 -4.31
N ILE A 107 -35.22 -23.67 -4.77
CA ILE A 107 -33.98 -23.93 -4.05
C ILE A 107 -33.11 -22.68 -3.99
N ARG A 108 -32.96 -21.99 -5.12
CA ARG A 108 -32.15 -20.77 -5.12
C ARG A 108 -32.77 -19.69 -4.26
N LYS A 109 -34.10 -19.62 -4.18
CA LYS A 109 -34.73 -18.68 -3.27
C LYS A 109 -34.55 -19.10 -1.82
N GLU A 110 -34.27 -20.38 -1.56
CA GLU A 110 -33.94 -20.90 -0.24
C GLU A 110 -35.13 -20.83 0.72
N VAL A 111 -36.31 -21.19 0.22
CA VAL A 111 -37.51 -21.28 1.03
C VAL A 111 -37.88 -22.75 1.17
N VAL A 112 -37.88 -23.25 2.40
CA VAL A 112 -38.01 -24.68 2.64
C VAL A 112 -39.42 -25.17 2.29
N GLY A 113 -40.44 -24.35 2.57
CA GLY A 113 -41.80 -24.78 2.31
C GLY A 113 -42.06 -25.05 0.84
N ALA A 114 -41.61 -24.15 -0.02
CA ALA A 114 -41.80 -24.34 -1.46
C ALA A 114 -41.02 -25.55 -1.97
N VAL A 115 -39.81 -25.76 -1.44
CA VAL A 115 -39.03 -26.92 -1.87
C VAL A 115 -39.73 -28.21 -1.47
N GLU A 116 -40.27 -28.27 -0.25
CA GLU A 116 -41.03 -29.45 0.15
C GLU A 116 -42.25 -29.65 -0.73
N LEU A 117 -42.97 -28.56 -1.02
CA LEU A 117 -44.18 -28.66 -1.82
C LEU A 117 -43.87 -29.18 -3.23
N LEU A 118 -42.81 -28.67 -3.85
CA LEU A 118 -42.46 -29.11 -5.19
C LEU A 118 -41.81 -30.50 -5.18
N LEU A 119 -41.18 -30.88 -4.07
CA LEU A 119 -40.68 -32.25 -3.94
C LEU A 119 -41.79 -33.24 -3.69
N SER A 120 -42.97 -32.79 -3.25
CA SER A 120 -44.12 -33.65 -3.08
C SER A 120 -45.17 -33.40 -4.16
N TYR A 121 -44.74 -32.80 -5.28
CA TYR A 121 -45.65 -32.39 -6.35
C TYR A 121 -46.77 -31.50 -5.82
N GLN A 138 -37.59 -23.91 -23.46
CA GLN A 138 -37.91 -22.61 -22.88
C GLN A 138 -36.65 -21.92 -22.36
N PHE A 139 -36.85 -20.81 -21.65
CA PHE A 139 -35.75 -20.06 -21.07
C PHE A 139 -35.64 -20.40 -19.59
N SER A 140 -34.42 -20.68 -19.14
CA SER A 140 -34.13 -20.96 -17.75
C SER A 140 -32.97 -20.09 -17.30
N GLU A 141 -32.96 -19.77 -16.01
CA GLU A 141 -31.85 -19.04 -15.41
C GLU A 141 -30.69 -19.94 -15.05
N PHE A 142 -30.82 -21.25 -15.23
CA PHE A 142 -29.82 -22.23 -14.83
C PHE A 142 -29.32 -22.98 -16.05
N THR A 143 -28.04 -23.29 -16.06
CA THR A 143 -27.47 -24.09 -17.12
C THR A 143 -28.05 -25.50 -17.05
N PRO A 144 -28.27 -26.17 -18.19
CA PRO A 144 -28.96 -27.47 -18.16
C PRO A 144 -28.33 -28.53 -17.26
N ASP A 145 -27.03 -28.43 -16.94
CA ASP A 145 -26.41 -29.47 -16.12
C ASP A 145 -26.82 -29.39 -14.65
N ILE A 146 -27.41 -28.27 -14.22
CA ILE A 146 -27.76 -28.09 -12.82
C ILE A 146 -28.88 -29.04 -12.43
N THR A 147 -28.68 -29.77 -11.34
CA THR A 147 -29.68 -30.60 -10.70
C THR A 147 -30.07 -29.98 -9.36
N PRO A 148 -31.18 -30.43 -8.76
CA PRO A 148 -31.57 -29.86 -7.46
C PRO A 148 -30.52 -30.02 -6.37
N ILE A 149 -29.85 -31.17 -6.27
CA ILE A 149 -28.87 -31.37 -5.22
C ILE A 149 -27.65 -30.49 -5.45
N MET A 150 -27.20 -30.39 -6.69
CA MET A 150 -26.06 -29.53 -7.01
C MET A 150 -26.36 -28.07 -6.68
N LEU A 151 -27.55 -27.59 -7.07
CA LEU A 151 -27.91 -26.21 -6.81
C LEU A 151 -28.08 -25.95 -5.33
N ALA A 152 -28.67 -26.90 -4.60
CA ALA A 152 -28.80 -26.75 -3.15
C ALA A 152 -27.44 -26.70 -2.49
N ALA A 153 -26.50 -27.51 -2.96
CA ALA A 153 -25.15 -27.48 -2.43
C ALA A 153 -24.43 -26.18 -2.78
N HIS A 154 -24.74 -25.58 -3.93
CA HIS A 154 -24.18 -24.27 -4.24
C HIS A 154 -24.73 -23.17 -3.34
N THR A 155 -25.94 -23.35 -2.81
CA THR A 155 -26.51 -22.40 -1.85
C THR A 155 -26.08 -22.66 -0.42
N ASN A 156 -25.52 -23.83 -0.14
CA ASN A 156 -25.02 -24.19 1.19
C ASN A 156 -26.11 -24.06 2.25
N ASN A 157 -27.32 -24.48 1.90
CA ASN A 157 -28.44 -24.44 2.83
C ASN A 157 -28.63 -25.83 3.43
N TYR A 158 -28.38 -25.96 4.73
CA TYR A 158 -28.40 -27.27 5.38
C TYR A 158 -29.80 -27.89 5.31
N GLU A 159 -30.84 -27.08 5.51
CA GLU A 159 -32.20 -27.61 5.50
C GLU A 159 -32.57 -28.17 4.14
N ILE A 160 -32.28 -27.41 3.08
CA ILE A 160 -32.65 -27.86 1.73
C ILE A 160 -31.79 -29.03 1.29
N ILE A 161 -30.49 -28.98 1.59
CA ILE A 161 -29.62 -30.11 1.25
C ILE A 161 -30.09 -31.36 1.98
N LYS A 162 -30.45 -31.23 3.26
CA LYS A 162 -30.95 -32.38 4.02
C LYS A 162 -32.24 -32.92 3.42
N LEU A 163 -33.15 -32.03 3.02
CA LEU A 163 -34.38 -32.45 2.36
C LEU A 163 -34.09 -33.25 1.11
N LEU A 164 -33.14 -32.77 0.29
CA LEU A 164 -32.87 -33.43 -0.98
C LEU A 164 -32.09 -34.73 -0.79
N VAL A 165 -31.25 -34.81 0.24
CA VAL A 165 -30.50 -36.04 0.47
C VAL A 165 -31.37 -37.11 1.11
N GLN A 166 -32.37 -36.71 1.90
CA GLN A 166 -33.27 -37.70 2.50
C GLN A 166 -33.98 -38.51 1.43
N LYS A 167 -34.41 -37.86 0.35
CA LYS A 167 -34.90 -38.54 -0.84
C LYS A 167 -33.70 -38.84 -1.71
N ARG A 168 -33.16 -40.05 -1.58
CA ARG A 168 -31.81 -40.38 -2.00
C ARG A 168 -31.49 -39.88 -3.41
N VAL A 169 -30.50 -39.00 -3.50
CA VAL A 169 -30.04 -38.44 -4.77
C VAL A 169 -28.58 -38.82 -4.97
N THR A 170 -28.04 -38.41 -6.12
CA THR A 170 -26.65 -38.67 -6.45
C THR A 170 -26.06 -37.41 -7.08
N ILE A 171 -24.73 -37.34 -7.04
CA ILE A 171 -23.96 -36.35 -7.79
C ILE A 171 -23.00 -37.12 -8.69
N PRO A 172 -22.93 -36.82 -9.99
CA PRO A 172 -22.03 -37.55 -10.86
C PRO A 172 -20.58 -37.43 -10.39
N ARG A 173 -19.86 -38.53 -10.48
CA ARG A 173 -18.50 -38.58 -9.97
C ARG A 173 -17.56 -37.92 -10.97
N PRO A 174 -16.82 -36.89 -10.58
CA PRO A 174 -15.87 -36.27 -11.51
C PRO A 174 -14.71 -37.21 -11.79
N HIS A 175 -14.15 -37.06 -12.99
CA HIS A 175 -13.03 -37.89 -13.39
C HIS A 175 -11.73 -37.34 -12.82
N GLN A 176 -10.66 -38.11 -12.99
CA GLN A 176 -9.33 -37.63 -12.63
C GLN A 176 -8.99 -36.39 -13.45
N ILE A 177 -8.09 -35.57 -12.91
CA ILE A 177 -7.72 -34.33 -13.58
C ILE A 177 -7.16 -34.64 -14.97
N ARG A 178 -6.21 -35.56 -15.05
CA ARG A 178 -5.60 -35.97 -16.31
C ARG A 178 -6.24 -37.29 -16.73
N CYS A 179 -7.46 -37.19 -17.24
CA CYS A 179 -8.21 -38.35 -17.73
C CYS A 179 -8.27 -38.32 -19.24
N ASN A 180 -8.21 -39.52 -19.84
CA ASN A 180 -8.14 -39.65 -21.29
C ASN A 180 -9.15 -40.65 -21.83
N CYS A 181 -10.24 -40.89 -21.10
CA CYS A 181 -11.22 -41.87 -21.55
C CYS A 181 -12.06 -41.29 -22.69
N VAL A 182 -12.82 -42.18 -23.33
CA VAL A 182 -13.63 -41.79 -24.48
C VAL A 182 -14.62 -40.71 -24.10
N GLU A 183 -15.26 -40.86 -22.94
CA GLU A 183 -16.25 -39.85 -22.50
C GLU A 183 -15.56 -38.48 -22.43
N CYS A 184 -14.49 -38.37 -21.66
CA CYS A 184 -13.78 -37.08 -21.49
C CYS A 184 -13.34 -36.53 -22.85
N VAL A 185 -12.67 -37.34 -23.68
CA VAL A 185 -12.12 -36.83 -24.97
C VAL A 185 -13.25 -36.44 -25.93
N SER A 186 -14.46 -37.00 -25.75
CA SER A 186 -15.57 -36.71 -26.64
C SER A 186 -16.35 -35.50 -26.17
N SER A 187 -16.61 -35.40 -24.87
CA SER A 187 -17.32 -34.25 -24.34
C SER A 187 -16.52 -32.97 -24.52
N SER A 188 -15.22 -33.01 -24.22
CA SER A 188 -14.40 -31.81 -24.33
C SER A 188 -14.14 -31.40 -25.77
N GLU A 189 -14.31 -32.31 -26.74
CA GLU A 189 -14.17 -31.93 -28.13
C GLU A 189 -15.48 -31.49 -28.76
N VAL A 190 -16.60 -32.09 -28.37
CA VAL A 190 -17.90 -31.67 -28.89
C VAL A 190 -18.32 -30.34 -28.26
N ASP A 191 -18.19 -30.22 -26.94
CA ASP A 191 -18.64 -29.02 -26.23
C ASP A 191 -17.71 -28.82 -25.03
N SER A 192 -16.68 -27.99 -25.23
CA SER A 192 -15.70 -27.75 -24.18
C SER A 192 -16.27 -26.85 -23.09
N LEU A 193 -17.04 -25.83 -23.49
CA LEU A 193 -17.59 -24.89 -22.52
C LEU A 193 -18.52 -25.59 -21.54
N ARG A 194 -19.45 -26.39 -22.07
CA ARG A 194 -20.38 -27.12 -21.21
C ARG A 194 -19.65 -28.11 -20.32
N HIS A 195 -18.64 -28.79 -20.84
CA HIS A 195 -17.91 -29.78 -20.06
C HIS A 195 -17.18 -29.11 -18.90
N SER A 196 -16.51 -27.99 -19.17
CA SER A 196 -15.83 -27.25 -18.11
C SER A 196 -16.82 -26.74 -17.07
N ARG A 197 -17.96 -26.20 -17.52
CA ARG A 197 -18.97 -25.69 -16.60
C ARG A 197 -19.52 -26.81 -15.72
N SER A 198 -19.80 -27.96 -16.30
CA SER A 198 -20.32 -29.09 -15.54
C SER A 198 -19.31 -29.57 -14.52
N ARG A 199 -18.03 -29.64 -14.89
CA ARG A 199 -16.99 -30.03 -13.95
C ARG A 199 -16.93 -29.06 -12.77
N LEU A 200 -16.93 -27.76 -13.06
CA LEU A 200 -16.88 -26.78 -11.99
C LEU A 200 -18.12 -26.84 -11.11
N ASN A 201 -19.29 -27.09 -11.70
CA ASN A 201 -20.52 -27.17 -10.92
C ASN A 201 -20.51 -28.37 -10.00
N ILE A 202 -20.03 -29.51 -10.49
CA ILE A 202 -19.91 -30.71 -9.66
C ILE A 202 -18.97 -30.43 -8.50
N TYR A 203 -17.84 -29.78 -8.77
CA TYR A 203 -16.89 -29.51 -7.69
C TYR A 203 -17.42 -28.46 -6.72
N LYS A 204 -18.23 -27.53 -7.20
CA LYS A 204 -18.87 -26.56 -6.32
C LYS A 204 -19.87 -27.24 -5.40
N ALA A 205 -20.58 -28.24 -5.92
CA ALA A 205 -21.50 -29.00 -5.09
C ALA A 205 -20.75 -29.83 -4.05
N LEU A 206 -19.70 -30.54 -4.48
CA LEU A 206 -18.97 -31.41 -3.57
C LEU A 206 -18.24 -30.61 -2.50
N ALA A 207 -17.70 -29.45 -2.84
CA ALA A 207 -16.99 -28.61 -1.89
C ALA A 207 -17.90 -27.85 -0.96
N SER A 208 -19.18 -28.18 -0.93
CA SER A 208 -20.12 -27.47 -0.07
C SER A 208 -19.94 -27.92 1.38
N PRO A 209 -19.67 -27.01 2.32
CA PRO A 209 -19.50 -27.43 3.71
C PRO A 209 -20.71 -28.16 4.28
N SER A 210 -21.91 -27.76 3.89
CA SER A 210 -23.11 -28.43 4.39
C SER A 210 -23.22 -29.84 3.84
N LEU A 211 -22.91 -30.04 2.56
CA LEU A 211 -22.95 -31.37 1.97
C LEU A 211 -21.85 -32.29 2.51
N ILE A 212 -20.64 -31.76 2.72
CA ILE A 212 -19.59 -32.55 3.35
C ILE A 212 -19.97 -32.91 4.78
N ALA A 213 -20.49 -31.95 5.53
CA ALA A 213 -20.90 -32.23 6.91
C ALA A 213 -21.99 -33.27 6.95
N LEU A 214 -22.96 -33.17 6.05
CA LEU A 214 -24.13 -34.04 6.08
C LEU A 214 -23.82 -35.45 5.59
N SER A 215 -23.07 -35.59 4.49
CA SER A 215 -23.05 -36.84 3.77
C SER A 215 -21.65 -37.43 3.58
N SER A 216 -20.65 -36.88 4.25
CA SER A 216 -19.27 -37.44 4.16
C SER A 216 -18.97 -38.30 5.38
N GLU A 217 -18.40 -39.47 5.13
CA GLU A 217 -18.05 -40.34 6.24
C GLU A 217 -17.02 -39.69 7.15
N ASP A 218 -16.01 -39.05 6.56
CA ASP A 218 -14.97 -38.34 7.30
C ASP A 218 -14.94 -36.92 6.74
N PRO A 219 -15.66 -35.99 7.35
CA PRO A 219 -15.70 -34.61 6.79
C PRO A 219 -14.34 -33.94 6.74
N ILE A 220 -13.50 -34.26 7.69
CA ILE A 220 -12.19 -33.53 7.74
C ILE A 220 -11.28 -34.09 6.64
N LEU A 221 -11.25 -35.40 6.48
CA LEU A 221 -10.47 -36.01 5.41
C LEU A 221 -11.04 -35.64 4.04
N THR A 222 -12.36 -35.61 3.91
CA THR A 222 -12.97 -35.20 2.65
C THR A 222 -12.60 -33.77 2.31
N ALA A 223 -12.62 -32.87 3.30
CA ALA A 223 -12.20 -31.49 3.05
C ALA A 223 -10.73 -31.43 2.66
N PHE A 224 -9.87 -32.21 3.31
CA PHE A 224 -8.46 -32.24 2.94
C PHE A 224 -8.27 -32.65 1.49
N ARG A 225 -8.84 -33.81 1.13
CA ARG A 225 -8.68 -34.34 -0.22
C ARG A 225 -9.28 -33.42 -1.26
N LEU A 226 -10.45 -32.85 -0.96
CA LEU A 226 -11.14 -32.01 -1.93
C LEU A 226 -10.40 -30.68 -2.13
N GLY A 227 -9.91 -30.08 -1.04
CA GLY A 227 -9.10 -28.88 -1.20
C GLY A 227 -7.83 -29.13 -1.99
N TRP A 228 -7.19 -30.28 -1.74
CA TRP A 228 -6.01 -30.65 -2.52
C TRP A 228 -6.34 -30.78 -4.00
N GLU A 229 -7.37 -31.57 -4.31
CA GLU A 229 -7.74 -31.81 -5.70
C GLU A 229 -8.19 -30.53 -6.39
N LEU A 230 -8.83 -29.63 -5.65
CA LEU A 230 -9.29 -28.39 -6.25
C LEU A 230 -8.13 -27.44 -6.50
N LYS A 231 -7.12 -27.44 -5.63
CA LYS A 231 -5.90 -26.69 -5.90
C LYS A 231 -5.19 -27.24 -7.13
N GLU A 232 -5.16 -28.57 -7.28
CA GLU A 232 -4.55 -29.18 -8.45
C GLU A 232 -5.32 -28.84 -9.73
N LEU A 233 -6.66 -28.85 -9.67
CA LEU A 233 -7.46 -28.41 -10.80
C LEU A 233 -7.17 -26.96 -11.14
N SER A 234 -7.08 -26.10 -10.13
CA SER A 234 -6.72 -24.71 -10.35
C SER A 234 -5.41 -24.61 -11.11
N LYS A 235 -4.42 -25.42 -10.74
CA LYS A 235 -3.18 -25.47 -11.51
C LYS A 235 -3.43 -25.89 -12.95
N VAL A 236 -4.17 -26.98 -13.15
CA VAL A 236 -4.33 -27.53 -14.49
C VAL A 236 -5.30 -26.70 -15.31
N GLU A 237 -6.47 -26.39 -14.77
CA GLU A 237 -7.45 -25.56 -15.47
C GLU A 237 -6.94 -24.12 -15.42
N ASN A 238 -6.15 -23.74 -16.43
CA ASN A 238 -5.52 -22.42 -16.42
C ASN A 238 -6.56 -21.31 -16.43
N GLU A 239 -7.59 -21.45 -17.26
CA GLU A 239 -8.77 -20.62 -17.12
C GLU A 239 -9.67 -21.23 -16.04
N PHE A 240 -10.51 -20.39 -15.44
CA PHE A 240 -11.32 -20.77 -14.27
C PHE A 240 -10.44 -21.16 -13.09
N LYS A 241 -9.25 -20.54 -13.02
CA LYS A 241 -8.34 -20.78 -11.91
C LYS A 241 -8.89 -20.22 -10.60
N ALA A 242 -9.51 -19.04 -10.66
CA ALA A 242 -9.94 -18.37 -9.44
C ALA A 242 -11.10 -19.10 -8.77
N GLU A 243 -12.02 -19.65 -9.56
CA GLU A 243 -13.13 -20.41 -8.97
C GLU A 243 -12.63 -21.66 -8.25
N TYR A 244 -11.70 -22.39 -8.87
CA TYR A 244 -11.17 -23.58 -8.21
C TYR A 244 -10.36 -23.21 -6.98
N GLU A 245 -9.64 -22.08 -7.03
CA GLU A 245 -8.92 -21.62 -5.84
C GLU A 245 -9.88 -21.24 -4.71
N GLU A 246 -10.99 -20.60 -5.05
CA GLU A 246 -11.99 -20.27 -4.04
C GLU A 246 -12.60 -21.53 -3.44
N LEU A 247 -12.86 -22.54 -4.27
CA LEU A 247 -13.39 -23.81 -3.74
C LEU A 247 -12.39 -24.49 -2.83
N SER A 248 -11.10 -24.47 -3.19
CA SER A 248 -10.08 -25.06 -2.34
C SER A 248 -10.00 -24.34 -1.00
N GLN A 249 -10.03 -23.00 -1.03
CA GLN A 249 -10.03 -22.25 0.22
C GLN A 249 -11.28 -22.53 1.03
N GLN A 250 -12.43 -22.71 0.38
CA GLN A 250 -13.64 -23.03 1.11
C GLN A 250 -13.52 -24.36 1.83
N CYS A 251 -12.96 -25.36 1.17
CA CYS A 251 -12.71 -26.65 1.82
C CYS A 251 -11.75 -26.52 3.00
N LYS A 252 -10.68 -25.75 2.82
CA LYS A 252 -9.70 -25.57 3.89
C LYS A 252 -10.32 -24.88 5.10
N LEU A 253 -11.07 -23.81 4.87
CA LEU A 253 -11.75 -23.14 5.95
C LEU A 253 -12.80 -24.02 6.62
N PHE A 254 -13.46 -24.90 5.86
CA PHE A 254 -14.40 -25.81 6.48
C PHE A 254 -13.69 -26.75 7.44
N ALA A 255 -12.56 -27.32 7.01
CA ALA A 255 -11.82 -28.22 7.89
C ALA A 255 -11.33 -27.49 9.15
N LYS A 256 -10.80 -26.28 8.97
CA LYS A 256 -10.31 -25.53 10.11
C LYS A 256 -11.45 -25.12 11.04
N ASP A 257 -12.62 -24.83 10.50
CA ASP A 257 -13.76 -24.42 11.34
C ASP A 257 -14.36 -25.60 12.07
N LEU A 258 -14.29 -26.80 11.47
CA LEU A 258 -14.63 -28.00 12.23
C LEU A 258 -13.67 -28.18 13.39
N LEU A 259 -12.38 -27.99 13.14
CA LEU A 259 -11.40 -28.10 14.23
C LEU A 259 -11.64 -27.03 15.29
N ASP A 260 -12.17 -25.88 14.90
CA ASP A 260 -12.45 -24.80 15.85
C ASP A 260 -13.54 -25.20 16.85
N GLN A 261 -14.37 -26.17 16.51
CA GLN A 261 -15.52 -26.51 17.33
C GLN A 261 -15.18 -27.48 18.46
N ALA A 262 -13.97 -28.01 18.50
CA ALA A 262 -13.57 -28.89 19.60
C ALA A 262 -13.55 -28.11 20.90
N ARG A 263 -14.14 -28.71 21.95
CA ARG A 263 -14.26 -28.03 23.23
C ARG A 263 -13.37 -28.60 24.32
N SER A 264 -12.95 -29.85 24.21
CA SER A 264 -12.03 -30.45 25.16
C SER A 264 -10.79 -30.92 24.42
N SER A 265 -9.74 -31.21 25.20
CA SER A 265 -8.52 -31.75 24.61
C SER A 265 -8.69 -33.19 24.19
N ARG A 266 -9.65 -33.91 24.79
CA ARG A 266 -9.92 -35.28 24.39
C ARG A 266 -10.47 -35.34 22.97
N GLU A 267 -11.41 -34.45 22.64
CA GLU A 267 -11.92 -34.41 21.27
C GLU A 267 -10.81 -34.08 20.29
N LEU A 268 -9.96 -33.11 20.63
CA LEU A 268 -8.88 -32.71 19.74
C LEU A 268 -7.88 -33.83 19.52
N GLU A 269 -7.57 -34.58 20.57
CA GLU A 269 -6.63 -35.69 20.41
C GLU A 269 -7.28 -36.87 19.70
N ILE A 270 -8.59 -37.05 19.84
CA ILE A 270 -9.28 -38.07 19.06
C ILE A 270 -9.24 -37.72 17.58
N ILE A 271 -9.46 -36.45 17.25
CA ILE A 271 -9.41 -36.03 15.85
C ILE A 271 -8.00 -36.18 15.30
N LEU A 272 -7.03 -35.55 15.95
CA LEU A 272 -5.69 -35.45 15.38
C LEU A 272 -4.98 -36.78 15.33
N ASN A 273 -5.31 -37.71 16.22
CA ASN A 273 -4.66 -39.01 16.24
C ASN A 273 -5.41 -40.06 15.41
N HIS A 274 -6.47 -39.68 14.71
CA HIS A 274 -7.25 -40.67 13.96
C HIS A 274 -6.48 -41.14 12.75
N ARG A 275 -6.47 -42.46 12.55
CA ARG A 275 -5.89 -43.09 11.38
C ARG A 275 -6.94 -43.96 10.72
N ASP A 276 -7.00 -43.90 9.39
CA ASP A 276 -7.95 -44.71 8.64
C ASP A 276 -7.25 -45.47 7.52
N ASP A 289 -0.52 -41.30 17.20
CA ASP A 289 0.58 -40.36 17.14
C ASP A 289 0.42 -39.33 16.03
N LEU A 290 -0.70 -38.60 16.09
CA LEU A 290 -0.95 -37.44 15.24
C LEU A 290 -1.03 -37.82 13.76
N ALA A 291 -1.80 -38.86 13.45
CA ALA A 291 -1.92 -39.30 12.07
C ALA A 291 -2.69 -38.30 11.22
N LYS A 292 -3.81 -37.79 11.72
CA LYS A 292 -4.60 -36.83 10.96
C LYS A 292 -3.84 -35.54 10.74
N LEU A 293 -2.95 -35.18 11.68
CA LEU A 293 -2.14 -33.99 11.49
C LEU A 293 -1.07 -34.19 10.42
N LYS A 294 -0.52 -35.39 10.32
CA LYS A 294 0.40 -35.68 9.22
C LYS A 294 -0.33 -35.68 7.89
N VAL A 295 -1.57 -36.17 7.85
CA VAL A 295 -2.37 -36.07 6.64
C VAL A 295 -2.61 -34.61 6.27
N ALA A 296 -2.86 -33.76 7.28
CA ALA A 296 -3.06 -32.34 7.01
C ALA A 296 -1.79 -31.68 6.49
N ILE A 297 -0.63 -32.08 7.01
CA ILE A 297 0.63 -31.54 6.52
C ILE A 297 0.89 -32.00 5.09
N LYS A 298 0.56 -33.26 4.79
CA LYS A 298 0.72 -33.80 3.45
C LYS A 298 -0.11 -33.04 2.43
N TYR A 299 -1.32 -32.64 2.80
CA TYR A 299 -2.23 -31.93 1.91
C TYR A 299 -2.08 -30.42 2.00
N HIS A 300 -1.04 -29.93 2.67
CA HIS A 300 -0.76 -28.50 2.77
C HIS A 300 -1.95 -27.74 3.37
N GLN A 301 -2.55 -28.31 4.42
CA GLN A 301 -3.66 -27.68 5.11
C GLN A 301 -3.13 -26.74 6.19
N LYS A 302 -2.56 -25.63 5.71
CA LYS A 302 -1.83 -24.73 6.58
C LYS A 302 -2.74 -24.14 7.66
N GLU A 303 -3.95 -23.73 7.30
CA GLU A 303 -4.87 -23.13 8.26
C GLU A 303 -5.30 -24.14 9.32
N PHE A 304 -5.57 -25.37 8.90
CA PHE A 304 -5.95 -26.42 9.84
C PHE A 304 -4.83 -26.71 10.83
N VAL A 305 -3.60 -26.75 10.33
CA VAL A 305 -2.45 -27.06 11.18
C VAL A 305 -2.17 -25.93 12.15
N ALA A 306 -2.23 -24.69 11.68
CA ALA A 306 -1.95 -23.53 12.52
C ALA A 306 -3.12 -23.14 13.39
N GLN A 307 -4.13 -23.99 13.52
CA GLN A 307 -5.25 -23.69 14.39
C GLN A 307 -4.76 -23.70 15.84
N PRO A 308 -5.15 -22.70 16.65
CA PRO A 308 -4.47 -22.50 17.95
C PRO A 308 -4.49 -23.68 18.89
N ASN A 309 -5.55 -24.48 18.90
CA ASN A 309 -5.59 -25.63 19.79
C ASN A 309 -4.71 -26.77 19.30
N CYS A 310 -4.65 -26.95 17.98
CA CYS A 310 -3.69 -27.89 17.41
C CYS A 310 -2.26 -27.48 17.74
N GLN A 311 -1.95 -26.18 17.61
CA GLN A 311 -0.62 -25.70 17.95
C GLN A 311 -0.33 -25.82 19.43
N GLN A 312 -1.34 -25.66 20.28
CA GLN A 312 -1.13 -25.82 21.72
C GLN A 312 -0.84 -27.28 22.08
N LEU A 313 -1.57 -28.21 21.47
CA LEU A 313 -1.25 -29.63 21.66
C LEU A 313 0.15 -29.96 21.13
N LEU A 314 0.51 -29.40 19.99
CA LEU A 314 1.83 -29.62 19.43
C LEU A 314 2.92 -29.09 20.35
N ALA A 315 2.71 -27.90 20.92
CA ALA A 315 3.72 -27.34 21.81
C ALA A 315 3.80 -28.10 23.12
N THR A 316 2.69 -28.71 23.56
CA THR A 316 2.74 -29.58 24.71
C THR A 316 3.59 -30.82 24.42
N LEU A 317 3.42 -31.40 23.23
CA LEU A 317 4.23 -32.55 22.86
C LEU A 317 5.69 -32.17 22.63
N TRP A 318 5.94 -30.94 22.16
CA TRP A 318 7.30 -30.48 21.83
C TRP A 318 8.12 -30.25 23.09
N TYR A 319 7.54 -29.57 24.08
CA TYR A 319 8.28 -29.25 25.33
C TYR A 319 7.97 -30.32 26.35
N ASP A 320 8.14 -31.58 26.01
CA ASP A 320 7.79 -32.67 26.92
C ASP A 320 8.54 -32.58 28.25
N GLY A 321 9.82 -32.26 28.20
CA GLY A 321 10.57 -32.17 29.42
C GLY A 321 10.49 -30.85 30.14
N PHE A 322 9.75 -29.89 29.59
CA PHE A 322 9.69 -28.54 30.15
C PHE A 322 8.22 -28.13 30.26
N PRO A 323 7.50 -28.62 31.26
CA PRO A 323 6.09 -28.23 31.42
C PRO A 323 5.90 -26.73 31.62
N GLY A 324 6.82 -26.08 32.30
CA GLY A 324 6.69 -24.66 32.57
C GLY A 324 7.54 -23.80 31.68
N TRP A 325 7.86 -24.30 30.49
CA TRP A 325 8.75 -23.57 29.59
C TRP A 325 8.18 -22.24 29.18
N ARG A 326 6.88 -22.19 28.89
CA ARG A 326 6.26 -20.95 28.40
C ARG A 326 6.37 -19.84 29.42
N ARG A 327 6.33 -20.17 30.71
CA ARG A 327 6.31 -19.18 31.77
C ARG A 327 7.70 -18.95 32.38
N LYS A 328 8.76 -19.23 31.64
CA LYS A 328 10.12 -19.00 32.09
C LYS A 328 10.68 -17.71 31.49
N HIS A 329 11.72 -17.19 32.13
CA HIS A 329 12.36 -15.97 31.70
C HIS A 329 13.44 -16.29 30.67
N TRP A 330 13.63 -15.36 29.72
CA TRP A 330 14.49 -15.63 28.58
C TRP A 330 15.91 -15.97 29.00
N VAL A 331 16.37 -15.45 30.13
CA VAL A 331 17.70 -15.81 30.62
C VAL A 331 17.72 -17.25 31.10
N VAL A 332 16.67 -17.68 31.80
CA VAL A 332 16.57 -19.07 32.23
C VAL A 332 16.53 -19.98 31.03
N LYS A 333 15.75 -19.60 30.00
CA LYS A 333 15.69 -20.38 28.77
C LYS A 333 17.05 -20.47 28.11
N LEU A 334 17.78 -19.36 28.04
CA LEU A 334 19.10 -19.36 27.40
C LEU A 334 20.08 -20.25 28.14
N LEU A 335 20.12 -20.15 29.48
CA LEU A 335 21.00 -21.01 30.25
C LEU A 335 20.64 -22.48 30.10
N THR A 336 19.34 -22.81 30.12
CA THR A 336 18.94 -24.20 29.95
C THR A 336 19.31 -24.72 28.56
N CYS A 337 19.07 -23.91 27.52
CA CYS A 337 19.37 -24.34 26.16
C CYS A 337 20.87 -24.54 25.97
N MET A 338 21.68 -23.62 26.49
CA MET A 338 23.13 -23.79 26.36
C MET A 338 23.64 -24.95 27.20
N THR A 339 23.00 -25.23 28.34
CA THR A 339 23.39 -26.39 29.13
C THR A 339 23.11 -27.68 28.38
N ILE A 340 21.91 -27.81 27.80
CA ILE A 340 21.60 -29.01 27.03
C ILE A 340 22.47 -29.10 25.79
N GLY A 341 22.76 -27.97 25.16
CA GLY A 341 23.61 -27.99 23.98
C GLY A 341 25.03 -28.42 24.28
N PHE A 342 25.61 -27.88 25.36
CA PHE A 342 26.97 -28.25 25.73
C PHE A 342 27.08 -29.72 26.09
N LEU A 343 25.98 -30.37 26.44
CA LEU A 343 25.98 -31.77 26.85
C LEU A 343 25.46 -32.71 25.77
N PHE A 344 25.34 -32.25 24.52
CA PHE A 344 24.82 -33.15 23.49
C PHE A 344 25.67 -34.41 23.32
N PRO A 345 27.02 -34.38 23.41
CA PRO A 345 27.74 -35.67 23.36
C PRO A 345 27.41 -36.55 24.55
N MET A 346 27.20 -35.95 25.72
CA MET A 346 26.82 -36.75 26.89
C MET A 346 25.46 -37.41 26.68
N LEU A 347 24.48 -36.64 26.22
CA LEU A 347 23.15 -37.19 26.00
C LEU A 347 23.15 -38.24 24.90
N SER A 348 23.93 -38.01 23.84
CA SER A 348 24.01 -38.98 22.75
C SER A 348 24.68 -40.26 23.20
N ILE A 349 25.75 -40.16 23.99
CA ILE A 349 26.43 -41.36 24.49
C ILE A 349 25.54 -42.09 25.48
N ALA A 350 24.77 -41.36 26.29
CA ALA A 350 23.83 -42.00 27.20
C ALA A 350 22.76 -42.75 26.43
N TYR A 351 22.24 -42.15 25.36
CA TYR A 351 21.26 -42.85 24.54
C TYR A 351 21.87 -44.09 23.88
N LEU A 352 23.14 -44.01 23.46
CA LEU A 352 23.80 -45.15 22.84
C LEU A 352 23.99 -46.29 23.84
N ILE A 353 24.56 -45.98 25.01
CA ILE A 353 24.92 -47.03 25.96
C ILE A 353 23.68 -47.72 26.49
N SER A 354 22.69 -46.95 26.95
CA SER A 354 21.46 -47.50 27.49
C SER A 354 20.31 -46.60 27.10
N PRO A 355 19.65 -46.87 25.98
CA PRO A 355 18.53 -46.02 25.54
C PRO A 355 17.39 -45.95 26.56
N ARG A 356 17.09 -47.05 27.24
CA ARG A 356 16.01 -47.10 28.21
C ARG A 356 16.58 -46.86 29.60
N SER A 357 16.77 -45.59 29.92
CA SER A 357 17.30 -45.19 31.22
C SER A 357 16.87 -43.76 31.49
N ASN A 358 17.12 -43.31 32.73
CA ASN A 358 16.75 -41.96 33.11
C ASN A 358 17.54 -40.90 32.35
N LEU A 359 18.64 -41.27 31.70
CA LEU A 359 19.41 -40.36 30.86
C LEU A 359 19.44 -40.78 29.40
N GLY A 360 19.18 -42.04 29.09
CA GLY A 360 19.19 -42.47 27.70
C GLY A 360 18.06 -41.86 26.90
N LEU A 361 16.85 -41.82 27.47
CA LEU A 361 15.68 -41.32 26.76
C LEU A 361 15.45 -39.84 26.99
N PHE A 362 16.39 -39.14 27.63
CA PHE A 362 16.29 -37.69 27.73
C PHE A 362 16.45 -37.02 26.38
N ILE A 363 17.28 -37.59 25.50
CA ILE A 363 17.43 -37.04 24.16
C ILE A 363 16.29 -37.47 23.23
N LYS A 364 15.43 -38.37 23.68
CA LYS A 364 14.25 -38.75 22.91
C LYS A 364 13.17 -37.68 22.92
N LYS A 365 13.30 -36.69 23.80
CA LYS A 365 12.33 -35.60 23.81
C LYS A 365 12.58 -34.69 22.61
N PRO A 366 11.52 -34.28 21.91
CA PRO A 366 11.72 -33.53 20.65
C PRO A 366 12.51 -32.25 20.81
N PHE A 367 12.27 -31.50 21.88
CA PHE A 367 12.98 -30.25 22.09
C PHE A 367 14.42 -30.48 22.52
N ILE A 368 14.65 -31.46 23.38
CA ILE A 368 16.02 -31.83 23.74
C ILE A 368 16.76 -32.34 22.51
N LYS A 369 16.08 -33.15 21.69
CA LYS A 369 16.68 -33.64 20.46
C LYS A 369 17.03 -32.50 19.52
N PHE A 370 16.14 -31.51 19.40
CA PHE A 370 16.42 -30.35 18.57
C PHE A 370 17.62 -29.56 19.10
N ILE A 371 17.70 -29.39 20.42
CA ILE A 371 18.82 -28.66 21.00
C ILE A 371 20.13 -29.40 20.74
N CYS A 372 20.10 -30.73 20.87
CA CYS A 372 21.31 -31.51 20.66
C CYS A 372 21.74 -31.51 19.20
N HIS A 373 20.78 -31.60 18.27
CA HIS A 373 21.13 -31.53 16.86
C HIS A 373 21.68 -30.16 16.49
N THR A 374 21.08 -29.09 17.01
CA THR A 374 21.57 -27.75 16.74
C THR A 374 22.96 -27.54 17.31
N ALA A 375 23.22 -28.12 18.49
CA ALA A 375 24.57 -28.05 19.10
C ALA A 375 25.56 -28.83 18.25
N SER A 376 25.24 -30.06 17.88
CA SER A 376 26.13 -30.84 16.98
C SER A 376 26.47 -30.04 15.73
N TYR A 377 25.48 -29.44 15.08
CA TYR A 377 25.76 -28.71 13.84
C TYR A 377 26.57 -27.45 14.10
N LEU A 378 26.35 -26.78 15.24
CA LEU A 378 27.14 -25.60 15.56
C LEU A 378 28.58 -25.96 15.86
N THR A 379 28.83 -27.10 16.51
CA THR A 379 30.21 -27.55 16.69
C THR A 379 30.86 -27.91 15.37
N PHE A 380 30.09 -28.49 14.44
CA PHE A 380 30.62 -28.75 13.11
C PHE A 380 31.02 -27.46 12.41
N LEU A 381 30.18 -26.43 12.50
CA LEU A 381 30.52 -25.15 11.88
C LEU A 381 31.70 -24.49 12.59
N PHE A 382 31.82 -24.67 13.91
CA PHE A 382 32.98 -24.16 14.62
C PHE A 382 34.26 -24.83 14.16
N MET A 383 34.22 -26.14 13.93
CA MET A 383 35.40 -26.82 13.40
C MET A 383 35.69 -26.41 11.96
N LEU A 384 34.65 -26.14 11.17
CA LEU A 384 34.87 -25.58 9.84
C LEU A 384 35.59 -24.23 9.92
N LEU A 385 35.23 -23.42 10.91
CA LEU A 385 35.93 -22.15 11.11
C LEU A 385 37.37 -22.39 11.54
N LEU A 386 37.59 -23.36 12.42
CA LEU A 386 38.95 -23.68 12.87
C LEU A 386 39.81 -24.23 11.75
N ALA A 387 39.19 -24.77 10.71
CA ALA A 387 39.98 -25.32 9.60
C ALA A 387 40.84 -24.26 8.94
N SER A 388 40.30 -23.06 8.74
CA SER A 388 41.03 -21.99 8.07
C SER A 388 41.94 -21.21 8.99
N GLN A 389 41.89 -21.46 10.30
CA GLN A 389 42.82 -20.82 11.20
C GLN A 389 44.16 -21.55 11.17
N HIS A 390 45.09 -21.11 12.00
CA HIS A 390 46.43 -21.70 12.05
C HIS A 390 46.76 -22.26 13.42
N ILE A 391 45.75 -22.71 14.17
CA ILE A 391 46.00 -23.37 15.45
C ILE A 391 46.84 -24.61 15.24
N VAL A 392 46.46 -25.44 14.28
CA VAL A 392 47.28 -26.55 13.78
C VAL A 392 47.18 -26.52 12.26
N ARG A 393 48.34 -26.50 11.60
CA ARG A 393 48.37 -26.24 10.17
C ARG A 393 49.54 -27.00 9.55
N THR A 394 49.39 -27.33 8.27
CA THR A 394 50.43 -27.96 7.49
C THR A 394 51.14 -26.92 6.64
N ASP A 395 52.30 -27.30 6.13
CA ASP A 395 53.01 -26.45 5.18
C ASP A 395 52.17 -26.27 3.93
N LEU A 396 52.10 -25.02 3.45
CA LEU A 396 51.28 -24.76 2.27
C LEU A 396 51.97 -25.17 0.97
N HIS A 397 53.20 -25.67 1.03
CA HIS A 397 53.92 -26.08 -0.16
C HIS A 397 54.03 -27.60 -0.29
N VAL A 398 53.27 -28.35 0.48
CA VAL A 398 53.19 -29.80 0.29
C VAL A 398 51.94 -30.11 -0.53
N GLN A 399 52.15 -30.76 -1.67
CA GLN A 399 51.05 -31.12 -2.56
C GLN A 399 50.56 -32.51 -2.20
N GLY A 400 49.25 -32.63 -1.98
CA GLY A 400 48.69 -33.83 -1.43
C GLY A 400 49.14 -34.07 0.00
N PRO A 401 48.69 -33.23 0.93
CA PRO A 401 49.09 -33.39 2.32
C PRO A 401 48.15 -34.35 3.05
N PRO A 402 48.56 -34.88 4.18
CA PRO A 402 47.65 -35.66 5.01
C PRO A 402 46.64 -34.74 5.69
N PRO A 403 45.49 -35.26 6.07
CA PRO A 403 44.47 -34.40 6.69
C PRO A 403 44.93 -33.83 8.02
N THR A 404 44.49 -32.60 8.28
CA THR A 404 44.72 -31.98 9.58
C THR A 404 43.84 -32.65 10.62
N VAL A 405 44.23 -32.54 11.89
CA VAL A 405 43.42 -33.11 12.96
C VAL A 405 42.05 -32.42 13.00
N VAL A 406 41.98 -31.15 12.59
CA VAL A 406 40.68 -30.50 12.45
C VAL A 406 39.89 -31.15 11.34
N GLU A 407 40.54 -31.47 10.22
CA GLU A 407 39.84 -32.17 9.14
C GLU A 407 39.49 -33.60 9.55
N TRP A 408 40.37 -34.24 10.33
CA TRP A 408 40.07 -35.56 10.86
C TRP A 408 38.83 -35.53 11.75
N MET A 409 38.70 -34.48 12.56
CA MET A 409 37.50 -34.36 13.40
C MET A 409 36.28 -33.96 12.57
N ILE A 410 36.48 -33.23 11.48
CA ILE A 410 35.37 -32.86 10.61
C ILE A 410 34.78 -34.09 9.94
N LEU A 411 35.63 -35.05 9.57
CA LEU A 411 35.17 -36.22 8.82
C LEU A 411 33.99 -36.96 9.44
N PRO A 412 33.97 -37.25 10.75
CA PRO A 412 32.78 -37.94 11.30
C PRO A 412 31.47 -37.21 11.08
N TRP A 413 31.45 -35.88 11.22
CA TRP A 413 30.23 -35.14 10.91
C TRP A 413 29.84 -35.27 9.45
N VAL A 414 30.82 -35.23 8.55
CA VAL A 414 30.52 -35.33 7.12
C VAL A 414 29.91 -36.69 6.80
N LEU A 415 30.51 -37.75 7.35
CA LEU A 415 29.95 -39.09 7.16
C LEU A 415 28.57 -39.19 7.76
N GLY A 416 28.36 -38.58 8.94
CA GLY A 416 27.05 -38.60 9.55
C GLY A 416 26.00 -37.87 8.74
N PHE A 417 26.36 -36.73 8.16
CA PHE A 417 25.42 -36.01 7.32
C PHE A 417 25.06 -36.82 6.07
N ILE A 418 26.06 -37.46 5.45
CA ILE A 418 25.79 -38.28 4.28
C ILE A 418 24.88 -39.45 4.65
N TRP A 419 25.18 -40.11 5.77
CA TRP A 419 24.37 -41.24 6.21
C TRP A 419 22.95 -40.80 6.56
N GLY A 420 22.81 -39.64 7.20
CA GLY A 420 21.49 -39.14 7.52
C GLY A 420 20.68 -38.80 6.29
N GLU A 421 21.29 -38.21 5.27
CA GLU A 421 20.55 -37.88 4.06
C GLU A 421 20.18 -39.13 3.27
N ILE A 422 21.06 -40.14 3.21
CA ILE A 422 20.67 -41.35 2.51
C ILE A 422 19.61 -42.11 3.30
N LYS A 423 19.65 -42.08 4.63
CA LYS A 423 18.58 -42.67 5.41
C LYS A 423 17.26 -41.94 5.18
N GLU A 424 17.31 -40.61 5.11
CA GLU A 424 16.11 -39.84 4.84
C GLU A 424 15.52 -40.19 3.48
N MET A 425 16.36 -40.27 2.44
CA MET A 425 15.83 -40.61 1.13
C MET A 425 15.30 -42.03 1.10
N TRP A 426 15.96 -42.95 1.82
CA TRP A 426 15.45 -44.31 1.87
C TRP A 426 14.09 -44.37 2.55
N ASP A 427 13.91 -43.61 3.63
CA ASP A 427 12.64 -43.63 4.35
C ASP A 427 11.57 -42.77 3.71
N GLY A 428 11.91 -41.92 2.74
CA GLY A 428 10.90 -41.03 2.20
C GLY A 428 10.66 -41.04 0.70
N GLY A 429 11.51 -41.72 -0.06
CA GLY A 429 11.38 -41.68 -1.51
C GLY A 429 11.88 -40.38 -2.10
N PHE A 430 12.40 -40.44 -3.33
CA PHE A 430 12.88 -39.22 -3.98
C PHE A 430 11.75 -38.22 -4.21
N THR A 431 10.51 -38.70 -4.33
CA THR A 431 9.40 -37.80 -4.56
C THR A 431 9.18 -36.86 -3.38
N GLU A 432 9.48 -37.31 -2.17
CA GLU A 432 9.42 -36.46 -0.99
C GLU A 432 10.76 -35.79 -0.70
N TYR A 433 11.85 -36.46 -1.06
CA TYR A 433 13.18 -35.87 -0.90
C TYR A 433 13.32 -34.60 -1.73
N ILE A 434 12.84 -34.61 -2.96
CA ILE A 434 12.99 -33.45 -3.84
C ILE A 434 12.12 -32.30 -3.39
N HIS A 435 10.97 -32.59 -2.77
CA HIS A 435 10.01 -31.54 -2.40
C HIS A 435 10.62 -30.51 -1.46
N ASP A 436 11.67 -30.86 -0.72
CA ASP A 436 12.32 -29.93 0.18
C ASP A 436 13.51 -29.28 -0.50
N TRP A 437 13.56 -27.94 -0.46
CA TRP A 437 14.68 -27.22 -1.06
C TRP A 437 15.93 -27.34 -0.19
N TRP A 438 15.77 -27.23 1.13
CA TRP A 438 16.89 -27.44 2.02
C TRP A 438 17.48 -28.83 1.82
N ASN A 439 16.66 -29.78 1.39
CA ASN A 439 17.18 -31.13 1.17
C ASN A 439 18.08 -31.17 -0.05
N LEU A 440 17.73 -30.41 -1.10
CA LEU A 440 18.61 -30.27 -2.25
C LEU A 440 19.90 -29.56 -1.87
N MET A 441 19.80 -28.57 -0.98
CA MET A 441 21.02 -27.88 -0.54
C MET A 441 21.92 -28.82 0.24
N ASP A 442 21.34 -29.68 1.08
CA ASP A 442 22.12 -30.72 1.75
C ASP A 442 22.74 -31.67 0.75
N PHE A 443 22.01 -32.01 -0.32
CA PHE A 443 22.58 -32.87 -1.35
C PHE A 443 23.82 -32.23 -1.97
N ALA A 444 23.73 -30.94 -2.29
CA ALA A 444 24.88 -30.24 -2.85
C ALA A 444 26.04 -30.19 -1.86
N MET A 445 25.73 -29.92 -0.60
CA MET A 445 26.76 -29.88 0.44
C MET A 445 27.49 -31.21 0.53
N ASN A 446 26.75 -32.31 0.59
CA ASN A 446 27.37 -33.63 0.75
C ASN A 446 28.11 -34.04 -0.51
N SER A 447 27.60 -33.66 -1.69
CA SER A 447 28.31 -33.94 -2.92
C SER A 447 29.66 -33.22 -2.94
N LEU A 448 29.67 -31.95 -2.51
CA LEU A 448 30.92 -31.20 -2.47
C LEU A 448 31.87 -31.76 -1.43
N TYR A 449 31.34 -32.26 -0.31
CA TYR A 449 32.22 -32.84 0.70
C TYR A 449 32.81 -34.16 0.23
N LEU A 450 32.03 -34.99 -0.45
CA LEU A 450 32.57 -36.21 -1.03
C LEU A 450 33.61 -35.91 -2.11
N ALA A 451 33.36 -34.89 -2.93
CA ALA A 451 34.34 -34.50 -3.93
C ALA A 451 35.63 -34.00 -3.26
N THR A 452 35.49 -33.28 -2.14
CA THR A 452 36.67 -32.83 -1.40
C THR A 452 37.47 -34.01 -0.85
N ILE A 453 36.79 -34.99 -0.28
CA ILE A 453 37.49 -36.18 0.24
C ILE A 453 38.17 -36.93 -0.89
N SER A 454 37.48 -37.12 -2.02
CA SER A 454 38.05 -37.85 -3.13
C SER A 454 39.25 -37.13 -3.72
N LEU A 455 39.16 -35.81 -3.85
CA LEU A 455 40.28 -35.04 -4.38
C LEU A 455 41.46 -35.03 -3.41
N LYS A 456 41.19 -34.98 -2.11
CA LYS A 456 42.27 -35.06 -1.14
C LYS A 456 42.96 -36.42 -1.20
N ILE A 457 42.19 -37.48 -1.38
CA ILE A 457 42.77 -38.81 -1.53
C ILE A 457 43.62 -38.89 -2.79
N VAL A 458 43.11 -38.35 -3.89
CA VAL A 458 43.84 -38.38 -5.16
C VAL A 458 45.15 -37.61 -5.02
N ALA A 459 45.09 -36.41 -4.44
CA ALA A 459 46.31 -35.62 -4.26
C ALA A 459 47.29 -36.32 -3.35
N TYR A 460 46.80 -36.99 -2.29
CA TYR A 460 47.70 -37.67 -1.37
C TYR A 460 48.39 -38.86 -2.03
N VAL A 461 47.66 -39.61 -2.87
CA VAL A 461 48.22 -40.83 -3.44
C VAL A 461 48.80 -40.61 -4.83
N LYS A 462 48.82 -39.37 -5.33
CA LYS A 462 49.37 -39.09 -6.65
C LYS A 462 50.45 -38.00 -6.61
N TYR A 463 50.61 -37.29 -5.50
CA TYR A 463 51.71 -36.35 -5.31
C TYR A 463 52.46 -36.69 -4.04
N ASN A 464 53.78 -36.74 -4.14
CA ASN A 464 54.64 -37.03 -2.98
C ASN A 464 55.51 -35.87 -2.55
N GLY A 465 55.95 -35.03 -3.48
CA GLY A 465 56.92 -34.00 -3.19
C GLY A 465 56.34 -32.82 -2.45
N SER A 466 57.13 -31.75 -2.39
CA SER A 466 56.79 -30.50 -1.72
C SER A 466 57.03 -29.32 -2.64
N ARG A 467 56.48 -29.40 -3.85
CA ARG A 467 56.60 -28.34 -4.83
C ARG A 467 56.05 -27.03 -4.26
N PRO A 468 56.71 -25.90 -4.49
CA PRO A 468 56.18 -24.63 -4.02
C PRO A 468 54.83 -24.34 -4.65
N ARG A 469 53.94 -23.71 -3.87
CA ARG A 469 52.56 -23.55 -4.31
C ARG A 469 52.45 -22.67 -5.54
N GLU A 470 53.38 -21.74 -5.73
CA GLU A 470 53.38 -20.92 -6.92
C GLU A 470 53.77 -21.68 -8.17
N GLU A 471 54.31 -22.88 -8.03
CA GLU A 471 54.68 -23.72 -9.15
C GLU A 471 53.55 -24.67 -9.57
N TRP A 472 52.48 -24.76 -8.78
CA TRP A 472 51.43 -25.73 -9.04
C TRP A 472 50.64 -25.37 -10.29
N GLU A 473 50.08 -26.40 -10.91
CA GLU A 473 49.30 -26.26 -12.12
C GLU A 473 47.92 -25.67 -11.80
N MET A 474 47.23 -25.21 -12.84
CA MET A 474 45.92 -24.58 -12.66
C MET A 474 44.93 -25.53 -12.00
N TRP A 475 44.93 -26.80 -12.41
CA TRP A 475 43.94 -27.77 -11.96
C TRP A 475 44.56 -28.80 -11.03
N HIS A 476 45.44 -28.34 -10.16
CA HIS A 476 46.01 -29.22 -9.14
C HIS A 476 44.90 -29.76 -8.26
N PRO A 477 44.87 -31.05 -7.96
CA PRO A 477 43.78 -31.59 -7.14
C PRO A 477 43.70 -30.99 -5.76
N THR A 478 44.82 -30.52 -5.20
CA THR A 478 44.78 -29.86 -3.90
C THR A 478 44.07 -28.51 -3.99
N LEU A 479 44.32 -27.75 -5.05
CA LEU A 479 43.64 -26.48 -5.23
C LEU A 479 42.15 -26.67 -5.42
N ILE A 480 41.76 -27.66 -6.22
CA ILE A 480 40.34 -27.94 -6.43
C ILE A 480 39.69 -28.43 -5.15
N ALA A 481 40.40 -29.27 -4.39
CA ALA A 481 39.87 -29.76 -3.12
C ALA A 481 39.61 -28.60 -2.17
N GLU A 482 40.54 -27.65 -2.10
CA GLU A 482 40.36 -26.50 -1.22
C GLU A 482 39.21 -25.62 -1.69
N ALA A 483 39.06 -25.44 -3.01
CA ALA A 483 37.94 -24.64 -3.51
C ALA A 483 36.60 -25.29 -3.18
N LEU A 484 36.50 -26.60 -3.41
CA LEU A 484 35.26 -27.31 -3.11
C LEU A 484 34.97 -27.30 -1.62
N PHE A 485 36.01 -27.42 -0.80
CA PHE A 485 35.83 -27.36 0.65
C PHE A 485 35.32 -25.99 1.09
N ALA A 486 35.85 -24.92 0.50
CA ALA A 486 35.36 -23.60 0.87
C ALA A 486 33.91 -23.39 0.44
N ILE A 487 33.53 -23.88 -0.73
CA ILE A 487 32.12 -23.82 -1.14
C ILE A 487 31.24 -24.61 -0.19
N SER A 488 31.72 -25.79 0.22
CA SER A 488 30.99 -26.60 1.19
C SER A 488 30.83 -25.84 2.50
N ASN A 489 31.86 -25.12 2.93
CA ASN A 489 31.78 -24.33 4.15
C ASN A 489 30.70 -23.27 4.04
N ILE A 490 30.63 -22.58 2.89
CA ILE A 490 29.59 -21.57 2.71
C ILE A 490 28.21 -22.23 2.82
N LEU A 491 28.01 -23.35 2.13
CA LEU A 491 26.70 -24.01 2.14
C LEU A 491 26.35 -24.52 3.54
N SER A 492 27.31 -25.08 4.25
CA SER A 492 27.06 -25.59 5.59
C SER A 492 26.66 -24.47 6.52
N SER A 493 27.37 -23.34 6.47
CA SER A 493 27.02 -22.23 7.34
C SER A 493 25.67 -21.62 6.95
N LEU A 494 25.34 -21.61 5.66
CA LEU A 494 24.03 -21.10 5.23
C LEU A 494 22.90 -22.04 5.56
N ARG A 495 23.20 -23.31 5.83
CA ARG A 495 22.18 -24.27 6.26
C ARG A 495 21.54 -23.90 7.58
N LEU A 496 22.13 -22.98 8.35
CA LEU A 496 21.55 -22.58 9.63
C LEU A 496 20.28 -21.78 9.47
N ILE A 497 20.00 -21.22 8.29
CA ILE A 497 18.79 -20.43 8.13
C ILE A 497 17.54 -21.29 8.26
N SER A 498 17.65 -22.60 8.09
CA SER A 498 16.49 -23.46 8.29
C SER A 498 16.09 -23.57 9.75
N LEU A 499 17.00 -23.26 10.68
CA LEU A 499 16.66 -23.23 12.09
C LEU A 499 15.92 -21.96 12.48
N PHE A 500 15.81 -20.99 11.58
CA PHE A 500 15.03 -19.79 11.87
C PHE A 500 13.55 -20.10 12.05
N THR A 501 13.08 -21.22 11.48
CA THR A 501 11.67 -21.57 11.57
C THR A 501 11.23 -21.77 13.01
N ALA A 502 12.11 -22.26 13.86
CA ALA A 502 11.80 -22.52 15.26
C ALA A 502 11.65 -21.26 16.09
N ASN A 503 11.93 -20.08 15.54
CA ASN A 503 11.91 -18.84 16.30
C ASN A 503 10.69 -18.01 15.92
N SER A 504 10.10 -17.36 16.92
CA SER A 504 8.91 -16.56 16.70
C SER A 504 9.18 -15.35 15.82
N HIS A 505 10.38 -14.79 15.90
CA HIS A 505 10.75 -13.60 15.15
C HIS A 505 11.45 -13.92 13.85
N LEU A 506 12.38 -14.87 13.84
CA LEU A 506 13.12 -15.22 12.65
C LEU A 506 12.31 -16.08 11.68
N GLY A 507 11.35 -16.83 12.18
CA GLY A 507 10.56 -17.71 11.35
C GLY A 507 9.76 -17.01 10.26
N PRO A 508 8.95 -16.03 10.64
CA PRO A 508 8.24 -15.25 9.61
C PRO A 508 9.18 -14.53 8.65
N LEU A 509 10.33 -14.07 9.13
CA LEU A 509 11.32 -13.46 8.25
C LEU A 509 11.81 -14.46 7.21
N GLN A 510 12.10 -15.69 7.64
CA GLN A 510 12.52 -16.71 6.69
C GLN A 510 11.41 -17.03 5.70
N ILE A 511 10.16 -17.07 6.17
CA ILE A 511 9.05 -17.36 5.26
C ILE A 511 8.94 -16.28 4.19
N SER A 512 9.02 -15.02 4.61
CA SER A 512 8.94 -13.91 3.66
C SER A 512 10.11 -13.93 2.67
N LEU A 513 11.31 -14.18 3.18
CA LEU A 513 12.49 -14.20 2.32
C LEU A 513 12.39 -15.31 1.29
N GLY A 514 12.01 -16.51 1.73
CA GLY A 514 11.88 -17.62 0.80
C GLY A 514 10.76 -17.42 -0.19
N ARG A 515 9.71 -16.69 0.20
CA ARG A 515 8.63 -16.46 -0.75
C ARG A 515 8.99 -15.40 -1.78
N MET A 516 9.83 -14.42 -1.43
CA MET A 516 10.26 -13.47 -2.45
C MET A 516 11.47 -13.95 -3.25
N LEU A 517 12.11 -15.05 -2.83
CA LEU A 517 13.12 -15.65 -3.70
C LEU A 517 12.54 -16.01 -5.06
N LEU A 518 11.23 -16.26 -5.16
CA LEU A 518 10.64 -16.67 -6.44
C LEU A 518 10.58 -15.50 -7.43
N ASP A 519 10.12 -14.34 -6.97
CA ASP A 519 10.16 -13.18 -7.86
C ASP A 519 11.60 -12.74 -8.11
N ILE A 520 12.50 -13.02 -7.18
CA ILE A 520 13.92 -12.85 -7.47
C ILE A 520 14.33 -13.71 -8.65
N LEU A 521 13.87 -14.96 -8.68
CA LEU A 521 14.22 -15.86 -9.78
C LEU A 521 13.68 -15.36 -11.12
N LYS A 522 12.44 -14.89 -11.12
CA LYS A 522 11.84 -14.37 -12.35
C LYS A 522 12.58 -13.13 -12.85
N PHE A 523 12.88 -12.20 -11.95
CA PHE A 523 13.72 -11.07 -12.30
C PHE A 523 15.10 -11.53 -12.76
N LEU A 524 15.60 -12.63 -12.20
CA LEU A 524 16.89 -13.16 -12.64
C LEU A 524 16.82 -13.60 -14.09
N PHE A 525 15.69 -14.17 -14.49
CA PHE A 525 15.51 -14.51 -15.90
C PHE A 525 15.60 -13.28 -16.79
N ILE A 526 14.82 -12.24 -16.47
CA ILE A 526 14.85 -11.06 -17.33
C ILE A 526 16.23 -10.38 -17.30
N TYR A 527 16.86 -10.35 -16.12
CA TYR A 527 18.17 -9.75 -15.97
C TYR A 527 19.22 -10.50 -16.79
N CYS A 528 19.18 -11.83 -16.77
CA CYS A 528 20.14 -12.61 -17.54
C CYS A 528 19.93 -12.44 -19.03
N LEU A 529 18.68 -12.26 -19.47
CA LEU A 529 18.46 -11.99 -20.88
C LEU A 529 19.07 -10.64 -21.29
N VAL A 530 18.84 -9.60 -20.48
CA VAL A 530 19.43 -8.30 -20.77
C VAL A 530 20.95 -8.37 -20.72
N LEU A 531 21.48 -9.05 -19.71
CA LEU A 531 22.92 -9.27 -19.58
C LEU A 531 23.50 -9.91 -20.82
N LEU A 532 22.86 -10.96 -21.32
CA LEU A 532 23.38 -11.68 -22.48
C LEU A 532 23.30 -10.81 -23.74
N ALA A 533 22.22 -10.04 -23.89
CA ALA A 533 22.11 -9.13 -25.02
C ALA A 533 23.26 -8.13 -25.05
N PHE A 534 23.51 -7.47 -23.92
CA PHE A 534 24.54 -6.44 -23.91
C PHE A 534 25.93 -7.04 -23.92
N ALA A 535 26.11 -8.25 -23.39
CA ALA A 535 27.39 -8.93 -23.52
C ALA A 535 27.68 -9.27 -24.97
N ASN A 536 26.66 -9.74 -25.70
CA ASN A 536 26.82 -9.97 -27.13
C ASN A 536 27.28 -8.70 -27.83
N GLY A 537 26.59 -7.58 -27.58
CA GLY A 537 26.97 -6.34 -28.25
C GLY A 537 28.37 -5.86 -27.89
N LEU A 538 28.69 -5.83 -26.60
CA LEU A 538 29.99 -5.35 -26.16
C LEU A 538 31.12 -6.25 -26.64
N ASN A 539 30.93 -7.57 -26.60
CA ASN A 539 31.98 -8.46 -27.07
C ASN A 539 32.15 -8.34 -28.58
N GLN A 540 31.05 -8.23 -29.33
CA GLN A 540 31.14 -8.03 -30.76
C GLN A 540 31.90 -6.76 -31.09
N LEU A 541 31.74 -5.73 -30.28
CA LEU A 541 32.51 -4.50 -30.48
C LEU A 541 33.98 -4.70 -30.17
N TYR A 542 34.28 -5.17 -28.96
CA TYR A 542 35.62 -5.07 -28.39
C TYR A 542 36.49 -6.30 -28.61
N PHE A 543 36.01 -7.32 -29.32
CA PHE A 543 36.83 -8.53 -29.42
C PHE A 543 38.02 -8.37 -30.36
N TYR A 544 38.08 -7.28 -31.13
CA TYR A 544 39.24 -7.05 -31.98
C TYR A 544 40.44 -6.58 -31.16
N TYR A 545 40.19 -5.79 -30.13
CA TYR A 545 41.23 -5.15 -29.34
C TYR A 545 41.71 -5.99 -28.18
N GLU A 546 41.51 -7.31 -28.24
CA GLU A 546 42.02 -8.17 -27.20
C GLU A 546 43.53 -8.15 -27.17
N THR A 547 44.09 -7.64 -26.08
CA THR A 547 45.53 -7.60 -25.90
C THR A 547 46.01 -8.87 -25.19
N ARG A 548 47.23 -9.25 -25.51
CA ARG A 548 47.81 -10.46 -24.92
C ARG A 548 48.27 -10.15 -23.50
N ALA A 549 48.16 -11.16 -22.62
CA ALA A 549 48.42 -10.96 -21.20
C ALA A 549 49.82 -10.44 -20.93
N ILE A 550 50.78 -10.77 -21.80
CA ILE A 550 52.13 -10.27 -21.64
C ILE A 550 52.17 -8.76 -21.80
N ASP A 551 51.35 -8.23 -22.71
CA ASP A 551 51.35 -6.80 -22.99
C ASP A 551 50.73 -5.96 -21.89
N GLU A 552 50.14 -6.58 -20.90
CA GLU A 552 49.50 -5.82 -19.84
C GLU A 552 50.52 -5.44 -18.76
N PRO A 553 50.22 -4.40 -17.98
CA PRO A 553 51.20 -3.88 -17.02
C PRO A 553 51.91 -4.92 -16.17
N ASN A 554 51.18 -5.70 -15.39
CA ASN A 554 51.77 -6.65 -14.45
C ASN A 554 51.60 -8.09 -14.93
N ASN A 555 51.55 -8.28 -16.24
CA ASN A 555 51.25 -9.59 -16.84
C ASN A 555 49.91 -10.13 -16.33
N CYS A 556 48.96 -9.23 -16.16
CA CYS A 556 47.64 -9.56 -15.61
C CYS A 556 46.60 -9.16 -16.65
N LYS A 557 45.75 -10.12 -17.02
CA LYS A 557 44.70 -9.89 -18.00
C LYS A 557 43.34 -10.08 -17.36
N GLY A 558 42.43 -9.16 -17.65
CA GLY A 558 41.08 -9.23 -17.12
C GLY A 558 40.77 -8.11 -16.15
N ILE A 559 39.57 -8.21 -15.56
CA ILE A 559 39.03 -7.16 -14.71
C ILE A 559 39.31 -7.41 -13.23
N ARG A 560 39.98 -8.50 -12.88
CA ARG A 560 40.44 -8.69 -11.51
C ARG A 560 41.88 -8.23 -11.32
N CYS A 561 42.34 -7.29 -12.13
CA CYS A 561 43.66 -6.71 -12.03
C CYS A 561 43.57 -5.33 -11.38
N GLU A 562 44.73 -4.82 -10.98
CA GLU A 562 44.81 -3.43 -10.55
C GLU A 562 44.39 -2.49 -11.67
N LYS A 563 45.01 -2.66 -12.83
CA LYS A 563 44.60 -2.03 -14.08
C LYS A 563 43.65 -2.98 -14.79
N GLN A 564 42.36 -2.79 -14.59
CA GLN A 564 41.38 -3.58 -15.33
C GLN A 564 41.58 -3.39 -16.82
N ASN A 565 41.53 -4.50 -17.55
CA ASN A 565 41.79 -4.48 -18.97
C ASN A 565 41.09 -5.68 -19.56
N ASN A 566 40.88 -5.63 -20.87
CA ASN A 566 40.25 -6.74 -21.60
C ASN A 566 38.89 -7.08 -20.99
N ALA A 567 38.11 -6.04 -20.68
CA ALA A 567 36.83 -6.25 -20.02
C ALA A 567 35.82 -6.91 -20.94
N PHE A 568 35.87 -6.60 -22.24
CA PHE A 568 34.89 -7.10 -23.20
C PHE A 568 35.60 -7.82 -24.35
N SER A 569 36.76 -8.40 -24.08
CA SER A 569 37.52 -9.06 -25.13
C SER A 569 36.96 -10.44 -25.45
N THR A 570 36.40 -11.13 -24.47
CA THR A 570 35.76 -12.42 -24.66
C THR A 570 34.35 -12.36 -24.11
N LEU A 571 33.57 -13.40 -24.38
CA LEU A 571 32.19 -13.41 -23.94
C LEU A 571 32.06 -13.68 -22.44
N PHE A 572 32.83 -14.64 -21.92
CA PHE A 572 32.78 -14.94 -20.50
C PHE A 572 33.26 -13.75 -19.67
N GLU A 573 34.36 -13.15 -20.11
CA GLU A 573 34.87 -11.93 -19.43
C GLU A 573 33.82 -10.80 -19.49
N THR A 574 33.20 -10.58 -20.65
CA THR A 574 32.17 -9.53 -20.79
C THR A 574 31.05 -9.81 -19.81
N LEU A 575 30.64 -11.06 -19.68
CA LEU A 575 29.54 -11.44 -18.76
C LEU A 575 29.96 -11.10 -17.33
N GLN A 576 31.20 -11.42 -16.95
CA GLN A 576 31.73 -11.05 -15.64
C GLN A 576 31.79 -9.54 -15.47
N SER A 577 32.24 -8.82 -16.49
CA SER A 577 32.37 -7.38 -16.42
C SER A 577 31.02 -6.70 -16.23
N LEU A 578 29.99 -7.16 -16.94
CA LEU A 578 28.67 -6.56 -16.78
C LEU A 578 28.10 -6.88 -15.40
N PHE A 579 28.30 -8.11 -14.94
CA PHE A 579 27.90 -8.47 -13.59
C PHE A 579 28.54 -7.54 -12.56
N TRP A 580 29.84 -7.29 -12.70
CA TRP A 580 30.54 -6.50 -11.70
C TRP A 580 30.28 -5.01 -11.86
N SER A 581 29.91 -4.58 -13.05
CA SER A 581 29.41 -3.22 -13.24
C SER A 581 28.13 -3.00 -12.48
N VAL A 582 27.30 -4.03 -12.35
CA VAL A 582 26.11 -3.92 -11.50
C VAL A 582 26.47 -3.40 -10.09
N PHE A 583 27.66 -3.72 -9.60
CA PHE A 583 28.09 -3.30 -8.28
C PHE A 583 29.10 -2.17 -8.30
N GLY A 584 29.33 -1.56 -9.45
CA GLY A 584 30.25 -0.45 -9.55
C GLY A 584 31.72 -0.83 -9.46
N LEU A 585 32.04 -2.11 -9.56
CA LEU A 585 33.43 -2.55 -9.45
C LEU A 585 34.13 -2.61 -10.80
N LEU A 586 33.45 -2.27 -11.88
CA LEU A 586 34.06 -2.12 -13.19
C LEU A 586 34.33 -0.64 -13.44
N ASN A 587 35.59 -0.29 -13.63
CA ASN A 587 35.98 1.08 -13.88
C ASN A 587 35.62 1.48 -15.31
N LEU A 588 35.58 2.79 -15.55
CA LEU A 588 35.16 3.28 -16.85
C LEU A 588 36.23 3.15 -17.92
N TYR A 589 37.50 3.20 -17.53
CA TYR A 589 38.58 3.17 -18.51
C TYR A 589 38.64 1.85 -19.28
N VAL A 590 37.94 0.82 -18.80
CA VAL A 590 37.85 -0.43 -19.54
C VAL A 590 37.14 -0.27 -20.87
N THR A 591 36.46 0.85 -21.09
CA THR A 591 35.71 1.08 -22.34
C THR A 591 36.60 1.77 -23.33
N ASN A 592 37.92 1.75 -23.10
CA ASN A 592 38.88 2.49 -23.96
C ASN A 592 39.86 1.48 -24.56
N VAL A 593 40.25 1.66 -25.82
CA VAL A 593 41.15 0.71 -26.54
C VAL A 593 42.54 1.35 -26.71
N LYS A 594 43.60 0.54 -26.83
CA LYS A 594 44.93 1.11 -27.04
C LYS A 594 45.01 1.90 -28.34
N ALA A 595 44.32 1.44 -29.38
CA ALA A 595 44.34 2.13 -30.66
C ALA A 595 43.68 3.50 -30.60
N ARG A 596 42.96 3.81 -29.53
CA ARG A 596 42.30 5.10 -29.35
C ARG A 596 41.35 5.39 -30.52
N HIS A 597 40.45 4.45 -30.76
CA HIS A 597 39.40 4.59 -31.76
C HIS A 597 38.22 5.27 -31.08
N GLU A 598 38.12 6.59 -31.24
CA GLU A 598 37.19 7.37 -30.43
C GLU A 598 35.73 7.00 -30.68
N PHE A 599 35.37 6.71 -31.93
CA PHE A 599 33.99 6.31 -32.21
C PHE A 599 33.67 4.95 -31.59
N THR A 600 34.58 3.98 -31.72
CA THR A 600 34.36 2.64 -31.12
C THR A 600 34.32 2.74 -29.60
N GLU A 601 35.17 3.60 -29.02
CA GLU A 601 35.23 3.75 -27.55
C GLU A 601 33.99 4.49 -27.05
N PHE A 602 33.44 5.40 -27.85
CA PHE A 602 32.18 6.04 -27.46
C PHE A 602 31.02 5.08 -27.59
N VAL A 603 31.00 4.25 -28.64
CA VAL A 603 29.92 3.29 -28.81
C VAL A 603 29.95 2.25 -27.69
N GLY A 604 31.15 1.80 -27.30
CA GLY A 604 31.26 0.90 -26.17
C GLY A 604 30.83 1.53 -24.86
N ALA A 605 31.23 2.79 -24.64
CA ALA A 605 30.81 3.49 -23.43
C ALA A 605 29.32 3.72 -23.41
N THR A 606 28.69 3.91 -24.57
CA THR A 606 27.25 4.10 -24.61
C THR A 606 26.48 2.80 -24.45
N MET A 607 27.02 1.69 -24.98
CA MET A 607 26.47 0.38 -24.64
C MET A 607 26.57 0.10 -23.15
N PHE A 608 27.71 0.43 -22.56
CA PHE A 608 27.90 0.25 -21.12
C PHE A 608 26.96 1.14 -20.31
N GLY A 609 26.76 2.38 -20.75
CA GLY A 609 25.82 3.26 -20.08
C GLY A 609 24.38 2.81 -20.22
N THR A 610 24.00 2.32 -21.39
CA THR A 610 22.66 1.78 -21.57
C THR A 610 22.44 0.55 -20.72
N TYR A 611 23.46 -0.32 -20.62
CA TYR A 611 23.35 -1.46 -19.72
C TYR A 611 23.18 -1.00 -18.28
N ASN A 612 23.93 0.02 -17.86
CA ASN A 612 23.82 0.50 -16.49
C ASN A 612 22.45 1.10 -16.21
N VAL A 613 21.89 1.83 -17.18
CA VAL A 613 20.56 2.39 -17.01
C VAL A 613 19.51 1.27 -16.97
N ILE A 614 19.61 0.30 -17.88
CA ILE A 614 18.60 -0.74 -17.98
C ILE A 614 18.63 -1.63 -16.75
N SER A 615 19.82 -1.96 -16.25
CA SER A 615 19.92 -2.90 -15.14
C SER A 615 19.81 -2.20 -13.79
N LEU A 616 20.59 -1.14 -13.60
CA LEU A 616 20.76 -0.58 -12.27
C LEU A 616 19.60 0.29 -11.83
N VAL A 617 18.91 0.93 -12.77
CA VAL A 617 17.85 1.85 -12.39
C VAL A 617 16.56 1.55 -13.14
N VAL A 618 16.45 0.35 -13.70
CA VAL A 618 15.18 -0.07 -14.28
C VAL A 618 14.81 -1.44 -13.74
N LEU A 619 15.70 -2.42 -13.91
CA LEU A 619 15.41 -3.78 -13.46
C LEU A 619 15.56 -3.95 -11.96
N LEU A 620 16.53 -3.27 -11.35
CA LEU A 620 16.65 -3.33 -9.90
C LEU A 620 15.44 -2.68 -9.23
N ASN A 621 14.90 -1.63 -9.83
CA ASN A 621 13.70 -1.01 -9.28
C ASN A 621 12.45 -1.84 -9.61
N MET A 622 12.45 -2.55 -10.74
CA MET A 622 11.50 -3.64 -10.92
C MET A 622 11.52 -4.58 -9.73
N LEU A 623 12.72 -5.02 -9.35
CA LEU A 623 12.86 -5.95 -8.23
C LEU A 623 12.33 -5.34 -6.94
N ILE A 624 12.63 -4.07 -6.69
CA ILE A 624 12.20 -3.44 -5.44
C ILE A 624 10.68 -3.36 -5.38
N ALA A 625 10.04 -2.89 -6.46
CA ALA A 625 8.59 -2.79 -6.46
C ALA A 625 7.91 -4.16 -6.40
N MET A 626 8.43 -5.12 -7.17
CA MET A 626 7.89 -6.47 -7.15
C MET A 626 8.02 -7.10 -5.77
N MET A 627 9.15 -6.87 -5.11
CA MET A 627 9.34 -7.38 -3.76
C MET A 627 8.37 -6.74 -2.79
N ASN A 628 8.12 -5.43 -2.91
CA ASN A 628 7.17 -4.79 -2.02
C ASN A 628 5.76 -5.38 -2.19
N ASN A 629 5.34 -5.58 -3.44
CA ASN A 629 4.03 -6.18 -3.67
C ASN A 629 3.97 -7.59 -3.09
N SER A 630 4.92 -8.44 -3.46
CA SER A 630 4.94 -9.80 -2.95
C SER A 630 5.05 -9.84 -1.44
N TYR A 631 5.70 -8.85 -0.84
CA TYR A 631 5.88 -8.83 0.60
C TYR A 631 4.59 -8.44 1.32
N GLN A 632 3.78 -7.57 0.71
CA GLN A 632 2.46 -7.33 1.25
C GLN A 632 1.61 -8.60 1.21
N LEU A 633 1.61 -9.28 0.05
CA LEU A 633 0.90 -10.54 -0.05
C LEU A 633 1.42 -11.57 0.96
N ILE A 634 2.72 -11.56 1.23
CA ILE A 634 3.28 -12.44 2.25
C ILE A 634 2.75 -12.06 3.63
N ALA A 635 2.94 -10.80 4.01
CA ALA A 635 2.63 -10.36 5.37
C ALA A 635 1.18 -10.59 5.71
N ASP A 636 0.31 -10.71 4.71
CA ASP A 636 -1.07 -11.07 5.02
C ASP A 636 -1.17 -12.45 5.69
N HIS A 637 -0.44 -13.45 5.18
CA HIS A 637 -0.55 -14.85 5.65
C HIS A 637 0.69 -15.37 6.35
N ALA A 638 1.67 -14.51 6.64
CA ALA A 638 2.97 -14.96 7.13
C ALA A 638 2.85 -15.76 8.42
N ASP A 639 1.91 -15.41 9.30
CA ASP A 639 1.78 -16.14 10.56
C ASP A 639 1.38 -17.59 10.33
N ILE A 640 0.40 -17.81 9.47
CA ILE A 640 -0.05 -19.18 9.18
C ILE A 640 1.05 -19.94 8.46
N GLU A 641 1.73 -19.30 7.52
CA GLU A 641 2.82 -19.97 6.81
C GLU A 641 3.94 -20.37 7.76
N TRP A 642 4.32 -19.47 8.66
CA TRP A 642 5.39 -19.79 9.59
C TRP A 642 4.97 -20.88 10.57
N LYS A 643 3.73 -20.84 11.05
CA LYS A 643 3.28 -21.88 11.98
C LYS A 643 3.24 -23.24 11.30
N PHE A 644 2.85 -23.28 10.02
CA PHE A 644 2.90 -24.55 9.29
C PHE A 644 4.32 -25.05 9.13
N ALA A 645 5.25 -24.16 8.78
CA ALA A 645 6.64 -24.56 8.62
C ALA A 645 7.24 -25.02 9.96
N ARG A 646 6.90 -24.34 11.05
CA ARG A 646 7.39 -24.74 12.36
C ARG A 646 6.77 -26.05 12.81
N THR A 647 5.52 -26.32 12.43
CA THR A 647 4.94 -27.62 12.72
C THR A 647 5.66 -28.72 11.97
N LYS A 648 6.02 -28.48 10.71
CA LYS A 648 6.81 -29.47 9.97
C LYS A 648 8.16 -29.70 10.64
N LEU A 649 8.83 -28.62 11.05
CA LEU A 649 10.10 -28.74 11.75
C LEU A 649 9.95 -29.54 13.03
N TRP A 650 8.92 -29.23 13.82
CA TRP A 650 8.70 -29.94 15.08
C TRP A 650 8.41 -31.41 14.84
N MET A 651 7.53 -31.71 13.88
CA MET A 651 7.18 -33.10 13.57
C MET A 651 8.40 -33.88 13.12
N SER A 652 9.38 -33.21 12.51
CA SER A 652 10.62 -33.90 12.14
C SER A 652 11.38 -34.42 13.35
N TYR A 653 11.10 -33.91 14.54
CA TYR A 653 11.76 -34.37 15.75
C TYR A 653 10.90 -35.24 16.64
N PHE A 654 9.67 -35.56 16.22
CA PHE A 654 8.81 -36.41 17.01
C PHE A 654 9.07 -37.90 16.79
N ASP A 655 9.76 -38.25 15.71
CA ASP A 655 9.96 -39.64 15.33
C ASP A 655 11.24 -40.19 15.95
N GLU A 656 11.24 -41.50 16.19
CA GLU A 656 12.40 -42.14 16.80
C GLU A 656 13.58 -42.20 15.85
N GLY A 657 13.32 -42.39 14.56
CA GLY A 657 14.39 -42.43 13.58
C GLY A 657 15.07 -41.07 13.48
N GLY A 658 16.40 -41.06 13.51
CA GLY A 658 17.12 -39.81 13.50
C GLY A 658 17.28 -39.17 14.86
N THR A 659 17.24 -39.96 15.93
CA THR A 659 17.40 -39.40 17.27
C THR A 659 18.81 -38.85 17.47
N LEU A 660 19.81 -39.66 17.16
CA LEU A 660 21.20 -39.28 17.40
C LEU A 660 21.68 -38.32 16.34
N PRO A 661 22.23 -37.17 16.71
CA PRO A 661 22.78 -36.25 15.71
C PRO A 661 24.15 -36.70 15.27
N PRO A 662 24.62 -36.24 14.11
CA PRO A 662 26.00 -36.51 13.73
C PRO A 662 26.95 -35.93 14.75
N PRO A 663 28.09 -36.58 14.99
CA PRO A 663 28.58 -37.77 14.31
C PRO A 663 28.11 -39.09 14.91
N PHE A 664 27.25 -39.04 15.93
CA PHE A 664 26.88 -40.26 16.64
C PHE A 664 25.87 -41.12 15.90
N ASN A 665 25.27 -40.63 14.82
CA ASN A 665 24.29 -41.41 14.09
C ASN A 665 24.91 -42.53 13.27
N ILE A 666 26.24 -42.58 13.17
CA ILE A 666 26.92 -43.63 12.42
C ILE A 666 27.63 -44.55 13.41
N ILE A 667 27.06 -44.69 14.60
CA ILE A 667 27.60 -45.54 15.66
C ILE A 667 28.97 -45.03 16.10
N SER A 709 -9.10 -50.57 17.01
CA SER A 709 -9.24 -49.95 15.70
C SER A 709 -10.69 -49.53 15.45
N LEU A 710 -11.61 -50.48 15.63
CA LEU A 710 -13.03 -50.18 15.43
C LEU A 710 -13.51 -49.16 16.45
N ILE A 711 -13.08 -49.31 17.71
CA ILE A 711 -13.47 -48.37 18.76
C ILE A 711 -12.88 -46.99 18.48
N GLN A 712 -11.68 -46.95 17.87
CA GLN A 712 -11.11 -45.67 17.47
C GLN A 712 -11.98 -44.98 16.45
N ASN A 713 -12.50 -45.73 15.48
CA ASN A 713 -13.43 -45.17 14.50
C ASN A 713 -14.72 -44.72 15.16
N GLN A 714 -15.21 -45.48 16.15
CA GLN A 714 -16.43 -45.09 16.85
C GLN A 714 -16.25 -43.77 17.58
N HIS A 715 -15.13 -43.62 18.29
CA HIS A 715 -14.87 -42.38 19.02
C HIS A 715 -14.68 -41.21 18.07
N TYR A 716 -13.99 -41.45 16.96
CA TYR A 716 -13.85 -40.39 15.95
C TYR A 716 -15.20 -39.99 15.38
N GLN A 717 -16.08 -40.97 15.13
CA GLN A 717 -17.37 -40.65 14.56
C GLN A 717 -18.26 -39.91 15.55
N GLU A 718 -18.17 -40.23 16.84
CA GLU A 718 -18.92 -39.46 17.83
C GLU A 718 -18.41 -38.04 17.94
N VAL A 719 -17.09 -37.85 17.99
CA VAL A 719 -16.52 -36.51 18.04
C VAL A 719 -16.89 -35.72 16.80
N ILE A 720 -16.89 -36.39 15.64
CA ILE A 720 -17.24 -35.73 14.39
C ILE A 720 -18.72 -35.37 14.37
N ARG A 721 -19.57 -36.24 14.90
CA ARG A 721 -20.98 -35.93 15.05
C ARG A 721 -21.18 -34.65 15.85
N ASN A 722 -20.53 -34.57 17.01
CA ASN A 722 -20.65 -33.38 17.85
C ASN A 722 -20.11 -32.14 17.16
N LEU A 723 -18.95 -32.24 16.52
CA LEU A 723 -18.37 -31.08 15.85
C LEU A 723 -19.22 -30.62 14.67
N VAL A 724 -19.79 -31.56 13.92
CA VAL A 724 -20.65 -31.20 12.80
C VAL A 724 -21.90 -30.50 13.30
N LYS A 725 -22.49 -31.00 14.40
CA LYS A 725 -23.65 -30.32 14.97
C LYS A 725 -23.30 -28.90 15.40
N ARG A 726 -22.17 -28.73 16.09
CA ARG A 726 -21.76 -27.40 16.53
C ARG A 726 -21.50 -26.48 15.34
N TYR A 727 -20.83 -26.98 14.31
CA TYR A 727 -20.52 -26.16 13.15
C TYR A 727 -21.78 -25.78 12.39
N VAL A 728 -22.74 -26.70 12.27
CA VAL A 728 -24.00 -26.40 11.60
C VAL A 728 -24.75 -25.31 12.35
N ALA A 729 -24.85 -25.45 13.67
CA ALA A 729 -25.50 -24.41 14.46
C ALA A 729 -24.78 -23.07 14.33
N ALA A 730 -23.44 -23.09 14.35
CA ALA A 730 -22.67 -21.87 14.25
C ALA A 730 -22.90 -21.17 12.92
N MET A 731 -22.89 -21.92 11.82
CA MET A 731 -23.07 -21.30 10.51
C MET A 731 -24.51 -20.84 10.29
N ILE A 732 -25.48 -21.57 10.86
CA ILE A 732 -26.86 -21.12 10.79
C ILE A 732 -27.02 -19.79 11.53
N ARG A 733 -26.41 -19.67 12.70
CA ARG A 733 -26.48 -18.39 13.42
C ARG A 733 -25.72 -17.29 12.67
N ASN A 734 -24.55 -17.62 12.11
CA ASN A 734 -23.80 -16.61 11.35
C ASN A 734 -24.54 -16.15 10.10
N SER A 735 -25.47 -16.97 9.59
CA SER A 735 -26.37 -16.48 8.55
C SER A 735 -27.27 -15.36 9.09
N LYS A 736 -27.72 -15.49 10.34
CA LYS A 736 -28.55 -14.49 10.98
C LYS A 736 -27.72 -13.47 11.74
N PRO B 1 -12.92 42.68 22.87
CA PRO B 1 -12.78 41.35 22.27
C PRO B 1 -12.71 41.40 20.75
N GLU B 2 -11.70 40.75 20.18
CA GLU B 2 -11.52 40.72 18.74
C GLU B 2 -12.41 39.61 18.16
N PHE B 3 -13.47 40.02 17.47
CA PHE B 3 -14.44 39.10 16.91
C PHE B 3 -14.14 38.81 15.45
N MET B 4 -14.55 37.63 14.99
CA MET B 4 -14.53 37.30 13.57
C MET B 4 -15.81 37.84 12.94
N ALA B 5 -15.72 39.03 12.37
CA ALA B 5 -16.87 39.70 11.79
C ALA B 5 -17.01 39.36 10.31
N GLN B 6 -18.19 39.66 9.77
CA GLN B 6 -18.49 39.44 8.35
C GLN B 6 -18.29 37.99 7.96
N LEU B 7 -18.80 37.08 8.79
CA LEU B 7 -18.79 35.66 8.45
C LEU B 7 -19.98 35.30 7.57
N TYR B 8 -21.20 35.61 8.04
CA TYR B 8 -22.41 35.32 7.30
C TYR B 8 -23.00 36.53 6.60
N TYR B 9 -22.71 37.75 7.06
CA TYR B 9 -23.34 38.95 6.55
C TYR B 9 -22.29 40.02 6.30
N LYS B 10 -22.59 40.90 5.34
CA LYS B 10 -21.63 41.95 4.98
C LYS B 10 -21.58 43.06 6.02
N LYS B 11 -22.67 43.24 6.77
CA LYS B 11 -22.76 44.34 7.74
C LYS B 11 -21.64 44.28 8.76
N VAL B 12 -21.10 45.45 9.09
CA VAL B 12 -20.01 45.55 10.04
C VAL B 12 -20.55 45.57 11.47
N ARG B 18 -22.96 42.68 18.43
CA ARG B 18 -21.59 42.56 17.95
C ARG B 18 -21.00 41.20 18.32
N ASP B 19 -21.42 40.66 19.46
CA ASP B 19 -20.92 39.39 19.95
C ASP B 19 -21.78 38.21 19.51
N ARG B 20 -22.80 38.44 18.70
CA ARG B 20 -23.71 37.40 18.25
C ARG B 20 -23.84 37.46 16.74
N ILE B 21 -24.18 36.33 16.14
CA ILE B 21 -24.48 36.24 14.71
C ILE B 21 -26.00 36.14 14.60
N PRO B 22 -26.70 37.21 14.19
CA PRO B 22 -28.16 37.14 14.05
C PRO B 22 -28.53 36.40 12.77
N LEU B 23 -29.17 35.26 12.92
CA LEU B 23 -29.48 34.39 11.80
C LEU B 23 -30.89 34.68 11.30
N GLN B 24 -31.00 35.03 10.02
CA GLN B 24 -32.29 35.17 9.37
C GLN B 24 -32.26 34.42 8.04
N ILE B 25 -33.45 34.13 7.52
CA ILE B 25 -33.59 33.50 6.21
C ILE B 25 -33.20 34.53 5.16
N VAL B 26 -32.01 34.37 4.56
CA VAL B 26 -31.50 35.39 3.66
C VAL B 26 -32.23 35.35 2.33
N ARG B 27 -32.30 34.18 1.70
CA ARG B 27 -33.04 34.01 0.45
C ARG B 27 -34.45 33.52 0.77
N ALA B 28 -35.24 34.43 1.33
CA ALA B 28 -36.62 34.13 1.68
C ALA B 28 -37.45 33.93 0.41
N GLU B 29 -38.26 32.89 0.42
CA GLU B 29 -39.09 32.50 -0.71
C GLU B 29 -40.56 32.51 -0.31
N THR B 30 -41.41 32.91 -1.27
CA THR B 30 -42.83 33.10 -1.02
C THR B 30 -43.49 31.81 -0.55
N GLU B 31 -43.97 31.80 0.69
CA GLU B 31 -44.59 30.63 1.27
C GLU B 31 -46.00 30.43 0.71
N LEU B 32 -46.55 29.24 0.97
CA LEU B 32 -47.91 28.91 0.54
C LEU B 32 -48.92 29.31 1.61
N SER B 33 -50.19 29.31 1.21
CA SER B 33 -51.26 29.64 2.13
C SER B 33 -51.47 28.50 3.12
N ALA B 34 -52.24 28.79 4.18
CA ALA B 34 -52.59 27.75 5.14
C ALA B 34 -53.42 26.66 4.48
N GLU B 35 -54.34 27.05 3.60
CA GLU B 35 -55.11 26.06 2.85
C GLU B 35 -54.27 25.34 1.80
N GLU B 36 -53.30 26.04 1.20
CA GLU B 36 -52.36 25.36 0.31
C GLU B 36 -51.51 24.36 1.08
N LYS B 37 -51.05 24.75 2.26
CA LYS B 37 -50.31 23.81 3.10
C LYS B 37 -51.18 22.63 3.49
N ALA B 38 -52.47 22.87 3.72
CA ALA B 38 -53.39 21.77 4.00
C ALA B 38 -53.52 20.85 2.78
N PHE B 39 -53.56 21.43 1.58
CA PHE B 39 -53.64 20.64 0.36
C PHE B 39 -52.42 19.72 0.22
N LEU B 40 -51.23 20.29 0.42
CA LEU B 40 -50.02 19.48 0.30
C LEU B 40 -49.90 18.47 1.44
N ASN B 41 -50.36 18.83 2.63
CA ASN B 41 -50.36 17.87 3.73
C ASN B 41 -51.31 16.72 3.46
N ALA B 42 -52.46 17.01 2.85
CA ALA B 42 -53.40 15.95 2.48
C ALA B 42 -52.81 15.04 1.41
N VAL B 43 -52.16 15.62 0.39
CA VAL B 43 -51.61 14.79 -0.68
C VAL B 43 -50.42 13.97 -0.15
N GLU B 44 -49.67 14.50 0.82
CA GLU B 44 -48.60 13.73 1.44
C GLU B 44 -49.17 12.61 2.32
N LYS B 45 -50.23 12.91 3.07
CA LYS B 45 -50.78 11.95 4.02
C LYS B 45 -51.47 10.78 3.34
N GLY B 46 -52.12 11.01 2.21
CA GLY B 46 -52.88 9.98 1.54
C GLY B 46 -54.39 10.09 1.69
N ASP B 47 -54.89 11.19 2.25
CA ASP B 47 -56.32 11.38 2.37
C ASP B 47 -56.94 11.65 1.00
N TYR B 48 -57.42 10.57 0.36
CA TYR B 48 -57.99 10.68 -0.98
C TYR B 48 -59.22 11.59 -0.99
N ALA B 49 -60.11 11.41 -0.02
CA ALA B 49 -61.32 12.21 0.03
C ALA B 49 -61.01 13.69 0.29
N THR B 50 -60.03 13.97 1.15
CA THR B 50 -59.68 15.35 1.45
C THR B 50 -59.14 16.06 0.21
N VAL B 51 -58.23 15.41 -0.50
CA VAL B 51 -57.67 16.01 -1.73
C VAL B 51 -58.76 16.19 -2.77
N LYS B 52 -59.62 15.17 -2.93
CA LYS B 52 -60.71 15.26 -3.90
C LYS B 52 -61.60 16.46 -3.59
N GLN B 53 -62.00 16.61 -2.33
CA GLN B 53 -62.85 17.73 -1.93
C GLN B 53 -62.13 19.06 -2.13
N ALA B 54 -60.86 19.13 -1.76
CA ALA B 54 -60.12 20.38 -1.83
C ALA B 54 -60.01 20.87 -3.27
N LEU B 55 -59.63 19.99 -4.19
CA LEU B 55 -59.52 20.46 -5.57
C LEU B 55 -60.86 20.56 -6.27
N GLN B 56 -61.87 19.79 -5.84
CA GLN B 56 -63.21 19.97 -6.37
C GLN B 56 -63.75 21.35 -6.05
N GLU B 57 -63.54 21.82 -4.82
CA GLU B 57 -63.94 23.18 -4.49
C GLU B 57 -63.00 24.22 -5.09
N ALA B 58 -61.72 23.86 -5.28
CA ALA B 58 -60.81 24.76 -5.98
C ALA B 58 -61.23 24.99 -7.43
N GLU B 59 -61.93 24.01 -8.01
CA GLU B 59 -62.42 24.19 -9.38
C GLU B 59 -63.41 25.35 -9.46
N ILE B 60 -64.25 25.52 -8.44
CA ILE B 60 -65.30 26.54 -8.49
C ILE B 60 -64.70 27.94 -8.51
N TYR B 61 -63.99 28.30 -7.43
CA TYR B 61 -63.41 29.62 -7.30
C TYR B 61 -61.92 29.57 -7.64
N TYR B 62 -61.20 30.65 -7.33
CA TYR B 62 -59.76 30.72 -7.55
C TYR B 62 -58.96 30.77 -6.25
N ASN B 63 -59.62 30.62 -5.11
CA ASN B 63 -58.94 30.84 -3.83
C ASN B 63 -57.83 29.82 -3.60
N VAL B 64 -57.99 28.61 -4.14
CA VAL B 64 -56.99 27.55 -4.02
C VAL B 64 -56.27 27.41 -5.35
N ASN B 65 -54.98 27.08 -5.28
CA ASN B 65 -54.15 26.90 -6.48
C ASN B 65 -53.93 25.42 -6.73
N ILE B 66 -54.26 24.98 -7.96
CA ILE B 66 -54.03 23.59 -8.33
C ILE B 66 -52.54 23.30 -8.46
N ASN B 67 -51.79 24.23 -9.08
CA ASN B 67 -50.36 24.06 -9.33
C ASN B 67 -49.51 24.63 -8.21
N CYS B 68 -50.03 24.64 -6.98
CA CYS B 68 -49.26 25.13 -5.84
C CYS B 68 -47.97 24.34 -5.67
N MET B 69 -46.88 25.06 -5.43
CA MET B 69 -45.54 24.50 -5.43
C MET B 69 -44.92 24.66 -4.05
N ASP B 70 -44.43 23.56 -3.48
CA ASP B 70 -43.83 23.59 -2.16
C ASP B 70 -42.51 24.37 -2.19
N PRO B 71 -42.11 24.93 -1.04
CA PRO B 71 -40.78 25.56 -0.97
C PRO B 71 -39.65 24.65 -1.41
N LEU B 72 -39.74 23.34 -1.14
CA LEU B 72 -38.75 22.39 -1.63
C LEU B 72 -38.89 22.10 -3.12
N GLY B 73 -39.82 22.75 -3.80
CA GLY B 73 -39.94 22.63 -5.24
C GLY B 73 -40.84 21.52 -5.73
N ARG B 74 -41.34 20.67 -4.85
CA ARG B 74 -42.15 19.53 -5.24
C ARG B 74 -43.63 19.85 -5.04
N SER B 75 -44.39 19.86 -6.13
CA SER B 75 -45.82 20.16 -6.08
C SER B 75 -46.56 18.94 -5.55
N ALA B 76 -47.89 18.99 -5.55
CA ALA B 76 -48.68 17.89 -5.02
C ALA B 76 -48.46 16.62 -5.83
N LEU B 77 -48.37 16.74 -7.16
CA LEU B 77 -48.19 15.57 -8.01
C LEU B 77 -46.87 14.87 -7.71
N LEU B 78 -45.81 15.63 -7.43
CA LEU B 78 -44.53 15.02 -7.13
C LEU B 78 -44.55 14.29 -5.78
N ILE B 79 -45.28 14.84 -4.80
CA ILE B 79 -45.43 14.14 -3.53
C ILE B 79 -46.23 12.87 -3.72
N ALA B 80 -47.26 12.91 -4.57
CA ALA B 80 -48.01 11.70 -4.88
C ALA B 80 -47.12 10.66 -5.56
N ILE B 81 -46.25 11.11 -6.46
CA ILE B 81 -45.33 10.20 -7.14
C ILE B 81 -44.37 9.56 -6.14
N GLU B 82 -43.80 10.38 -5.25
CA GLU B 82 -42.81 9.87 -4.30
C GLU B 82 -43.42 8.85 -3.34
N ASN B 83 -44.69 9.01 -3.01
CA ASN B 83 -45.40 8.08 -2.13
C ASN B 83 -46.10 6.97 -2.91
N GLU B 84 -45.90 6.91 -4.23
CA GLU B 84 -46.54 5.91 -5.09
C GLU B 84 -48.05 5.87 -4.87
N ASN B 85 -48.67 7.04 -4.75
CA ASN B 85 -50.13 7.11 -4.62
C ASN B 85 -50.73 7.21 -6.02
N LEU B 86 -51.00 6.04 -6.60
CA LEU B 86 -51.54 5.99 -7.95
C LEU B 86 -52.92 6.63 -8.04
N GLU B 87 -53.76 6.43 -7.03
CA GLU B 87 -55.12 6.96 -7.07
C GLU B 87 -55.14 8.47 -6.99
N ILE B 88 -54.37 9.03 -6.04
CA ILE B 88 -54.27 10.49 -5.95
C ILE B 88 -53.63 11.05 -7.21
N MET B 89 -52.64 10.34 -7.77
CA MET B 89 -52.04 10.77 -9.03
C MET B 89 -53.09 10.87 -10.13
N GLU B 90 -53.92 9.83 -10.26
CA GLU B 90 -54.94 9.83 -11.30
C GLU B 90 -55.96 10.93 -11.08
N LEU B 91 -56.38 11.14 -9.83
CA LEU B 91 -57.35 12.19 -9.54
C LEU B 91 -56.76 13.57 -9.85
N LEU B 92 -55.49 13.78 -9.52
CA LEU B 92 -54.84 15.04 -9.85
C LEU B 92 -54.73 15.24 -11.35
N LEU B 93 -54.37 14.18 -12.09
CA LEU B 93 -54.23 14.30 -13.53
C LEU B 93 -55.56 14.55 -14.22
N ASN B 94 -56.64 13.98 -13.68
CA ASN B 94 -57.96 14.22 -14.26
C ASN B 94 -58.36 15.68 -14.13
N HIS B 95 -58.03 16.30 -12.99
CA HIS B 95 -58.42 17.68 -12.71
C HIS B 95 -57.38 18.69 -13.17
N SER B 96 -56.55 18.33 -14.14
CA SER B 96 -55.63 19.25 -14.82
C SER B 96 -54.62 19.87 -13.85
N VAL B 97 -53.86 19.01 -13.21
CA VAL B 97 -52.66 19.44 -12.49
C VAL B 97 -51.53 19.59 -13.48
N TYR B 98 -50.67 20.59 -13.27
CA TYR B 98 -49.49 20.74 -14.12
C TYR B 98 -48.65 19.47 -14.06
N VAL B 99 -48.30 18.95 -15.23
CA VAL B 99 -47.68 17.64 -15.34
C VAL B 99 -46.27 17.82 -15.92
N GLY B 100 -45.69 18.98 -15.69
CA GLY B 100 -44.34 19.23 -16.19
C GLY B 100 -43.31 18.47 -15.35
N ASP B 101 -42.48 17.69 -16.03
CA ASP B 101 -41.35 16.99 -15.43
C ASP B 101 -41.76 15.98 -14.36
N ALA B 102 -43.04 15.60 -14.32
CA ALA B 102 -43.45 14.57 -13.37
C ALA B 102 -43.05 13.18 -13.83
N LEU B 103 -43.03 12.96 -15.16
CA LEU B 103 -42.55 11.69 -15.69
C LEU B 103 -41.10 11.45 -15.31
N LEU B 104 -40.29 12.50 -15.31
CA LEU B 104 -38.88 12.33 -14.93
C LEU B 104 -38.73 11.90 -13.49
N TYR B 105 -39.52 12.48 -12.59
CA TYR B 105 -39.46 12.07 -11.19
C TYR B 105 -39.96 10.64 -11.02
N ALA B 106 -41.02 10.26 -11.74
CA ALA B 106 -41.49 8.88 -11.69
C ALA B 106 -40.41 7.92 -12.18
N ILE B 107 -39.74 8.27 -13.28
CA ILE B 107 -38.70 7.42 -13.84
C ILE B 107 -37.52 7.28 -12.87
N ARG B 108 -37.08 8.39 -12.29
CA ARG B 108 -35.97 8.32 -11.34
C ARG B 108 -36.34 7.54 -10.10
N LYS B 109 -37.60 7.59 -9.67
CA LYS B 109 -38.04 6.76 -8.56
C LYS B 109 -38.13 5.30 -8.95
N GLU B 110 -38.23 5.00 -10.25
CA GLU B 110 -38.20 3.65 -10.79
C GLU B 110 -39.41 2.83 -10.37
N VAL B 111 -40.59 3.44 -10.41
CA VAL B 111 -41.84 2.76 -10.14
C VAL B 111 -42.61 2.65 -11.45
N VAL B 112 -42.87 1.41 -11.88
CA VAL B 112 -43.42 1.18 -13.21
C VAL B 112 -44.86 1.68 -13.31
N GLY B 113 -45.64 1.52 -12.23
CA GLY B 113 -47.03 1.91 -12.29
C GLY B 113 -47.21 3.40 -12.53
N ALA B 114 -46.44 4.22 -11.81
CA ALA B 114 -46.54 5.66 -11.99
C ALA B 114 -46.08 6.08 -13.39
N VAL B 115 -45.03 5.43 -13.90
CA VAL B 115 -44.56 5.76 -15.25
C VAL B 115 -45.62 5.43 -16.28
N GLU B 116 -46.28 4.27 -16.15
CA GLU B 116 -47.37 3.95 -17.06
C GLU B 116 -48.51 4.94 -16.95
N LEU B 117 -48.87 5.32 -15.71
CA LEU B 117 -49.98 6.25 -15.51
C LEU B 117 -49.68 7.61 -16.14
N LEU B 118 -48.46 8.11 -15.97
CA LEU B 118 -48.11 9.41 -16.54
C LEU B 118 -47.88 9.32 -18.04
N LEU B 119 -47.49 8.15 -18.55
CA LEU B 119 -47.40 7.96 -19.99
C LEU B 119 -48.77 7.81 -20.64
N SER B 120 -49.81 7.51 -19.86
CA SER B 120 -51.17 7.45 -20.36
C SER B 120 -51.99 8.64 -19.87
N TYR B 121 -51.31 9.71 -19.46
CA TYR B 121 -51.96 10.87 -18.85
C TYR B 121 -52.84 10.47 -17.67
N GLN B 138 -40.21 27.10 -13.54
CA GLN B 138 -40.22 26.57 -12.18
C GLN B 138 -38.88 25.92 -11.84
N PHE B 139 -38.83 25.25 -10.70
CA PHE B 139 -37.63 24.56 -10.26
C PHE B 139 -37.77 23.08 -10.56
N SER B 140 -36.72 22.50 -11.14
CA SER B 140 -36.66 21.08 -11.44
C SER B 140 -35.36 20.52 -10.91
N GLU B 141 -35.38 19.23 -10.56
CA GLU B 141 -34.18 18.53 -10.14
C GLU B 141 -33.35 18.04 -11.31
N PHE B 142 -33.82 18.22 -12.54
CA PHE B 142 -33.17 17.71 -13.72
C PHE B 142 -32.79 18.87 -14.64
N THR B 143 -31.65 18.75 -15.29
CA THR B 143 -31.22 19.74 -16.25
C THR B 143 -32.17 19.71 -17.44
N PRO B 144 -32.45 20.86 -18.07
CA PRO B 144 -33.48 20.90 -19.13
C PRO B 144 -33.25 19.93 -20.29
N ASP B 145 -32.02 19.47 -20.54
CA ASP B 145 -31.79 18.58 -21.67
C ASP B 145 -32.30 17.17 -21.43
N ILE B 146 -32.60 16.81 -20.18
CA ILE B 146 -33.03 15.45 -19.85
C ILE B 146 -34.40 15.18 -20.45
N THR B 147 -34.51 14.07 -21.17
CA THR B 147 -35.77 13.53 -21.67
C THR B 147 -36.10 12.25 -20.92
N PRO B 148 -37.35 11.76 -21.03
CA PRO B 148 -37.69 10.51 -20.32
C PRO B 148 -36.83 9.32 -20.72
N ILE B 149 -36.53 9.14 -22.00
CA ILE B 149 -35.75 7.99 -22.43
C ILE B 149 -34.31 8.09 -21.93
N MET B 150 -33.74 9.29 -22.00
CA MET B 150 -32.38 9.49 -21.50
C MET B 150 -32.30 9.21 -20.00
N LEU B 151 -33.26 9.72 -19.23
CA LEU B 151 -33.24 9.51 -17.80
C LEU B 151 -33.48 8.06 -17.44
N ALA B 152 -34.38 7.39 -18.16
CA ALA B 152 -34.61 5.96 -17.94
C ALA B 152 -33.36 5.16 -18.24
N ALA B 153 -32.64 5.53 -19.29
CA ALA B 153 -31.39 4.85 -19.61
C ALA B 153 -30.31 5.13 -18.57
N HIS B 154 -30.33 6.32 -17.95
CA HIS B 154 -29.40 6.57 -16.85
C HIS B 154 -29.71 5.75 -15.62
N THR B 155 -30.97 5.34 -15.43
CA THR B 155 -31.35 4.46 -14.33
C THR B 155 -31.15 2.99 -14.65
N ASN B 156 -30.96 2.64 -15.92
CA ASN B 156 -30.72 1.27 -16.35
C ASN B 156 -31.82 0.33 -15.89
N ASN B 157 -33.07 0.80 -15.97
CA ASN B 157 -34.22 0.00 -15.59
C ASN B 157 -34.85 -0.60 -16.86
N TYR B 158 -34.77 -1.92 -17.00
CA TYR B 158 -35.21 -2.57 -18.23
C TYR B 158 -36.72 -2.36 -18.45
N GLU B 159 -37.50 -2.44 -17.38
CA GLU B 159 -38.95 -2.29 -17.52
C GLU B 159 -39.33 -0.90 -18.00
N ILE B 160 -38.74 0.13 -17.40
CA ILE B 160 -39.08 1.50 -17.77
C ILE B 160 -38.54 1.84 -19.14
N ILE B 161 -37.31 1.41 -19.45
CA ILE B 161 -36.76 1.64 -20.78
C ILE B 161 -37.62 0.96 -21.83
N LYS B 162 -38.06 -0.27 -21.55
CA LYS B 162 -38.93 -0.98 -22.49
C LYS B 162 -40.26 -0.26 -22.68
N LEU B 163 -40.83 0.24 -21.59
CA LEU B 163 -42.07 1.02 -21.68
C LEU B 163 -41.88 2.23 -22.58
N LEU B 164 -40.77 2.95 -22.41
CA LEU B 164 -40.56 4.18 -23.16
C LEU B 164 -40.19 3.90 -24.62
N VAL B 165 -39.52 2.78 -24.89
CA VAL B 165 -39.15 2.47 -26.27
C VAL B 165 -40.35 1.92 -27.03
N GLN B 166 -41.28 1.24 -26.35
CA GLN B 166 -42.46 0.73 -27.03
C GLN B 166 -43.27 1.86 -27.65
N LYS B 167 -43.38 2.98 -26.95
CA LYS B 167 -43.93 4.21 -27.51
C LYS B 167 -42.77 4.95 -28.16
N ARG B 168 -42.61 4.75 -29.47
CA ARG B 168 -41.36 5.03 -30.17
C ARG B 168 -40.78 6.40 -29.83
N VAL B 169 -39.59 6.39 -29.25
CA VAL B 169 -38.87 7.61 -28.89
C VAL B 169 -37.55 7.65 -29.66
N THR B 170 -36.81 8.74 -29.46
CA THR B 170 -35.52 8.93 -30.10
C THR B 170 -34.54 9.50 -29.08
N ILE B 171 -33.25 9.32 -29.37
CA ILE B 171 -32.17 9.99 -28.66
C ILE B 171 -31.38 10.78 -29.69
N PRO B 172 -31.11 12.07 -29.47
CA PRO B 172 -30.35 12.83 -30.45
C PRO B 172 -28.99 12.22 -30.72
N ARG B 173 -28.59 12.22 -31.97
CA ARG B 173 -27.35 11.57 -32.37
C ARG B 173 -26.17 12.47 -32.04
N PRO B 174 -25.22 12.01 -31.23
CA PRO B 174 -24.05 12.84 -30.93
C PRO B 174 -23.17 12.99 -32.16
N HIS B 175 -22.48 14.13 -32.22
CA HIS B 175 -21.60 14.40 -33.34
C HIS B 175 -20.26 13.70 -33.14
N GLN B 176 -19.43 13.75 -34.18
CA GLN B 176 -18.07 13.25 -34.07
C GLN B 176 -17.32 14.05 -33.00
N ILE B 177 -16.28 13.42 -32.44
CA ILE B 177 -15.52 14.06 -31.38
C ILE B 177 -14.93 15.37 -31.87
N ARG B 178 -14.26 15.35 -33.02
CA ARG B 178 -13.67 16.53 -33.63
C ARG B 178 -14.61 17.01 -34.74
N CYS B 179 -15.70 17.65 -34.33
CA CYS B 179 -16.68 18.20 -35.25
C CYS B 179 -16.59 19.71 -35.27
N ASN B 180 -16.80 20.29 -36.45
CA ASN B 180 -16.63 21.73 -36.65
C ASN B 180 -17.82 22.36 -37.36
N CYS B 181 -19.00 21.75 -37.26
CA CYS B 181 -20.15 22.29 -37.95
C CYS B 181 -20.69 23.51 -37.21
N VAL B 182 -21.60 24.22 -37.87
CA VAL B 182 -22.14 25.46 -37.32
C VAL B 182 -22.83 25.19 -35.99
N GLU B 183 -23.60 24.11 -35.92
CA GLU B 183 -24.31 23.78 -34.66
C GLU B 183 -23.28 23.65 -33.54
N CYS B 184 -22.30 22.77 -33.71
CA CYS B 184 -21.29 22.53 -32.64
C CYS B 184 -20.58 23.84 -32.29
N VAL B 185 -20.08 24.59 -33.28
CA VAL B 185 -19.29 25.83 -32.98
C VAL B 185 -20.17 26.90 -32.34
N SER B 186 -21.49 26.84 -32.54
CA SER B 186 -22.38 27.85 -31.99
C SER B 186 -22.84 27.48 -30.59
N SER B 187 -23.19 26.21 -30.37
CA SER B 187 -23.61 25.76 -29.05
C SER B 187 -22.47 25.87 -28.06
N SER B 188 -21.27 25.44 -28.44
CA SER B 188 -20.14 25.47 -27.52
C SER B 188 -19.64 26.87 -27.24
N GLU B 189 -19.96 27.85 -28.10
CA GLU B 189 -19.58 29.22 -27.83
C GLU B 189 -20.65 29.99 -27.07
N VAL B 190 -21.92 29.71 -27.32
CA VAL B 190 -22.99 30.37 -26.57
C VAL B 190 -23.10 29.80 -25.17
N ASP B 191 -23.07 28.47 -25.04
CA ASP B 191 -23.24 27.82 -23.74
C ASP B 191 -22.41 26.54 -23.76
N SER B 192 -21.18 26.64 -23.26
CA SER B 192 -20.28 25.48 -23.25
C SER B 192 -20.68 24.47 -22.19
N LEU B 193 -21.10 24.95 -21.02
CA LEU B 193 -21.46 24.06 -19.92
C LEU B 193 -22.64 23.17 -20.30
N ARG B 194 -23.70 23.79 -20.83
CA ARG B 194 -24.87 23.03 -21.25
C ARG B 194 -24.54 22.06 -22.37
N HIS B 195 -23.71 22.47 -23.32
CA HIS B 195 -23.36 21.60 -24.44
C HIS B 195 -22.59 20.38 -23.96
N SER B 196 -21.62 20.59 -23.07
CA SER B 196 -20.87 19.47 -22.51
C SER B 196 -21.77 18.54 -21.71
N ARG B 197 -22.67 19.12 -20.90
CA ARG B 197 -23.59 18.31 -20.10
C ARG B 197 -24.50 17.48 -20.99
N SER B 198 -25.04 18.08 -22.04
CA SER B 198 -25.92 17.36 -22.95
C SER B 198 -25.19 16.24 -23.66
N ARG B 199 -23.95 16.48 -24.09
CA ARG B 199 -23.15 15.43 -24.71
C ARG B 199 -22.95 14.26 -23.76
N LEU B 200 -22.56 14.55 -22.52
CA LEU B 200 -22.35 13.49 -21.55
C LEU B 200 -23.64 12.75 -21.24
N ASN B 201 -24.76 13.45 -21.17
CA ASN B 201 -26.04 12.82 -20.89
C ASN B 201 -26.45 11.89 -22.01
N ILE B 202 -26.26 12.32 -23.26
CA ILE B 202 -26.56 11.46 -24.41
C ILE B 202 -25.70 10.21 -24.35
N TYR B 203 -24.41 10.37 -24.05
CA TYR B 203 -23.53 9.20 -24.01
C TYR B 203 -23.85 8.30 -22.82
N LYS B 204 -24.32 8.87 -21.73
CA LYS B 204 -24.75 8.06 -20.59
C LYS B 204 -25.98 7.25 -20.94
N ALA B 205 -26.89 7.84 -21.72
CA ALA B 205 -28.06 7.10 -22.16
C ALA B 205 -27.68 5.99 -23.13
N LEU B 206 -26.82 6.30 -24.11
CA LEU B 206 -26.46 5.31 -25.12
C LEU B 206 -25.65 4.18 -24.52
N ALA B 207 -24.77 4.47 -23.56
CA ALA B 207 -23.95 3.45 -22.91
C ALA B 207 -24.71 2.63 -21.90
N SER B 208 -26.02 2.73 -21.86
CA SER B 208 -26.81 1.97 -20.90
C SER B 208 -26.91 0.52 -21.32
N PRO B 209 -26.50 -0.44 -20.49
CA PRO B 209 -26.59 -1.85 -20.89
C PRO B 209 -28.00 -2.29 -21.23
N SER B 210 -29.00 -1.78 -20.54
CA SER B 210 -30.38 -2.15 -20.84
C SER B 210 -30.82 -1.60 -22.18
N LEU B 211 -30.46 -0.37 -22.50
CA LEU B 211 -30.80 0.22 -23.80
C LEU B 211 -30.06 -0.44 -24.96
N ILE B 212 -28.77 -0.77 -24.77
CA ILE B 212 -28.05 -1.52 -25.79
C ILE B 212 -28.66 -2.90 -25.99
N ALA B 213 -28.97 -3.59 -24.89
CA ALA B 213 -29.56 -4.92 -25.00
C ALA B 213 -30.90 -4.86 -25.70
N LEU B 214 -31.72 -3.85 -25.37
CA LEU B 214 -33.07 -3.77 -25.89
C LEU B 214 -33.12 -3.32 -27.34
N SER B 215 -32.33 -2.31 -27.72
CA SER B 215 -32.59 -1.60 -28.96
C SER B 215 -31.40 -1.56 -29.92
N SER B 216 -30.35 -2.33 -29.64
CA SER B 216 -29.17 -2.39 -30.55
C SER B 216 -29.25 -3.64 -31.42
N GLU B 217 -29.00 -3.46 -32.71
CA GLU B 217 -29.02 -4.62 -33.59
C GLU B 217 -27.94 -5.62 -33.22
N ASP B 218 -26.74 -5.14 -32.91
CA ASP B 218 -25.62 -5.97 -32.48
C ASP B 218 -25.14 -5.41 -31.15
N PRO B 219 -25.64 -5.93 -30.03
CA PRO B 219 -25.25 -5.36 -28.72
C PRO B 219 -23.75 -5.45 -28.45
N ILE B 220 -23.14 -6.49 -28.95
CA ILE B 220 -21.68 -6.67 -28.61
C ILE B 220 -20.86 -5.68 -29.43
N LEU B 221 -21.17 -5.53 -30.71
CA LEU B 221 -20.49 -4.55 -31.54
C LEU B 221 -20.80 -3.13 -31.08
N THR B 222 -22.04 -2.86 -30.69
CA THR B 222 -22.39 -1.54 -30.18
C THR B 222 -21.61 -1.23 -28.92
N ALA B 223 -21.47 -2.20 -28.01
CA ALA B 223 -20.67 -1.99 -26.81
C ALA B 223 -19.20 -1.75 -27.17
N PHE B 224 -18.66 -2.50 -28.13
CA PHE B 224 -17.28 -2.28 -28.56
C PHE B 224 -17.08 -0.86 -29.06
N ARG B 225 -17.90 -0.45 -30.03
CA ARG B 225 -17.76 0.86 -30.64
C ARG B 225 -17.98 1.97 -29.63
N LEU B 226 -18.97 1.80 -28.74
CA LEU B 226 -19.29 2.85 -27.78
C LEU B 226 -18.21 2.98 -26.71
N GLY B 227 -17.68 1.85 -26.23
CA GLY B 227 -16.56 1.93 -25.30
C GLY B 227 -15.34 2.58 -25.93
N TRP B 228 -15.07 2.26 -27.19
CA TRP B 228 -13.96 2.90 -27.90
C TRP B 228 -14.17 4.41 -27.99
N GLU B 229 -15.34 4.82 -28.48
CA GLU B 229 -15.62 6.24 -28.66
C GLU B 229 -15.63 6.98 -27.33
N LEU B 230 -16.07 6.32 -26.26
CA LEU B 230 -16.11 6.97 -24.96
C LEU B 230 -14.71 7.11 -24.38
N LYS B 231 -13.83 6.13 -24.63
CA LYS B 231 -12.43 6.28 -24.25
C LYS B 231 -11.78 7.43 -25.02
N GLU B 232 -12.11 7.56 -26.31
CA GLU B 232 -11.57 8.66 -27.10
C GLU B 232 -12.09 10.01 -26.61
N LEU B 233 -13.38 10.10 -26.26
CA LEU B 233 -13.91 11.30 -25.65
C LEU B 233 -13.20 11.62 -24.34
N SER B 234 -12.98 10.62 -23.52
CA SER B 234 -12.22 10.81 -22.28
C SER B 234 -10.87 11.43 -22.58
N LYS B 235 -10.18 10.95 -23.61
CA LYS B 235 -8.93 11.58 -24.03
C LYS B 235 -9.15 13.04 -24.41
N VAL B 236 -10.13 13.30 -25.26
CA VAL B 236 -10.31 14.65 -25.80
C VAL B 236 -10.93 15.58 -24.76
N GLU B 237 -12.01 15.16 -24.13
CA GLU B 237 -12.65 15.97 -23.08
C GLU B 237 -11.77 15.88 -21.84
N ASN B 238 -10.81 16.80 -21.72
CA ASN B 238 -9.84 16.73 -20.63
C ASN B 238 -10.53 16.86 -19.28
N GLU B 239 -11.47 17.79 -19.16
CA GLU B 239 -12.39 17.79 -18.04
C GLU B 239 -13.51 16.81 -18.34
N PHE B 240 -14.15 16.31 -17.28
CA PHE B 240 -15.14 15.23 -17.39
C PHE B 240 -14.52 13.96 -17.95
N LYS B 241 -13.23 13.77 -17.68
CA LYS B 241 -12.53 12.56 -18.13
C LYS B 241 -13.03 11.32 -17.38
N ALA B 242 -13.29 11.46 -16.08
CA ALA B 242 -13.64 10.29 -15.27
C ALA B 242 -15.01 9.74 -15.63
N GLU B 243 -15.97 10.62 -15.94
CA GLU B 243 -17.30 10.14 -16.35
C GLU B 243 -17.24 9.37 -17.66
N TYR B 244 -16.49 9.88 -18.64
CA TYR B 244 -16.38 9.15 -19.90
C TYR B 244 -15.62 7.85 -19.72
N GLU B 245 -14.62 7.83 -18.84
CA GLU B 245 -13.92 6.58 -18.55
C GLU B 245 -14.84 5.56 -17.88
N GLU B 246 -15.70 6.02 -16.97
CA GLU B 246 -16.66 5.13 -16.34
C GLU B 246 -17.65 4.58 -17.37
N LEU B 247 -18.09 5.42 -18.30
CA LEU B 247 -19.00 4.95 -19.35
C LEU B 247 -18.33 3.93 -20.25
N SER B 248 -17.06 4.15 -20.59
CA SER B 248 -16.32 3.20 -21.41
C SER B 248 -16.19 1.86 -20.69
N GLN B 249 -15.84 1.91 -19.41
CA GLN B 249 -15.76 0.67 -18.63
C GLN B 249 -17.11 -0.02 -18.51
N GLN B 250 -18.19 0.76 -18.41
CA GLN B 250 -19.52 0.15 -18.35
C GLN B 250 -19.83 -0.59 -19.64
N CYS B 251 -19.51 0.01 -20.79
CA CYS B 251 -19.70 -0.67 -22.06
C CYS B 251 -18.85 -1.95 -22.16
N LYS B 252 -17.60 -1.87 -21.72
CA LYS B 252 -16.72 -3.04 -21.78
C LYS B 252 -17.24 -4.18 -20.90
N LEU B 253 -17.64 -3.86 -19.67
CA LEU B 253 -18.21 -4.86 -18.80
C LEU B 253 -19.53 -5.42 -19.34
N PHE B 254 -20.33 -4.60 -20.02
CA PHE B 254 -21.54 -5.13 -20.62
C PHE B 254 -21.22 -6.16 -21.69
N ALA B 255 -20.25 -5.86 -22.56
CA ALA B 255 -19.87 -6.82 -23.59
C ALA B 255 -19.33 -8.11 -22.99
N LYS B 256 -18.47 -7.98 -21.98
CA LYS B 256 -17.90 -9.17 -21.34
C LYS B 256 -18.98 -9.97 -20.60
N ASP B 257 -19.97 -9.31 -20.02
CA ASP B 257 -21.02 -10.02 -19.29
C ASP B 257 -21.99 -10.68 -20.24
N LEU B 258 -22.20 -10.11 -21.42
CA LEU B 258 -22.93 -10.84 -22.45
C LEU B 258 -22.18 -12.09 -22.85
N LEU B 259 -20.87 -11.98 -23.03
CA LEU B 259 -20.07 -13.17 -23.37
C LEU B 259 -20.11 -14.19 -22.24
N ASP B 260 -20.26 -13.73 -20.99
CA ASP B 260 -20.33 -14.64 -19.85
C ASP B 260 -21.57 -15.52 -19.89
N GLN B 261 -22.60 -15.11 -20.62
CA GLN B 261 -23.88 -15.80 -20.60
C GLN B 261 -23.93 -16.97 -21.58
N ALA B 262 -22.92 -17.14 -22.42
CA ALA B 262 -22.90 -18.28 -23.33
C ALA B 262 -22.79 -19.58 -22.54
N ARG B 263 -23.62 -20.55 -22.92
CA ARG B 263 -23.68 -21.81 -22.19
C ARG B 263 -23.09 -22.99 -22.94
N SER B 264 -23.02 -22.94 -24.26
CA SER B 264 -22.41 -23.99 -25.05
C SER B 264 -21.27 -23.39 -25.87
N SER B 265 -20.43 -24.27 -26.41
CA SER B 265 -19.35 -23.82 -27.28
C SER B 265 -19.88 -23.39 -28.64
N ARG B 266 -21.05 -23.90 -29.04
CA ARG B 266 -21.65 -23.47 -30.30
C ARG B 266 -22.04 -22.01 -30.26
N GLU B 267 -22.67 -21.57 -29.16
CA GLU B 267 -23.00 -20.16 -29.03
C GLU B 267 -21.76 -19.30 -29.05
N LEU B 268 -20.71 -19.72 -28.35
CA LEU B 268 -19.48 -18.94 -28.28
C LEU B 268 -18.81 -18.84 -29.64
N GLU B 269 -18.83 -19.92 -30.42
CA GLU B 269 -18.22 -19.87 -31.74
C GLU B 269 -19.09 -19.11 -32.72
N ILE B 270 -20.42 -19.11 -32.53
CA ILE B 270 -21.28 -18.26 -33.35
C ILE B 270 -21.00 -16.80 -33.08
N ILE B 271 -20.82 -16.44 -31.81
CA ILE B 271 -20.52 -15.05 -31.47
C ILE B 271 -19.16 -14.65 -32.01
N LEU B 272 -18.12 -15.39 -31.66
CA LEU B 272 -16.75 -14.97 -31.94
C LEU B 272 -16.44 -15.00 -33.43
N ASN B 273 -17.10 -15.86 -34.20
CA ASN B 273 -16.84 -15.96 -35.63
C ASN B 273 -17.76 -15.06 -36.46
N HIS B 274 -18.60 -14.25 -35.83
CA HIS B 274 -19.55 -13.43 -36.59
C HIS B 274 -18.82 -12.31 -37.30
N ARG B 275 -19.15 -12.12 -38.58
CA ARG B 275 -18.66 -11.03 -39.39
C ARG B 275 -19.84 -10.26 -39.95
N ASP B 276 -19.75 -8.94 -39.93
CA ASP B 276 -20.80 -8.10 -40.48
C ASP B 276 -20.24 -7.06 -41.45
N ASP B 289 -13.61 -17.37 -38.93
CA ASP B 289 -12.29 -17.42 -38.33
C ASP B 289 -12.05 -16.29 -37.33
N LEU B 290 -12.92 -16.22 -36.32
CA LEU B 290 -12.76 -15.34 -35.17
C LEU B 290 -12.79 -13.86 -35.56
N ALA B 291 -13.79 -13.48 -36.36
CA ALA B 291 -13.89 -12.10 -36.81
C ALA B 291 -14.26 -11.17 -35.66
N LYS B 292 -15.25 -11.54 -34.86
CA LYS B 292 -15.65 -10.71 -33.73
C LYS B 292 -14.55 -10.55 -32.71
N LEU B 293 -13.69 -11.57 -32.58
CA LEU B 293 -12.57 -11.46 -31.66
C LEU B 293 -11.50 -10.51 -32.19
N LYS B 294 -11.29 -10.48 -33.50
CA LYS B 294 -10.39 -9.48 -34.07
C LYS B 294 -10.95 -8.08 -33.91
N VAL B 295 -12.27 -7.92 -34.05
CA VAL B 295 -12.89 -6.63 -33.78
C VAL B 295 -12.68 -6.22 -32.32
N ALA B 296 -12.78 -7.19 -31.40
CA ALA B 296 -12.55 -6.90 -29.99
C ALA B 296 -11.10 -6.51 -29.72
N ILE B 297 -10.16 -7.15 -30.41
CA ILE B 297 -8.76 -6.79 -30.25
C ILE B 297 -8.49 -5.40 -30.81
N LYS B 298 -9.13 -5.08 -31.94
CA LYS B 298 -8.99 -3.76 -32.55
C LYS B 298 -9.47 -2.66 -31.62
N TYR B 299 -10.55 -2.89 -30.91
CA TYR B 299 -11.14 -1.91 -30.01
C TYR B 299 -10.59 -2.00 -28.59
N HIS B 300 -9.52 -2.77 -28.38
CA HIS B 300 -8.87 -2.90 -27.07
C HIS B 300 -9.86 -3.36 -26.00
N GLN B 301 -10.69 -4.34 -26.35
CA GLN B 301 -11.65 -4.90 -25.41
C GLN B 301 -10.99 -6.03 -24.62
N LYS B 302 -10.10 -5.60 -23.72
CA LYS B 302 -9.23 -6.54 -23.02
C LYS B 302 -10.04 -7.52 -22.17
N GLU B 303 -11.05 -7.02 -21.46
CA GLU B 303 -11.86 -7.88 -20.60
C GLU B 303 -12.66 -8.89 -21.41
N PHE B 304 -13.22 -8.46 -22.53
CA PHE B 304 -13.96 -9.36 -23.40
C PHE B 304 -13.07 -10.46 -23.95
N VAL B 305 -11.85 -10.10 -24.35
CA VAL B 305 -10.93 -11.07 -24.93
C VAL B 305 -10.44 -12.06 -23.89
N ALA B 306 -10.11 -11.57 -22.70
CA ALA B 306 -9.60 -12.42 -21.63
C ALA B 306 -10.70 -13.17 -20.89
N GLN B 307 -11.92 -13.20 -21.43
CA GLN B 307 -12.98 -13.95 -20.80
C GLN B 307 -12.67 -15.43 -20.89
N PRO B 308 -12.84 -16.19 -19.80
CA PRO B 308 -12.26 -17.55 -19.75
C PRO B 308 -12.71 -18.49 -20.84
N ASN B 309 -13.95 -18.40 -21.32
CA ASN B 309 -14.38 -19.29 -22.38
C ASN B 309 -13.81 -18.90 -23.73
N CYS B 310 -13.67 -17.59 -23.97
CA CYS B 310 -12.96 -17.14 -25.16
C CYS B 310 -11.51 -17.61 -25.15
N GLN B 311 -10.84 -17.50 -23.99
CA GLN B 311 -9.47 -17.98 -23.88
C GLN B 311 -9.37 -19.49 -24.02
N GLN B 312 -10.38 -20.23 -23.56
CA GLN B 312 -10.37 -21.67 -23.73
C GLN B 312 -10.52 -22.07 -25.18
N LEU B 313 -11.42 -21.40 -25.90
CA LEU B 313 -11.53 -21.63 -27.35
C LEU B 313 -10.23 -21.27 -28.06
N LEU B 314 -9.62 -20.16 -27.66
CA LEU B 314 -8.36 -19.74 -28.26
C LEU B 314 -7.26 -20.77 -28.02
N ALA B 315 -7.19 -21.30 -26.80
CA ALA B 315 -6.16 -22.30 -26.49
C ALA B 315 -6.43 -23.61 -27.21
N THR B 316 -7.70 -23.93 -27.47
CA THR B 316 -8.00 -25.09 -28.29
C THR B 316 -7.50 -24.90 -29.71
N LEU B 317 -7.71 -23.70 -30.27
CA LEU B 317 -7.21 -23.42 -31.62
C LEU B 317 -5.69 -23.35 -31.66
N TRP B 318 -5.07 -22.90 -30.56
CA TRP B 318 -3.60 -22.71 -30.50
C TRP B 318 -2.88 -24.05 -30.46
N TYR B 319 -3.35 -24.96 -29.61
CA TYR B 319 -2.68 -26.29 -29.46
C TYR B 319 -3.37 -27.28 -30.35
N ASP B 320 -3.52 -26.96 -31.64
CA ASP B 320 -4.25 -27.84 -32.55
C ASP B 320 -3.64 -29.24 -32.63
N GLY B 321 -2.32 -29.32 -32.67
CA GLY B 321 -1.69 -30.62 -32.74
C GLY B 321 -1.48 -31.31 -31.43
N PHE B 322 -1.87 -30.68 -30.32
CA PHE B 322 -1.61 -31.22 -28.98
C PHE B 322 -2.91 -31.17 -28.18
N PRO B 323 -3.83 -32.09 -28.43
CA PRO B 323 -5.09 -32.10 -27.65
C PRO B 323 -4.87 -32.27 -26.16
N GLY B 324 -3.89 -33.04 -25.75
CA GLY B 324 -3.64 -33.28 -24.35
C GLY B 324 -2.50 -32.48 -23.79
N TRP B 325 -2.22 -31.33 -24.40
CA TRP B 325 -1.08 -30.52 -23.99
C TRP B 325 -1.22 -30.05 -22.55
N ARG B 326 -2.42 -29.62 -22.16
CA ARG B 326 -2.62 -29.06 -20.82
C ARG B 326 -2.30 -30.08 -19.74
N ARG B 327 -2.57 -31.36 -20.00
CA ARG B 327 -2.41 -32.41 -19.01
C ARG B 327 -1.08 -33.16 -19.14
N LYS B 328 -0.08 -32.53 -19.73
CA LYS B 328 1.25 -33.12 -19.86
C LYS B 328 2.19 -32.57 -18.80
N HIS B 329 3.27 -33.32 -18.56
CA HIS B 329 4.27 -32.95 -17.58
C HIS B 329 5.31 -32.04 -18.22
N TRP B 330 5.84 -31.11 -17.42
CA TRP B 330 6.71 -30.06 -17.95
C TRP B 330 7.93 -30.63 -18.65
N VAL B 331 8.40 -31.80 -18.24
CA VAL B 331 9.52 -32.43 -18.93
C VAL B 331 9.09 -32.93 -20.30
N VAL B 332 7.90 -33.51 -20.40
CA VAL B 332 7.38 -33.94 -21.68
C VAL B 332 7.20 -32.75 -22.60
N LYS B 333 6.67 -31.64 -22.06
CA LYS B 333 6.52 -30.42 -22.83
C LYS B 333 7.86 -29.91 -23.33
N LEU B 334 8.87 -29.91 -22.45
CA LEU B 334 10.19 -29.40 -22.84
C LEU B 334 10.81 -30.26 -23.94
N LEU B 335 10.74 -31.59 -23.80
CA LEU B 335 11.27 -32.45 -24.84
C LEU B 335 10.54 -32.27 -26.16
N THR B 336 9.21 -32.16 -26.13
CA THR B 336 8.46 -31.96 -27.36
C THR B 336 8.80 -30.62 -28.00
N CYS B 337 8.90 -29.56 -27.20
CA CYS B 337 9.20 -28.24 -27.75
C CYS B 337 10.60 -28.21 -28.36
N MET B 338 11.58 -28.80 -27.68
CA MET B 338 12.93 -28.83 -28.24
C MET B 338 13.01 -29.73 -29.46
N THR B 339 12.21 -30.80 -29.51
CA THR B 339 12.18 -31.63 -30.71
C THR B 339 11.64 -30.86 -31.90
N ILE B 340 10.51 -30.16 -31.72
CA ILE B 340 9.95 -29.37 -32.81
C ILE B 340 10.88 -28.23 -33.19
N GLY B 341 11.54 -27.63 -32.20
CA GLY B 341 12.46 -26.54 -32.50
C GLY B 341 13.67 -26.99 -33.29
N PHE B 342 14.27 -28.12 -32.88
CA PHE B 342 15.43 -28.64 -33.60
C PHE B 342 15.09 -29.02 -35.03
N LEU B 343 13.83 -29.26 -35.34
CA LEU B 343 13.40 -29.68 -36.67
C LEU B 343 12.75 -28.56 -37.47
N PHE B 344 12.89 -27.29 -37.05
CA PHE B 344 12.25 -26.22 -37.81
C PHE B 344 12.73 -26.16 -39.25
N PRO B 345 14.01 -26.39 -39.59
CA PRO B 345 14.35 -26.43 -41.02
C PRO B 345 13.68 -27.58 -41.74
N MET B 346 13.52 -28.72 -41.07
CA MET B 346 12.83 -29.85 -41.69
C MET B 346 11.36 -29.51 -41.95
N LEU B 347 10.69 -28.93 -40.96
CA LEU B 347 9.28 -28.58 -41.13
C LEU B 347 9.10 -27.49 -42.19
N SER B 348 10.01 -26.51 -42.21
CA SER B 348 9.94 -25.45 -43.21
C SER B 348 10.17 -25.98 -44.61
N ILE B 349 11.15 -26.87 -44.78
CA ILE B 349 11.41 -27.45 -46.10
C ILE B 349 10.27 -28.35 -46.52
N ALA B 350 9.65 -29.07 -45.58
CA ALA B 350 8.49 -29.88 -45.90
C ALA B 350 7.33 -29.01 -46.35
N TYR B 351 7.10 -27.88 -45.68
CA TYR B 351 6.06 -26.96 -46.12
C TYR B 351 6.36 -26.39 -47.50
N LEU B 352 7.64 -26.11 -47.78
CA LEU B 352 8.01 -25.57 -49.08
C LEU B 352 7.79 -26.59 -50.19
N ILE B 353 8.30 -27.81 -50.01
CA ILE B 353 8.26 -28.80 -51.07
C ILE B 353 6.83 -29.20 -51.38
N SER B 354 6.06 -29.55 -50.36
CA SER B 354 4.67 -29.96 -50.53
C SER B 354 3.86 -29.44 -49.35
N PRO B 355 3.27 -28.26 -49.49
CA PRO B 355 2.47 -27.70 -48.37
C PRO B 355 1.30 -28.59 -47.96
N ARG B 356 0.64 -29.24 -48.91
CA ARG B 356 -0.50 -30.10 -48.63
C ARG B 356 -0.02 -31.54 -48.50
N SER B 357 0.47 -31.87 -47.32
CA SER B 357 0.97 -33.22 -47.03
C SER B 357 0.92 -33.43 -45.53
N ASN B 358 1.16 -34.68 -45.13
CA ASN B 358 1.14 -35.00 -43.71
C ASN B 358 2.27 -34.33 -42.93
N LEU B 359 3.28 -33.79 -43.63
CA LEU B 359 4.35 -33.04 -42.99
C LEU B 359 4.41 -31.60 -43.44
N GLY B 360 3.84 -31.27 -44.60
CA GLY B 360 3.87 -29.89 -45.06
C GLY B 360 3.03 -28.97 -44.20
N LEU B 361 1.84 -29.41 -43.81
CA LEU B 361 0.92 -28.57 -43.04
C LEU B 361 1.09 -28.77 -41.54
N PHE B 362 2.12 -29.50 -41.10
CA PHE B 362 2.41 -29.58 -39.68
C PHE B 362 2.88 -28.25 -39.13
N ILE B 363 3.61 -27.46 -39.93
CA ILE B 363 4.03 -26.14 -39.50
C ILE B 363 2.92 -25.11 -39.63
N LYS B 364 1.80 -25.47 -40.25
CA LYS B 364 0.65 -24.58 -40.31
C LYS B 364 -0.09 -24.47 -38.99
N LYS B 365 0.22 -25.34 -38.04
CA LYS B 365 -0.40 -25.25 -36.73
C LYS B 365 0.20 -24.08 -35.96
N PRO B 366 -0.63 -23.26 -35.30
CA PRO B 366 -0.10 -22.02 -34.69
C PRO B 366 0.99 -22.26 -33.66
N PHE B 367 0.87 -23.29 -32.84
CA PHE B 367 1.86 -23.56 -31.82
C PHE B 367 3.14 -24.15 -32.42
N ILE B 368 3.00 -25.04 -33.40
CA ILE B 368 4.17 -25.54 -34.12
C ILE B 368 4.86 -24.40 -34.85
N LYS B 369 4.06 -23.52 -35.47
CA LYS B 369 4.62 -22.36 -36.15
C LYS B 369 5.37 -21.45 -35.19
N PHE B 370 4.80 -21.23 -34.00
CA PHE B 370 5.48 -20.43 -32.99
C PHE B 370 6.79 -21.07 -32.54
N ILE B 371 6.78 -22.39 -32.35
CA ILE B 371 8.00 -23.08 -31.94
C ILE B 371 9.06 -22.96 -33.03
N CYS B 372 8.66 -23.10 -34.28
CA CYS B 372 9.62 -23.03 -35.37
C CYS B 372 10.18 -21.62 -35.54
N HIS B 373 9.33 -20.60 -35.39
CA HIS B 373 9.82 -19.23 -35.48
C HIS B 373 10.76 -18.91 -34.32
N THR B 374 10.43 -19.36 -33.12
CA THR B 374 11.30 -19.13 -31.97
C THR B 374 12.63 -19.84 -32.13
N ALA B 375 12.60 -21.04 -32.71
CA ALA B 375 13.84 -21.80 -32.99
C ALA B 375 14.67 -21.06 -34.04
N SER B 376 14.06 -20.67 -35.16
CA SER B 376 14.78 -19.87 -36.18
C SER B 376 15.45 -18.66 -35.54
N TYR B 377 14.73 -17.91 -34.72
CA TYR B 377 15.32 -16.69 -34.14
C TYR B 377 16.43 -17.03 -33.15
N LEU B 378 16.28 -18.14 -32.40
CA LEU B 378 17.34 -18.53 -31.47
C LEU B 378 18.58 -18.98 -32.20
N THR B 379 18.44 -19.66 -33.35
CA THR B 379 19.62 -19.99 -34.14
C THR B 379 20.27 -18.74 -34.72
N PHE B 380 19.46 -17.75 -35.10
CA PHE B 380 20.03 -16.48 -35.54
C PHE B 380 20.84 -15.82 -34.43
N LEU B 381 20.31 -15.81 -33.21
CA LEU B 381 21.05 -15.22 -32.10
C LEU B 381 22.29 -16.04 -31.76
N PHE B 382 22.23 -17.37 -31.92
CA PHE B 382 23.41 -18.20 -31.72
C PHE B 382 24.49 -17.88 -32.73
N MET B 383 24.11 -17.66 -33.99
CA MET B 383 25.11 -17.26 -34.98
C MET B 383 25.64 -15.85 -34.73
N LEU B 384 24.80 -14.96 -34.20
CA LEU B 384 25.30 -13.66 -33.78
C LEU B 384 26.34 -13.80 -32.68
N LEU B 385 26.13 -14.73 -31.76
CA LEU B 385 27.13 -15.00 -30.73
C LEU B 385 28.40 -15.58 -31.33
N LEU B 386 28.25 -16.49 -32.29
CA LEU B 386 29.42 -17.08 -32.96
C LEU B 386 30.20 -16.06 -33.77
N ALA B 387 29.56 -14.96 -34.15
CA ALA B 387 30.27 -13.95 -34.94
C ALA B 387 31.45 -13.38 -34.18
N SER B 388 31.29 -13.11 -32.89
CA SER B 388 32.35 -12.51 -32.08
C SER B 388 33.34 -13.52 -31.54
N GLN B 389 33.09 -14.82 -31.72
CA GLN B 389 34.08 -15.81 -31.33
C GLN B 389 35.16 -15.92 -32.41
N HIS B 390 36.09 -16.84 -32.21
CA HIS B 390 37.20 -17.04 -33.13
C HIS B 390 37.22 -18.44 -33.72
N ILE B 391 36.06 -19.08 -33.85
CA ILE B 391 35.99 -20.39 -34.50
C ILE B 391 36.47 -20.27 -35.93
N VAL B 392 35.97 -19.28 -36.66
CA VAL B 392 36.50 -18.88 -37.96
C VAL B 392 36.57 -17.37 -37.95
N ARG B 393 37.74 -16.83 -38.29
CA ARG B 393 37.99 -15.40 -38.10
C ARG B 393 38.95 -14.92 -39.17
N THR B 394 38.85 -13.64 -39.49
CA THR B 394 39.74 -12.96 -40.42
C THR B 394 40.79 -12.19 -39.65
N ASP B 395 41.85 -11.81 -40.34
CA ASP B 395 42.86 -10.93 -39.76
C ASP B 395 42.23 -9.60 -39.39
N LEU B 396 42.55 -9.10 -38.19
CA LEU B 396 41.96 -7.84 -37.76
C LEU B 396 42.63 -6.63 -38.39
N HIS B 397 43.66 -6.82 -39.21
CA HIS B 397 44.36 -5.72 -39.84
C HIS B 397 44.06 -5.62 -41.34
N VAL B 398 43.04 -6.30 -41.83
CA VAL B 398 42.59 -6.12 -43.20
C VAL B 398 41.39 -5.17 -43.18
N GLN B 399 41.52 -4.07 -43.91
CA GLN B 399 40.46 -3.07 -43.98
C GLN B 399 39.57 -3.38 -45.18
N GLY B 400 38.27 -3.46 -44.92
CA GLY B 400 37.35 -3.96 -45.90
C GLY B 400 37.56 -5.43 -46.21
N PRO B 401 37.27 -6.30 -45.24
CA PRO B 401 37.47 -7.73 -45.45
C PRO B 401 36.24 -8.36 -46.09
N PRO B 402 36.37 -9.54 -46.67
CA PRO B 402 35.20 -10.27 -47.14
C PRO B 402 34.43 -10.84 -45.96
N PRO B 403 33.14 -11.10 -46.12
CA PRO B 403 32.34 -11.59 -45.00
C PRO B 403 32.81 -12.97 -44.53
N THR B 404 32.71 -13.17 -43.22
CA THR B 404 32.97 -14.48 -42.64
C THR B 404 31.84 -15.43 -43.00
N VAL B 405 32.12 -16.73 -42.96
CA VAL B 405 31.08 -17.71 -43.24
C VAL B 405 29.96 -17.60 -42.21
N VAL B 406 30.28 -17.18 -40.98
CA VAL B 406 29.23 -16.90 -40.01
C VAL B 406 28.40 -15.72 -40.45
N GLU B 407 29.05 -14.67 -40.98
CA GLU B 407 28.29 -13.53 -41.50
C GLU B 407 27.53 -13.92 -42.76
N TRP B 408 28.11 -14.78 -43.58
CA TRP B 408 27.40 -15.29 -44.75
C TRP B 408 26.15 -16.04 -44.36
N MET B 409 26.22 -16.83 -43.28
CA MET B 409 25.03 -17.53 -42.81
C MET B 409 24.05 -16.58 -42.12
N ILE B 410 24.56 -15.51 -41.51
CA ILE B 410 23.68 -14.53 -40.88
C ILE B 410 22.85 -13.81 -41.93
N LEU B 411 23.43 -13.54 -43.09
CA LEU B 411 22.75 -12.75 -44.12
C LEU B 411 21.35 -13.25 -44.49
N PRO B 412 21.11 -14.55 -44.72
CA PRO B 412 19.73 -14.98 -45.03
C PRO B 412 18.71 -14.62 -43.98
N TRP B 413 19.04 -14.74 -42.69
CA TRP B 413 18.11 -14.30 -41.65
C TRP B 413 17.85 -12.81 -41.72
N VAL B 414 18.88 -12.01 -41.99
CA VAL B 414 18.71 -10.57 -42.06
C VAL B 414 17.79 -10.19 -43.21
N LEU B 415 18.01 -10.81 -44.37
CA LEU B 415 17.13 -10.58 -45.51
C LEU B 415 15.71 -11.03 -45.21
N GLY B 416 15.57 -12.17 -44.52
CA GLY B 416 14.25 -12.64 -44.16
C GLY B 416 13.53 -11.72 -43.20
N PHE B 417 14.24 -11.17 -42.22
CA PHE B 417 13.63 -10.23 -41.31
C PHE B 417 13.18 -8.96 -42.03
N ILE B 418 14.02 -8.45 -42.94
CA ILE B 418 13.66 -7.26 -43.70
C ILE B 418 12.43 -7.55 -44.56
N TRP B 419 12.42 -8.69 -45.23
CA TRP B 419 11.29 -9.06 -46.09
C TRP B 419 10.02 -9.25 -45.26
N GLY B 420 10.14 -9.87 -44.08
CA GLY B 420 8.99 -10.04 -43.23
C GLY B 420 8.42 -8.73 -42.72
N GLU B 421 9.28 -7.78 -42.36
CA GLU B 421 8.78 -6.49 -41.89
C GLU B 421 8.16 -5.68 -43.01
N ILE B 422 8.73 -5.73 -44.22
CA ILE B 422 8.09 -4.99 -45.31
C ILE B 422 6.79 -5.67 -45.72
N LYS B 423 6.71 -6.99 -45.65
CA LYS B 423 5.44 -7.66 -45.90
C LYS B 423 4.40 -7.29 -44.84
N GLU B 424 4.83 -7.21 -43.59
CA GLU B 424 3.91 -6.81 -42.52
C GLU B 424 3.39 -5.40 -42.75
N MET B 425 4.28 -4.46 -43.10
CA MET B 425 3.81 -3.10 -43.32
C MET B 425 2.91 -3.03 -44.54
N TRP B 426 3.21 -3.81 -45.58
CA TRP B 426 2.34 -3.83 -46.75
C TRP B 426 0.96 -4.36 -46.41
N ASP B 427 0.89 -5.40 -45.59
CA ASP B 427 -0.40 -5.99 -45.24
C ASP B 427 -1.12 -5.23 -44.14
N GLY B 428 -0.47 -4.30 -43.45
CA GLY B 428 -1.13 -3.65 -42.34
C GLY B 428 -1.21 -2.13 -42.34
N GLY B 429 -0.51 -1.47 -43.25
CA GLY B 429 -0.48 -0.02 -43.23
C GLY B 429 0.41 0.53 -42.14
N PHE B 430 1.01 1.70 -42.38
CA PHE B 430 1.87 2.30 -41.37
C PHE B 430 1.09 2.66 -40.11
N THR B 431 -0.21 2.91 -40.23
CA THR B 431 -1.01 3.26 -39.07
C THR B 431 -1.08 2.11 -38.06
N GLU B 432 -1.03 0.87 -38.54
CA GLU B 432 -0.97 -0.29 -37.65
C GLU B 432 0.47 -0.72 -37.37
N TYR B 433 1.37 -0.48 -38.32
CA TYR B 433 2.78 -0.76 -38.12
C TYR B 433 3.35 0.05 -36.96
N ILE B 434 3.01 1.33 -36.89
CA ILE B 434 3.56 2.20 -35.86
C ILE B 434 3.00 1.85 -34.49
N HIS B 435 1.76 1.35 -34.43
CA HIS B 435 1.10 1.09 -33.14
C HIS B 435 1.87 0.10 -32.28
N ASP B 436 2.71 -0.74 -32.88
CA ASP B 436 3.49 -1.71 -32.13
C ASP B 436 4.88 -1.15 -31.86
N TRP B 437 5.29 -1.18 -30.59
CA TRP B 437 6.62 -0.70 -30.22
C TRP B 437 7.70 -1.69 -30.65
N TRP B 438 7.44 -2.99 -30.45
CA TRP B 438 8.37 -4.00 -30.93
C TRP B 438 8.57 -3.88 -32.43
N ASN B 439 7.56 -3.37 -33.14
CA ASN B 439 7.71 -3.21 -34.58
C ASN B 439 8.68 -2.09 -34.91
N LEU B 440 8.65 -1.01 -34.13
CA LEU B 440 9.65 0.05 -34.28
C LEU B 440 11.05 -0.46 -33.93
N MET B 441 11.14 -1.33 -32.92
CA MET B 441 12.44 -1.89 -32.57
C MET B 441 12.97 -2.77 -33.69
N ASP B 442 12.09 -3.54 -34.33
CA ASP B 442 12.48 -4.30 -35.52
C ASP B 442 12.92 -3.38 -36.64
N PHE B 443 12.23 -2.25 -36.81
CA PHE B 443 12.64 -1.29 -37.82
C PHE B 443 14.06 -0.80 -37.57
N ALA B 444 14.37 -0.46 -36.32
CA ALA B 444 15.71 -0.01 -35.98
C ALA B 444 16.74 -1.12 -36.22
N MET B 445 16.39 -2.34 -35.82
CA MET B 445 17.28 -3.49 -36.03
C MET B 445 17.60 -3.66 -37.51
N ASN B 446 16.58 -3.65 -38.36
CA ASN B 446 16.80 -3.88 -39.79
C ASN B 446 17.52 -2.71 -40.43
N SER B 447 17.25 -1.49 -39.97
CA SER B 447 17.98 -0.34 -40.48
C SER B 447 19.47 -0.45 -40.15
N LEU B 448 19.78 -0.87 -38.93
CA LEU B 448 21.18 -1.04 -38.54
C LEU B 448 21.83 -2.17 -39.31
N TYR B 449 21.08 -3.24 -39.60
CA TYR B 449 21.66 -4.34 -40.36
C TYR B 449 21.91 -3.95 -41.81
N LEU B 450 21.00 -3.19 -42.42
CA LEU B 450 21.23 -2.68 -43.76
C LEU B 450 22.42 -1.72 -43.80
N ALA B 451 22.54 -0.86 -42.78
CA ALA B 451 23.69 0.02 -42.70
C ALA B 451 24.99 -0.77 -42.55
N THR B 452 24.95 -1.86 -41.79
CA THR B 452 26.13 -2.72 -41.65
C THR B 452 26.51 -3.36 -42.98
N ILE B 453 25.53 -3.86 -43.72
CA ILE B 453 25.82 -4.47 -45.03
C ILE B 453 26.38 -3.41 -45.99
N SER B 454 25.77 -2.22 -46.01
CA SER B 454 26.23 -1.18 -46.92
C SER B 454 27.64 -0.72 -46.57
N LEU B 455 27.93 -0.57 -45.28
CA LEU B 455 29.26 -0.15 -44.86
C LEU B 455 30.29 -1.24 -45.14
N LYS B 456 29.92 -2.51 -44.98
CA LYS B 456 30.84 -3.58 -45.32
C LYS B 456 31.13 -3.61 -46.81
N ILE B 457 30.11 -3.36 -47.64
CA ILE B 457 30.31 -3.28 -49.07
C ILE B 457 31.24 -2.12 -49.42
N VAL B 458 31.01 -0.96 -48.81
CA VAL B 458 31.82 0.23 -49.08
C VAL B 458 33.27 -0.05 -48.70
N ALA B 459 33.49 -0.61 -47.52
CA ALA B 459 34.85 -0.92 -47.07
C ALA B 459 35.51 -1.93 -47.98
N TYR B 460 34.75 -2.94 -48.45
CA TYR B 460 35.33 -3.95 -49.32
C TYR B 460 35.73 -3.37 -50.67
N VAL B 461 34.90 -2.47 -51.23
CA VAL B 461 35.16 -1.96 -52.58
C VAL B 461 35.91 -0.64 -52.57
N LYS B 462 36.32 -0.14 -51.40
CA LYS B 462 37.06 1.11 -51.33
C LYS B 462 38.38 0.98 -50.58
N TYR B 463 38.63 -0.14 -49.91
CA TYR B 463 39.92 -0.44 -49.30
C TYR B 463 40.41 -1.79 -49.77
N ASN B 464 41.68 -1.83 -50.19
CA ASN B 464 42.30 -3.07 -50.66
C ASN B 464 43.41 -3.59 -49.77
N GLY B 465 44.15 -2.69 -49.12
CA GLY B 465 45.34 -3.08 -48.38
C GLY B 465 45.04 -3.75 -47.06
N SER B 466 46.09 -3.88 -46.25
CA SER B 466 46.03 -4.50 -44.93
C SER B 466 46.68 -3.60 -43.90
N ARG B 467 46.25 -2.34 -43.87
CA ARG B 467 46.76 -1.37 -42.92
C ARG B 467 46.54 -1.87 -41.49
N PRO B 468 47.51 -1.71 -40.59
CA PRO B 468 47.30 -2.10 -39.20
C PRO B 468 46.15 -1.34 -38.58
N ARG B 469 45.40 -2.01 -37.70
CA ARG B 469 44.17 -1.43 -37.19
C ARG B 469 44.42 -0.19 -36.36
N GLU B 470 45.59 -0.09 -35.73
CA GLU B 470 45.94 1.10 -34.98
C GLU B 470 46.22 2.30 -35.86
N GLU B 471 46.39 2.09 -37.16
CA GLU B 471 46.63 3.16 -38.11
C GLU B 471 45.32 3.69 -38.72
N TRP B 472 44.20 3.02 -38.49
CA TRP B 472 42.96 3.38 -39.15
C TRP B 472 42.42 4.70 -38.63
N GLU B 473 41.66 5.37 -39.49
CA GLU B 473 41.08 6.66 -39.19
C GLU B 473 39.89 6.48 -38.22
N MET B 474 39.46 7.60 -37.63
CA MET B 474 38.36 7.56 -36.66
C MET B 474 37.08 7.01 -37.28
N TRP B 475 36.78 7.41 -38.51
CA TRP B 475 35.52 7.06 -39.16
C TRP B 475 35.74 6.06 -40.28
N HIS B 476 36.62 5.11 -40.06
CA HIS B 476 36.82 4.02 -41.02
C HIS B 476 35.52 3.25 -41.19
N PRO B 477 35.10 2.95 -42.42
CA PRO B 477 33.83 2.25 -42.61
C PRO B 477 33.78 0.89 -41.96
N THR B 478 34.93 0.22 -41.80
CA THR B 478 34.94 -1.07 -41.10
C THR B 478 34.65 -0.89 -39.62
N LEU B 479 35.21 0.14 -39.00
CA LEU B 479 34.93 0.40 -37.59
C LEU B 479 33.47 0.75 -37.37
N ILE B 480 32.89 1.57 -38.25
CA ILE B 480 31.48 1.93 -38.13
C ILE B 480 30.60 0.72 -38.39
N ALA B 481 30.97 -0.11 -39.36
CA ALA B 481 30.20 -1.32 -39.63
C ALA B 481 30.18 -2.23 -38.42
N GLU B 482 31.33 -2.39 -37.75
CA GLU B 482 31.39 -3.23 -36.57
C GLU B 482 30.58 -2.64 -35.42
N ALA B 483 30.61 -1.32 -35.26
CA ALA B 483 29.81 -0.69 -34.20
C ALA B 483 28.32 -0.89 -34.45
N LEU B 484 27.88 -0.65 -35.69
CA LEU B 484 26.47 -0.83 -36.02
C LEU B 484 26.05 -2.28 -35.88
N PHE B 485 26.93 -3.21 -36.24
CA PHE B 485 26.63 -4.62 -36.09
C PHE B 485 26.48 -5.00 -34.62
N ALA B 486 27.33 -4.47 -33.75
CA ALA B 486 27.20 -4.77 -32.33
C ALA B 486 25.91 -4.18 -31.75
N ILE B 487 25.53 -2.98 -32.17
CA ILE B 487 24.24 -2.43 -31.73
C ILE B 487 23.09 -3.29 -32.22
N SER B 488 23.17 -3.75 -33.47
CA SER B 488 22.16 -4.65 -34.01
C SER B 488 22.08 -5.93 -33.19
N ASN B 489 23.23 -6.46 -32.76
CA ASN B 489 23.25 -7.66 -31.94
C ASN B 489 22.52 -7.43 -30.62
N ILE B 490 22.76 -6.28 -29.98
CA ILE B 490 22.05 -5.97 -28.75
C ILE B 490 20.55 -5.94 -28.99
N LEU B 491 20.12 -5.24 -30.03
CA LEU B 491 18.69 -5.12 -30.31
C LEU B 491 18.06 -6.48 -30.65
N SER B 492 18.76 -7.29 -31.44
CA SER B 492 18.24 -8.60 -31.80
C SER B 492 18.08 -9.49 -30.57
N SER B 493 19.07 -9.49 -29.69
CA SER B 493 18.96 -10.31 -28.49
C SER B 493 17.88 -9.78 -27.55
N LEU B 494 17.69 -8.46 -27.50
CA LEU B 494 16.63 -7.90 -26.66
C LEU B 494 15.25 -8.11 -27.25
N ARG B 495 15.16 -8.42 -28.54
CA ARG B 495 13.88 -8.74 -29.18
C ARG B 495 13.24 -9.99 -28.60
N LEU B 496 13.98 -10.81 -27.84
CA LEU B 496 13.41 -12.02 -27.26
C LEU B 496 12.43 -11.73 -26.13
N ILE B 497 12.43 -10.51 -25.57
CA ILE B 497 11.51 -10.21 -24.49
C ILE B 497 10.07 -10.22 -24.96
N SER B 498 9.83 -10.08 -26.26
CA SER B 498 8.47 -10.16 -26.76
C SER B 498 7.91 -11.57 -26.70
N LEU B 499 8.77 -12.59 -26.62
CA LEU B 499 8.31 -13.96 -26.45
C LEU B 499 7.92 -14.26 -25.01
N PHE B 500 8.17 -13.34 -24.08
CA PHE B 500 7.73 -13.53 -22.70
C PHE B 500 6.21 -13.56 -22.59
N THR B 501 5.50 -12.95 -23.56
CA THR B 501 4.05 -12.90 -23.51
C THR B 501 3.43 -14.28 -23.53
N ALA B 502 4.06 -15.23 -24.19
CA ALA B 502 3.55 -16.58 -24.33
C ALA B 502 3.67 -17.39 -23.04
N ASN B 503 4.32 -16.87 -22.00
CA ASN B 503 4.57 -17.60 -20.78
C ASN B 503 3.67 -17.09 -19.66
N SER B 504 3.19 -18.03 -18.84
CA SER B 504 2.28 -17.67 -17.75
C SER B 504 2.96 -16.82 -16.69
N HIS B 505 4.26 -17.02 -16.48
CA HIS B 505 5.02 -16.31 -15.47
C HIS B 505 5.73 -15.08 -16.01
N LEU B 506 6.36 -15.18 -17.18
CA LEU B 506 7.08 -14.07 -17.76
C LEU B 506 6.17 -13.03 -18.40
N GLY B 507 4.99 -13.43 -18.84
CA GLY B 507 4.08 -12.53 -19.50
C GLY B 507 3.62 -11.36 -18.65
N PRO B 508 3.08 -11.64 -17.47
CA PRO B 508 2.72 -10.54 -16.57
C PRO B 508 3.90 -9.68 -16.16
N LEU B 509 5.08 -10.28 -16.02
CA LEU B 509 6.28 -9.50 -15.74
C LEU B 509 6.58 -8.53 -16.87
N GLN B 510 6.48 -8.99 -18.11
CA GLN B 510 6.69 -8.10 -19.25
C GLN B 510 5.64 -7.00 -19.28
N ILE B 511 4.38 -7.34 -18.97
CA ILE B 511 3.33 -6.32 -18.97
C ILE B 511 3.63 -5.24 -17.94
N SER B 512 4.01 -5.64 -16.73
CA SER B 512 4.34 -4.69 -15.68
C SER B 512 5.55 -3.83 -16.06
N LEU B 513 6.58 -4.46 -16.61
CA LEU B 513 7.78 -3.73 -16.98
C LEU B 513 7.49 -2.70 -18.07
N GLY B 514 6.75 -3.11 -19.10
CA GLY B 514 6.41 -2.19 -20.16
C GLY B 514 5.49 -1.08 -19.70
N ARG B 515 4.65 -1.35 -18.70
CA ARG B 515 3.78 -0.29 -18.21
C ARG B 515 4.52 0.71 -17.33
N MET B 516 5.56 0.27 -16.61
CA MET B 516 6.33 1.25 -15.84
C MET B 516 7.43 1.91 -16.67
N LEU B 517 7.70 1.43 -17.88
CA LEU B 517 8.58 2.18 -18.77
C LEU B 517 8.06 3.60 -19.01
N LEU B 518 6.76 3.82 -18.89
CA LEU B 518 6.20 5.15 -19.17
C LEU B 518 6.57 6.15 -18.07
N ASP B 519 6.41 5.76 -16.80
CA ASP B 519 6.85 6.65 -15.74
C ASP B 519 8.37 6.75 -15.71
N ILE B 520 9.07 5.72 -16.19
CA ILE B 520 10.50 5.86 -16.43
C ILE B 520 10.77 6.99 -17.42
N LEU B 521 9.99 7.06 -18.50
CA LEU B 521 10.18 8.12 -19.50
C LEU B 521 9.94 9.50 -18.92
N LYS B 522 8.88 9.63 -18.12
CA LYS B 522 8.57 10.92 -17.50
C LYS B 522 9.67 11.36 -16.53
N PHE B 523 10.12 10.43 -15.69
CA PHE B 523 11.28 10.71 -14.85
C PHE B 523 12.52 11.01 -15.69
N LEU B 524 12.63 10.40 -16.86
CA LEU B 524 13.76 10.69 -17.73
C LEU B 524 13.72 12.14 -18.19
N PHE B 525 12.52 12.65 -18.44
CA PHE B 525 12.40 14.07 -18.78
C PHE B 525 12.91 14.96 -17.65
N ILE B 526 12.42 14.73 -16.43
CA ILE B 526 12.86 15.59 -15.33
C ILE B 526 14.36 15.41 -15.05
N TYR B 527 14.85 14.18 -15.15
CA TYR B 527 16.26 13.89 -14.93
C TYR B 527 17.13 14.59 -15.96
N CYS B 528 16.72 14.57 -17.23
CA CYS B 528 17.51 15.22 -18.27
C CYS B 528 17.50 16.72 -18.09
N LEU B 529 16.40 17.30 -17.61
CA LEU B 529 16.40 18.73 -17.34
C LEU B 529 17.40 19.08 -16.23
N VAL B 530 17.38 18.30 -15.13
CA VAL B 530 18.34 18.54 -14.05
C VAL B 530 19.77 18.34 -14.54
N LEU B 531 19.99 17.27 -15.30
CA LEU B 531 21.29 16.99 -15.90
C LEU B 531 21.79 18.16 -16.72
N LEU B 532 20.94 18.71 -17.57
CA LEU B 532 21.35 19.81 -18.44
C LEU B 532 21.64 21.07 -17.64
N ALA B 533 20.83 21.34 -16.61
CA ALA B 533 21.09 22.49 -15.74
C ALA B 533 22.47 22.40 -15.10
N PHE B 534 22.78 21.25 -14.49
CA PHE B 534 24.05 21.14 -13.79
C PHE B 534 25.22 21.01 -14.74
N ALA B 535 25.00 20.45 -15.93
CA ALA B 535 26.05 20.43 -16.94
C ALA B 535 26.37 21.84 -17.40
N ASN B 536 25.34 22.67 -17.60
CA ASN B 536 25.57 24.08 -17.91
C ASN B 536 26.44 24.74 -16.85
N GLY B 537 26.05 24.57 -15.57
CA GLY B 537 26.83 25.20 -14.50
C GLY B 537 28.26 24.71 -14.42
N LEU B 538 28.45 23.38 -14.43
CA LEU B 538 29.78 22.81 -14.31
C LEU B 538 30.67 23.16 -15.49
N ASN B 539 30.11 23.14 -16.71
CA ASN B 539 30.92 23.49 -17.88
C ASN B 539 31.26 24.97 -17.86
N GLN B 540 30.32 25.83 -17.48
CA GLN B 540 30.60 27.25 -17.37
C GLN B 540 31.71 27.51 -16.37
N LEU B 541 31.76 26.72 -15.30
CA LEU B 541 32.85 26.85 -14.34
C LEU B 541 34.17 26.38 -14.92
N TYR B 542 34.22 25.15 -15.41
CA TYR B 542 35.47 24.44 -15.67
C TYR B 542 35.98 24.56 -17.09
N PHE B 543 35.31 25.31 -17.97
CA PHE B 543 35.76 25.31 -19.36
C PHE B 543 37.04 26.12 -19.56
N TYR B 544 37.48 26.89 -18.56
CA TYR B 544 38.74 27.62 -18.69
C TYR B 544 39.92 26.67 -18.54
N TYR B 545 39.80 25.69 -17.67
CA TYR B 545 40.90 24.80 -17.31
C TYR B 545 41.01 23.59 -18.21
N GLU B 546 40.46 23.65 -19.42
CA GLU B 546 40.60 22.56 -20.35
C GLU B 546 42.06 22.37 -20.74
N THR B 547 42.62 21.23 -20.37
CA THR B 547 43.99 20.91 -20.72
C THR B 547 44.03 20.14 -22.04
N ARG B 548 45.12 20.32 -22.76
CA ARG B 548 45.28 19.66 -24.05
C ARG B 548 45.67 18.20 -23.83
N ALA B 549 45.19 17.34 -24.74
CA ALA B 549 45.36 15.90 -24.57
C ALA B 549 46.82 15.49 -24.44
N ILE B 550 47.73 16.25 -25.05
CA ILE B 550 49.15 15.95 -24.94
C ILE B 550 49.62 16.12 -23.50
N ASP B 551 49.07 17.11 -22.80
CA ASP B 551 49.49 17.41 -21.44
C ASP B 551 49.02 16.38 -20.42
N GLU B 552 48.18 15.45 -20.82
CA GLU B 552 47.68 14.47 -19.87
C GLU B 552 48.66 13.30 -19.75
N PRO B 553 48.57 12.56 -18.63
CA PRO B 553 49.56 11.50 -18.38
C PRO B 553 49.87 10.58 -19.54
N ASN B 554 48.87 9.87 -20.06
CA ASN B 554 49.09 8.87 -21.10
C ASN B 554 48.57 9.35 -22.46
N ASN B 555 48.60 10.66 -22.68
CA ASN B 555 48.01 11.28 -23.87
C ASN B 555 46.54 10.91 -24.00
N CYS B 556 45.85 10.84 -22.87
CA CYS B 556 44.45 10.43 -22.81
C CYS B 556 43.66 11.58 -22.18
N LYS B 557 42.63 12.03 -22.87
CA LYS B 557 41.78 13.12 -22.41
C LYS B 557 40.37 12.62 -22.19
N GLY B 558 39.78 13.01 -21.07
CA GLY B 558 38.42 12.63 -20.75
C GLY B 558 38.33 11.70 -19.55
N ILE B 559 37.10 11.24 -19.30
CA ILE B 559 36.79 10.47 -18.11
C ILE B 559 36.85 8.96 -18.37
N ARG B 560 37.15 8.54 -19.59
CA ARG B 560 37.40 7.13 -19.85
C ARG B 560 38.88 6.79 -19.79
N CYS B 561 39.66 7.55 -19.05
CA CYS B 561 41.07 7.32 -18.85
C CYS B 561 41.30 6.69 -17.48
N GLU B 562 42.51 6.17 -17.28
CA GLU B 562 42.94 5.74 -15.94
C GLU B 562 42.91 6.91 -14.98
N LYS B 563 43.57 8.00 -15.35
CA LYS B 563 43.47 9.29 -14.68
C LYS B 563 42.37 10.09 -15.36
N GLN B 564 41.17 10.03 -14.82
CA GLN B 564 40.09 10.86 -15.34
C GLN B 564 40.48 12.33 -15.26
N ASN B 565 40.20 13.04 -16.34
CA ASN B 565 40.59 14.43 -16.45
C ASN B 565 39.65 15.08 -17.43
N ASN B 566 39.60 16.41 -17.37
CA ASN B 566 38.76 17.19 -18.28
C ASN B 566 37.31 16.73 -18.22
N ALA B 567 36.82 16.51 -17.00
CA ALA B 567 35.47 15.98 -16.83
C ALA B 567 34.41 17.00 -17.22
N PHE B 568 34.67 18.29 -16.98
CA PHE B 568 33.70 19.35 -17.22
C PHE B 568 34.28 20.40 -18.15
N SER B 569 35.21 20.01 -19.02
CA SER B 569 35.85 20.97 -19.91
C SER B 569 34.97 21.34 -21.09
N THR B 570 34.15 20.42 -21.56
CA THR B 570 33.20 20.66 -22.63
C THR B 570 31.81 20.26 -22.17
N LEU B 571 30.81 20.61 -22.96
CA LEU B 571 29.44 20.31 -22.58
C LEU B 571 29.10 18.83 -22.75
N PHE B 572 29.52 18.23 -23.86
CA PHE B 572 29.24 16.82 -24.08
C PHE B 572 29.95 15.96 -23.05
N GLU B 573 31.21 16.28 -22.78
CA GLU B 573 31.96 15.56 -21.73
C GLU B 573 31.28 15.74 -20.36
N THR B 574 30.86 16.96 -20.01
CA THR B 574 30.18 17.22 -18.73
C THR B 574 28.94 16.35 -18.65
N LEU B 575 28.18 16.26 -19.74
CA LEU B 575 26.94 15.46 -19.77
C LEU B 575 27.30 14.00 -19.51
N GLN B 576 28.35 13.48 -20.14
CA GLN B 576 28.83 12.12 -19.88
C GLN B 576 29.29 11.96 -18.44
N SER B 577 30.01 12.94 -17.91
CA SER B 577 30.53 12.86 -16.56
C SER B 577 29.42 12.82 -15.53
N LEU B 578 28.38 13.63 -15.71
CA LEU B 578 27.26 13.62 -14.77
C LEU B 578 26.49 12.30 -14.87
N PHE B 579 26.30 11.81 -16.09
CA PHE B 579 25.68 10.51 -16.28
C PHE B 579 26.45 9.42 -15.53
N TRP B 580 27.77 9.43 -15.65
CA TRP B 580 28.56 8.37 -15.04
C TRP B 580 28.74 8.56 -13.54
N SER B 581 28.62 9.79 -13.06
CA SER B 581 28.54 10.05 -11.63
C SER B 581 27.30 9.42 -11.04
N VAL B 582 26.21 9.38 -11.80
CA VAL B 582 25.02 8.65 -11.33
C VAL B 582 25.37 7.22 -10.89
N PHE B 583 26.37 6.61 -11.50
CA PHE B 583 26.76 5.25 -11.17
C PHE B 583 28.04 5.17 -10.35
N GLY B 584 28.54 6.30 -9.88
CA GLY B 584 29.74 6.31 -9.07
C GLY B 584 31.03 6.06 -9.84
N LEU B 585 30.99 6.11 -11.15
CA LEU B 585 32.19 5.86 -11.95
C LEU B 585 32.98 7.12 -12.25
N LEU B 586 32.53 8.28 -11.77
CA LEU B 586 33.28 9.51 -11.85
C LEU B 586 33.97 9.74 -10.51
N ASN B 587 35.29 9.81 -10.52
CA ASN B 587 36.07 10.03 -9.33
C ASN B 587 35.98 11.48 -8.89
N LEU B 588 36.32 11.74 -7.63
CA LEU B 588 36.18 13.08 -7.09
C LEU B 588 37.28 14.03 -7.55
N TYR B 589 38.47 13.51 -7.84
CA TYR B 589 39.59 14.37 -8.20
C TYR B 589 39.37 15.11 -9.51
N VAL B 590 38.36 14.71 -10.29
CA VAL B 590 38.00 15.44 -11.50
C VAL B 590 37.50 16.84 -11.19
N THR B 591 37.18 17.14 -9.93
CA THR B 591 36.65 18.46 -9.56
C THR B 591 37.79 19.36 -9.17
N ASN B 592 39.02 18.99 -9.55
CA ASN B 592 40.23 19.75 -9.13
C ASN B 592 40.94 20.24 -10.39
N VAL B 593 41.49 21.45 -10.37
CA VAL B 593 42.16 22.06 -11.56
C VAL B 593 43.68 22.09 -11.33
N LYS B 594 44.49 22.09 -12.39
CA LYS B 594 45.94 22.16 -12.22
C LYS B 594 46.36 23.45 -11.53
N ALA B 595 45.68 24.56 -11.83
CA ALA B 595 46.01 25.84 -11.22
C ALA B 595 45.76 25.86 -9.71
N ARG B 596 45.05 24.87 -9.18
CA ARG B 596 44.75 24.78 -7.76
C ARG B 596 44.04 26.04 -7.25
N HIS B 597 42.94 26.36 -7.92
CA HIS B 597 42.08 27.47 -7.54
C HIS B 597 41.08 26.93 -6.54
N GLU B 598 41.35 27.10 -5.24
CA GLU B 598 40.61 26.40 -4.21
C GLU B 598 39.14 26.80 -4.17
N PHE B 599 38.83 28.08 -4.40
CA PHE B 599 37.43 28.50 -4.42
C PHE B 599 36.69 27.91 -5.61
N THR B 600 37.29 27.93 -6.80
CA THR B 600 36.66 27.34 -8.01
C THR B 600 36.50 25.85 -7.84
N GLU B 601 37.49 25.19 -7.23
CA GLU B 601 37.45 23.71 -7.05
C GLU B 601 36.41 23.36 -5.98
N PHE B 602 36.22 24.21 -4.98
CA PHE B 602 35.16 23.97 -4.01
C PHE B 602 33.79 24.21 -4.62
N VAL B 603 33.65 25.25 -5.45
CA VAL B 603 32.36 25.52 -6.09
C VAL B 603 32.00 24.40 -7.05
N GLY B 604 32.98 23.88 -7.80
CA GLY B 604 32.72 22.74 -8.65
C GLY B 604 32.36 21.49 -7.88
N ALA B 605 33.07 21.24 -6.77
CA ALA B 605 32.74 20.09 -5.94
C ALA B 605 31.37 20.22 -5.31
N THR B 606 30.94 21.44 -5.00
CA THR B 606 29.62 21.64 -4.42
C THR B 606 28.51 21.55 -5.46
N MET B 607 28.77 22.01 -6.69
CA MET B 607 27.85 21.72 -7.79
C MET B 607 27.72 20.22 -8.01
N PHE B 608 28.84 19.52 -8.00
CA PHE B 608 28.84 18.07 -8.17
C PHE B 608 28.10 17.37 -7.03
N GLY B 609 28.30 17.83 -5.80
CA GLY B 609 27.58 17.27 -4.67
C GLY B 609 26.09 17.56 -4.71
N THR B 610 25.71 18.77 -5.13
CA THR B 610 24.29 19.08 -5.28
C THR B 610 23.66 18.24 -6.38
N TYR B 611 24.38 18.03 -7.48
CA TYR B 611 23.87 17.13 -8.51
C TYR B 611 23.69 15.73 -7.98
N ASN B 612 24.65 15.24 -7.18
CA ASN B 612 24.55 13.89 -6.64
C ASN B 612 23.38 13.76 -5.68
N VAL B 613 23.14 14.79 -4.86
CA VAL B 613 22.00 14.77 -3.96
C VAL B 613 20.68 14.83 -4.74
N ILE B 614 20.60 15.72 -5.73
CA ILE B 614 19.36 15.91 -6.46
C ILE B 614 19.01 14.68 -7.28
N SER B 615 20.01 14.06 -7.90
CA SER B 615 19.75 12.94 -8.79
C SER B 615 19.69 11.61 -8.04
N LEU B 616 20.71 11.35 -7.23
CA LEU B 616 20.90 10.01 -6.69
C LEU B 616 19.99 9.70 -5.52
N VAL B 617 19.60 10.71 -4.75
CA VAL B 617 18.80 10.45 -3.55
C VAL B 617 17.56 11.33 -3.51
N VAL B 618 17.18 11.89 -4.66
CA VAL B 618 15.91 12.60 -4.75
C VAL B 618 15.12 12.09 -5.94
N LEU B 619 15.72 12.16 -7.14
CA LEU B 619 15.02 11.74 -8.34
C LEU B 619 14.97 10.22 -8.49
N LEU B 620 16.03 9.52 -8.09
CA LEU B 620 15.98 8.06 -8.11
C LEU B 620 14.93 7.53 -7.14
N ASN B 621 14.77 8.19 -6.00
CA ASN B 621 13.73 7.78 -5.06
C ASN B 621 12.34 8.23 -5.53
N MET B 622 12.26 9.35 -6.25
CA MET B 622 11.07 9.62 -7.05
C MET B 622 10.72 8.43 -7.91
N LEU B 623 11.70 7.91 -8.64
CA LEU B 623 11.47 6.79 -9.54
C LEU B 623 11.00 5.57 -8.76
N ILE B 624 11.62 5.29 -7.62
CA ILE B 624 11.25 4.10 -6.84
C ILE B 624 9.81 4.19 -6.35
N ALA B 625 9.44 5.34 -5.76
CA ALA B 625 8.08 5.50 -5.27
C ALA B 625 7.05 5.50 -6.39
N MET B 626 7.36 6.20 -7.49
CA MET B 626 6.46 6.23 -8.64
C MET B 626 6.28 4.83 -9.23
N MET B 627 7.36 4.06 -9.29
CA MET B 627 7.26 2.70 -9.78
C MET B 627 6.41 1.84 -8.87
N ASN B 628 6.55 2.00 -7.55
CA ASN B 628 5.73 1.21 -6.64
C ASN B 628 4.24 1.53 -6.83
N ASN B 629 3.91 2.81 -6.95
CA ASN B 629 2.51 3.18 -7.18
C ASN B 629 2.00 2.59 -8.49
N SER B 630 2.72 2.86 -9.59
CA SER B 630 2.30 2.34 -10.89
C SER B 630 2.25 0.83 -10.89
N TYR B 631 3.09 0.17 -10.10
CA TYR B 631 3.12 -1.28 -10.08
C TYR B 631 1.93 -1.86 -9.33
N GLN B 632 1.46 -1.16 -8.29
CA GLN B 632 0.20 -1.55 -7.67
C GLN B 632 -0.96 -1.43 -8.67
N LEU B 633 -1.03 -0.29 -9.36
CA LEU B 633 -2.05 -0.13 -10.38
C LEU B 633 -1.93 -1.19 -11.47
N ILE B 634 -0.71 -1.60 -11.81
CA ILE B 634 -0.52 -2.68 -12.77
C ILE B 634 -1.06 -3.99 -12.21
N ALA B 635 -0.57 -4.38 -11.04
CA ALA B 635 -0.88 -5.70 -10.48
C ALA B 635 -2.37 -5.89 -10.29
N ASP B 636 -3.13 -4.80 -10.21
CA ASP B 636 -4.58 -4.96 -10.17
C ASP B 636 -5.12 -5.63 -11.44
N HIS B 637 -4.65 -5.21 -12.62
CA HIS B 637 -5.19 -5.68 -13.90
C HIS B 637 -4.21 -6.50 -14.73
N ALA B 638 -3.07 -6.89 -14.16
CA ALA B 638 -2.00 -7.52 -14.94
C ALA B 638 -2.46 -8.80 -15.62
N ASP B 639 -3.36 -9.57 -15.00
CA ASP B 639 -3.80 -10.81 -15.61
C ASP B 639 -4.56 -10.55 -16.90
N ILE B 640 -5.48 -9.60 -16.88
CA ILE B 640 -6.25 -9.27 -18.07
C ILE B 640 -5.34 -8.68 -19.15
N GLU B 641 -4.42 -7.81 -18.75
CA GLU B 641 -3.49 -7.22 -19.71
C GLU B 641 -2.63 -8.29 -20.37
N TRP B 642 -2.10 -9.21 -19.58
CA TRP B 642 -1.26 -10.26 -20.14
C TRP B 642 -2.07 -11.19 -21.04
N LYS B 643 -3.29 -11.54 -20.65
CA LYS B 643 -4.09 -12.42 -21.49
C LYS B 643 -4.44 -11.75 -22.81
N PHE B 644 -4.70 -10.44 -22.79
CA PHE B 644 -4.93 -9.73 -24.05
C PHE B 644 -3.69 -9.73 -24.93
N ALA B 645 -2.53 -9.47 -24.34
CA ALA B 645 -1.29 -9.46 -25.11
C ALA B 645 -0.98 -10.85 -25.67
N ARG B 646 -1.22 -11.90 -24.88
CA ARG B 646 -1.00 -13.26 -25.35
C ARG B 646 -1.99 -13.65 -26.43
N THR B 647 -3.23 -13.14 -26.35
CA THR B 647 -4.16 -13.38 -27.44
C THR B 647 -3.70 -12.72 -28.72
N LYS B 648 -3.17 -11.50 -28.63
CA LYS B 648 -2.61 -10.85 -29.82
C LYS B 648 -1.46 -11.67 -30.40
N LEU B 649 -0.56 -12.14 -29.52
CA LEU B 649 0.55 -12.97 -29.96
C LEU B 649 0.06 -14.24 -30.64
N TRP B 650 -0.91 -14.90 -30.04
CA TRP B 650 -1.45 -16.14 -30.61
C TRP B 650 -2.11 -15.88 -31.95
N MET B 651 -2.93 -14.84 -32.03
CA MET B 651 -3.62 -14.50 -33.28
C MET B 651 -2.62 -14.19 -34.39
N SER B 652 -1.44 -13.68 -34.03
CA SER B 652 -0.42 -13.45 -35.05
C SER B 652 0.05 -14.73 -35.71
N TYR B 653 -0.20 -15.89 -35.10
CA TYR B 653 0.19 -17.17 -35.68
C TYR B 653 -0.96 -17.96 -36.25
N PHE B 654 -2.19 -17.42 -36.24
CA PHE B 654 -3.32 -18.12 -36.79
C PHE B 654 -3.46 -17.94 -38.30
N ASP B 655 -2.79 -16.94 -38.86
CA ASP B 655 -2.94 -16.60 -40.26
C ASP B 655 -1.94 -17.35 -41.12
N GLU B 656 -2.32 -17.60 -42.38
CA GLU B 656 -1.45 -18.34 -43.29
C GLU B 656 -0.25 -17.51 -43.70
N GLY B 657 -0.42 -16.20 -43.86
CA GLY B 657 0.69 -15.35 -44.23
C GLY B 657 1.73 -15.30 -43.11
N GLY B 658 2.99 -15.48 -43.46
CA GLY B 658 4.03 -15.53 -42.46
C GLY B 658 4.22 -16.89 -41.84
N THR B 659 3.86 -17.97 -42.54
CA THR B 659 4.04 -19.31 -42.00
C THR B 659 5.52 -19.65 -41.86
N LEU B 660 6.29 -19.45 -42.92
CA LEU B 660 7.69 -19.83 -42.93
C LEU B 660 8.52 -18.82 -42.17
N PRO B 661 9.32 -19.24 -41.20
CA PRO B 661 10.20 -18.30 -40.50
C PRO B 661 11.44 -18.01 -41.33
N PRO B 662 12.13 -16.90 -41.06
CA PRO B 662 13.41 -16.67 -41.71
C PRO B 662 14.38 -17.78 -41.37
N PRO B 663 15.26 -18.15 -42.30
CA PRO B 663 15.47 -17.53 -43.61
C PRO B 663 14.60 -18.08 -44.73
N PHE B 664 13.69 -19.00 -44.42
CA PHE B 664 12.92 -19.69 -45.45
C PHE B 664 11.79 -18.84 -46.03
N ASN B 665 11.47 -17.71 -45.43
CA ASN B 665 10.39 -16.89 -45.94
C ASN B 665 10.75 -16.14 -47.21
N ILE B 666 12.02 -16.18 -47.64
CA ILE B 666 12.45 -15.52 -48.86
C ILE B 666 12.78 -16.58 -49.89
N ILE B 667 12.08 -17.71 -49.83
CA ILE B 667 12.25 -18.83 -50.75
C ILE B 667 13.66 -19.40 -50.63
N SER B 709 -24.36 -16.35 -45.48
CA SER B 709 -24.19 -15.02 -44.91
C SER B 709 -25.43 -14.62 -44.12
N LEU B 710 -26.59 -14.70 -44.77
CA LEU B 710 -27.84 -14.36 -44.09
C LEU B 710 -28.13 -15.32 -42.95
N ILE B 711 -27.88 -16.61 -43.17
CA ILE B 711 -28.10 -17.60 -42.11
C ILE B 711 -27.12 -17.38 -40.96
N GLN B 712 -25.91 -16.90 -41.28
CA GLN B 712 -24.97 -16.55 -40.21
C GLN B 712 -25.51 -15.44 -39.34
N ASN B 713 -26.12 -14.43 -39.97
CA ASN B 713 -26.75 -13.35 -39.20
C ASN B 713 -27.93 -13.87 -38.39
N GLN B 714 -28.70 -14.81 -38.96
CA GLN B 714 -29.83 -15.37 -38.23
C GLN B 714 -29.36 -16.11 -36.97
N HIS B 715 -28.33 -16.93 -37.11
CA HIS B 715 -27.81 -17.67 -35.97
C HIS B 715 -27.21 -16.74 -34.93
N TYR B 716 -26.50 -15.71 -35.38
CA TYR B 716 -25.98 -14.72 -34.44
C TYR B 716 -27.11 -14.00 -33.72
N GLN B 717 -28.19 -13.66 -34.42
CA GLN B 717 -29.28 -12.96 -33.78
C GLN B 717 -30.02 -13.84 -32.79
N GLU B 718 -30.15 -15.14 -33.08
CA GLU B 718 -30.75 -16.04 -32.09
C GLU B 718 -29.88 -16.20 -30.85
N VAL B 719 -28.57 -16.38 -31.04
CA VAL B 719 -27.66 -16.49 -29.90
C VAL B 719 -27.67 -15.20 -29.10
N ILE B 720 -27.75 -14.05 -29.77
CA ILE B 720 -27.78 -12.76 -29.10
C ILE B 720 -29.09 -12.59 -28.34
N ARG B 721 -30.20 -13.04 -28.93
CA ARG B 721 -31.48 -13.03 -28.24
C ARG B 721 -31.39 -13.80 -26.93
N ASN B 722 -30.86 -15.02 -26.98
CA ASN B 722 -30.73 -15.83 -25.77
C ASN B 722 -29.80 -15.19 -24.75
N LEU B 723 -28.66 -14.68 -25.19
CA LEU B 723 -27.71 -14.07 -24.26
C LEU B 723 -28.29 -12.80 -23.63
N VAL B 724 -29.02 -12.00 -24.40
CA VAL B 724 -29.62 -10.80 -23.86
C VAL B 724 -30.68 -11.16 -22.83
N LYS B 725 -31.49 -12.19 -23.10
CA LYS B 725 -32.46 -12.63 -22.11
C LYS B 725 -31.78 -13.08 -20.83
N ARG B 726 -30.72 -13.88 -20.95
CA ARG B 726 -30.01 -14.35 -19.77
C ARG B 726 -29.39 -13.20 -19.00
N TYR B 727 -28.79 -12.24 -19.71
CA TYR B 727 -28.15 -11.11 -19.05
C TYR B 727 -29.17 -10.23 -18.36
N VAL B 728 -30.33 -10.02 -18.99
CA VAL B 728 -31.39 -9.21 -18.38
C VAL B 728 -31.88 -9.86 -17.10
N ALA B 729 -32.14 -11.17 -17.15
CA ALA B 729 -32.55 -11.89 -15.95
C ALA B 729 -31.48 -11.82 -14.86
N ALA B 730 -30.21 -11.98 -15.25
CA ALA B 730 -29.12 -11.96 -14.28
C ALA B 730 -29.02 -10.60 -13.60
N MET B 731 -29.10 -9.51 -14.37
CA MET B 731 -28.98 -8.19 -13.77
C MET B 731 -30.20 -7.81 -12.94
N ILE B 732 -31.39 -8.28 -13.36
CA ILE B 732 -32.58 -8.06 -12.55
C ILE B 732 -32.44 -8.77 -11.21
N ARG B 733 -31.94 -10.00 -11.20
CA ARG B 733 -31.72 -10.70 -9.94
C ARG B 733 -30.62 -10.03 -9.11
N ASN B 734 -29.54 -9.59 -9.76
CA ASN B 734 -28.46 -8.91 -9.04
C ASN B 734 -28.93 -7.59 -8.43
N SER B 735 -29.99 -6.99 -8.98
CA SER B 735 -30.61 -5.86 -8.29
C SER B 735 -31.21 -6.29 -6.96
N LYS B 736 -31.80 -7.47 -6.92
CA LYS B 736 -32.38 -8.02 -5.70
C LYS B 736 -31.38 -8.86 -4.92
N PRO C 1 -2.83 -21.06 45.39
CA PRO C 1 -3.00 -20.49 44.05
C PRO C 1 -2.77 -18.98 44.03
N GLU C 2 -1.93 -18.53 43.10
CA GLU C 2 -1.62 -17.11 42.97
C GLU C 2 -2.72 -16.45 42.13
N PHE C 3 -3.56 -15.65 42.79
CA PHE C 3 -4.68 -14.99 42.14
C PHE C 3 -4.33 -13.58 41.73
N MET C 4 -5.00 -13.09 40.70
CA MET C 4 -4.94 -11.68 40.32
C MET C 4 -5.94 -10.92 41.17
N ALA C 5 -5.47 -10.35 42.27
CA ALA C 5 -6.33 -9.64 43.20
C ALA C 5 -6.41 -8.17 42.86
N GLN C 6 -7.40 -7.49 43.46
CA GLN C 6 -7.61 -6.06 43.28
C GLN C 6 -7.78 -5.70 41.80
N LEU C 7 -8.60 -6.48 41.10
CA LEU C 7 -8.95 -6.16 39.72
C LEU C 7 -10.10 -5.16 39.67
N TYR C 8 -11.22 -5.50 40.33
CA TYR C 8 -12.39 -4.63 40.35
C TYR C 8 -12.55 -3.86 41.65
N TYR C 9 -11.99 -4.34 42.76
CA TYR C 9 -12.20 -3.75 44.07
C TYR C 9 -10.88 -3.61 44.79
N LYS C 10 -10.82 -2.62 45.69
CA LYS C 10 -9.58 -2.36 46.42
C LYS C 10 -9.33 -3.39 47.52
N LYS C 11 -10.40 -4.02 48.02
CA LYS C 11 -10.28 -4.96 49.13
C LYS C 11 -9.32 -6.09 48.80
N VAL C 12 -8.51 -6.47 49.79
CA VAL C 12 -7.54 -7.53 49.61
C VAL C 12 -8.19 -8.89 49.85
N ARG C 18 -11.99 -15.58 47.97
CA ARG C 18 -10.67 -15.26 47.47
C ARG C 18 -10.51 -15.69 46.01
N ASP C 19 -11.17 -16.78 45.65
CA ASP C 19 -11.10 -17.33 44.31
C ASP C 19 -12.20 -16.82 43.39
N ARG C 20 -13.03 -15.90 43.87
CA ARG C 20 -14.15 -15.37 43.10
C ARG C 20 -14.10 -13.85 43.14
N ILE C 21 -14.68 -13.23 42.12
CA ILE C 21 -14.85 -11.78 42.07
C ILE C 21 -16.32 -11.50 42.38
N PRO C 22 -16.65 -11.02 43.59
CA PRO C 22 -18.05 -10.72 43.91
C PRO C 22 -18.48 -9.42 43.26
N LEU C 23 -19.43 -9.50 42.34
CA LEU C 23 -19.85 -8.37 41.55
C LEU C 23 -21.07 -7.72 42.20
N GLN C 24 -20.95 -6.43 42.52
CA GLN C 24 -22.09 -5.65 42.98
C GLN C 24 -22.13 -4.34 42.20
N ILE C 25 -23.30 -3.69 42.24
CA ILE C 25 -23.47 -2.38 41.62
C ILE C 25 -22.71 -1.37 42.46
N VAL C 26 -21.56 -0.91 41.97
CA VAL C 26 -20.70 -0.05 42.78
C VAL C 26 -21.28 1.35 42.89
N ARG C 27 -21.60 1.97 41.76
CA ARG C 27 -22.23 3.29 41.76
C ARG C 27 -23.75 3.12 41.68
N ALA C 28 -24.31 2.65 42.79
CA ALA C 28 -25.74 2.45 42.89
C ALA C 28 -26.47 3.79 42.88
N GLU C 29 -27.54 3.86 42.10
CA GLU C 29 -28.32 5.07 41.92
C GLU C 29 -29.76 4.83 42.35
N THR C 30 -30.37 5.87 42.92
CA THR C 30 -31.70 5.78 43.50
C THR C 30 -32.74 5.37 42.46
N GLU C 31 -33.32 4.19 42.63
CA GLU C 31 -34.30 3.66 41.70
C GLU C 31 -35.65 4.37 41.86
N LEU C 32 -36.52 4.16 40.89
CA LEU C 32 -37.87 4.72 40.92
C LEU C 32 -38.83 3.78 41.63
N SER C 33 -40.00 4.30 41.96
CA SER C 33 -41.03 3.51 42.61
C SER C 33 -41.64 2.53 41.60
N ALA C 34 -42.40 1.57 42.13
CA ALA C 34 -43.12 0.64 41.27
C ALA C 34 -44.15 1.37 40.42
N GLU C 35 -44.84 2.35 41.01
CA GLU C 35 -45.77 3.17 40.24
C GLU C 35 -45.06 4.11 39.29
N GLU C 36 -43.88 4.62 39.67
CA GLU C 36 -43.08 5.40 38.73
C GLU C 36 -42.62 4.54 37.56
N LYS C 37 -42.19 3.32 37.85
CA LYS C 37 -41.82 2.40 36.78
C LYS C 37 -43.02 2.09 35.89
N ALA C 38 -44.22 1.99 36.49
CA ALA C 38 -45.42 1.81 35.69
C ALA C 38 -45.68 3.03 34.80
N PHE C 39 -45.44 4.23 35.33
CA PHE C 39 -45.61 5.44 34.54
C PHE C 39 -44.68 5.45 33.32
N LEU C 40 -43.41 5.13 33.54
CA LEU C 40 -42.46 5.11 32.44
C LEU C 40 -42.74 3.96 31.48
N ASN C 41 -43.20 2.83 31.99
CA ASN C 41 -43.58 1.73 31.10
C ASN C 41 -44.78 2.09 30.25
N ALA C 42 -45.73 2.82 30.82
CA ALA C 42 -46.89 3.28 30.05
C ALA C 42 -46.47 4.27 28.97
N VAL C 43 -45.59 5.22 29.32
CA VAL C 43 -45.18 6.22 28.33
C VAL C 43 -44.33 5.57 27.23
N GLU C 44 -43.56 4.53 27.58
CA GLU C 44 -42.82 3.79 26.56
C GLU C 44 -43.75 2.97 25.67
N LYS C 45 -44.75 2.33 26.28
CA LYS C 45 -45.65 1.44 25.54
C LYS C 45 -46.56 2.18 24.58
N GLY C 46 -47.00 3.38 24.94
CA GLY C 46 -47.95 4.11 24.13
C GLY C 46 -49.37 4.12 24.66
N ASP C 47 -49.60 3.63 25.87
CA ASP C 47 -50.93 3.66 26.45
C ASP C 47 -51.32 5.09 26.83
N TYR C 48 -52.01 5.77 25.90
CA TYR C 48 -52.39 7.17 26.12
C TYR C 48 -53.31 7.30 27.32
N ALA C 49 -54.31 6.43 27.43
CA ALA C 49 -55.25 6.51 28.54
C ALA C 49 -54.57 6.25 29.87
N THR C 50 -53.65 5.28 29.91
CA THR C 50 -52.96 4.96 31.16
C THR C 50 -52.12 6.13 31.64
N VAL C 51 -51.36 6.75 30.74
CA VAL C 51 -50.54 7.91 31.12
C VAL C 51 -51.42 9.06 31.55
N LYS C 52 -52.51 9.31 30.80
CA LYS C 52 -53.43 10.38 31.16
C LYS C 52 -53.99 10.18 32.56
N GLN C 53 -54.45 8.97 32.86
CA GLN C 53 -55.00 8.67 34.18
C GLN C 53 -53.92 8.81 35.26
N ALA C 54 -52.72 8.30 34.99
CA ALA C 54 -51.66 8.31 35.99
C ALA C 54 -51.28 9.73 36.37
N LEU C 55 -51.07 10.60 35.40
CA LEU C 55 -50.70 11.96 35.77
C LEU C 55 -51.88 12.80 36.20
N GLN C 56 -53.10 12.47 35.76
CA GLN C 56 -54.28 13.14 36.28
C GLN C 56 -54.44 12.89 37.76
N GLU C 57 -54.23 11.65 38.21
CA GLU C 57 -54.28 11.37 39.63
C GLU C 57 -53.03 11.88 40.35
N ALA C 58 -51.89 11.93 39.65
CA ALA C 58 -50.70 12.54 40.24
C ALA C 58 -50.90 14.02 40.51
N GLU C 59 -51.78 14.67 39.75
CA GLU C 59 -52.06 16.09 40.01
C GLU C 59 -52.68 16.28 41.39
N ILE C 60 -53.53 15.35 41.81
CA ILE C 60 -54.25 15.52 43.08
C ILE C 60 -53.29 15.48 44.26
N TYR C 61 -52.62 14.34 44.45
CA TYR C 61 -51.71 14.16 45.57
C TYR C 61 -50.27 14.34 45.10
N TYR C 62 -49.31 13.97 45.95
CA TYR C 62 -47.90 14.04 45.61
C TYR C 62 -47.25 12.66 45.50
N ASN C 63 -48.04 11.59 45.57
CA ASN C 63 -47.45 10.24 45.64
C ASN C 63 -46.69 9.90 44.37
N VAL C 64 -47.12 10.44 43.23
CA VAL C 64 -46.47 10.21 41.94
C VAL C 64 -45.69 11.45 41.56
N ASN C 65 -44.55 11.25 40.89
CA ASN C 65 -43.69 12.34 40.45
C ASN C 65 -43.87 12.57 38.96
N ILE C 66 -44.18 13.81 38.58
CA ILE C 66 -44.31 14.15 37.17
C ILE C 66 -42.95 14.12 36.49
N ASN C 67 -41.92 14.67 37.14
CA ASN C 67 -40.57 14.76 36.58
C ASN C 67 -39.71 13.56 36.94
N CYS C 68 -40.32 12.39 37.13
CA CYS C 68 -39.58 11.18 37.43
C CYS C 68 -38.58 10.88 36.33
N MET C 69 -37.35 10.53 36.73
CA MET C 69 -36.23 10.38 35.81
C MET C 69 -35.73 8.94 35.85
N ASP C 70 -35.62 8.32 34.69
CA ASP C 70 -35.17 6.94 34.60
C ASP C 70 -33.69 6.84 34.99
N PRO C 71 -33.27 5.66 35.45
CA PRO C 71 -31.83 5.45 35.70
C PRO C 71 -30.96 5.77 34.50
N LEU C 72 -31.43 5.50 33.28
CA LEU C 72 -30.70 5.87 32.07
C LEU C 72 -30.76 7.36 31.78
N GLY C 73 -31.40 8.15 32.63
CA GLY C 73 -31.41 9.59 32.50
C GLY C 73 -32.53 10.16 31.66
N ARG C 74 -33.33 9.33 31.01
CA ARG C 74 -34.38 9.80 30.12
C ARG C 74 -35.73 9.75 30.84
N SER C 75 -36.34 10.92 31.03
CA SER C 75 -37.63 11.02 31.70
C SER C 75 -38.73 10.56 30.75
N ALA C 76 -39.99 10.71 31.17
CA ALA C 76 -41.10 10.25 30.34
C ALA C 76 -41.16 11.03 29.02
N LEU C 77 -40.91 12.34 29.08
CA LEU C 77 -40.97 13.15 27.88
C LEU C 77 -39.94 12.72 26.85
N LEU C 78 -38.74 12.33 27.30
CA LEU C 78 -37.72 11.89 26.37
C LEU C 78 -38.07 10.55 25.73
N ILE C 79 -38.71 9.66 26.49
CA ILE C 79 -39.17 8.40 25.91
C ILE C 79 -40.27 8.67 24.89
N ALA C 80 -41.16 9.62 25.19
CA ALA C 80 -42.18 10.00 24.22
C ALA C 80 -41.55 10.57 22.95
N ILE C 81 -40.50 11.37 23.11
CA ILE C 81 -39.81 11.95 21.96
C ILE C 81 -39.17 10.85 21.12
N GLU C 82 -38.49 9.91 21.78
CA GLU C 82 -37.78 8.86 21.06
C GLU C 82 -38.73 7.96 20.28
N ASN C 83 -39.94 7.77 20.80
CA ASN C 83 -40.96 6.96 20.12
C ASN C 83 -41.85 7.80 19.22
N GLU C 84 -41.55 9.09 19.06
CA GLU C 84 -42.35 10.01 18.25
C GLU C 84 -43.83 9.94 18.62
N ASN C 85 -44.11 9.90 19.93
CA ASN C 85 -45.50 9.92 20.40
C ASN C 85 -45.91 11.38 20.61
N LEU C 86 -46.43 11.98 19.54
CA LEU C 86 -46.83 13.38 19.58
C LEU C 86 -47.96 13.62 20.58
N GLU C 87 -48.92 12.70 20.65
CA GLU C 87 -50.07 12.89 21.53
C GLU C 87 -49.68 12.82 22.99
N ILE C 88 -48.88 11.80 23.36
CA ILE C 88 -48.39 11.71 24.73
C ILE C 88 -47.50 12.89 25.05
N MET C 89 -46.70 13.34 24.07
CA MET C 89 -45.88 14.54 24.28
C MET C 89 -46.75 15.74 24.62
N GLU C 90 -47.82 15.95 23.85
CA GLU C 90 -48.69 17.09 24.08
C GLU C 90 -49.38 16.99 25.43
N LEU C 91 -49.85 15.80 25.79
CA LEU C 91 -50.51 15.62 27.08
C LEU C 91 -49.54 15.87 28.23
N LEU C 92 -48.30 15.41 28.09
CA LEU C 92 -47.30 15.68 29.12
C LEU C 92 -46.99 17.17 29.23
N LEU C 93 -46.86 17.85 28.09
CA LEU C 93 -46.55 19.27 28.10
C LEU C 93 -47.68 20.10 28.68
N ASN C 94 -48.93 19.67 28.45
CA ASN C 94 -50.07 20.39 29.03
C ASN C 94 -50.06 20.31 30.55
N HIS C 95 -49.69 19.15 31.09
CA HIS C 95 -49.70 18.92 32.53
C HIS C 95 -48.39 19.28 33.20
N SER C 96 -47.59 20.16 32.59
CA SER C 96 -46.40 20.74 33.20
C SER C 96 -45.36 19.67 33.55
N VAL C 97 -44.93 18.95 32.55
CA VAL C 97 -43.73 18.11 32.66
C VAL C 97 -42.51 18.98 32.45
N TYR C 98 -41.43 18.69 33.19
CA TYR C 98 -40.19 19.41 32.97
C TYR C 98 -39.74 19.25 31.53
N VAL C 99 -39.43 20.37 30.89
CA VAL C 99 -39.18 20.40 29.45
C VAL C 99 -37.74 20.84 29.22
N GLY C 100 -36.88 20.55 30.19
CA GLY C 100 -35.48 20.91 30.04
C GLY C 100 -34.78 19.97 29.06
N ASP C 101 -34.13 20.55 28.06
CA ASP C 101 -33.30 19.83 27.09
C ASP C 101 -34.08 18.79 26.29
N ALA C 102 -35.42 18.89 26.26
CA ALA C 102 -36.19 17.98 25.42
C ALA C 102 -36.14 18.39 23.95
N LEU C 103 -36.05 19.70 23.69
CA LEU C 103 -35.89 20.17 22.32
C LEU C 103 -34.61 19.64 21.70
N LEU C 104 -33.54 19.56 22.49
CA LEU C 104 -32.28 19.04 21.96
C LEU C 104 -32.40 17.58 21.55
N TYR C 105 -33.08 16.77 22.36
CA TYR C 105 -33.28 15.37 22.00
C TYR C 105 -34.17 15.24 20.77
N ALA C 106 -35.21 16.07 20.67
CA ALA C 106 -36.05 16.06 19.47
C ALA C 106 -35.24 16.43 18.23
N ILE C 107 -34.39 17.45 18.35
CA ILE C 107 -33.57 17.89 17.22
C ILE C 107 -32.59 16.80 16.80
N ARG C 108 -31.91 16.19 17.77
CA ARG C 108 -30.96 15.13 17.43
C ARG C 108 -31.66 13.93 16.83
N LYS C 109 -32.89 13.63 17.25
CA LYS C 109 -33.64 12.56 16.61
C LYS C 109 -34.10 12.96 15.21
N GLU C 110 -34.15 14.25 14.92
CA GLU C 110 -34.44 14.78 13.58
C GLU C 110 -35.87 14.48 13.13
N VAL C 111 -36.82 14.65 14.04
CA VAL C 111 -38.23 14.51 13.75
C VAL C 111 -38.87 15.89 13.81
N VAL C 112 -39.42 16.33 12.67
CA VAL C 112 -39.87 17.71 12.55
C VAL C 112 -41.10 17.97 13.42
N GLY C 113 -42.00 16.98 13.51
CA GLY C 113 -43.22 17.18 14.27
C GLY C 113 -42.96 17.45 15.75
N ALA C 114 -42.06 16.66 16.35
CA ALA C 114 -41.73 16.87 17.75
C ALA C 114 -41.04 18.21 17.98
N VAL C 115 -40.17 18.61 17.05
CA VAL C 115 -39.50 19.89 17.19
C VAL C 115 -40.50 21.04 17.12
N GLU C 116 -41.46 20.96 16.20
CA GLU C 116 -42.50 21.98 16.15
C GLU C 116 -43.33 22.00 17.42
N LEU C 117 -43.69 20.81 17.92
CA LEU C 117 -44.51 20.74 19.13
C LEU C 117 -43.79 21.34 20.33
N LEU C 118 -42.50 21.04 20.49
CA LEU C 118 -41.76 21.58 21.62
C LEU C 118 -41.41 23.05 21.41
N LEU C 119 -41.31 23.51 20.17
CA LEU C 119 -41.14 24.93 19.90
C LEU C 119 -42.42 25.71 20.12
N SER C 120 -43.58 25.05 20.14
CA SER C 120 -44.84 25.69 20.43
C SER C 120 -45.34 25.30 21.83
N TYR C 121 -44.44 24.83 22.68
CA TYR C 121 -44.80 24.30 24.00
C TYR C 121 -45.87 23.22 23.90
N GLN C 138 -29.62 17.90 36.57
CA GLN C 138 -29.90 16.55 36.11
C GLN C 138 -28.83 16.07 35.13
N PHE C 139 -29.08 14.92 34.52
CA PHE C 139 -28.17 14.35 33.54
C PHE C 139 -28.69 14.66 32.13
N SER C 140 -27.78 15.11 31.28
CA SER C 140 -28.09 15.40 29.89
C SER C 140 -27.05 14.72 29.01
N GLU C 141 -27.46 14.37 27.79
CA GLU C 141 -26.55 13.82 26.80
C GLU C 141 -25.78 14.89 26.06
N PHE C 142 -26.06 16.17 26.32
CA PHE C 142 -25.46 17.27 25.61
C PHE C 142 -24.68 18.15 26.59
N THR C 143 -23.56 18.68 26.13
CA THR C 143 -22.78 19.60 26.93
C THR C 143 -23.58 20.88 27.12
N PRO C 144 -23.47 21.55 28.28
CA PRO C 144 -24.34 22.71 28.56
C PRO C 144 -24.27 23.83 27.52
N ASP C 145 -23.20 23.94 26.74
CA ASP C 145 -23.11 25.04 25.78
C ASP C 145 -24.02 24.84 24.57
N ILE C 146 -24.52 23.63 24.36
CA ILE C 146 -25.34 23.34 23.18
C ILE C 146 -26.67 24.08 23.27
N THR C 147 -27.01 24.79 22.21
CA THR C 147 -28.31 25.42 22.01
C THR C 147 -29.06 24.70 20.90
N PRO C 148 -30.37 24.93 20.77
CA PRO C 148 -31.11 24.26 19.69
C PRO C 148 -30.59 24.55 18.29
N ILE C 149 -30.21 25.80 17.99
CA ILE C 149 -29.75 26.13 16.65
C ILE C 149 -28.39 25.48 16.38
N MET C 150 -27.51 25.50 17.36
CA MET C 150 -26.20 24.86 17.20
C MET C 150 -26.35 23.36 16.97
N LEU C 151 -27.20 22.70 17.75
CA LEU C 151 -27.39 21.27 17.60
C LEU C 151 -28.05 20.93 16.28
N ALA C 152 -29.03 21.74 15.86
CA ALA C 152 -29.66 21.52 14.56
C ALA C 152 -28.66 21.68 13.43
N ALA C 153 -27.76 22.66 13.55
CA ALA C 153 -26.72 22.84 12.55
C ALA C 153 -25.72 21.69 12.56
N HIS C 154 -25.47 21.09 13.73
CA HIS C 154 -24.62 19.90 13.76
C HIS C 154 -25.27 18.71 13.09
N THR C 155 -26.60 18.65 13.05
CA THR C 155 -27.32 17.58 12.35
C THR C 155 -27.50 17.87 10.87
N ASN C 156 -27.29 19.11 10.44
CA ASN C 156 -27.40 19.50 9.04
C ASN C 156 -28.76 19.15 8.46
N ASN C 157 -29.81 19.37 9.24
CA ASN C 157 -31.17 19.11 8.80
C ASN C 157 -31.81 20.42 8.36
N TYR C 158 -32.08 20.55 7.06
CA TYR C 158 -32.57 21.82 6.52
C TYR C 158 -33.92 22.19 7.12
N GLU C 159 -34.80 21.21 7.30
CA GLU C 159 -36.14 21.51 7.82
C GLU C 159 -36.06 22.04 9.25
N ILE C 160 -35.27 21.38 10.11
CA ILE C 160 -35.18 21.79 11.50
C ILE C 160 -34.44 23.11 11.63
N ILE C 161 -33.35 23.28 10.87
CA ILE C 161 -32.63 24.55 10.89
C ILE C 161 -33.54 25.67 10.43
N LYS C 162 -34.33 25.44 9.38
CA LYS C 162 -35.25 26.45 8.91
C LYS C 162 -36.31 26.79 9.95
N LEU C 163 -36.83 25.77 10.63
CA LEU C 163 -37.79 26.00 11.72
C LEU C 163 -37.18 26.88 12.79
N LEU C 164 -35.94 26.59 13.18
CA LEU C 164 -35.33 27.33 14.29
C LEU C 164 -34.90 28.74 13.86
N VAL C 165 -34.54 28.93 12.59
CA VAL C 165 -34.15 30.26 12.14
C VAL C 165 -35.36 31.14 11.91
N GLN C 166 -36.51 30.55 11.54
CA GLN C 166 -37.71 31.36 11.35
C GLN C 166 -38.11 32.06 12.63
N LYS C 167 -37.98 31.38 13.77
CA LYS C 167 -38.11 32.01 15.08
C LYS C 167 -36.73 32.54 15.45
N ARG C 168 -36.50 33.83 15.17
CA ARG C 168 -35.16 34.39 15.07
C ARG C 168 -34.26 34.00 16.24
N VAL C 169 -33.18 33.31 15.93
CA VAL C 169 -32.19 32.87 16.91
C VAL C 169 -30.84 33.50 16.56
N THR C 170 -29.86 33.24 17.41
CA THR C 170 -28.51 33.73 17.21
C THR C 170 -27.52 32.62 17.53
N ILE C 171 -26.31 32.78 16.99
CA ILE C 171 -25.16 31.96 17.37
C ILE C 171 -24.08 32.91 17.88
N PRO C 172 -23.48 32.67 19.04
CA PRO C 172 -22.46 33.58 19.54
C PRO C 172 -21.30 33.69 18.56
N ARG C 173 -20.79 34.90 18.41
CA ARG C 173 -19.74 35.16 17.43
C ARG C 173 -18.40 34.71 17.99
N PRO C 174 -17.70 33.80 17.31
CA PRO C 174 -16.38 33.39 17.80
C PRO C 174 -15.38 34.52 17.66
N HIS C 175 -14.39 34.51 18.56
CA HIS C 175 -13.36 35.53 18.54
C HIS C 175 -12.30 35.19 17.50
N GLN C 176 -11.39 36.14 17.29
CA GLN C 176 -10.23 35.88 16.45
C GLN C 176 -9.40 34.75 17.04
N ILE C 177 -8.64 34.08 16.17
CA ILE C 177 -7.84 32.94 16.62
C ILE C 177 -6.87 33.38 17.71
N ARG C 178 -6.13 34.46 17.45
CA ARG C 178 -5.17 35.00 18.41
C ARG C 178 -5.82 36.21 19.08
N CYS C 179 -6.73 35.92 20.01
CA CYS C 179 -7.43 36.95 20.78
C CYS C 179 -6.92 36.96 22.20
N ASN C 180 -6.84 38.17 22.77
CA ASN C 180 -6.26 38.37 24.10
C ASN C 180 -7.15 39.20 25.01
N CYS C 181 -8.46 39.22 24.75
CA CYS C 181 -9.35 40.02 25.57
C CYS C 181 -9.60 39.36 26.91
N VAL C 182 -10.20 40.12 27.82
CA VAL C 182 -10.44 39.63 29.18
C VAL C 182 -11.30 38.38 29.17
N GLU C 183 -12.34 38.39 28.33
CA GLU C 183 -13.24 37.21 28.25
C GLU C 183 -12.40 35.98 27.89
N CYS C 184 -11.69 36.04 26.77
CA CYS C 184 -10.89 34.87 26.30
C CYS C 184 -9.89 34.45 27.38
N VAL C 185 -9.11 35.39 27.93
CA VAL C 185 -8.03 35.03 28.90
C VAL C 185 -8.64 34.48 30.20
N SER C 186 -9.90 34.83 30.50
CA SER C 186 -10.53 34.38 31.73
C SER C 186 -11.22 33.03 31.55
N SER C 187 -11.92 32.85 30.43
CA SER C 187 -12.57 31.57 30.17
C SER C 187 -11.55 30.46 30.01
N SER C 188 -10.49 30.71 29.23
CA SER C 188 -9.49 29.68 28.99
C SER C 188 -8.65 29.36 30.22
N GLU C 189 -8.60 30.26 31.21
CA GLU C 189 -7.88 29.96 32.44
C GLU C 189 -8.78 29.32 33.49
N VAL C 190 -10.05 29.71 33.56
CA VAL C 190 -10.96 29.08 34.52
C VAL C 190 -11.36 27.68 34.05
N ASP C 191 -11.70 27.55 32.77
CA ASP C 191 -12.17 26.27 32.24
C ASP C 191 -11.74 26.19 30.77
N SER C 192 -10.59 25.56 30.56
CA SER C 192 -10.04 25.45 29.20
C SER C 192 -10.81 24.43 28.38
N LEU C 193 -11.19 23.31 28.99
CA LEU C 193 -11.89 22.25 28.27
C LEU C 193 -13.23 22.74 27.74
N ARG C 194 -14.02 23.39 28.59
CA ARG C 194 -15.31 23.93 28.17
C ARG C 194 -15.15 24.99 27.10
N HIS C 195 -14.15 25.86 27.24
CA HIS C 195 -13.94 26.93 26.27
C HIS C 195 -13.59 26.36 24.90
N SER C 196 -12.69 25.38 24.87
CA SER C 196 -12.34 24.73 23.60
C SER C 196 -13.54 24.02 23.00
N ARG C 197 -14.32 23.32 23.82
CA ARG C 197 -15.50 22.61 23.33
C ARG C 197 -16.52 23.58 22.75
N SER C 198 -16.76 24.69 23.43
CA SER C 198 -17.71 25.68 22.95
C SER C 198 -17.25 26.31 21.64
N ARG C 199 -15.95 26.60 21.52
CA ARG C 199 -15.42 27.13 20.27
C ARG C 199 -15.64 26.15 19.12
N LEU C 200 -15.31 24.88 19.35
CA LEU C 200 -15.50 23.89 18.30
C LEU C 200 -16.97 23.70 17.96
N ASN C 201 -17.86 23.76 18.95
CA ASN C 201 -19.29 23.61 18.69
C ASN C 201 -19.83 24.77 17.86
N ILE C 202 -19.40 25.99 18.19
CA ILE C 202 -19.80 27.15 17.41
C ILE C 202 -19.33 27.01 15.96
N TYR C 203 -18.09 26.56 15.78
CA TYR C 203 -17.58 26.42 14.41
C TYR C 203 -18.24 25.27 13.67
N LYS C 204 -18.64 24.23 14.40
CA LYS C 204 -19.39 23.14 13.78
C LYS C 204 -20.76 23.61 13.33
N ALA C 205 -21.39 24.49 14.11
CA ALA C 205 -22.67 25.05 13.71
C ALA C 205 -22.51 25.96 12.49
N LEU C 206 -21.51 26.85 12.52
CA LEU C 206 -21.34 27.80 11.44
C LEU C 206 -20.94 27.11 10.15
N ALA C 207 -20.11 26.07 10.22
CA ALA C 207 -19.67 25.32 9.05
C ALA C 207 -20.73 24.40 8.50
N SER C 208 -21.96 24.50 8.95
CA SER C 208 -23.02 23.62 8.48
C SER C 208 -23.47 24.04 7.09
N PRO C 209 -23.42 23.16 6.09
CA PRO C 209 -23.86 23.56 4.75
C PRO C 209 -25.30 24.04 4.70
N SER C 210 -26.18 23.46 5.49
CA SER C 210 -27.57 23.90 5.50
C SER C 210 -27.71 25.29 6.09
N LEU C 211 -26.99 25.58 7.17
CA LEU C 211 -27.03 26.91 7.77
C LEU C 211 -26.38 27.98 6.90
N ILE C 212 -25.27 27.65 6.24
CA ILE C 212 -24.68 28.59 5.29
C ILE C 212 -25.62 28.84 4.12
N ALA C 213 -26.22 27.78 3.58
CA ALA C 213 -27.14 27.94 2.46
C ALA C 213 -28.34 28.77 2.86
N LEU C 214 -28.87 28.54 4.06
CA LEU C 214 -30.09 29.19 4.49
C LEU C 214 -29.87 30.65 4.89
N SER C 215 -28.80 30.95 5.62
CA SER C 215 -28.72 32.21 6.33
C SER C 215 -27.48 33.05 6.01
N SER C 216 -26.72 32.65 4.99
CA SER C 216 -25.52 33.43 4.58
C SER C 216 -25.86 34.29 3.37
N GLU C 217 -25.44 35.55 3.42
CA GLU C 217 -25.69 36.43 2.29
C GLU C 217 -24.98 35.94 1.04
N ASP C 218 -23.72 35.51 1.18
CA ASP C 218 -22.92 34.95 0.09
C ASP C 218 -22.45 33.58 0.56
N PRO C 219 -23.17 32.51 0.24
CA PRO C 219 -22.77 31.18 0.71
C PRO C 219 -21.40 30.74 0.23
N ILE C 220 -21.04 31.17 -0.95
CA ILE C 220 -19.74 30.68 -1.51
C ILE C 220 -18.59 31.42 -0.81
N LEU C 221 -18.72 32.72 -0.63
CA LEU C 221 -17.72 33.49 0.09
C LEU C 221 -17.66 33.07 1.56
N THR C 222 -18.82 32.82 2.17
CA THR C 222 -18.84 32.35 3.55
C THR C 222 -18.13 31.02 3.68
N ALA C 223 -18.35 30.10 2.74
CA ALA C 223 -17.65 28.83 2.76
C ALA C 223 -16.15 29.02 2.59
N PHE C 224 -15.74 29.92 1.69
CA PHE C 224 -14.32 30.20 1.50
C PHE C 224 -13.68 30.69 2.80
N ARG C 225 -14.26 31.74 3.38
CA ARG C 225 -13.71 32.34 4.58
C ARG C 225 -13.71 31.37 5.74
N LEU C 226 -14.79 30.59 5.88
CA LEU C 226 -14.91 29.68 7.01
C LEU C 226 -13.94 28.51 6.87
N GLY C 227 -13.79 27.96 5.66
CA GLY C 227 -12.79 26.92 5.47
C GLY C 227 -11.38 27.42 5.74
N TRP C 228 -11.08 28.64 5.31
CA TRP C 228 -9.78 29.23 5.60
C TRP C 228 -9.55 29.37 7.09
N GLU C 229 -10.51 29.97 7.80
CA GLU C 229 -10.37 30.19 9.23
C GLU C 229 -10.30 28.88 9.99
N LEU C 230 -11.01 27.85 9.52
CA LEU C 230 -11.00 26.57 10.21
C LEU C 230 -9.68 25.85 9.97
N LYS C 231 -9.09 25.99 8.79
CA LYS C 231 -7.74 25.47 8.56
C LYS C 231 -6.73 26.18 9.46
N GLU C 232 -6.88 27.49 9.63
CA GLU C 232 -5.98 28.24 10.51
C GLU C 232 -6.15 27.81 11.97
N LEU C 233 -7.40 27.59 12.41
CA LEU C 233 -7.63 27.06 13.74
C LEU C 233 -7.00 25.69 13.90
N SER C 234 -7.15 24.83 12.90
CA SER C 234 -6.49 23.53 12.92
C SER C 234 -5.00 23.68 13.14
N LYS C 235 -4.37 24.64 12.45
CA LYS C 235 -2.96 24.92 12.70
C LYS C 235 -2.72 25.34 14.15
N VAL C 236 -3.51 26.29 14.64
CA VAL C 236 -3.25 26.85 15.97
C VAL C 236 -3.69 25.89 17.06
N GLU C 237 -4.90 25.38 16.98
CA GLU C 237 -5.39 24.41 17.97
C GLU C 237 -4.70 23.08 17.69
N ASN C 238 -3.54 22.87 18.32
CA ASN C 238 -2.74 21.68 18.03
C ASN C 238 -3.50 20.41 18.39
N GLU C 239 -4.15 20.40 19.55
CA GLU C 239 -5.14 19.38 19.83
C GLU C 239 -6.46 19.79 19.19
N PHE C 240 -7.31 18.80 18.92
CA PHE C 240 -8.55 19.00 18.15
C PHE C 240 -8.25 19.49 16.74
N LYS C 241 -7.09 19.08 16.21
CA LYS C 241 -6.72 19.44 14.84
C LYS C 241 -7.61 18.74 13.82
N ALA C 242 -7.95 17.48 14.07
CA ALA C 242 -8.69 16.70 13.07
C ALA C 242 -10.11 17.20 12.91
N GLU C 243 -10.76 17.61 14.00
CA GLU C 243 -12.11 18.16 13.89
C GLU C 243 -12.14 19.45 13.08
N TYR C 244 -11.19 20.34 13.33
CA TYR C 244 -11.16 21.58 12.56
C TYR C 244 -10.81 21.32 11.10
N GLU C 245 -9.95 20.33 10.85
CA GLU C 245 -9.65 19.96 9.46
C GLU C 245 -10.88 19.39 8.76
N GLU C 246 -11.66 18.58 9.47
CA GLU C 246 -12.89 18.04 8.90
C GLU C 246 -13.89 19.16 8.61
N LEU C 247 -13.99 20.14 9.50
CA LEU C 247 -14.88 21.28 9.26
C LEU C 247 -14.43 22.09 8.06
N SER C 248 -13.12 22.31 7.92
CA SER C 248 -12.60 23.03 6.77
C SER C 248 -12.91 22.29 5.47
N GLN C 249 -12.69 20.98 5.46
CA GLN C 249 -13.04 20.19 4.28
C GLN C 249 -14.52 20.21 4.00
N GLN C 250 -15.36 20.23 5.04
CA GLN C 250 -16.80 20.30 4.82
C GLN C 250 -17.18 21.62 4.15
N CYS C 251 -16.59 22.72 4.60
CA CYS C 251 -16.83 24.01 3.95
C CYS C 251 -16.37 24.00 2.48
N LYS C 252 -15.19 23.44 2.22
CA LYS C 252 -14.66 23.40 0.86
C LYS C 252 -15.57 22.57 -0.05
N LEU C 253 -15.98 21.39 0.41
CA LEU C 253 -16.89 20.58 -0.37
C LEU C 253 -18.25 21.25 -0.56
N PHE C 254 -18.72 22.01 0.42
CA PHE C 254 -19.97 22.74 0.22
C PHE C 254 -19.84 23.76 -0.91
N ALA C 255 -18.74 24.52 -0.91
CA ALA C 255 -18.54 25.50 -1.97
C ALA C 255 -18.44 24.83 -3.34
N LYS C 256 -17.69 23.74 -3.41
CA LYS C 256 -17.53 23.03 -4.68
C LYS C 256 -18.85 22.41 -5.13
N ASP C 257 -19.67 21.94 -4.20
CA ASP C 257 -20.95 21.32 -4.57
C ASP C 257 -21.97 22.36 -4.98
N LEU C 258 -21.90 23.56 -4.41
CA LEU C 258 -22.69 24.66 -4.95
C LEU C 258 -22.28 24.97 -6.37
N LEU C 259 -20.98 25.01 -6.64
CA LEU C 259 -20.51 25.25 -8.01
C LEU C 259 -20.94 24.12 -8.94
N ASP C 260 -21.08 22.90 -8.41
CA ASP C 260 -21.51 21.76 -9.23
C ASP C 260 -22.94 21.93 -9.73
N GLN C 261 -23.74 22.76 -9.08
CA GLN C 261 -25.15 22.88 -9.40
C GLN C 261 -25.43 23.84 -10.54
N ALA C 262 -24.43 24.58 -11.01
CA ALA C 262 -24.63 25.47 -12.14
C ALA C 262 -24.96 24.67 -13.39
N ARG C 263 -25.98 25.12 -14.12
CA ARG C 263 -26.47 24.39 -15.29
C ARG C 263 -26.15 25.07 -16.61
N SER C 264 -25.94 26.38 -16.63
CA SER C 264 -25.57 27.09 -17.83
C SER C 264 -24.23 27.79 -17.60
N SER C 265 -23.62 28.23 -18.69
CA SER C 265 -22.37 28.98 -18.59
C SER C 265 -22.63 30.39 -18.08
N ARG C 266 -23.84 30.91 -18.26
CA ARG C 266 -24.18 32.23 -17.73
C ARG C 266 -24.16 32.24 -16.21
N GLU C 267 -24.74 31.21 -15.59
CA GLU C 267 -24.68 31.13 -14.13
C GLU C 267 -23.25 31.03 -13.65
N LEU C 268 -22.44 30.22 -14.31
CA LEU C 268 -21.05 30.03 -13.90
C LEU C 268 -20.25 31.31 -14.03
N GLU C 269 -20.49 32.08 -15.10
CA GLU C 269 -19.76 33.33 -15.26
C GLU C 269 -20.29 34.40 -14.32
N ILE C 270 -21.57 34.35 -13.96
CA ILE C 270 -22.08 35.27 -12.94
C ILE C 270 -21.43 34.98 -11.60
N ILE C 271 -21.29 33.70 -11.25
CA ILE C 271 -20.66 33.34 -9.98
C ILE C 271 -19.19 33.74 -10.00
N LEU C 272 -18.44 33.27 -10.98
CA LEU C 272 -16.99 33.41 -10.96
C LEU C 272 -16.54 34.86 -11.13
N ASN C 273 -17.34 35.68 -11.80
CA ASN C 273 -16.98 37.08 -12.02
C ASN C 273 -17.53 38.01 -10.94
N HIS C 274 -18.17 37.48 -9.90
CA HIS C 274 -18.77 38.34 -8.89
C HIS C 274 -17.70 38.98 -8.03
N ARG C 275 -17.84 40.28 -7.81
CA ARG C 275 -16.98 41.05 -6.92
C ARG C 275 -17.84 41.73 -5.87
N ASP C 276 -17.39 41.71 -4.63
CA ASP C 276 -18.11 42.38 -3.56
C ASP C 276 -17.19 43.29 -2.75
N ASP C 289 -13.95 40.01 -14.38
CA ASP C 289 -12.76 39.27 -14.77
C ASP C 289 -12.32 38.27 -13.71
N LEU C 290 -13.24 37.36 -13.37
CA LEU C 290 -12.95 36.19 -12.52
C LEU C 290 -12.53 36.60 -11.11
N ALA C 291 -13.31 37.51 -10.51
CA ALA C 291 -12.97 37.97 -9.16
C ALA C 291 -13.18 36.88 -8.12
N LYS C 292 -14.31 36.18 -8.18
CA LYS C 292 -14.58 35.11 -7.22
C LYS C 292 -13.58 33.98 -7.35
N LEU C 293 -13.06 33.75 -8.55
CA LEU C 293 -12.05 32.72 -8.72
C LEU C 293 -10.71 33.14 -8.12
N LYS C 294 -10.37 34.42 -8.19
CA LYS C 294 -9.17 34.90 -7.51
C LYS C 294 -9.34 34.81 -6.00
N VAL C 295 -10.55 35.09 -5.49
CA VAL C 295 -10.80 34.89 -4.07
C VAL C 295 -10.64 33.43 -3.68
N ALA C 296 -11.10 32.52 -4.56
CA ALA C 296 -10.94 31.09 -4.28
C ALA C 296 -9.47 30.67 -4.30
N ILE C 297 -8.67 31.25 -5.20
CA ILE C 297 -7.25 30.95 -5.23
C ILE C 297 -6.56 31.50 -4.00
N LYS C 298 -6.96 32.69 -3.54
CA LYS C 298 -6.41 33.29 -2.34
C LYS C 298 -6.65 32.42 -1.11
N TYR C 299 -7.83 31.83 -1.01
CA TYR C 299 -8.21 31.00 0.13
C TYR C 299 -7.85 29.53 -0.06
N HIS C 300 -7.05 29.20 -1.09
CA HIS C 300 -6.60 27.83 -1.34
C HIS C 300 -7.78 26.87 -1.47
N GLN C 301 -8.81 27.30 -2.20
CA GLN C 301 -9.98 26.46 -2.44
C GLN C 301 -9.73 25.59 -3.68
N LYS C 302 -8.85 24.61 -3.48
CA LYS C 302 -8.35 23.82 -4.59
C LYS C 302 -9.48 23.05 -5.28
N GLU C 303 -10.38 22.45 -4.50
CA GLU C 303 -11.47 21.67 -5.07
C GLU C 303 -12.43 22.56 -5.86
N PHE C 304 -12.74 23.73 -5.33
CA PHE C 304 -13.62 24.67 -6.03
C PHE C 304 -13.01 25.11 -7.35
N VAL C 305 -11.71 25.38 -7.35
CA VAL C 305 -11.03 25.86 -8.55
C VAL C 305 -10.95 24.76 -9.60
N ALA C 306 -10.61 23.54 -9.17
CA ALA C 306 -10.47 22.43 -10.09
C ALA C 306 -11.80 21.80 -10.49
N GLN C 307 -12.91 22.46 -10.20
CA GLN C 307 -14.20 21.94 -10.61
C GLN C 307 -14.30 21.99 -12.12
N PRO C 308 -14.79 20.92 -12.76
CA PRO C 308 -14.61 20.79 -14.22
C PRO C 308 -15.19 21.92 -15.05
N ASN C 309 -16.30 22.53 -14.64
CA ASN C 309 -16.86 23.62 -15.42
C ASN C 309 -16.07 24.91 -15.24
N CYS C 310 -15.55 25.14 -14.04
CA CYS C 310 -14.63 26.25 -13.84
C CYS C 310 -13.38 26.09 -14.69
N GLN C 311 -12.82 24.86 -14.73
CA GLN C 311 -11.65 24.61 -15.55
C GLN C 311 -11.96 24.72 -17.04
N GLN C 312 -13.18 24.37 -17.45
CA GLN C 312 -13.55 24.52 -18.85
C GLN C 312 -13.66 25.98 -19.25
N LEU C 313 -14.26 26.80 -18.38
CA LEU C 313 -14.29 28.24 -18.63
C LEU C 313 -12.87 28.81 -18.66
N LEU C 314 -12.02 28.37 -17.74
CA LEU C 314 -10.64 28.83 -17.71
C LEU C 314 -9.90 28.47 -18.99
N ALA C 315 -10.10 27.24 -19.48
CA ALA C 315 -9.42 26.82 -20.70
C ALA C 315 -9.97 27.55 -21.92
N THR C 316 -11.24 27.94 -21.88
CA THR C 316 -11.77 28.78 -22.95
C THR C 316 -11.11 30.15 -22.95
N LEU C 317 -10.92 30.73 -21.76
CA LEU C 317 -10.23 32.02 -21.69
C LEU C 317 -8.75 31.90 -22.04
N TRP C 318 -8.14 30.75 -21.74
CA TRP C 318 -6.69 30.54 -21.95
C TRP C 318 -6.38 30.41 -23.43
N TYR C 319 -7.16 29.61 -24.15
CA TYR C 319 -6.90 29.38 -25.60
C TYR C 319 -7.75 30.33 -26.40
N ASP C 320 -7.68 31.62 -26.10
CA ASP C 320 -8.52 32.61 -26.77
C ASP C 320 -8.32 32.60 -28.29
N GLY C 321 -7.08 32.51 -28.73
CA GLY C 321 -6.83 32.51 -30.15
C GLY C 321 -6.95 31.17 -30.83
N PHE C 322 -7.26 30.11 -30.08
CA PHE C 322 -7.29 28.75 -30.62
C PHE C 322 -8.60 28.09 -30.18
N PRO C 323 -9.71 28.43 -30.83
CA PRO C 323 -10.99 27.79 -30.47
C PRO C 323 -10.98 26.28 -30.63
N GLY C 324 -10.29 25.76 -31.63
CA GLY C 324 -10.26 24.34 -31.88
C GLY C 324 -9.00 23.66 -31.39
N TRP C 325 -8.36 24.25 -30.39
CA TRP C 325 -7.08 23.73 -29.91
C TRP C 325 -7.23 22.32 -29.36
N ARG C 326 -8.30 22.06 -28.60
CA ARG C 326 -8.47 20.76 -27.98
C ARG C 326 -8.56 19.64 -29.00
N ARG C 327 -9.13 19.92 -30.16
CA ARG C 327 -9.38 18.92 -31.19
C ARG C 327 -8.30 18.90 -32.27
N LYS C 328 -7.11 19.38 -31.96
CA LYS C 328 -5.99 19.37 -32.90
C LYS C 328 -5.04 18.22 -32.59
N HIS C 329 -4.24 17.86 -33.59
CA HIS C 329 -3.28 16.78 -33.47
C HIS C 329 -1.97 17.32 -32.91
N TRP C 330 -1.28 16.47 -32.13
CA TRP C 330 -0.11 16.91 -31.38
C TRP C 330 0.97 17.48 -32.29
N VAL C 331 1.05 17.01 -33.53
CA VAL C 331 2.02 17.58 -34.46
C VAL C 331 1.61 18.98 -34.87
N VAL C 332 0.31 19.20 -35.12
CA VAL C 332 -0.17 20.53 -35.43
C VAL C 332 0.08 21.47 -34.27
N LYS C 333 -0.18 20.99 -33.04
CA LYS C 333 0.09 21.79 -31.86
C LYS C 333 1.57 22.14 -31.74
N LEU C 334 2.45 21.17 -31.99
CA LEU C 334 3.89 21.42 -31.88
C LEU C 334 4.35 22.43 -32.91
N LEU C 335 3.90 22.30 -34.17
CA LEU C 335 4.27 23.27 -35.18
C LEU C 335 3.75 24.66 -34.85
N THR C 336 2.51 24.76 -34.38
CA THR C 336 1.97 26.07 -34.03
C THR C 336 2.73 26.69 -32.86
N CYS C 337 3.04 25.89 -31.83
CA CYS C 337 3.75 26.41 -30.67
C CYS C 337 5.15 26.87 -31.05
N MET C 338 5.86 26.08 -31.85
CA MET C 338 7.19 26.50 -32.27
C MET C 338 7.15 27.70 -33.21
N THR C 339 6.09 27.83 -34.02
CA THR C 339 5.95 29.01 -34.86
C THR C 339 5.76 30.26 -34.01
N ILE C 340 4.86 30.20 -33.02
CA ILE C 340 4.65 31.35 -32.15
C ILE C 340 5.89 31.64 -31.32
N GLY C 341 6.59 30.59 -30.89
CA GLY C 341 7.80 30.80 -30.11
C GLY C 341 8.91 31.46 -30.90
N PHE C 342 9.13 30.98 -32.13
CA PHE C 342 10.17 31.57 -32.98
C PHE C 342 9.88 33.03 -33.30
N LEU C 343 8.64 33.46 -33.19
CA LEU C 343 8.25 34.83 -33.53
C LEU C 343 8.01 35.70 -32.30
N PHE C 344 8.45 35.27 -31.11
CA PHE C 344 8.21 36.10 -29.93
C PHE C 344 8.83 37.49 -30.05
N PRO C 345 10.03 37.69 -30.64
CA PRO C 345 10.48 39.07 -30.82
C PRO C 345 9.59 39.85 -31.76
N MET C 346 9.06 39.20 -32.80
CA MET C 346 8.15 39.88 -33.72
C MET C 346 6.87 40.29 -33.00
N LEU C 347 6.28 39.39 -32.22
CA LEU C 347 5.05 39.71 -31.50
C LEU C 347 5.29 40.78 -30.45
N SER C 348 6.43 40.72 -29.76
CA SER C 348 6.75 41.73 -28.75
C SER C 348 6.97 43.09 -29.38
N ILE C 349 7.67 43.15 -30.51
CA ILE C 349 7.90 44.43 -31.18
C ILE C 349 6.59 44.96 -31.75
N ALA C 350 5.72 44.09 -32.24
CA ALA C 350 4.41 44.52 -32.71
C ALA C 350 3.59 45.10 -31.57
N TYR C 351 3.62 44.47 -30.40
CA TYR C 351 2.91 45.02 -29.25
C TYR C 351 3.50 46.36 -28.83
N LEU C 352 4.83 46.51 -28.92
CA LEU C 352 5.46 47.77 -28.55
C LEU C 352 5.07 48.89 -29.51
N ILE C 353 5.21 48.64 -30.82
CA ILE C 353 5.00 49.69 -31.80
C ILE C 353 3.55 50.15 -31.81
N SER C 354 2.62 49.21 -31.89
CA SER C 354 1.19 49.53 -31.91
C SER C 354 0.45 48.44 -31.15
N PRO C 355 0.22 48.65 -29.85
CA PRO C 355 -0.50 47.63 -29.06
C PRO C 355 -1.90 47.33 -29.58
N ARG C 356 -2.62 48.35 -30.06
CA ARG C 356 -3.98 48.18 -30.56
C ARG C 356 -3.93 47.99 -32.07
N SER C 357 -3.66 46.76 -32.48
CA SER C 357 -3.59 46.41 -33.90
C SER C 357 -3.84 44.92 -34.04
N ASN C 358 -4.00 44.49 -35.29
CA ASN C 358 -4.25 43.07 -35.55
C ASN C 358 -3.06 42.19 -35.18
N LEU C 359 -1.88 42.78 -34.96
CA LEU C 359 -0.71 42.04 -34.51
C LEU C 359 -0.21 42.49 -33.16
N GLY C 360 -0.54 43.71 -32.73
CA GLY C 360 -0.09 44.18 -31.42
C GLY C 360 -0.72 43.41 -30.28
N LEU C 361 -2.02 43.15 -30.36
CA LEU C 361 -2.75 42.48 -29.28
C LEU C 361 -2.79 40.97 -29.46
N PHE C 362 -2.05 40.42 -30.43
CA PHE C 362 -1.93 38.97 -30.54
C PHE C 362 -1.17 38.39 -29.36
N ILE C 363 -0.18 39.11 -28.83
CA ILE C 363 0.55 38.65 -27.66
C ILE C 363 -0.21 38.91 -26.37
N LYS C 364 -1.32 39.64 -26.43
CA LYS C 364 -2.18 39.83 -25.27
C LYS C 364 -2.98 38.60 -24.91
N LYS C 365 -3.02 37.61 -25.80
CA LYS C 365 -3.72 36.37 -25.49
C LYS C 365 -2.89 35.55 -24.50
N PRO C 366 -3.53 34.99 -23.46
CA PRO C 366 -2.74 34.34 -22.41
C PRO C 366 -1.87 33.20 -22.89
N PHE C 367 -2.35 32.38 -23.82
CA PHE C 367 -1.57 31.27 -24.31
C PHE C 367 -0.46 31.73 -25.24
N ILE C 368 -0.74 32.71 -26.10
CA ILE C 368 0.31 33.29 -26.93
C ILE C 368 1.36 33.96 -26.05
N LYS C 369 0.90 34.66 -25.01
CA LYS C 369 1.83 35.29 -24.07
C LYS C 369 2.69 34.26 -23.37
N PHE C 370 2.09 33.14 -22.96
CA PHE C 370 2.86 32.08 -22.33
C PHE C 370 3.89 31.49 -23.29
N ILE C 371 3.50 31.28 -24.55
CA ILE C 371 4.43 30.75 -25.53
C ILE C 371 5.59 31.71 -25.75
N CYS C 372 5.29 33.01 -25.83
CA CYS C 372 6.34 33.99 -26.06
C CYS C 372 7.28 34.10 -24.86
N HIS C 373 6.74 34.05 -23.65
CA HIS C 373 7.59 34.10 -22.46
C HIS C 373 8.46 32.85 -22.37
N THR C 374 7.91 31.69 -22.67
CA THR C 374 8.69 30.45 -22.64
C THR C 374 9.78 30.47 -23.70
N ALA C 375 9.48 31.04 -24.87
CA ALA C 375 10.48 31.18 -25.94
C ALA C 375 11.58 32.15 -25.49
N SER C 376 11.21 33.32 -25.00
CA SER C 376 12.22 34.27 -24.46
C SER C 376 13.14 33.57 -23.45
N TYR C 377 12.58 32.83 -22.50
CA TYR C 377 13.42 32.22 -21.49
C TYR C 377 14.28 31.10 -22.08
N LEU C 378 13.77 30.36 -23.06
CA LEU C 378 14.57 29.33 -23.70
C LEU C 378 15.71 29.92 -24.50
N THR C 379 15.50 31.07 -25.16
CA THR C 379 16.61 31.73 -25.83
C THR C 379 17.64 32.24 -24.83
N PHE C 380 17.18 32.72 -23.67
CA PHE C 380 18.12 33.10 -22.62
C PHE C 380 18.97 31.93 -22.17
N LEU C 381 18.34 30.77 -21.97
CA LEU C 381 19.10 29.59 -21.56
C LEU C 381 20.03 29.11 -22.68
N PHE C 382 19.62 29.26 -23.93
CA PHE C 382 20.49 28.94 -25.06
C PHE C 382 21.72 29.83 -25.08
N MET C 383 21.54 31.12 -24.81
CA MET C 383 22.70 32.01 -24.74
C MET C 383 23.57 31.71 -23.52
N LEU C 384 22.96 31.29 -22.41
CA LEU C 384 23.76 30.82 -21.28
C LEU C 384 24.61 29.62 -21.67
N LEU C 385 24.05 28.71 -22.46
CA LEU C 385 24.83 27.59 -22.96
C LEU C 385 25.95 28.05 -23.89
N LEU C 386 25.65 29.01 -24.76
CA LEU C 386 26.67 29.54 -25.67
C LEU C 386 27.78 30.27 -24.94
N ALA C 387 27.51 30.74 -23.72
CA ALA C 387 28.55 31.45 -22.97
C ALA C 387 29.76 30.57 -22.72
N SER C 388 29.55 29.31 -22.37
CA SER C 388 30.65 28.40 -22.05
C SER C 388 31.26 27.75 -23.27
N GLN C 389 30.69 27.95 -24.46
CA GLN C 389 31.31 27.45 -25.67
C GLN C 389 32.42 28.40 -26.11
N HIS C 390 33.04 28.10 -27.24
CA HIS C 390 34.14 28.90 -27.77
C HIS C 390 33.83 29.47 -29.15
N ILE C 391 32.55 29.72 -29.45
CA ILE C 391 32.19 30.36 -30.71
C ILE C 391 32.83 31.74 -30.78
N VAL C 392 32.69 32.52 -29.72
CA VAL C 392 33.43 33.76 -29.53
C VAL C 392 33.92 33.76 -28.09
N ARG C 393 35.23 33.97 -27.90
CA ARG C 393 35.84 33.77 -26.60
C ARG C 393 37.00 34.74 -26.43
N THR C 394 37.28 35.08 -25.18
CA THR C 394 38.42 35.91 -24.82
C THR C 394 39.56 35.04 -24.33
N ASP C 395 40.74 35.62 -24.29
CA ASP C 395 41.89 34.94 -23.70
C ASP C 395 41.62 34.65 -22.23
N LEU C 396 41.95 33.43 -21.80
CA LEU C 396 41.69 33.07 -20.41
C LEU C 396 42.72 33.64 -19.45
N HIS C 397 43.74 34.34 -19.94
CA HIS C 397 44.78 34.90 -19.10
C HIS C 397 44.66 36.42 -18.97
N VAL C 398 43.55 37.02 -19.38
CA VAL C 398 43.30 38.43 -19.12
C VAL C 398 42.42 38.54 -17.88
N GLN C 399 42.92 39.26 -16.88
CA GLN C 399 42.19 39.46 -15.63
C GLN C 399 41.37 40.74 -15.73
N GLY C 400 40.08 40.62 -15.45
CA GLY C 400 39.15 41.69 -15.71
C GLY C 400 38.98 41.96 -17.19
N PRO C 401 38.38 41.01 -17.91
CA PRO C 401 38.19 41.19 -19.35
C PRO C 401 36.90 41.95 -19.64
N PRO C 402 36.76 42.51 -20.83
CA PRO C 402 35.49 43.09 -21.23
C PRO C 402 34.47 42.00 -21.52
N PRO C 403 33.19 42.29 -21.42
CA PRO C 403 32.18 41.25 -21.64
C PRO C 403 32.20 40.72 -23.07
N THR C 404 31.91 39.44 -23.19
CA THR C 404 31.74 38.82 -24.50
C THR C 404 30.44 39.29 -25.12
N VAL C 405 30.34 39.21 -26.44
CA VAL C 405 29.10 39.59 -27.10
C VAL C 405 27.96 38.68 -26.66
N VAL C 406 28.26 37.43 -26.30
CA VAL C 406 27.24 36.58 -25.70
C VAL C 406 26.82 37.12 -24.36
N GLU C 407 27.78 37.57 -23.54
CA GLU C 407 27.42 38.19 -22.26
C GLU C 407 26.71 39.52 -22.46
N TRP C 408 27.10 40.27 -23.49
CA TRP C 408 26.41 41.50 -23.83
C TRP C 408 24.96 41.23 -24.19
N MET C 409 24.71 40.15 -24.93
CA MET C 409 23.33 39.79 -25.26
C MET C 409 22.59 39.23 -24.06
N ILE C 410 23.31 38.57 -23.14
CA ILE C 410 22.68 38.05 -21.94
C ILE C 410 22.19 39.18 -21.06
N LEU C 411 22.93 40.28 -20.99
CA LEU C 411 22.60 41.38 -20.09
C LEU C 411 21.16 41.90 -20.20
N PRO C 412 20.60 42.14 -21.39
CA PRO C 412 19.19 42.59 -21.44
C PRO C 412 18.20 41.65 -20.77
N TRP C 413 18.36 40.34 -20.93
CA TRP C 413 17.49 39.40 -20.22
C TRP C 413 17.66 39.51 -18.72
N VAL C 414 18.89 39.68 -18.25
CA VAL C 414 19.14 39.77 -16.81
C VAL C 414 18.47 41.01 -16.24
N LEU C 415 18.63 42.15 -16.94
CA LEU C 415 17.96 43.37 -16.51
C LEU C 415 16.46 43.22 -16.55
N GLY C 416 15.94 42.54 -17.58
CA GLY C 416 14.51 42.32 -17.66
C GLY C 416 13.98 41.45 -16.54
N PHE C 417 14.71 40.40 -16.17
CA PHE C 417 14.30 39.56 -15.07
C PHE C 417 14.29 40.34 -13.75
N ILE C 418 15.33 41.16 -13.53
CA ILE C 418 15.38 41.96 -12.31
C ILE C 418 14.21 42.95 -12.28
N TRP C 419 13.95 43.61 -13.40
CA TRP C 419 12.85 44.57 -13.47
C TRP C 419 11.51 43.88 -13.28
N GLY C 420 11.34 42.69 -13.86
CA GLY C 420 10.10 41.96 -13.68
C GLY C 420 9.88 41.53 -12.25
N GLU C 421 10.92 41.09 -11.56
CA GLU C 421 10.75 40.68 -10.17
C GLU C 421 10.49 41.87 -9.27
N ILE C 422 11.15 43.01 -9.50
CA ILE C 422 10.84 44.17 -8.66
C ILE C 422 9.45 44.71 -8.97
N LYS C 423 9.00 44.64 -10.22
CA LYS C 423 7.63 45.02 -10.52
C LYS C 423 6.64 44.07 -9.84
N GLU C 424 6.94 42.78 -9.84
CA GLU C 424 6.07 41.82 -9.16
C GLU C 424 5.98 42.11 -7.67
N MET C 425 7.13 42.37 -7.03
CA MET C 425 7.08 42.65 -5.59
C MET C 425 6.36 43.96 -5.33
N TRP C 426 6.54 44.96 -6.20
CA TRP C 426 5.81 46.22 -6.02
C TRP C 426 4.31 46.02 -6.14
N ASP C 427 3.87 45.20 -7.10
CA ASP C 427 2.44 44.98 -7.30
C ASP C 427 1.85 43.97 -6.33
N GLY C 428 2.67 43.22 -5.58
CA GLY C 428 2.11 42.19 -4.74
C GLY C 428 2.45 42.21 -3.26
N GLY C 429 3.39 43.05 -2.85
CA GLY C 429 3.82 43.04 -1.46
C GLY C 429 4.71 41.86 -1.14
N PHE C 430 5.64 42.05 -0.19
CA PHE C 430 6.52 40.96 0.19
C PHE C 430 5.75 39.79 0.79
N THR C 431 4.59 40.05 1.39
CA THR C 431 3.81 38.98 1.99
C THR C 431 3.33 37.98 0.94
N GLU C 432 3.08 38.44 -0.28
CA GLU C 432 2.73 37.54 -1.38
C GLU C 432 3.95 37.10 -2.18
N TYR C 433 4.97 37.96 -2.23
CA TYR C 433 6.22 37.61 -2.88
C TYR C 433 6.88 36.40 -2.21
N ILE C 434 6.90 36.37 -0.89
CA ILE C 434 7.56 35.30 -0.16
C ILE C 434 6.80 33.99 -0.30
N HIS C 435 5.47 34.06 -0.43
CA HIS C 435 4.64 32.85 -0.46
C HIS C 435 5.01 31.91 -1.59
N ASP C 436 5.64 32.41 -2.65
CA ASP C 436 6.05 31.58 -3.78
C ASP C 436 7.50 31.16 -3.60
N TRP C 437 7.76 29.85 -3.70
CA TRP C 437 9.13 29.35 -3.59
C TRP C 437 9.93 29.65 -4.85
N TRP C 438 9.31 29.47 -6.02
CA TRP C 438 9.96 29.84 -7.26
C TRP C 438 10.33 31.32 -7.25
N ASN C 439 9.59 32.13 -6.51
CA ASN C 439 9.91 33.55 -6.46
C ASN C 439 11.18 33.78 -5.66
N LEU C 440 11.38 33.02 -4.58
CA LEU C 440 12.64 33.07 -3.84
C LEU C 440 13.80 32.57 -4.70
N MET C 441 13.55 31.54 -5.52
CA MET C 441 14.60 31.06 -6.41
C MET C 441 14.97 32.11 -7.44
N ASP C 442 13.98 32.84 -7.97
CA ASP C 442 14.26 33.97 -8.85
C ASP C 442 15.04 35.05 -8.12
N PHE C 443 14.72 35.30 -6.85
CA PHE C 443 15.48 36.27 -6.08
C PHE C 443 16.94 35.87 -5.98
N ALA C 444 17.21 34.60 -5.70
CA ALA C 444 18.58 34.12 -5.63
C ALA C 444 19.28 34.24 -6.98
N MET C 445 18.57 33.88 -8.04
CA MET C 445 19.13 33.98 -9.39
C MET C 445 19.53 35.42 -9.70
N ASN C 446 18.65 36.37 -9.44
CA ASN C 446 18.93 37.77 -9.78
C ASN C 446 20.00 38.34 -8.88
N SER C 447 20.04 37.92 -7.61
CA SER C 447 21.11 38.36 -6.72
C SER C 447 22.46 37.88 -7.23
N LEU C 448 22.53 36.62 -7.67
CA LEU C 448 23.78 36.09 -8.21
C LEU C 448 24.16 36.77 -9.50
N TYR C 449 23.18 37.14 -10.33
CA TYR C 449 23.50 37.82 -11.57
C TYR C 449 24.00 39.24 -11.31
N LEU C 450 23.40 39.94 -10.36
CA LEU C 450 23.89 41.26 -9.98
C LEU C 450 25.30 41.18 -9.39
N ALA C 451 25.55 40.16 -8.56
CA ALA C 451 26.89 39.97 -8.02
C ALA C 451 27.89 39.68 -9.14
N THR C 452 27.48 38.91 -10.14
CA THR C 452 28.35 38.65 -11.28
C THR C 452 28.67 39.92 -12.05
N ILE C 453 27.67 40.76 -12.30
CA ILE C 453 27.91 42.02 -13.00
C ILE C 453 28.83 42.92 -12.18
N SER C 454 28.59 43.02 -10.87
CA SER C 454 29.40 43.89 -10.03
C SER C 454 30.84 43.40 -9.96
N LEU C 455 31.03 42.08 -9.84
CA LEU C 455 32.37 41.53 -9.80
C LEU C 455 33.09 41.69 -11.13
N LYS C 456 32.37 41.56 -12.24
CA LYS C 456 32.98 41.79 -13.54
C LYS C 456 33.41 43.24 -13.69
N ILE C 457 32.58 44.18 -13.21
CA ILE C 457 32.93 45.59 -13.25
C ILE C 457 34.17 45.84 -12.39
N VAL C 458 34.21 45.26 -11.19
CA VAL C 458 35.34 45.45 -10.28
C VAL C 458 36.62 44.92 -10.93
N ALA C 459 36.55 43.72 -11.49
CA ALA C 459 37.73 43.13 -12.14
C ALA C 459 38.17 43.97 -13.34
N TYR C 460 37.21 44.49 -14.10
CA TYR C 460 37.57 45.29 -15.27
C TYR C 460 38.24 46.60 -14.87
N VAL C 461 37.76 47.25 -13.80
CA VAL C 461 38.28 48.57 -13.43
C VAL C 461 39.36 48.49 -12.37
N LYS C 462 39.77 47.29 -11.96
CA LYS C 462 40.82 47.15 -10.95
C LYS C 462 41.98 46.27 -11.42
N TYR C 463 41.83 45.56 -12.53
CA TYR C 463 42.92 44.82 -13.15
C TYR C 463 43.07 45.23 -14.60
N ASN C 464 44.31 45.51 -15.00
CA ASN C 464 44.61 45.90 -16.38
C ASN C 464 45.44 44.89 -17.15
N GLY C 465 46.33 44.17 -16.47
CA GLY C 465 47.29 43.32 -17.14
C GLY C 465 46.68 42.03 -17.65
N SER C 466 47.57 41.11 -18.03
CA SER C 466 47.21 39.80 -18.57
C SER C 466 47.98 38.71 -17.84
N ARG C 467 47.91 38.74 -16.51
CA ARG C 467 48.57 37.75 -15.69
C ARG C 467 48.08 36.34 -16.06
N PRO C 468 48.97 35.35 -16.13
CA PRO C 468 48.52 33.99 -16.41
C PRO C 468 47.57 33.50 -15.33
N ARG C 469 46.58 32.69 -15.74
CA ARG C 469 45.51 32.32 -14.83
C ARG C 469 46.02 31.48 -13.67
N GLU C 470 47.10 30.73 -13.87
CA GLU C 470 47.69 29.95 -12.79
C GLU C 470 48.37 30.81 -11.75
N GLU C 471 48.61 32.08 -12.05
CA GLU C 471 49.22 33.01 -11.12
C GLU C 471 48.18 33.76 -10.28
N TRP C 472 46.90 33.65 -10.61
CA TRP C 472 45.88 34.43 -9.95
C TRP C 472 45.68 33.98 -8.51
N GLU C 473 45.22 34.92 -7.69
CA GLU C 473 45.00 34.69 -6.27
C GLU C 473 43.72 33.86 -6.09
N MET C 474 43.55 33.33 -4.88
CA MET C 474 42.39 32.48 -4.58
C MET C 474 41.08 33.22 -4.78
N TRP C 475 41.02 34.48 -4.36
CA TRP C 475 39.78 35.25 -4.37
C TRP C 475 39.83 36.34 -5.43
N HIS C 476 40.39 36.02 -6.58
CA HIS C 476 40.37 36.94 -7.71
C HIS C 476 38.94 37.24 -8.10
N PRO C 477 38.58 38.51 -8.32
CA PRO C 477 37.19 38.83 -8.66
C PRO C 477 36.70 38.17 -9.93
N THR C 478 37.59 37.89 -10.88
CA THR C 478 37.18 37.19 -12.09
C THR C 478 36.80 35.74 -11.79
N LEU C 479 37.56 35.07 -10.93
CA LEU C 479 37.22 33.70 -10.55
C LEU C 479 35.90 33.64 -9.81
N ILE C 480 35.67 34.58 -8.89
CA ILE C 480 34.41 34.62 -8.16
C ILE C 480 33.25 34.96 -9.09
N ALA C 481 33.48 35.88 -10.02
CA ALA C 481 32.43 36.22 -10.98
C ALA C 481 32.04 35.01 -11.81
N GLU C 482 33.03 34.23 -12.26
CA GLU C 482 32.74 33.03 -13.04
C GLU C 482 32.01 31.98 -12.20
N ALA C 483 32.40 31.83 -10.93
CA ALA C 483 31.70 30.87 -10.08
C ALA C 483 30.24 31.26 -9.87
N LEU C 484 30.01 32.55 -9.56
CA LEU C 484 28.65 33.02 -9.36
C LEU C 484 27.83 32.92 -10.63
N PHE C 485 28.45 33.18 -11.78
CA PHE C 485 27.75 33.05 -13.05
C PHE C 485 27.36 31.60 -13.32
N ALA C 486 28.24 30.65 -13.01
CA ALA C 486 27.89 29.25 -13.21
C ALA C 486 26.76 28.82 -12.28
N ILE C 487 26.77 29.28 -11.03
CA ILE C 487 25.65 28.98 -10.13
C ILE C 487 24.36 29.58 -10.66
N SER C 488 24.43 30.81 -11.17
CA SER C 488 23.26 31.45 -11.78
C SER C 488 22.76 30.63 -12.95
N ASN C 489 23.67 30.08 -13.75
CA ASN C 489 23.27 29.25 -14.89
C ASN C 489 22.51 28.02 -14.42
N ILE C 490 22.99 27.38 -13.37
CA ILE C 490 22.28 26.22 -12.83
C ILE C 490 20.88 26.62 -12.40
N LEU C 491 20.76 27.71 -11.64
CA LEU C 491 19.45 28.13 -11.15
C LEU C 491 18.52 28.53 -12.28
N SER C 492 19.04 29.23 -13.29
CA SER C 492 18.22 29.64 -14.42
C SER C 492 17.70 28.43 -15.18
N SER C 493 18.55 27.44 -15.43
CA SER C 493 18.10 26.25 -16.13
C SER C 493 17.12 25.44 -15.30
N LEU C 494 17.30 25.42 -13.97
CA LEU C 494 16.36 24.70 -13.12
C LEU C 494 15.04 25.43 -12.96
N ARG C 495 15.00 26.72 -13.28
CA ARG C 495 13.75 27.48 -13.26
C ARG C 495 12.73 26.97 -14.27
N LEU C 496 13.13 26.14 -15.24
CA LEU C 496 12.20 25.60 -16.21
C LEU C 496 11.23 24.58 -15.63
N ILE C 497 11.51 24.04 -14.44
CA ILE C 497 10.61 23.06 -13.86
C ILE C 497 9.28 23.68 -13.49
N SER C 498 9.22 25.00 -13.33
CA SER C 498 7.94 25.64 -13.06
C SER C 498 7.01 25.63 -14.25
N LEU C 499 7.55 25.45 -15.47
CA LEU C 499 6.71 25.31 -16.65
C LEU C 499 6.11 23.93 -16.78
N PHE C 500 6.51 22.99 -15.94
CA PHE C 500 5.90 21.66 -15.95
C PHE C 500 4.43 21.71 -15.56
N THR C 501 4.02 22.75 -14.81
CA THR C 501 2.63 22.85 -14.36
C THR C 501 1.67 22.93 -15.52
N ALA C 502 2.07 23.52 -16.64
CA ALA C 502 1.23 23.69 -17.79
C ALA C 502 0.99 22.39 -18.55
N ASN C 503 1.65 21.30 -18.19
CA ASN C 503 1.57 20.05 -18.93
C ASN C 503 0.73 19.03 -18.15
N SER C 504 -0.07 18.26 -18.88
CA SER C 504 -0.94 17.28 -18.25
C SER C 504 -0.16 16.16 -17.59
N HIS C 505 1.01 15.81 -18.13
CA HIS C 505 1.83 14.73 -17.61
C HIS C 505 2.89 15.20 -16.64
N LEU C 506 3.58 16.30 -16.96
CA LEU C 506 4.64 16.81 -16.11
C LEU C 506 4.12 17.54 -14.89
N GLY C 507 2.93 18.11 -14.96
CA GLY C 507 2.37 18.87 -13.87
C GLY C 507 2.17 18.09 -12.59
N PRO C 508 1.46 16.96 -12.67
CA PRO C 508 1.33 16.11 -11.47
C PRO C 508 2.66 15.59 -10.96
N LEU C 509 3.60 15.32 -11.85
CA LEU C 509 4.94 14.92 -11.42
C LEU C 509 5.60 16.01 -10.61
N GLN C 510 5.51 17.26 -11.07
CA GLN C 510 6.06 18.37 -10.32
C GLN C 510 5.37 18.53 -8.97
N ILE C 511 4.04 18.34 -8.94
CA ILE C 511 3.32 18.47 -7.68
C ILE C 511 3.80 17.41 -6.68
N SER C 512 3.94 16.17 -7.13
CA SER C 512 4.41 15.10 -6.26
C SER C 512 5.84 15.36 -5.78
N LEU C 513 6.71 15.79 -6.69
CA LEU C 513 8.09 16.04 -6.33
C LEU C 513 8.20 17.15 -5.31
N GLY C 514 7.49 18.26 -5.53
CA GLY C 514 7.52 19.35 -4.59
C GLY C 514 6.90 19.00 -3.26
N ARG C 515 5.92 18.09 -3.25
CA ARG C 515 5.34 17.71 -1.98
C ARG C 515 6.23 16.76 -1.19
N MET C 516 7.03 15.93 -1.86
CA MET C 516 7.97 15.10 -1.11
C MET C 516 9.29 15.80 -0.80
N LEU C 517 9.53 16.98 -1.39
CA LEU C 517 10.67 17.77 -0.93
C LEU C 517 10.58 18.09 0.56
N LEU C 518 9.39 18.10 1.13
CA LEU C 518 9.25 18.45 2.56
C LEU C 518 9.77 17.32 3.46
N ASP C 519 9.38 16.08 3.17
CA ASP C 519 9.95 14.98 3.94
C ASP C 519 11.43 14.80 3.62
N ILE C 520 11.85 15.19 2.43
CA ILE C 520 13.28 15.28 2.16
C ILE C 520 13.95 16.24 3.14
N LEU C 521 13.33 17.39 3.38
CA LEU C 521 13.91 18.38 4.30
C LEU C 521 14.00 17.84 5.72
N LYS C 522 12.95 17.16 6.17
CA LYS C 522 12.94 16.58 7.51
C LYS C 522 14.02 15.51 7.66
N PHE C 523 14.11 14.61 6.68
CA PHE C 523 15.21 13.66 6.66
C PHE C 523 16.56 14.36 6.58
N LEU C 524 16.62 15.51 5.92
CA LEU C 524 17.87 16.27 5.86
C LEU C 524 18.27 16.73 7.24
N PHE C 525 17.29 17.12 8.06
CA PHE C 525 17.60 17.48 9.44
C PHE C 525 18.22 16.31 10.20
N ILE C 526 17.57 15.14 10.16
CA ILE C 526 18.12 14.00 10.91
C ILE C 526 19.48 13.58 10.33
N TYR C 527 19.62 13.62 9.00
CA TYR C 527 20.86 13.24 8.36
C TYR C 527 21.99 14.18 8.75
N CYS C 528 21.72 15.49 8.79
CA CYS C 528 22.75 16.44 9.16
C CYS C 528 23.14 16.28 10.62
N LEU C 529 22.20 15.92 11.49
CA LEU C 529 22.57 15.66 12.88
C LEU C 529 23.51 14.45 12.98
N VAL C 530 23.17 13.36 12.28
CA VAL C 530 24.05 12.19 12.28
C VAL C 530 25.40 12.51 11.68
N LEU C 531 25.40 13.24 10.56
CA LEU C 531 26.62 13.70 9.91
C LEU C 531 27.50 14.47 10.87
N LEU C 532 26.93 15.41 11.60
CA LEU C 532 27.71 16.24 12.52
C LEU C 532 28.25 15.42 13.68
N ALA C 533 27.46 14.48 14.20
CA ALA C 533 27.94 13.60 15.26
C ALA C 533 29.17 12.82 14.82
N PHE C 534 29.08 12.18 13.66
CA PHE C 534 30.20 11.34 13.23
C PHE C 534 31.37 12.16 12.74
N ALA C 535 31.13 13.37 12.22
CA ALA C 535 32.22 14.26 11.89
C ALA C 535 32.97 14.69 13.13
N ASN C 536 32.23 15.01 14.21
CA ASN C 536 32.87 15.30 15.48
C ASN C 536 33.77 14.16 15.92
N GLY C 537 33.24 12.93 15.91
CA GLY C 537 34.05 11.79 16.34
C GLY C 537 35.27 11.55 15.48
N LEU C 538 35.09 11.53 14.15
CA LEU C 538 36.19 11.27 13.24
C LEU C 538 37.25 12.36 13.29
N ASN C 539 36.84 13.63 13.38
CA ASN C 539 37.82 14.70 13.46
C ASN C 539 38.55 14.66 14.79
N GLN C 540 37.85 14.39 15.89
CA GLN C 540 38.50 14.26 17.17
C GLN C 540 39.54 13.15 17.16
N LEU C 541 39.25 12.08 16.43
CA LEU C 541 40.24 11.01 16.29
C LEU C 541 41.43 11.44 15.45
N TYR C 542 41.18 11.91 14.24
CA TYR C 542 42.21 12.03 13.20
C TYR C 542 42.87 13.40 13.13
N PHE C 543 42.52 14.35 13.99
CA PHE C 543 43.10 15.67 13.83
C PHE C 543 44.57 15.75 14.25
N TYR C 544 45.09 14.72 14.90
CA TYR C 544 46.51 14.72 15.25
C TYR C 544 47.37 14.43 14.02
N TYR C 545 46.90 13.58 13.14
CA TYR C 545 47.67 13.10 12.00
C TYR C 545 47.52 13.97 10.77
N GLU C 546 47.14 15.23 10.94
CA GLU C 546 47.06 16.14 9.82
C GLU C 546 48.44 16.37 9.22
N THR C 547 48.63 15.93 7.99
CA THR C 547 49.88 16.13 7.29
C THR C 547 49.84 17.43 6.50
N ARG C 548 51.00 18.04 6.34
CA ARG C 548 51.11 19.30 5.62
C ARG C 548 51.05 19.03 4.12
N ALA C 549 50.45 19.98 3.39
CA ALA C 549 50.19 19.77 1.96
C ALA C 549 51.46 19.50 1.17
N ILE C 550 52.60 20.01 1.63
CA ILE C 550 53.86 19.75 0.96
C ILE C 550 54.21 18.27 1.05
N ASP C 551 53.90 17.64 2.17
CA ASP C 551 54.25 16.24 2.39
C ASP C 551 53.41 15.27 1.57
N GLU C 552 52.39 15.75 0.89
CA GLU C 552 51.54 14.86 0.11
C GLU C 552 52.14 14.62 -1.27
N PRO C 553 51.75 13.51 -1.92
CA PRO C 553 52.37 13.14 -3.19
C PRO C 553 52.53 14.26 -4.20
N ASN C 554 51.43 14.87 -4.63
CA ASN C 554 51.47 15.88 -5.69
C ASN C 554 51.24 17.29 -5.14
N ASN C 555 51.65 17.52 -3.89
CA ASN C 555 51.38 18.77 -3.18
C ASN C 555 49.88 19.06 -3.14
N CYS C 556 49.10 18.00 -2.97
CA CYS C 556 47.64 18.08 -2.98
C CYS C 556 47.13 17.55 -1.65
N LYS C 557 46.34 18.34 -0.95
CA LYS C 557 45.79 17.98 0.35
C LYS C 557 44.27 17.91 0.27
N GLY C 558 43.71 16.86 0.84
CA GLY C 558 42.27 16.69 0.86
C GLY C 558 41.82 15.50 0.04
N ILE C 559 40.49 15.37 -0.05
CA ILE C 559 39.86 14.22 -0.68
C ILE C 559 39.52 14.45 -2.15
N ARG C 560 39.81 15.63 -2.68
CA ARG C 560 39.69 15.85 -4.12
C ARG C 560 41.00 15.64 -4.85
N CYS C 561 41.89 14.82 -4.30
CA CYS C 561 43.15 14.48 -4.91
C CYS C 561 43.06 13.08 -5.52
N GLU C 562 44.06 12.76 -6.35
CA GLU C 562 44.21 11.38 -6.82
C GLU C 562 44.41 10.43 -5.66
N LYS C 563 45.38 10.74 -4.80
CA LYS C 563 45.58 10.09 -3.51
C LYS C 563 44.82 10.89 -2.47
N GLN C 564 43.59 10.48 -2.17
CA GLN C 564 42.85 11.11 -1.10
C GLN C 564 43.61 11.01 0.20
N ASN C 565 43.65 12.11 0.93
CA ASN C 565 44.42 12.19 2.16
C ASN C 565 43.80 13.27 3.01
N ASN C 566 44.11 13.23 4.29
CA ASN C 566 43.61 14.23 5.24
C ASN C 566 42.09 14.32 5.19
N ALA C 567 41.44 13.16 5.15
CA ALA C 567 39.99 13.12 5.03
C ALA C 567 39.30 13.63 6.29
N PHE C 568 39.87 13.38 7.45
CA PHE C 568 39.26 13.73 8.73
C PHE C 568 40.21 14.60 9.56
N SER C 569 41.07 15.36 8.90
CA SER C 569 42.04 16.18 9.61
C SER C 569 41.42 17.45 10.16
N THR C 570 40.42 18.00 9.48
CA THR C 570 39.69 19.17 9.94
C THR C 570 38.20 18.85 9.95
N LEU C 571 37.42 19.74 10.53
CA LEU C 571 35.99 19.51 10.63
C LEU C 571 35.27 19.70 9.30
N PHE C 572 35.62 20.76 8.57
CA PHE C 572 34.98 21.00 7.28
C PHE C 572 35.32 19.89 6.29
N GLU C 573 36.59 19.49 6.26
CA GLU C 573 37.00 18.36 5.41
C GLU C 573 36.27 17.07 5.82
N THR C 574 36.17 16.78 7.12
CA THR C 574 35.46 15.58 7.60
C THR C 574 34.03 15.62 7.12
N LEU C 575 33.39 16.79 7.19
CA LEU C 575 31.98 16.94 6.75
C LEU C 575 31.90 16.63 5.27
N GLN C 576 32.83 17.14 4.45
CA GLN C 576 32.88 16.83 3.03
C GLN C 576 33.13 15.35 2.79
N SER C 577 34.04 14.75 3.56
CA SER C 577 34.38 13.35 3.39
C SER C 577 33.20 12.44 3.69
N LEU C 578 32.45 12.73 4.77
CA LEU C 578 31.29 11.92 5.08
C LEU C 578 30.20 12.09 4.02
N PHE C 579 30.00 13.33 3.57
CA PHE C 579 29.07 13.57 2.47
C PHE C 579 29.42 12.73 1.25
N TRP C 580 30.70 12.71 0.88
CA TRP C 580 31.10 12.01 -0.32
C TRP C 580 31.18 10.51 -0.14
N SER C 581 31.36 10.05 1.09
CA SER C 581 31.21 8.64 1.41
C SER C 581 29.80 8.17 1.18
N VAL C 582 28.81 9.05 1.40
CA VAL C 582 27.43 8.71 1.04
C VAL C 582 27.33 8.21 -0.40
N PHE C 583 28.17 8.71 -1.29
CA PHE C 583 28.14 8.33 -2.69
C PHE C 583 29.26 7.38 -3.09
N GLY C 584 30.01 6.86 -2.12
CA GLY C 584 31.08 5.93 -2.41
C GLY C 584 32.31 6.56 -3.03
N LEU C 585 32.42 7.88 -3.02
CA LEU C 585 33.57 8.54 -3.62
C LEU C 585 34.71 8.77 -2.63
N LEU C 586 34.55 8.35 -1.38
CA LEU C 586 35.62 8.35 -0.41
C LEU C 586 36.21 6.94 -0.32
N ASN C 587 37.49 6.82 -0.63
CA ASN C 587 38.18 5.55 -0.58
C ASN C 587 38.44 5.14 0.86
N LEU C 588 38.72 3.86 1.05
CA LEU C 588 38.90 3.34 2.40
C LEU C 588 40.26 3.70 2.99
N TYR C 589 41.29 3.85 2.16
CA TYR C 589 42.63 4.09 2.67
C TYR C 589 42.75 5.42 3.40
N VAL C 590 41.75 6.31 3.25
CA VAL C 590 41.73 7.55 4.01
C VAL C 590 41.61 7.31 5.51
N THR C 591 41.26 6.09 5.93
CA THR C 591 41.09 5.79 7.36
C THR C 591 42.38 5.29 7.92
N ASN C 592 43.49 5.53 7.21
CA ASN C 592 44.82 4.99 7.62
C ASN C 592 45.76 6.17 7.85
N VAL C 593 46.62 6.10 8.87
CA VAL C 593 47.54 7.22 9.24
C VAL C 593 48.99 6.83 8.85
N LYS C 594 49.86 7.80 8.60
CA LYS C 594 51.25 7.49 8.27
C LYS C 594 51.95 6.77 9.42
N ALA C 595 51.62 7.14 10.66
CA ALA C 595 52.23 6.51 11.82
C ALA C 595 51.85 5.04 11.97
N ARG C 596 50.85 4.58 11.22
CA ARG C 596 50.40 3.19 11.27
C ARG C 596 50.02 2.78 12.69
N HIS C 597 49.12 3.55 13.28
CA HIS C 597 48.56 3.27 14.60
C HIS C 597 47.35 2.38 14.39
N GLU C 598 47.54 1.07 14.53
CA GLU C 598 46.53 0.12 14.09
C GLU C 598 45.23 0.23 14.89
N PHE C 599 45.32 0.50 16.19
CA PHE C 599 44.09 0.67 16.98
C PHE C 599 43.34 1.93 16.58
N THR C 600 44.04 3.05 16.38
CA THR C 600 43.39 4.31 15.95
C THR C 600 42.81 4.15 14.56
N GLU C 601 43.51 3.43 13.67
CA GLU C 601 43.05 3.25 12.28
C GLU C 601 41.85 2.29 12.26
N PHE C 602 41.81 1.32 13.16
CA PHE C 602 40.63 0.47 13.26
C PHE C 602 39.44 1.22 13.84
N VAL C 603 39.68 2.07 14.85
CA VAL C 603 38.59 2.84 15.44
C VAL C 603 38.03 3.83 14.43
N GLY C 604 38.90 4.46 13.64
CA GLY C 604 38.42 5.33 12.58
C GLY C 604 37.65 4.59 11.50
N ALA C 605 38.15 3.42 11.09
CA ALA C 605 37.44 2.61 10.12
C ALA C 605 36.10 2.13 10.64
N THR C 606 36.00 1.87 11.95
CA THR C 606 34.73 1.44 12.52
C THR C 606 33.75 2.59 12.70
N MET C 607 34.25 3.79 13.02
CA MET C 607 33.39 4.98 12.96
C MET C 607 32.88 5.20 11.54
N PHE C 608 33.76 5.06 10.56
CA PHE C 608 33.37 5.22 9.17
C PHE C 608 32.36 4.17 8.74
N GLY C 609 32.55 2.92 9.18
CA GLY C 609 31.60 1.87 8.88
C GLY C 609 30.26 2.07 9.56
N THR C 610 30.27 2.54 10.81
CA THR C 610 29.01 2.84 11.49
C THR C 610 28.29 3.99 10.82
N TYR C 611 29.03 5.01 10.38
CA TYR C 611 28.40 6.08 9.62
C TYR C 611 27.78 5.56 8.32
N ASN C 612 28.49 4.67 7.63
CA ASN C 612 27.96 4.12 6.39
C ASN C 612 26.71 3.29 6.62
N VAL C 613 26.69 2.51 7.70
CA VAL C 613 25.50 1.73 8.02
C VAL C 613 24.34 2.65 8.42
N ILE C 614 24.61 3.65 9.26
CA ILE C 614 23.54 4.51 9.75
C ILE C 614 22.95 5.35 8.64
N SER C 615 23.80 5.86 7.74
CA SER C 615 23.32 6.76 6.70
C SER C 615 22.83 6.01 5.47
N LEU C 616 23.65 5.10 4.97
CA LEU C 616 23.40 4.53 3.65
C LEU C 616 22.33 3.46 3.65
N VAL C 617 22.16 2.74 4.75
CA VAL C 617 21.21 1.63 4.76
C VAL C 617 20.27 1.73 5.95
N VAL C 618 20.17 2.92 6.55
CA VAL C 618 19.16 3.14 7.58
C VAL C 618 18.38 4.41 7.26
N LEU C 619 19.09 5.53 7.12
CA LEU C 619 18.43 6.80 6.86
C LEU C 619 17.98 6.95 5.41
N LEU C 620 18.75 6.43 4.46
CA LEU C 620 18.30 6.45 3.07
C LEU C 620 17.06 5.59 2.89
N ASN C 621 16.98 4.48 3.61
CA ASN C 621 15.78 3.65 3.53
C ASN C 621 14.62 4.26 4.32
N MET C 622 14.92 5.00 5.40
CA MET C 622 13.94 5.92 5.96
C MET C 622 13.36 6.80 4.88
N LEU C 623 14.23 7.42 4.08
CA LEU C 623 13.78 8.33 3.03
C LEU C 623 12.92 7.59 2.02
N ILE C 624 13.32 6.39 1.63
CA ILE C 624 12.56 5.65 0.61
C ILE C 624 11.17 5.32 1.11
N ALA C 625 11.07 4.78 2.33
CA ALA C 625 9.76 4.43 2.88
C ALA C 625 8.89 5.66 3.11
N MET C 626 9.49 6.72 3.67
CA MET C 626 8.76 7.96 3.90
C MET C 626 8.25 8.56 2.59
N MET C 627 9.08 8.50 1.55
CA MET C 627 8.66 8.99 0.25
C MET C 627 7.52 8.16 -0.31
N ASN C 628 7.57 6.83 -0.15
CA ASN C 628 6.47 6.01 -0.65
C ASN C 628 5.15 6.36 0.06
N ASN C 629 5.20 6.53 1.38
CA ASN C 629 3.99 6.90 2.11
C ASN C 629 3.47 8.25 1.63
N SER C 630 4.34 9.27 1.65
CA SER C 630 3.93 10.60 1.23
C SER C 630 3.46 10.60 -0.22
N TYR C 631 4.00 9.72 -1.05
CA TYR C 631 3.63 9.68 -2.45
C TYR C 631 2.26 9.06 -2.65
N GLN C 632 1.89 8.08 -1.82
CA GLN C 632 0.52 7.60 -1.83
C GLN C 632 -0.45 8.71 -1.43
N LEU C 633 -0.14 9.41 -0.34
CA LEU C 633 -0.97 10.54 0.06
C LEU C 633 -1.04 11.60 -1.03
N ILE C 634 0.04 11.80 -1.77
CA ILE C 634 0.03 12.74 -2.91
C ILE C 634 -0.91 12.23 -3.99
N ALA C 635 -0.67 11.01 -4.47
CA ALA C 635 -1.37 10.47 -5.62
C ALA C 635 -2.87 10.44 -5.38
N ASP C 636 -3.31 10.45 -4.13
CA ASP C 636 -4.75 10.56 -3.88
C ASP C 636 -5.32 11.87 -4.43
N HIS C 637 -4.64 13.00 -4.19
CA HIS C 637 -5.15 14.33 -4.54
C HIS C 637 -4.36 15.04 -5.63
N ALA C 638 -3.44 14.35 -6.30
CA ALA C 638 -2.51 15.01 -7.22
C ALA C 638 -3.24 15.72 -8.35
N ASP C 639 -4.37 15.20 -8.82
CA ASP C 639 -5.08 15.84 -9.92
C ASP C 639 -5.60 17.21 -9.51
N ILE C 640 -6.22 17.29 -8.34
CA ILE C 640 -6.75 18.56 -7.85
C ILE C 640 -5.60 19.54 -7.57
N GLU C 641 -4.52 19.05 -6.98
CA GLU C 641 -3.38 19.91 -6.70
C GLU C 641 -2.78 20.47 -7.99
N TRP C 642 -2.62 19.62 -8.99
CA TRP C 642 -2.04 20.08 -10.25
C TRP C 642 -2.98 21.05 -10.96
N LYS C 643 -4.29 20.79 -10.94
CA LYS C 643 -5.21 21.70 -11.60
C LYS C 643 -5.23 23.06 -10.91
N PHE C 644 -5.12 23.08 -9.58
CA PHE C 644 -5.02 24.36 -8.88
C PHE C 644 -3.75 25.11 -9.25
N ALA C 645 -2.62 24.40 -9.30
CA ALA C 645 -1.36 25.03 -9.65
C ALA C 645 -1.39 25.55 -11.10
N ARG C 646 -1.99 24.78 -12.01
CA ARG C 646 -2.10 25.21 -13.39
C ARG C 646 -3.05 26.39 -13.53
N THR C 647 -4.11 26.45 -12.72
CA THR C 647 -4.96 27.62 -12.72
C THR C 647 -4.21 28.85 -12.26
N LYS C 648 -3.37 28.71 -11.22
CA LYS C 648 -2.54 29.85 -10.81
C LYS C 648 -1.61 30.30 -11.93
N LEU C 649 -0.96 29.33 -12.59
CA LEU C 649 -0.08 29.63 -13.70
C LEU C 649 -0.83 30.35 -14.81
N TRP C 650 -2.02 29.86 -15.17
CA TRP C 650 -2.81 30.47 -16.23
C TRP C 650 -3.24 31.87 -15.85
N MET C 651 -3.73 32.05 -14.62
CA MET C 651 -4.16 33.36 -14.15
C MET C 651 -3.02 34.36 -14.17
N SER C 652 -1.79 33.89 -13.99
CA SER C 652 -0.64 34.79 -14.08
C SER C 652 -0.48 35.40 -15.47
N TYR C 653 -1.10 34.80 -16.49
CA TYR C 653 -1.02 35.33 -17.85
C TYR C 653 -2.29 36.01 -18.32
N PHE C 654 -3.31 36.13 -17.46
CA PHE C 654 -4.54 36.80 -17.85
C PHE C 654 -4.47 38.31 -17.68
N ASP C 655 -3.50 38.81 -16.93
CA ASP C 655 -3.41 40.22 -16.61
C ASP C 655 -2.57 40.96 -17.64
N GLU C 656 -2.88 42.25 -17.82
CA GLU C 656 -2.16 43.06 -18.80
C GLU C 656 -0.74 43.35 -18.36
N GLY C 657 -0.53 43.53 -17.05
CA GLY C 657 0.81 43.79 -16.55
C GLY C 657 1.70 42.57 -16.74
N GLY C 658 2.89 42.78 -17.28
CA GLY C 658 3.77 41.68 -17.58
C GLY C 658 3.52 41.03 -18.91
N THR C 659 2.95 41.76 -19.87
CA THR C 659 2.69 41.19 -21.19
C THR C 659 4.00 40.89 -21.92
N LEU C 660 4.89 41.87 -21.98
CA LEU C 660 6.12 41.74 -22.74
C LEU C 660 7.13 40.89 -21.96
N PRO C 661 7.68 39.84 -22.55
CA PRO C 661 8.71 39.06 -21.86
C PRO C 661 10.06 39.76 -21.94
N PRO C 662 10.99 39.43 -21.06
CA PRO C 662 12.35 39.94 -21.22
C PRO C 662 12.93 39.49 -22.54
N PRO C 663 13.77 40.32 -23.16
CA PRO C 663 14.27 41.60 -22.68
C PRO C 663 13.39 42.80 -23.01
N PHE C 664 12.24 42.58 -23.63
CA PHE C 664 11.42 43.69 -24.11
C PHE C 664 10.63 44.39 -23.02
N ASN C 665 10.58 43.83 -21.81
CA ASN C 665 9.82 44.46 -20.75
C ASN C 665 10.49 45.70 -20.18
N ILE C 666 11.74 45.98 -20.58
CA ILE C 666 12.45 47.15 -20.10
C ILE C 666 12.58 48.14 -21.25
N ILE C 667 11.59 48.14 -22.14
CA ILE C 667 11.54 49.04 -23.30
C ILE C 667 12.71 48.76 -24.23
N SER C 709 -23.29 47.67 -10.69
CA SER C 709 -22.82 47.09 -9.45
C SER C 709 -23.98 46.44 -8.69
N LEU C 710 -25.05 47.20 -8.48
CA LEU C 710 -26.21 46.67 -7.78
C LEU C 710 -26.87 45.56 -8.59
N ILE C 711 -26.96 45.73 -9.90
CA ILE C 711 -27.55 44.70 -10.75
C ILE C 711 -26.67 43.46 -10.77
N GLN C 712 -25.35 43.64 -10.64
CA GLN C 712 -24.46 42.49 -10.54
C GLN C 712 -24.75 41.69 -9.28
N ASN C 713 -25.00 42.38 -8.16
CA ASN C 713 -25.38 41.70 -6.94
C ASN C 713 -26.73 41.01 -7.07
N GLN C 714 -27.67 41.65 -7.79
CA GLN C 714 -28.97 41.04 -7.99
C GLN C 714 -28.86 39.73 -8.78
N HIS C 715 -28.08 39.76 -9.86
CA HIS C 715 -27.91 38.56 -10.68
C HIS C 715 -27.18 37.47 -9.90
N TYR C 716 -26.17 37.85 -9.12
CA TYR C 716 -25.49 36.88 -8.29
C TYR C 716 -26.44 36.28 -7.26
N GLN C 717 -27.31 37.09 -6.66
CA GLN C 717 -28.22 36.58 -5.66
C GLN C 717 -29.27 35.66 -6.27
N GLU C 718 -29.73 35.95 -7.49
CA GLU C 718 -30.65 35.03 -8.16
C GLU C 718 -29.98 33.70 -8.50
N VAL C 719 -28.76 33.75 -9.05
CA VAL C 719 -28.04 32.52 -9.36
C VAL C 719 -27.77 31.73 -8.08
N ILE C 720 -27.45 32.42 -6.98
CA ILE C 720 -27.20 31.76 -5.71
C ILE C 720 -28.48 31.15 -5.16
N ARG C 721 -29.60 31.85 -5.31
CA ARG C 721 -30.89 31.30 -4.93
C ARG C 721 -31.15 29.97 -5.64
N ASN C 722 -30.97 29.96 -6.96
CA ASN C 722 -31.20 28.74 -7.74
C ASN C 722 -30.23 27.64 -7.33
N LEU C 723 -28.95 27.95 -7.17
CA LEU C 723 -27.97 26.93 -6.81
C LEU C 723 -28.23 26.38 -5.41
N VAL C 724 -28.64 27.23 -4.47
CA VAL C 724 -28.94 26.76 -3.13
C VAL C 724 -30.15 25.84 -3.15
N LYS C 725 -31.18 26.20 -3.93
CA LYS C 725 -32.33 25.31 -4.05
C LYS C 725 -31.93 23.96 -4.62
N ARG C 726 -31.13 23.96 -5.69
CA ARG C 726 -30.70 22.71 -6.29
C ARG C 726 -29.86 21.88 -5.32
N TYR C 727 -28.95 22.53 -4.60
CA TYR C 727 -28.09 21.82 -3.66
C TYR C 727 -28.90 21.25 -2.51
N VAL C 728 -29.88 22.00 -2.01
CA VAL C 728 -30.73 21.51 -0.92
C VAL C 728 -31.50 20.28 -1.37
N ALA C 729 -32.11 20.36 -2.56
CA ALA C 729 -32.82 19.20 -3.09
C ALA C 729 -31.88 18.01 -3.27
N ALA C 730 -30.68 18.25 -3.79
CA ALA C 730 -29.73 17.17 -4.04
C ALA C 730 -29.32 16.50 -2.73
N MET C 731 -29.03 17.28 -1.69
CA MET C 731 -28.60 16.68 -0.43
C MET C 731 -29.75 15.99 0.29
N ILE C 732 -30.97 16.52 0.16
CA ILE C 732 -32.13 15.84 0.72
C ILE C 732 -32.32 14.49 0.05
N ARG C 733 -32.19 14.43 -1.27
CA ARG C 733 -32.30 13.14 -1.95
C ARG C 733 -31.14 12.21 -1.58
N ASN C 734 -29.92 12.74 -1.48
CA ASN C 734 -28.78 11.91 -1.10
C ASN C 734 -28.91 11.37 0.32
N SER C 735 -29.71 12.03 1.17
CA SER C 735 -30.06 11.42 2.45
C SER C 735 -30.88 10.16 2.25
N LYS C 736 -31.78 10.18 1.28
CA LYS C 736 -32.61 9.02 0.95
C LYS C 736 -31.96 8.13 -0.10
N PRO D 1 -13.02 -45.00 -17.81
CA PRO D 1 -12.89 -43.65 -17.26
C PRO D 1 -12.25 -43.63 -15.88
N GLU D 2 -11.23 -42.80 -15.71
CA GLU D 2 -10.53 -42.68 -14.43
C GLU D 2 -11.32 -41.74 -13.53
N PHE D 3 -11.96 -42.29 -12.51
CA PHE D 3 -12.79 -41.53 -11.59
C PHE D 3 -12.02 -41.14 -10.35
N MET D 4 -12.43 -40.05 -9.73
CA MET D 4 -11.94 -39.66 -8.40
C MET D 4 -12.78 -40.40 -7.37
N ALA D 5 -12.28 -41.53 -6.91
CA ALA D 5 -13.00 -42.37 -5.96
C ALA D 5 -12.63 -42.00 -4.53
N GLN D 6 -13.45 -42.49 -3.59
CA GLN D 6 -13.24 -42.28 -2.16
C GLN D 6 -13.15 -40.79 -1.83
N LEU D 7 -14.09 -40.02 -2.38
CA LEU D 7 -14.19 -38.61 -2.02
C LEU D 7 -15.01 -38.43 -0.75
N TYR D 8 -16.24 -38.96 -0.74
CA TYR D 8 -17.12 -38.86 0.41
C TYR D 8 -17.19 -40.13 1.24
N TYR D 9 -16.90 -41.28 0.67
CA TYR D 9 -17.07 -42.57 1.34
C TYR D 9 -15.84 -43.43 1.14
N LYS D 10 -15.60 -44.32 2.10
CA LYS D 10 -14.41 -45.17 2.05
C LYS D 10 -14.57 -46.29 1.03
N LYS D 11 -15.81 -46.68 0.73
CA LYS D 11 -16.07 -47.81 -0.16
C LYS D 11 -15.43 -47.59 -1.53
N VAL D 12 -14.86 -48.66 -2.07
CA VAL D 12 -14.21 -48.60 -3.36
C VAL D 12 -15.23 -48.77 -4.49
N ARG D 18 -20.52 -46.57 -9.94
CA ARG D 18 -19.11 -46.19 -10.01
C ARG D 18 -18.94 -44.77 -10.52
N ASP D 19 -19.84 -44.35 -11.41
CA ASP D 19 -19.79 -43.02 -12.00
C ASP D 19 -20.61 -42.00 -11.24
N ARG D 20 -21.19 -42.37 -10.12
CA ARG D 20 -22.04 -41.49 -9.33
C ARG D 20 -21.58 -41.52 -7.88
N ILE D 21 -21.86 -40.44 -7.16
CA ILE D 21 -21.62 -40.36 -5.72
C ILE D 21 -22.98 -40.51 -5.04
N PRO D 22 -23.28 -41.68 -4.44
CA PRO D 22 -24.57 -41.85 -3.76
C PRO D 22 -24.56 -41.15 -2.42
N LEU D 23 -25.40 -40.13 -2.27
CA LEU D 23 -25.41 -39.29 -1.09
C LEU D 23 -26.46 -39.81 -0.11
N GLN D 24 -26.02 -40.13 1.10
CA GLN D 24 -26.93 -40.46 2.19
C GLN D 24 -26.53 -39.67 3.43
N ILE D 25 -27.48 -39.58 4.37
CA ILE D 25 -27.22 -38.93 5.66
C ILE D 25 -26.30 -39.85 6.45
N VAL D 26 -25.02 -39.47 6.56
CA VAL D 26 -24.04 -40.36 7.18
C VAL D 26 -24.22 -40.40 8.69
N ARG D 27 -24.25 -39.23 9.33
CA ARG D 27 -24.48 -39.16 10.78
C ARG D 27 -25.97 -38.93 11.02
N ALA D 28 -26.74 -39.98 10.77
CA ALA D 28 -28.18 -39.92 10.96
C ALA D 28 -28.50 -39.83 12.45
N GLU D 29 -29.43 -38.94 12.78
CA GLU D 29 -29.83 -38.67 14.16
C GLU D 29 -31.31 -38.95 14.34
N THR D 30 -31.66 -39.44 15.52
CA THR D 30 -33.02 -39.88 15.82
C THR D 30 -34.02 -38.74 15.67
N GLU D 31 -34.92 -38.86 14.70
CA GLU D 31 -35.91 -37.83 14.43
C GLU D 31 -37.02 -37.84 15.49
N LEU D 32 -37.82 -36.79 15.49
CA LEU D 32 -38.95 -36.67 16.40
C LEU D 32 -40.20 -37.28 15.78
N SER D 33 -41.20 -37.49 16.63
CA SER D 33 -42.48 -38.02 16.16
C SER D 33 -43.23 -36.97 15.35
N ALA D 34 -44.28 -37.42 14.65
CA ALA D 34 -45.14 -36.49 13.92
C ALA D 34 -45.83 -35.54 14.88
N GLU D 35 -46.28 -36.05 16.03
CA GLU D 35 -46.86 -35.17 17.05
C GLU D 35 -45.83 -34.29 17.72
N GLU D 36 -44.60 -34.79 17.90
CA GLU D 36 -43.53 -33.94 18.40
C GLU D 36 -43.21 -32.83 17.40
N LYS D 37 -43.16 -33.17 16.12
CA LYS D 37 -42.96 -32.15 15.10
C LYS D 37 -44.11 -31.15 15.10
N ALA D 38 -45.33 -31.62 15.36
CA ALA D 38 -46.45 -30.70 15.49
C ALA D 38 -46.28 -29.77 16.69
N PHE D 39 -45.77 -30.31 17.80
CA PHE D 39 -45.52 -29.50 18.98
C PHE D 39 -44.51 -28.39 18.70
N LEU D 40 -43.41 -28.75 18.05
CA LEU D 40 -42.39 -27.74 17.73
C LEU D 40 -42.88 -26.77 16.66
N ASN D 41 -43.69 -27.24 15.72
CA ASN D 41 -44.26 -26.33 14.73
C ASN D 41 -45.22 -25.35 15.38
N ALA D 42 -45.99 -25.81 16.37
CA ALA D 42 -46.89 -24.92 17.09
C ALA D 42 -46.11 -23.89 17.89
N VAL D 43 -45.04 -24.31 18.57
CA VAL D 43 -44.28 -23.36 19.38
C VAL D 43 -43.53 -22.37 18.48
N GLU D 44 -43.13 -22.80 17.28
CA GLU D 44 -42.51 -21.87 16.34
C GLU D 44 -43.55 -20.91 15.78
N LYS D 45 -44.74 -21.40 15.46
CA LYS D 45 -45.77 -20.58 14.81
C LYS D 45 -46.34 -19.52 15.74
N GLY D 46 -46.47 -19.83 17.03
CA GLY D 46 -47.09 -18.92 17.96
C GLY D 46 -48.50 -19.29 18.38
N ASP D 47 -48.98 -20.48 18.02
CA ASP D 47 -50.30 -20.91 18.43
C ASP D 47 -50.31 -21.23 19.93
N TYR D 48 -50.69 -20.24 20.73
CA TYR D 48 -50.69 -20.40 22.19
C TYR D 48 -51.65 -21.51 22.62
N ALA D 49 -52.86 -21.51 22.06
CA ALA D 49 -53.85 -22.51 22.43
C ALA D 49 -53.40 -23.91 22.04
N THR D 50 -52.79 -24.05 20.86
CA THR D 50 -52.34 -25.37 20.40
C THR D 50 -51.26 -25.93 21.32
N VAL D 51 -50.28 -25.11 21.67
CA VAL D 51 -49.21 -25.56 22.58
C VAL D 51 -49.78 -25.89 23.94
N LYS D 52 -50.68 -25.03 24.45
CA LYS D 52 -51.30 -25.28 25.75
C LYS D 52 -52.03 -26.61 25.76
N GLN D 53 -52.84 -26.88 24.73
CA GLN D 53 -53.57 -28.14 24.65
C GLN D 53 -52.61 -29.32 24.52
N ALA D 54 -51.57 -29.18 23.69
CA ALA D 54 -50.65 -30.29 23.44
C ALA D 54 -49.94 -30.70 24.72
N LEU D 55 -49.40 -29.73 25.47
CA LEU D 55 -48.71 -30.14 26.68
C LEU D 55 -49.65 -30.44 27.83
N GLN D 56 -50.86 -29.87 27.83
CA GLN D 56 -51.86 -30.26 28.82
C GLN D 56 -52.23 -31.72 28.68
N GLU D 57 -52.41 -32.19 27.44
CA GLU D 57 -52.67 -33.61 27.24
C GLU D 57 -51.41 -34.45 27.41
N ALA D 58 -50.24 -33.88 27.13
CA ALA D 58 -48.99 -34.57 27.41
C ALA D 58 -48.80 -34.82 28.89
N GLU D 59 -49.38 -33.97 29.74
CA GLU D 59 -49.29 -34.18 31.18
C GLU D 59 -49.96 -35.49 31.58
N ILE D 60 -51.08 -35.83 30.94
CA ILE D 60 -51.85 -37.01 31.35
C ILE D 60 -51.06 -38.29 31.09
N TYR D 61 -50.75 -38.56 29.82
CA TYR D 61 -50.04 -39.76 29.43
C TYR D 61 -48.56 -39.44 29.19
N TYR D 62 -47.83 -40.39 28.61
CA TYR D 62 -46.43 -40.21 28.27
C TYR D 62 -46.18 -40.17 26.77
N ASN D 63 -47.24 -40.17 25.95
CA ASN D 63 -47.06 -40.32 24.50
C ASN D 63 -46.29 -39.13 23.91
N VAL D 64 -46.45 -37.95 24.51
CA VAL D 64 -45.76 -36.74 24.07
C VAL D 64 -44.63 -36.43 25.04
N ASN D 65 -43.53 -35.89 24.50
CA ASN D 65 -42.37 -35.53 25.30
C ASN D 65 -42.33 -34.02 25.52
N ILE D 66 -42.24 -33.61 26.78
CA ILE D 66 -42.13 -32.19 27.09
C ILE D 66 -40.77 -31.64 26.67
N ASN D 67 -39.70 -32.41 26.93
CA ASN D 67 -38.33 -31.99 26.63
C ASN D 67 -37.88 -32.45 25.26
N CYS D 68 -38.81 -32.59 24.31
CA CYS D 68 -38.45 -32.97 22.95
C CYS D 68 -37.47 -31.98 22.35
N MET D 69 -36.44 -32.51 21.69
CA MET D 69 -35.31 -31.72 21.21
C MET D 69 -35.24 -31.82 19.69
N ASP D 70 -35.19 -30.68 19.02
CA ASP D 70 -35.13 -30.65 17.56
C ASP D 70 -33.79 -31.19 17.07
N PRO D 71 -33.75 -31.71 15.84
CA PRO D 71 -32.46 -32.11 15.26
C PRO D 71 -31.42 -31.00 15.28
N LEU D 72 -31.82 -29.74 15.10
CA LEU D 72 -30.90 -28.62 15.21
C LEU D 72 -30.52 -28.31 16.66
N GLY D 73 -31.00 -29.08 17.62
CA GLY D 73 -30.60 -28.94 19.00
C GLY D 73 -31.43 -27.98 19.83
N ARG D 74 -32.36 -27.26 19.22
CA ARG D 74 -33.15 -26.26 19.93
C ARG D 74 -34.52 -26.84 20.29
N SER D 75 -34.80 -26.94 21.58
CA SER D 75 -36.07 -27.48 22.05
C SER D 75 -37.15 -26.42 21.88
N ALA D 76 -38.36 -26.70 22.38
CA ALA D 76 -39.47 -25.77 22.21
C ALA D 76 -39.18 -24.45 22.94
N LEU D 77 -38.58 -24.52 24.12
CA LEU D 77 -38.29 -23.31 24.89
C LEU D 77 -37.33 -22.40 24.14
N LEU D 78 -36.33 -22.98 23.46
CA LEU D 78 -35.38 -22.16 22.72
C LEU D 78 -36.03 -21.50 21.50
N ILE D 79 -36.96 -22.20 20.85
CA ILE D 79 -37.69 -21.57 19.75
C ILE D 79 -38.57 -20.45 20.27
N ALA D 80 -39.18 -20.64 21.44
CA ALA D 80 -39.96 -19.56 22.04
C ALA D 80 -39.07 -18.37 22.37
N ILE D 81 -37.87 -18.63 22.87
CA ILE D 81 -36.93 -17.55 23.18
C ILE D 81 -36.54 -16.80 21.92
N GLU D 82 -36.21 -17.53 20.86
CA GLU D 82 -35.75 -16.90 19.63
C GLU D 82 -36.83 -16.03 19.00
N ASN D 83 -38.10 -16.42 19.16
CA ASN D 83 -39.22 -15.65 18.65
C ASN D 83 -39.76 -14.64 19.66
N GLU D 84 -39.10 -14.51 20.81
CA GLU D 84 -39.53 -13.62 21.89
C GLU D 84 -41.00 -13.83 22.24
N ASN D 85 -41.41 -15.10 22.32
CA ASN D 85 -42.77 -15.42 22.74
C ASN D 85 -42.79 -15.57 24.26
N LEU D 86 -43.01 -14.45 24.94
CA LEU D 86 -43.01 -14.45 26.41
C LEU D 86 -44.13 -15.31 26.97
N GLU D 87 -45.30 -15.29 26.36
CA GLU D 87 -46.44 -16.04 26.89
C GLU D 87 -46.23 -17.54 26.76
N ILE D 88 -45.78 -17.99 25.58
CA ILE D 88 -45.48 -19.41 25.41
C ILE D 88 -44.33 -19.81 26.32
N MET D 89 -43.34 -18.92 26.49
CA MET D 89 -42.25 -19.20 27.43
C MET D 89 -42.78 -19.44 28.83
N GLU D 90 -43.67 -18.56 29.30
CA GLU D 90 -44.21 -18.69 30.64
C GLU D 90 -45.03 -19.96 30.78
N LEU D 91 -45.85 -20.28 29.77
CA LEU D 91 -46.66 -21.49 29.83
C LEU D 91 -45.77 -22.73 29.85
N LEU D 92 -44.70 -22.73 29.07
CA LEU D 92 -43.77 -23.86 29.08
C LEU D 92 -43.07 -23.99 30.43
N LEU D 93 -42.65 -22.86 31.02
CA LEU D 93 -41.96 -22.90 32.30
C LEU D 93 -42.88 -23.35 33.42
N ASN D 94 -44.16 -22.99 33.35
CA ASN D 94 -45.11 -23.43 34.37
C ASN D 94 -45.27 -24.94 34.34
N HIS D 95 -45.29 -25.54 33.15
CA HIS D 95 -45.51 -26.97 32.99
C HIS D 95 -44.22 -27.78 32.99
N SER D 96 -43.16 -27.24 33.59
CA SER D 96 -41.92 -27.97 33.85
C SER D 96 -41.25 -28.44 32.55
N VAL D 97 -40.94 -27.49 31.70
CA VAL D 97 -40.04 -27.73 30.57
C VAL D 97 -38.61 -27.65 31.07
N TYR D 98 -37.73 -28.50 30.52
CA TYR D 98 -36.32 -28.42 30.87
C TYR D 98 -35.80 -27.02 30.54
N VAL D 99 -35.13 -26.41 31.50
CA VAL D 99 -34.74 -25.01 31.41
C VAL D 99 -33.21 -24.92 31.43
N GLY D 100 -32.57 -25.98 30.95
CA GLY D 100 -31.11 -25.97 30.91
C GLY D 100 -30.61 -25.09 29.78
N ASP D 101 -29.73 -24.15 30.12
CA ASP D 101 -29.05 -23.28 29.16
C ASP D 101 -30.00 -22.40 28.36
N ALA D 102 -31.24 -22.24 28.81
CA ALA D 102 -32.14 -21.33 28.11
C ALA D 102 -31.84 -19.87 28.44
N LEU D 103 -31.37 -19.61 29.67
CA LEU D 103 -30.95 -18.26 30.02
C LEU D 103 -29.82 -17.79 29.15
N LEU D 104 -28.89 -18.68 28.80
CA LEU D 104 -27.78 -18.29 27.94
C LEU D 104 -28.26 -17.89 26.56
N TYR D 105 -29.21 -18.63 26.00
CA TYR D 105 -29.75 -18.26 24.69
C TYR D 105 -30.51 -16.94 24.77
N ALA D 106 -31.27 -16.72 25.85
CA ALA D 106 -31.95 -15.45 26.02
C ALA D 106 -30.96 -14.30 26.10
N ILE D 107 -29.87 -14.50 26.85
CA ILE D 107 -28.86 -13.46 27.01
C ILE D 107 -28.17 -13.15 25.69
N ARG D 108 -27.80 -14.19 24.95
CA ARG D 108 -27.15 -13.97 23.67
C ARG D 108 -28.09 -13.30 22.67
N LYS D 109 -29.39 -13.58 22.74
CA LYS D 109 -30.34 -12.88 21.90
C LYS D 109 -30.52 -11.43 22.35
N GLU D 110 -30.18 -11.12 23.60
CA GLU D 110 -30.18 -9.77 24.13
C GLU D 110 -31.59 -9.17 24.22
N VAL D 111 -32.54 -9.98 24.68
CA VAL D 111 -33.91 -9.53 24.92
C VAL D 111 -34.13 -9.51 26.42
N VAL D 112 -34.42 -8.33 26.96
CA VAL D 112 -34.46 -8.15 28.40
C VAL D 112 -35.66 -8.88 29.02
N GLY D 113 -36.80 -8.89 28.31
CA GLY D 113 -37.98 -9.51 28.87
C GLY D 113 -37.80 -11.00 29.11
N ALA D 114 -37.22 -11.70 28.14
CA ALA D 114 -36.99 -13.14 28.30
C ALA D 114 -35.99 -13.42 29.40
N VAL D 115 -34.94 -12.59 29.51
CA VAL D 115 -33.97 -12.78 30.56
C VAL D 115 -34.60 -12.60 31.93
N GLU D 116 -35.45 -11.58 32.09
CA GLU D 116 -36.16 -11.41 33.36
C GLU D 116 -37.07 -12.59 33.65
N LEU D 117 -37.79 -13.06 32.62
CA LEU D 117 -38.72 -14.18 32.82
C LEU D 117 -37.98 -15.44 33.24
N LEU D 118 -36.85 -15.74 32.61
CA LEU D 118 -36.10 -16.94 32.97
C LEU D 118 -35.34 -16.76 34.28
N LEU D 119 -35.00 -15.53 34.65
CA LEU D 119 -34.41 -15.27 35.95
C LEU D 119 -35.44 -15.35 37.07
N SER D 120 -36.73 -15.25 36.74
CA SER D 120 -37.80 -15.40 37.72
C SER D 120 -38.52 -16.73 37.53
N TYR D 121 -37.87 -17.68 36.86
CA TYR D 121 -38.49 -18.96 36.50
C TYR D 121 -39.80 -18.76 35.75
N GLN D 138 -26.99 -33.11 26.65
CA GLN D 138 -27.59 -32.63 25.41
C GLN D 138 -26.60 -31.78 24.62
N PHE D 139 -27.10 -31.15 23.56
CA PHE D 139 -26.29 -30.28 22.73
C PHE D 139 -26.56 -28.82 23.11
N SER D 140 -25.48 -28.06 23.27
CA SER D 140 -25.56 -26.64 23.58
C SER D 140 -24.67 -25.88 22.62
N GLU D 141 -25.04 -24.64 22.34
CA GLU D 141 -24.22 -23.75 21.53
C GLU D 141 -23.11 -23.09 22.32
N PHE D 142 -23.05 -23.31 23.63
CA PHE D 142 -22.10 -22.66 24.52
C PHE D 142 -21.22 -23.70 25.17
N THR D 143 -19.95 -23.36 25.35
CA THR D 143 -19.03 -24.23 26.06
C THR D 143 -19.46 -24.33 27.52
N PRO D 144 -19.29 -25.49 28.16
CA PRO D 144 -19.82 -25.66 29.53
C PRO D 144 -19.35 -24.63 30.55
N ASP D 145 -18.21 -23.96 30.34
CA ASP D 145 -17.73 -23.01 31.33
C ASP D 145 -18.53 -21.71 31.35
N ILE D 146 -19.33 -21.45 30.31
CA ILE D 146 -20.07 -20.20 30.21
C ILE D 146 -21.15 -20.15 31.29
N THR D 147 -21.17 -19.05 32.03
CA THR D 147 -22.22 -18.72 32.98
C THR D 147 -23.03 -17.53 32.46
N PRO D 148 -24.21 -17.26 33.03
CA PRO D 148 -24.99 -16.12 32.55
C PRO D 148 -24.27 -14.78 32.64
N ILE D 149 -23.54 -14.52 33.73
CA ILE D 149 -22.87 -13.23 33.86
C ILE D 149 -21.73 -13.11 32.86
N MET D 150 -20.97 -14.18 32.67
CA MET D 150 -19.89 -14.16 31.69
C MET D 150 -20.42 -13.92 30.28
N LEU D 151 -21.49 -14.62 29.91
CA LEU D 151 -22.05 -14.46 28.58
C LEU D 151 -22.65 -13.07 28.40
N ALA D 152 -23.32 -12.55 29.42
CA ALA D 152 -23.85 -11.19 29.34
C ALA D 152 -22.74 -10.18 29.18
N ALA D 153 -21.62 -10.38 29.87
CA ALA D 153 -20.48 -9.49 29.73
C ALA D 153 -19.84 -9.62 28.35
N HIS D 154 -19.88 -10.81 27.74
CA HIS D 154 -19.40 -10.94 26.37
C HIS D 154 -20.28 -10.21 25.38
N THR D 155 -21.57 -10.04 25.69
CA THR D 155 -22.48 -9.28 24.84
C THR D 155 -22.43 -7.78 25.10
N ASN D 156 -21.85 -7.37 26.22
CA ASN D 156 -21.70 -5.96 26.57
C ASN D 156 -23.04 -5.23 26.59
N ASN D 157 -24.06 -5.90 27.12
CA ASN D 157 -25.39 -5.32 27.23
C ASN D 157 -25.59 -4.81 28.65
N TYR D 158 -25.69 -3.49 28.79
CA TYR D 158 -25.75 -2.89 30.12
C TYR D 158 -27.01 -3.34 30.88
N GLU D 159 -28.14 -3.43 30.18
CA GLU D 159 -29.38 -3.81 30.85
C GLU D 159 -29.30 -5.24 31.39
N ILE D 160 -28.82 -6.17 30.58
CA ILE D 160 -28.75 -7.57 31.00
C ILE D 160 -27.69 -7.75 32.07
N ILE D 161 -26.53 -7.12 31.90
CA ILE D 161 -25.49 -7.21 32.93
C ILE D 161 -26.00 -6.65 34.24
N LYS D 162 -26.72 -5.52 34.19
CA LYS D 162 -27.28 -4.94 35.41
C LYS D 162 -28.30 -5.87 36.05
N LEU D 163 -29.15 -6.49 35.24
CA LEU D 163 -30.10 -7.47 35.76
C LEU D 163 -29.39 -8.60 36.48
N LEU D 164 -28.31 -9.12 35.88
CA LEU D 164 -27.64 -10.27 36.47
C LEU D 164 -26.80 -9.89 37.69
N VAL D 165 -26.28 -8.66 37.72
CA VAL D 165 -25.49 -8.25 38.88
C VAL D 165 -26.38 -7.88 40.05
N GLN D 166 -27.61 -7.39 39.79
CA GLN D 166 -28.52 -7.08 40.88
C GLN D 166 -28.82 -8.31 41.72
N LYS D 167 -29.00 -9.45 41.07
CA LYS D 167 -29.08 -10.74 41.75
C LYS D 167 -27.66 -11.25 41.90
N ARG D 168 -27.06 -10.98 43.06
CA ARG D 168 -25.60 -11.03 43.24
C ARG D 168 -24.97 -12.27 42.66
N VAL D 169 -24.10 -12.09 41.68
CA VAL D 169 -23.37 -13.17 41.03
C VAL D 169 -21.87 -12.97 41.26
N THR D 170 -21.09 -13.92 40.75
CA THR D 170 -19.64 -13.86 40.86
C THR D 170 -19.03 -14.29 39.53
N ILE D 171 -17.78 -13.88 39.32
CA ILE D 171 -16.94 -14.38 38.24
C ILE D 171 -15.70 -14.99 38.88
N PRO D 172 -15.31 -16.22 38.52
CA PRO D 172 -14.13 -16.81 39.13
C PRO D 172 -12.89 -15.96 38.89
N ARG D 173 -12.06 -15.86 39.91
CA ARG D 173 -10.89 -14.99 39.83
C ARG D 173 -9.78 -15.68 39.05
N PRO D 174 -9.30 -15.09 37.96
CA PRO D 174 -8.20 -15.72 37.22
C PRO D 174 -6.92 -15.68 38.03
N HIS D 175 -6.06 -16.68 37.79
CA HIS D 175 -4.80 -16.76 38.49
C HIS D 175 -3.77 -15.84 37.83
N GLN D 176 -2.62 -15.73 38.49
CA GLN D 176 -1.50 -15.00 37.88
C GLN D 176 -1.08 -15.69 36.59
N ILE D 177 -0.45 -14.91 35.71
CA ILE D 177 -0.04 -15.45 34.41
C ILE D 177 0.90 -16.63 34.61
N ARG D 178 1.93 -16.44 35.43
CA ARG D 178 2.90 -17.49 35.73
C ARG D 178 2.55 -18.08 37.09
N CYS D 179 1.51 -18.91 37.09
CA CYS D 179 1.05 -19.59 38.30
C CYS D 179 1.40 -21.07 38.23
N ASN D 180 1.75 -21.63 39.39
CA ASN D 180 2.22 -23.01 39.46
C ASN D 180 1.51 -23.81 40.55
N CYS D 181 0.29 -23.42 40.91
CA CYS D 181 -0.41 -24.13 41.96
C CYS D 181 -0.97 -25.45 41.43
N VAL D 182 -1.43 -26.28 42.36
CA VAL D 182 -1.92 -27.61 42.01
C VAL D 182 -3.09 -27.51 41.05
N GLU D 183 -4.00 -26.58 41.31
CA GLU D 183 -5.17 -26.41 40.42
C GLU D 183 -4.68 -26.15 38.99
N CYS D 184 -3.87 -25.11 38.81
CA CYS D 184 -3.38 -24.74 37.46
C CYS D 184 -2.65 -25.92 36.82
N VAL D 185 -1.70 -26.54 37.52
CA VAL D 185 -0.87 -27.63 36.92
C VAL D 185 -1.73 -28.86 36.61
N SER D 186 -2.87 -29.02 37.29
CA SER D 186 -3.72 -30.18 37.08
C SER D 186 -4.72 -29.94 35.97
N SER D 187 -5.34 -28.76 35.94
CA SER D 187 -6.29 -28.44 34.88
C SER D 187 -5.60 -28.38 33.53
N SER D 188 -4.44 -27.73 33.46
CA SER D 188 -3.75 -27.60 32.18
C SER D 188 -3.15 -28.92 31.70
N GLU D 189 -2.96 -29.89 32.58
CA GLU D 189 -2.48 -31.20 32.13
C GLU D 189 -3.61 -32.16 31.80
N VAL D 190 -4.72 -32.09 32.52
CA VAL D 190 -5.86 -32.95 32.21
C VAL D 190 -6.58 -32.45 30.96
N ASP D 191 -6.83 -31.14 30.87
CA ASP D 191 -7.58 -30.58 29.75
C ASP D 191 -7.04 -29.17 29.50
N SER D 192 -6.09 -29.08 28.58
CA SER D 192 -5.47 -27.79 28.27
C SER D 192 -6.40 -26.89 27.47
N LEU D 193 -7.13 -27.48 26.52
CA LEU D 193 -8.03 -26.69 25.67
C LEU D 193 -9.11 -26.01 26.50
N ARG D 194 -9.77 -26.78 27.36
CA ARG D 194 -10.81 -26.22 28.21
C ARG D 194 -10.26 -25.17 29.16
N HIS D 195 -9.08 -25.40 29.72
CA HIS D 195 -8.49 -24.45 30.65
C HIS D 195 -8.18 -23.13 29.96
N SER D 196 -7.59 -23.20 28.77
CA SER D 196 -7.30 -21.98 28.01
C SER D 196 -8.59 -21.25 27.64
N ARG D 197 -9.61 -22.00 27.20
CA ARG D 197 -10.88 -21.39 26.82
C ARG D 197 -11.53 -20.70 28.02
N SER D 198 -11.52 -21.35 29.18
CA SER D 198 -12.11 -20.77 30.38
C SER D 198 -11.37 -19.50 30.79
N ARG D 199 -10.03 -19.52 30.71
CA ARG D 199 -9.26 -18.33 31.04
C ARG D 199 -9.63 -17.17 30.11
N LEU D 200 -9.68 -17.44 28.81
CA LEU D 200 -10.03 -16.39 27.87
C LEU D 200 -11.46 -15.89 28.08
N ASN D 201 -12.38 -16.78 28.42
CA ASN D 201 -13.77 -16.37 28.66
C ASN D 201 -13.88 -15.48 29.88
N ILE D 202 -13.17 -15.84 30.95
CA ILE D 202 -13.15 -15.01 32.16
C ILE D 202 -12.60 -13.63 31.83
N TYR D 203 -11.52 -13.58 31.06
CA TYR D 203 -10.93 -12.28 30.74
C TYR D 203 -11.82 -11.48 29.78
N LYS D 204 -12.56 -12.16 28.92
CA LYS D 204 -13.51 -11.48 28.05
C LYS D 204 -14.65 -10.89 28.86
N ALA D 205 -15.08 -11.59 29.91
CA ALA D 205 -16.11 -11.05 30.78
C ALA D 205 -15.59 -9.85 31.57
N LEU D 206 -14.39 -9.98 32.15
CA LEU D 206 -13.85 -8.91 32.98
C LEU D 206 -13.53 -7.68 32.16
N ALA D 207 -13.04 -7.85 30.94
CA ALA D 207 -12.71 -6.73 30.06
C ALA D 207 -13.92 -6.08 29.44
N SER D 208 -15.11 -6.40 29.89
CA SER D 208 -16.32 -5.83 29.31
C SER D 208 -16.50 -4.40 29.79
N PRO D 209 -16.60 -3.41 28.90
CA PRO D 209 -16.77 -2.03 29.35
C PRO D 209 -18.01 -1.82 30.21
N SER D 210 -19.09 -2.52 29.92
CA SER D 210 -20.30 -2.38 30.72
C SER D 210 -20.11 -2.95 32.12
N LEU D 211 -19.44 -4.09 32.24
CA LEU D 211 -19.18 -4.68 33.55
C LEU D 211 -18.18 -3.87 34.37
N ILE D 212 -17.13 -3.33 33.72
CA ILE D 212 -16.22 -2.44 34.43
C ILE D 212 -16.94 -1.18 34.88
N ALA D 213 -17.74 -0.58 34.01
CA ALA D 213 -18.48 0.62 34.38
C ALA D 213 -19.42 0.36 35.52
N LEU D 214 -20.12 -0.78 35.48
CA LEU D 214 -21.15 -1.08 36.46
C LEU D 214 -20.57 -1.47 37.82
N SER D 215 -19.54 -2.33 37.84
CA SER D 215 -19.19 -3.03 39.06
C SER D 215 -17.74 -2.83 39.51
N SER D 216 -17.02 -1.90 38.88
CA SER D 216 -15.62 -1.62 39.29
C SER D 216 -15.58 -0.36 40.17
N GLU D 217 -14.84 -0.46 41.26
CA GLU D 217 -14.72 0.71 42.13
C GLU D 217 -14.05 1.87 41.42
N ASP D 218 -12.99 1.59 40.67
CA ASP D 218 -12.27 2.59 39.87
C ASP D 218 -12.24 2.07 38.44
N PRO D 219 -13.19 2.46 37.60
CA PRO D 219 -13.23 1.93 36.23
C PRO D 219 -11.98 2.25 35.42
N ILE D 220 -11.41 3.40 35.69
CA ILE D 220 -10.24 3.81 34.84
C ILE D 220 -9.01 3.01 35.26
N LEU D 221 -8.80 2.85 36.55
CA LEU D 221 -7.70 2.03 37.04
C LEU D 221 -7.90 0.56 36.69
N THR D 222 -9.14 0.07 36.77
CA THR D 222 -9.42 -1.30 36.38
C THR D 222 -9.13 -1.52 34.91
N ALA D 223 -9.50 -0.57 34.05
CA ALA D 223 -9.19 -0.67 32.64
C ALA D 223 -7.68 -0.65 32.41
N PHE D 224 -6.95 0.21 33.12
CA PHE D 224 -5.49 0.24 33.01
C PHE D 224 -4.88 -1.11 33.34
N ARG D 225 -5.20 -1.62 34.53
CA ARG D 225 -4.62 -2.87 35.00
C ARG D 225 -5.01 -4.03 34.11
N LEU D 226 -6.27 -4.06 33.66
CA LEU D 226 -6.75 -5.17 32.87
C LEU D 226 -6.13 -5.14 31.47
N GLY D 227 -6.02 -3.97 30.85
CA GLY D 227 -5.33 -3.89 29.58
C GLY D 227 -3.88 -4.30 29.68
N TRP D 228 -3.21 -3.89 30.76
CA TRP D 228 -1.83 -4.31 30.98
C TRP D 228 -1.72 -5.82 31.10
N GLU D 229 -2.54 -6.42 31.97
CA GLU D 229 -2.48 -7.86 32.20
C GLU D 229 -2.86 -8.63 30.94
N LEU D 230 -3.78 -8.09 30.13
CA LEU D 230 -4.18 -8.79 28.92
C LEU D 230 -3.10 -8.70 27.85
N LYS D 231 -2.38 -7.58 27.79
CA LYS D 231 -1.21 -7.50 26.91
C LYS D 231 -0.14 -8.50 27.35
N GLU D 232 0.07 -8.64 28.65
CA GLU D 232 1.04 -9.60 29.16
C GLU D 232 0.62 -11.05 28.85
N LEU D 233 -0.68 -11.35 29.00
CA LEU D 233 -1.18 -12.65 28.60
C LEU D 233 -0.97 -12.90 27.12
N SER D 234 -1.25 -11.89 26.29
CA SER D 234 -0.99 -11.99 24.86
C SER D 234 0.46 -12.36 24.61
N LYS D 235 1.39 -11.73 25.33
CA LYS D 235 2.80 -12.13 25.22
C LYS D 235 2.99 -13.59 25.61
N VAL D 236 2.46 -13.99 26.76
CA VAL D 236 2.73 -15.33 27.28
C VAL D 236 1.94 -16.39 26.52
N GLU D 237 0.64 -16.18 26.35
CA GLU D 237 -0.19 -17.11 25.59
C GLU D 237 0.12 -16.92 24.11
N ASN D 238 1.12 -17.67 23.61
CA ASN D 238 1.58 -17.47 22.24
C ASN D 238 0.47 -17.76 21.24
N GLU D 239 -0.27 -18.84 21.45
CA GLU D 239 -1.53 -19.03 20.75
C GLU D 239 -2.61 -18.25 21.48
N PHE D 240 -3.67 -17.90 20.76
CA PHE D 240 -4.72 -17.01 21.27
C PHE D 240 -4.16 -15.63 21.60
N LYS D 241 -3.11 -15.22 20.88
CA LYS D 241 -2.52 -13.90 21.07
C LYS D 241 -3.47 -12.80 20.60
N ALA D 242 -4.16 -13.02 19.49
CA ALA D 242 -4.99 -11.96 18.91
C ALA D 242 -6.20 -11.64 19.77
N GLU D 243 -6.80 -12.66 20.38
CA GLU D 243 -7.94 -12.40 21.27
C GLU D 243 -7.53 -11.59 22.49
N TYR D 244 -6.40 -11.92 23.10
CA TYR D 244 -5.95 -11.16 24.26
C TYR D 244 -5.55 -9.74 23.86
N GLU D 245 -4.97 -9.57 22.66
CA GLU D 245 -4.65 -8.24 22.17
C GLU D 245 -5.92 -7.42 21.93
N GLU D 246 -6.96 -8.05 21.39
CA GLU D 246 -8.22 -7.35 21.20
C GLU D 246 -8.84 -6.95 22.53
N LEU D 247 -8.75 -7.83 23.54
CA LEU D 247 -9.27 -7.48 24.86
C LEU D 247 -8.49 -6.32 25.48
N SER D 248 -7.16 -6.32 25.32
CA SER D 248 -6.35 -5.23 25.83
C SER D 248 -6.73 -3.91 25.16
N GLN D 249 -6.88 -3.93 23.84
CA GLN D 249 -7.31 -2.73 23.13
C GLN D 249 -8.70 -2.30 23.55
N GLN D 250 -9.59 -3.24 23.83
CA GLN D 250 -10.93 -2.87 24.29
C GLN D 250 -10.86 -2.16 25.63
N CYS D 251 -10.03 -2.64 26.55
CA CYS D 251 -9.85 -1.97 27.83
C CYS D 251 -9.26 -0.56 27.64
N LYS D 252 -8.27 -0.43 26.77
CA LYS D 252 -7.64 0.86 26.53
C LYS D 252 -8.64 1.86 25.95
N LEU D 253 -9.41 1.44 24.95
CA LEU D 253 -10.43 2.31 24.39
C LEU D 253 -11.52 2.64 25.40
N PHE D 254 -11.85 1.72 26.31
CA PHE D 254 -12.83 2.05 27.33
C PHE D 254 -12.31 3.17 28.24
N ALA D 255 -11.05 3.06 28.66
CA ALA D 255 -10.49 4.11 29.52
C ALA D 255 -10.44 5.45 28.80
N LYS D 256 -10.01 5.43 27.53
CA LYS D 256 -9.93 6.67 26.78
C LYS D 256 -11.33 7.27 26.52
N ASP D 257 -12.33 6.42 26.32
CA ASP D 257 -13.68 6.91 26.07
C ASP D 257 -14.33 7.44 27.32
N LEU D 258 -13.99 6.87 28.48
CA LEU D 258 -14.39 7.50 29.73
C LEU D 258 -13.77 8.87 29.87
N LEU D 259 -12.49 9.00 29.54
CA LEU D 259 -11.84 10.31 29.59
C LEU D 259 -12.47 11.28 28.59
N ASP D 260 -12.99 10.76 27.48
CA ASP D 260 -13.64 11.60 26.47
C ASP D 260 -14.91 12.26 27.01
N GLN D 261 -15.50 11.70 28.05
CA GLN D 261 -16.79 12.17 28.53
C GLN D 261 -16.68 13.34 29.50
N ALA D 262 -15.47 13.71 29.91
CA ALA D 262 -15.31 14.87 30.78
C ALA D 262 -15.72 16.13 30.06
N ARG D 263 -16.50 16.97 30.74
CA ARG D 263 -17.05 18.18 30.14
C ARG D 263 -16.43 19.46 30.65
N SER D 264 -15.87 19.47 31.85
CA SER D 264 -15.19 20.63 32.39
C SER D 264 -13.75 20.27 32.71
N SER D 265 -12.93 21.29 32.92
CA SER D 265 -11.54 21.06 33.31
C SER D 265 -11.44 20.59 34.76
N ARG D 266 -12.44 20.90 35.58
CA ARG D 266 -12.45 20.43 36.95
C ARG D 266 -12.58 18.91 37.01
N GLU D 267 -13.48 18.34 36.21
CA GLU D 267 -13.60 16.89 36.17
C GLU D 267 -12.30 16.26 35.70
N LEU D 268 -11.69 16.82 34.66
CA LEU D 268 -10.45 16.26 34.12
C LEU D 268 -9.32 16.32 35.13
N GLU D 269 -9.23 17.42 35.89
CA GLU D 269 -8.17 17.51 36.89
C GLU D 269 -8.47 16.64 38.10
N ILE D 270 -9.75 16.41 38.41
CA ILE D 270 -10.08 15.46 39.47
C ILE D 270 -9.68 14.06 39.07
N ILE D 271 -9.93 13.69 37.81
CA ILE D 271 -9.55 12.36 37.34
C ILE D 271 -8.03 12.21 37.33
N LEU D 272 -7.35 13.12 36.63
CA LEU D 272 -5.92 12.94 36.38
C LEU D 272 -5.08 13.07 37.64
N ASN D 273 -5.55 13.83 38.62
CA ASN D 273 -4.80 14.02 39.85
C ASN D 273 -5.17 13.01 40.93
N HIS D 274 -6.03 12.05 40.63
CA HIS D 274 -6.47 11.11 41.66
C HIS D 274 -5.36 10.15 42.02
N ARG D 275 -5.15 9.95 43.32
CA ARG D 275 -4.21 8.98 43.85
C ARG D 275 -4.95 8.05 44.79
N ASP D 276 -4.65 6.76 44.69
CA ASP D 276 -5.26 5.77 45.56
C ASP D 276 -4.20 4.88 46.21
N ASP D 289 -0.86 16.07 41.75
CA ASP D 289 0.11 16.34 40.71
C ASP D 289 0.15 15.22 39.65
N LEU D 290 -1.01 14.97 39.04
CA LEU D 290 -1.14 14.10 37.88
C LEU D 290 -0.77 12.65 38.21
N ALA D 291 -1.32 12.13 39.31
CA ALA D 291 -1.00 10.76 39.72
C ALA D 291 -1.61 9.75 38.76
N LYS D 292 -2.87 9.92 38.39
CA LYS D 292 -3.52 8.99 37.48
C LYS D 292 -2.87 8.99 36.11
N LEU D 293 -2.31 10.13 35.71
CA LEU D 293 -1.62 10.19 34.43
C LEU D 293 -0.28 9.45 34.48
N LYS D 294 0.41 9.51 35.62
CA LYS D 294 1.61 8.70 35.78
C LYS D 294 1.28 7.22 35.80
N VAL D 295 0.15 6.83 36.41
CA VAL D 295 -0.29 5.45 36.35
C VAL D 295 -0.57 5.05 34.91
N ALA D 296 -1.17 5.95 34.12
CA ALA D 296 -1.44 5.65 32.72
C ALA D 296 -0.15 5.50 31.92
N ILE D 297 0.86 6.32 32.22
CA ILE D 297 2.14 6.20 31.54
C ILE D 297 2.83 4.90 31.93
N LYS D 298 2.72 4.50 33.19
CA LYS D 298 3.30 3.25 33.66
C LYS D 298 2.71 2.05 32.95
N TYR D 299 1.41 2.07 32.69
CA TYR D 299 0.71 0.98 32.04
C TYR D 299 0.66 1.12 30.53
N HIS D 300 1.43 2.05 29.96
CA HIS D 300 1.51 2.25 28.52
C HIS D 300 0.13 2.49 27.90
N GLN D 301 -0.66 3.33 28.57
CA GLN D 301 -1.99 3.68 28.07
C GLN D 301 -1.87 4.87 27.14
N LYS D 302 -1.32 4.58 25.95
CA LYS D 302 -0.95 5.64 25.01
C LYS D 302 -2.17 6.42 24.55
N GLU D 303 -3.27 5.74 24.26
CA GLU D 303 -4.48 6.42 23.78
C GLU D 303 -5.07 7.31 24.87
N PHE D 304 -5.10 6.82 26.11
CA PHE D 304 -5.61 7.61 27.22
C PHE D 304 -4.78 8.87 27.43
N VAL D 305 -3.45 8.73 27.33
CA VAL D 305 -2.56 9.86 27.56
C VAL D 305 -2.67 10.88 26.44
N ALA D 306 -2.73 10.42 25.20
CA ALA D 306 -2.81 11.31 24.05
C ALA D 306 -4.21 11.83 23.81
N GLN D 307 -5.13 11.67 24.75
CA GLN D 307 -6.46 12.20 24.60
C GLN D 307 -6.39 13.73 24.61
N PRO D 308 -7.10 14.41 23.69
CA PRO D 308 -6.82 15.84 23.47
C PRO D 308 -6.97 16.73 24.69
N ASN D 309 -7.91 16.44 25.58
CA ASN D 309 -8.06 17.29 26.76
C ASN D 309 -6.97 17.04 27.79
N CYS D 310 -6.53 15.79 27.91
CA CYS D 310 -5.36 15.50 28.73
C CYS D 310 -4.13 16.21 28.20
N GLN D 311 -3.93 16.19 26.88
CA GLN D 311 -2.80 16.88 26.28
C GLN D 311 -2.92 18.39 26.42
N GLN D 312 -4.14 18.93 26.39
CA GLN D 312 -4.31 20.36 26.59
C GLN D 312 -3.98 20.78 28.01
N LEU D 313 -4.41 19.99 29.00
CA LEU D 313 -4.01 20.24 30.38
C LEU D 313 -2.49 20.12 30.55
N LEU D 314 -1.90 19.13 29.91
CA LEU D 314 -0.45 18.95 29.98
C LEU D 314 0.28 20.14 29.38
N ALA D 315 -0.20 20.64 28.24
CA ALA D 315 0.46 21.78 27.61
C ALA D 315 0.25 23.06 28.41
N THR D 316 -0.86 23.16 29.14
CA THR D 316 -1.03 24.28 30.05
C THR D 316 -0.02 24.22 31.18
N LEU D 317 0.21 23.03 31.73
CA LEU D 317 1.21 22.89 32.78
C LEU D 317 2.63 23.08 32.25
N TRP D 318 2.86 22.71 30.99
CA TRP D 318 4.21 22.77 30.38
C TRP D 318 4.63 24.22 30.12
N TYR D 319 3.72 25.00 29.53
CA TYR D 319 4.05 26.41 29.19
C TYR D 319 3.59 27.30 30.32
N ASP D 320 3.98 27.00 31.55
CA ASP D 320 3.51 27.77 32.70
C ASP D 320 3.86 29.25 32.59
N GLY D 321 5.06 29.57 32.13
CA GLY D 321 5.44 30.95 32.01
C GLY D 321 5.02 31.63 30.74
N PHE D 322 4.36 30.91 29.83
CA PHE D 322 4.00 31.44 28.52
C PHE D 322 2.53 31.13 28.26
N PRO D 323 1.63 31.89 28.86
CA PRO D 323 0.19 31.66 28.62
C PRO D 323 -0.20 31.81 27.15
N GLY D 324 0.41 32.73 26.43
CA GLY D 324 0.07 32.97 25.04
C GLY D 324 1.04 32.35 24.07
N TRP D 325 1.72 31.28 24.49
CA TRP D 325 2.75 30.67 23.66
C TRP D 325 2.16 30.13 22.36
N ARG D 326 1.00 29.49 22.44
CA ARG D 326 0.41 28.86 21.26
C ARG D 326 0.12 29.89 20.16
N ARG D 327 -0.24 31.11 20.54
CA ARG D 327 -0.65 32.14 19.61
C ARG D 327 0.48 33.10 19.26
N LYS D 328 1.73 32.68 19.42
CA LYS D 328 2.88 33.49 19.06
C LYS D 328 3.44 33.08 17.70
N HIS D 329 4.21 33.99 17.11
CA HIS D 329 4.81 33.76 15.81
C HIS D 329 6.16 33.06 15.99
N TRP D 330 6.50 32.21 15.01
CA TRP D 330 7.67 31.35 15.14
C TRP D 330 8.95 32.14 15.35
N VAL D 331 9.03 33.36 14.83
CA VAL D 331 10.20 34.19 15.08
C VAL D 331 10.24 34.65 16.53
N VAL D 332 9.08 35.03 17.08
CA VAL D 332 9.02 35.41 18.50
C VAL D 332 9.41 34.23 19.37
N LYS D 333 8.90 33.03 19.02
CA LYS D 333 9.27 31.83 19.76
C LYS D 333 10.76 31.58 19.70
N LEU D 334 11.35 31.72 18.51
CA LEU D 334 12.79 31.46 18.36
C LEU D 334 13.62 32.44 19.17
N LEU D 335 13.28 33.73 19.12
CA LEU D 335 14.00 34.71 19.91
C LEU D 335 13.85 34.45 21.40
N THR D 336 12.64 34.11 21.86
CA THR D 336 12.45 33.83 23.28
C THR D 336 13.24 32.59 23.70
N CYS D 337 13.21 31.53 22.89
CA CYS D 337 13.92 30.31 23.24
C CYS D 337 15.42 30.54 23.28
N MET D 338 15.96 31.27 22.30
CA MET D 338 17.39 31.54 22.32
C MET D 338 17.77 32.48 23.46
N THR D 339 16.88 33.40 23.84
CA THR D 339 17.16 34.26 24.99
C THR D 339 17.23 33.44 26.27
N ILE D 340 16.26 32.55 26.49
CA ILE D 340 16.29 31.72 27.69
C ILE D 340 17.48 30.77 27.65
N GLY D 341 17.81 30.25 26.47
CA GLY D 341 18.95 29.35 26.37
C GLY D 341 20.27 30.03 26.67
N PHE D 342 20.47 31.23 26.11
CA PHE D 342 21.71 31.96 26.35
C PHE D 342 21.87 32.33 27.82
N LEU D 343 20.79 32.35 28.59
CA LEU D 343 20.83 32.74 29.99
C LEU D 343 20.72 31.55 30.94
N PHE D 344 20.91 30.32 30.45
CA PHE D 344 20.79 29.18 31.36
C PHE D 344 21.78 29.24 32.52
N PRO D 345 23.03 29.70 32.36
CA PRO D 345 23.87 29.84 33.57
C PRO D 345 23.33 30.89 34.52
N MET D 346 22.74 31.97 34.00
CA MET D 346 22.14 32.97 34.87
C MET D 346 20.97 32.39 35.65
N LEU D 347 20.08 31.68 34.96
CA LEU D 347 18.92 31.10 35.63
C LEU D 347 19.34 30.03 36.64
N SER D 348 20.34 29.23 36.29
CA SER D 348 20.83 28.20 37.21
C SER D 348 21.47 28.81 38.44
N ILE D 349 22.28 29.86 38.26
CA ILE D 349 22.91 30.52 39.40
C ILE D 349 21.87 31.22 40.25
N ALA D 350 20.84 31.79 39.63
CA ALA D 350 19.75 32.41 40.39
C ALA D 350 19.02 31.36 41.21
N TYR D 351 18.75 30.19 40.64
CA TYR D 351 18.12 29.12 41.40
C TYR D 351 19.01 28.66 42.55
N LEU D 352 20.33 28.61 42.32
CA LEU D 352 21.25 28.18 43.37
C LEU D 352 21.28 29.18 44.52
N ILE D 353 21.47 30.47 44.20
CA ILE D 353 21.66 31.47 45.24
C ILE D 353 20.40 31.64 46.08
N SER D 354 19.26 31.81 45.42
CA SER D 354 17.98 31.99 46.11
C SER D 354 16.90 31.30 45.31
N PRO D 355 16.61 30.04 45.61
CA PRO D 355 15.56 29.32 44.85
C PRO D 355 14.19 29.98 44.93
N ARG D 356 13.83 30.54 46.09
CA ARG D 356 12.53 31.17 46.28
C ARG D 356 12.68 32.67 46.03
N SER D 357 12.63 33.04 44.76
CA SER D 357 12.75 34.44 44.36
C SER D 357 12.11 34.59 42.99
N ASN D 358 11.96 35.85 42.56
CA ASN D 358 11.36 36.12 41.27
C ASN D 358 12.21 35.62 40.11
N LEU D 359 13.49 35.30 40.36
CA LEU D 359 14.35 34.72 39.34
C LEU D 359 14.82 33.32 39.69
N GLY D 360 14.80 32.94 40.96
CA GLY D 360 15.23 31.60 41.34
C GLY D 360 14.30 30.52 40.82
N LEU D 361 12.99 30.73 40.92
CA LEU D 361 12.01 29.74 40.52
C LEU D 361 11.57 29.90 39.07
N PHE D 362 12.22 30.78 38.30
CA PHE D 362 11.94 30.87 36.87
C PHE D 362 12.40 29.61 36.15
N ILE D 363 13.49 29.00 36.60
CA ILE D 363 13.94 27.75 35.99
C ILE D 363 13.16 26.54 36.49
N LYS D 364 12.30 26.73 37.49
CA LYS D 364 11.42 25.66 37.96
C LYS D 364 10.28 25.38 37.00
N LYS D 365 10.05 26.26 36.03
CA LYS D 365 9.02 26.02 35.05
C LYS D 365 9.48 24.94 34.07
N PRO D 366 8.62 23.97 33.74
CA PRO D 366 9.08 22.83 32.94
C PRO D 366 9.65 23.21 31.59
N PHE D 367 9.06 24.18 30.90
CA PHE D 367 9.54 24.58 29.60
C PHE D 367 10.83 25.39 29.70
N ILE D 368 10.91 26.28 30.68
CA ILE D 368 12.16 27.00 30.93
C ILE D 368 13.26 26.01 31.32
N LYS D 369 12.92 25.03 32.16
CA LYS D 369 13.88 24.01 32.54
C LYS D 369 14.35 23.22 31.34
N PHE D 370 13.43 22.86 30.44
CA PHE D 370 13.81 22.15 29.23
C PHE D 370 14.73 22.99 28.34
N ILE D 371 14.42 24.29 28.21
CA ILE D 371 15.26 25.15 27.41
C ILE D 371 16.66 25.26 28.01
N CYS D 372 16.73 25.38 29.33
CA CYS D 372 18.03 25.50 29.98
C CYS D 372 18.84 24.22 29.88
N HIS D 373 18.19 23.06 30.03
CA HIS D 373 18.90 21.80 29.87
C HIS D 373 19.38 21.60 28.45
N THR D 374 18.56 21.95 27.46
CA THR D 374 18.96 21.83 26.06
C THR D 374 20.11 22.77 25.74
N ALA D 375 20.10 23.97 26.33
CA ALA D 375 21.21 24.93 26.16
C ALA D 375 22.47 24.38 26.79
N SER D 376 22.40 23.93 28.04
CA SER D 376 23.58 23.31 28.70
C SER D 376 24.16 22.20 27.82
N TYR D 377 23.33 21.31 27.29
CA TYR D 377 23.85 20.20 26.50
C TYR D 377 24.43 20.69 25.18
N LEU D 378 23.83 21.72 24.58
CA LEU D 378 24.38 22.26 23.33
C LEU D 378 25.71 22.94 23.56
N THR D 379 25.90 23.62 24.70
CA THR D 379 27.21 24.18 25.01
C THR D 379 28.23 23.08 25.25
N PHE D 380 27.81 21.98 25.88
CA PHE D 380 28.71 20.84 26.03
C PHE D 380 29.15 20.29 24.68
N LEU D 381 28.21 20.15 23.75
CA LEU D 381 28.57 19.66 22.42
C LEU D 381 29.43 20.67 21.67
N PHE D 382 29.21 21.97 21.88
CA PHE D 382 30.06 22.98 21.28
C PHE D 382 31.48 22.88 21.81
N MET D 383 31.65 22.64 23.11
CA MET D 383 33.00 22.45 23.65
C MET D 383 33.62 21.15 23.16
N LEU D 384 32.82 20.11 22.96
CA LEU D 384 33.33 18.90 22.34
C LEU D 384 33.85 19.18 20.93
N LEU D 385 33.15 20.03 20.19
CA LEU D 385 33.64 20.43 18.87
C LEU D 385 34.93 21.24 18.99
N LEU D 386 34.99 22.15 19.95
CA LEU D 386 36.20 22.95 20.16
C LEU D 386 37.39 22.10 20.58
N ALA D 387 37.14 20.93 21.14
CA ALA D 387 38.25 20.08 21.57
C ALA D 387 39.15 19.69 20.40
N SER D 388 38.56 19.35 19.26
CA SER D 388 39.33 18.91 18.11
C SER D 388 39.86 20.06 17.26
N GLN D 389 39.48 21.30 17.57
CA GLN D 389 40.06 22.44 16.87
C GLN D 389 41.43 22.76 17.47
N HIS D 390 42.04 23.82 16.96
CA HIS D 390 43.37 24.24 17.42
C HIS D 390 43.37 25.65 18.00
N ILE D 391 42.25 26.08 18.57
CA ILE D 391 42.20 27.38 19.25
C ILE D 391 43.20 27.40 20.39
N VAL D 392 43.18 26.36 21.21
CA VAL D 392 44.21 26.10 22.21
C VAL D 392 44.54 24.62 22.14
N ARG D 393 45.82 24.30 21.98
CA ARG D 393 46.22 22.93 21.67
C ARG D 393 47.58 22.65 22.29
N THR D 394 47.83 21.39 22.58
CA THR D 394 49.10 20.91 23.09
C THR D 394 49.91 20.30 21.95
N ASP D 395 51.20 20.13 22.20
CA ASP D 395 52.05 19.43 21.25
C ASP D 395 51.56 17.99 21.09
N LEU D 396 51.49 17.51 19.85
CA LEU D 396 51.01 16.16 19.62
C LEU D 396 52.06 15.10 19.92
N HIS D 397 53.28 15.49 20.29
CA HIS D 397 54.34 14.54 20.58
C HIS D 397 54.64 14.44 22.08
N VAL D 398 53.78 14.97 22.94
CA VAL D 398 53.90 14.75 24.37
C VAL D 398 52.97 13.61 24.77
N GLN D 399 53.55 12.57 25.36
CA GLN D 399 52.78 11.41 25.79
C GLN D 399 52.36 11.60 27.25
N GLY D 400 51.06 11.45 27.49
CA GLY D 400 50.50 11.81 28.77
C GLY D 400 50.56 13.31 29.02
N PRO D 401 49.79 14.09 28.25
CA PRO D 401 49.81 15.53 28.42
C PRO D 401 48.81 15.97 29.50
N PRO D 402 48.95 17.18 30.03
CA PRO D 402 47.93 17.71 30.92
C PRO D 402 46.69 18.09 30.13
N PRO D 403 45.53 18.13 30.77
CA PRO D 403 44.30 18.45 30.04
C PRO D 403 44.32 19.86 29.49
N THR D 404 43.70 20.00 28.31
CA THR D 404 43.50 21.31 27.72
C THR D 404 42.44 22.07 28.52
N VAL D 405 42.45 23.40 28.41
CA VAL D 405 41.44 24.19 29.09
C VAL D 405 40.05 23.86 28.55
N VAL D 406 39.96 23.46 27.28
CA VAL D 406 38.69 22.98 26.76
C VAL D 406 38.31 21.68 27.45
N GLU D 407 39.27 20.78 27.65
CA GLU D 407 38.97 19.54 28.38
C GLU D 407 38.68 19.83 29.86
N TRP D 408 39.36 20.82 30.42
CA TRP D 408 39.07 21.24 31.79
C TRP D 408 37.65 21.74 31.91
N MET D 409 37.18 22.51 30.92
CA MET D 409 35.79 22.97 30.94
C MET D 409 34.81 21.84 30.64
N ILE D 410 35.23 20.86 29.85
CA ILE D 410 34.36 19.72 29.56
C ILE D 410 34.12 18.90 30.82
N LEU D 411 35.13 18.77 31.68
CA LEU D 411 35.02 17.91 32.85
C LEU D 411 33.80 18.18 33.73
N PRO D 412 33.45 19.42 34.07
CA PRO D 412 32.23 19.62 34.90
C PRO D 412 30.97 19.06 34.29
N TRP D 413 30.77 19.19 32.97
CA TRP D 413 29.61 18.57 32.35
C TRP D 413 29.65 17.06 32.46
N VAL D 414 30.83 16.46 32.29
CA VAL D 414 30.94 15.01 32.37
C VAL D 414 30.60 14.52 33.77
N LEU D 415 31.13 15.20 34.78
CA LEU D 415 30.79 14.86 36.16
C LEU D 415 29.31 15.05 36.42
N GLY D 416 28.73 16.13 35.88
CA GLY D 416 27.31 16.36 36.05
C GLY D 416 26.45 15.30 35.40
N PHE D 417 26.83 14.85 34.21
CA PHE D 417 26.09 13.77 33.56
C PHE D 417 26.17 12.48 34.36
N ILE D 418 27.36 12.15 34.86
CA ILE D 418 27.51 10.94 35.66
C ILE D 418 26.67 11.04 36.93
N TRP D 419 26.71 12.19 37.60
CA TRP D 419 25.93 12.39 38.82
C TRP D 419 24.44 12.33 38.53
N GLY D 420 24.01 12.92 37.42
CA GLY D 420 22.60 12.87 37.06
C GLY D 420 22.13 11.46 36.76
N GLU D 421 22.93 10.66 36.08
CA GLU D 421 22.52 9.29 35.78
C GLU D 421 22.51 8.43 37.03
N ILE D 422 23.48 8.60 37.94
CA ILE D 422 23.42 7.80 39.16
C ILE D 422 22.28 8.26 40.05
N LYS D 423 21.95 9.56 40.06
CA LYS D 423 20.77 10.01 40.79
C LYS D 423 19.50 9.43 40.18
N GLU D 424 19.43 9.38 38.86
CA GLU D 424 18.27 8.79 38.19
C GLU D 424 18.11 7.32 38.55
N MET D 425 19.21 6.56 38.51
CA MET D 425 19.10 5.15 38.85
C MET D 425 18.75 4.96 40.32
N TRP D 426 19.28 5.82 41.20
CA TRP D 426 18.92 5.73 42.60
C TRP D 426 17.44 6.01 42.82
N ASP D 427 16.89 6.99 42.12
CA ASP D 427 15.48 7.34 42.29
C ASP D 427 14.54 6.43 41.52
N GLY D 428 15.04 5.61 40.61
CA GLY D 428 14.14 4.81 39.80
C GLY D 428 14.32 3.31 39.78
N GLY D 429 15.42 2.80 40.34
CA GLY D 429 15.68 1.38 40.27
C GLY D 429 16.18 0.95 38.91
N PHE D 430 17.02 -0.08 38.86
CA PHE D 430 17.53 -0.57 37.58
C PHE D 430 16.41 -1.09 36.69
N THR D 431 15.31 -1.56 37.29
CA THR D 431 14.21 -2.08 36.49
C THR D 431 13.58 -0.99 35.62
N GLU D 432 13.59 0.25 36.09
CA GLU D 432 13.12 1.38 35.28
C GLU D 432 14.25 2.03 34.51
N TYR D 433 15.46 1.98 35.04
CA TYR D 433 16.62 2.50 34.33
C TYR D 433 16.85 1.76 33.02
N ILE D 434 16.73 0.43 33.04
CA ILE D 434 17.00 -0.36 31.85
C ILE D 434 15.92 -0.15 30.79
N HIS D 435 14.68 0.11 31.22
CA HIS D 435 13.55 0.22 30.28
C HIS D 435 13.76 1.30 29.24
N ASP D 436 14.61 2.29 29.51
CA ASP D 436 14.88 3.36 28.55
C ASP D 436 16.13 3.03 27.76
N TRP D 437 16.03 3.09 26.43
CA TRP D 437 17.19 2.83 25.58
C TRP D 437 18.16 4.01 25.60
N TRP D 438 17.63 5.23 25.55
CA TRP D 438 18.49 6.40 25.69
C TRP D 438 19.25 6.36 27.00
N ASN D 439 18.68 5.71 28.02
CA ASN D 439 19.38 5.63 29.30
C ASN D 439 20.58 4.71 29.20
N LEU D 440 20.45 3.61 28.45
CA LEU D 440 21.60 2.75 28.19
C LEU D 440 22.65 3.47 27.35
N MET D 441 22.21 4.31 26.41
CA MET D 441 23.17 5.07 25.62
C MET D 441 23.92 6.07 26.50
N ASP D 442 23.23 6.70 27.44
CA ASP D 442 23.90 7.56 28.42
C ASP D 442 24.87 6.76 29.27
N PHE D 443 24.50 5.53 29.64
CA PHE D 443 25.42 4.69 30.39
C PHE D 443 26.70 4.44 29.61
N ALA D 444 26.57 4.12 28.33
CA ALA D 444 27.75 3.90 27.50
C ALA D 444 28.58 5.17 27.38
N MET D 445 27.91 6.30 27.18
CA MET D 445 28.60 7.59 27.08
C MET D 445 29.42 7.86 28.33
N ASN D 446 28.81 7.71 29.50
CA ASN D 446 29.50 8.02 30.76
C ASN D 446 30.59 7.01 31.05
N SER D 447 30.39 5.74 30.68
CA SER D 447 31.44 4.76 30.84
C SER D 447 32.65 5.11 29.99
N LEU D 448 32.41 5.54 28.74
CA LEU D 448 33.52 5.93 27.88
C LEU D 448 34.20 7.18 28.38
N TYR D 449 33.44 8.12 28.96
CA TYR D 449 34.06 9.32 29.49
C TYR D 449 34.90 9.02 30.73
N LEU D 450 34.43 8.14 31.60
CA LEU D 450 35.23 7.73 32.75
C LEU D 450 36.49 6.99 32.30
N ALA D 451 36.36 6.13 31.29
CA ALA D 451 37.54 5.45 30.76
C ALA D 451 38.53 6.46 30.16
N THR D 452 38.02 7.50 29.51
CA THR D 452 38.90 8.53 28.96
C THR D 452 39.63 9.27 30.07
N ILE D 453 38.93 9.63 31.15
CA ILE D 453 39.58 10.31 32.27
C ILE D 453 40.62 9.40 32.91
N SER D 454 40.29 8.13 33.12
CA SER D 454 41.22 7.21 33.76
C SER D 454 42.45 6.99 32.90
N LEU D 455 42.26 6.84 31.59
CA LEU D 455 43.39 6.65 30.69
C LEU D 455 44.25 7.90 30.60
N LYS D 456 43.63 9.09 30.63
CA LYS D 456 44.41 10.31 30.64
C LYS D 456 45.24 10.44 31.91
N ILE D 457 44.65 10.04 33.05
CA ILE D 457 45.39 10.06 34.31
C ILE D 457 46.56 9.08 34.25
N VAL D 458 46.32 7.87 33.73
CA VAL D 458 47.36 6.85 33.63
C VAL D 458 48.50 7.36 32.74
N ALA D 459 48.16 7.91 31.59
CA ALA D 459 49.19 8.42 30.69
C ALA D 459 49.95 9.58 31.32
N TYR D 460 49.26 10.45 32.06
CA TYR D 460 49.94 11.58 32.68
C TYR D 460 50.91 11.12 33.77
N VAL D 461 50.52 10.11 34.56
CA VAL D 461 51.34 9.69 35.70
C VAL D 461 52.25 8.53 35.37
N LYS D 462 52.27 8.07 34.12
CA LYS D 462 53.13 6.95 33.74
C LYS D 462 54.04 7.29 32.55
N TYR D 463 53.82 8.41 31.87
CA TYR D 463 54.72 8.90 30.83
C TYR D 463 55.12 10.33 31.14
N ASN D 464 56.42 10.60 31.05
CA ASN D 464 56.95 11.94 31.31
C ASN D 464 57.54 12.61 30.07
N GLY D 465 58.13 11.84 29.16
CA GLY D 465 58.87 12.40 28.05
C GLY D 465 57.98 12.96 26.96
N SER D 466 58.62 13.24 25.82
CA SER D 466 57.97 13.80 24.64
C SER D 466 58.33 12.99 23.41
N ARG D 467 58.14 11.67 23.50
CA ARG D 467 58.41 10.78 22.40
C ARG D 467 57.60 11.18 21.17
N PRO D 468 58.17 11.15 19.97
CA PRO D 468 57.40 11.47 18.78
C PRO D 468 56.25 10.49 18.60
N ARG D 469 55.12 10.99 18.10
CA ARG D 469 53.91 10.20 18.06
C ARG D 469 54.04 8.99 17.15
N GLU D 470 54.89 9.07 16.13
CA GLU D 470 55.13 7.94 15.26
C GLU D 470 55.92 6.83 15.94
N GLU D 471 56.53 7.11 17.08
CA GLU D 471 57.28 6.13 17.84
C GLU D 471 56.41 5.40 18.88
N TRP D 472 55.18 5.87 19.10
CA TRP D 472 54.35 5.32 20.16
C TRP D 472 53.90 3.91 19.84
N GLU D 473 53.64 3.15 20.90
CA GLU D 473 53.22 1.77 20.79
C GLU D 473 51.75 1.71 20.35
N MET D 474 51.32 0.52 19.92
CA MET D 474 49.95 0.34 19.44
C MET D 474 48.92 0.68 20.50
N TRP D 475 49.17 0.28 21.74
CA TRP D 475 48.20 0.43 22.82
C TRP D 475 48.65 1.48 23.83
N HIS D 476 49.21 2.57 23.31
CA HIS D 476 49.56 3.70 24.16
C HIS D 476 48.32 4.24 24.84
N PRO D 477 48.34 4.51 26.14
CA PRO D 477 47.13 4.99 26.82
C PRO D 477 46.61 6.31 26.28
N THR D 478 47.48 7.15 25.72
CA THR D 478 47.02 8.40 25.11
C THR D 478 46.22 8.12 23.84
N LEU D 479 46.68 7.18 23.02
CA LEU D 479 45.94 6.82 21.82
C LEU D 479 44.59 6.23 22.15
N ILE D 480 44.53 5.34 23.15
CA ILE D 480 43.26 4.75 23.55
C ILE D 480 42.35 5.81 24.16
N ALA D 481 42.91 6.72 24.95
CA ALA D 481 42.10 7.78 25.53
C ALA D 481 41.47 8.65 24.44
N GLU D 482 42.24 8.97 23.40
CA GLU D 482 41.71 9.77 22.31
C GLU D 482 40.65 9.00 21.53
N ALA D 483 40.84 7.71 21.32
CA ALA D 483 39.83 6.92 20.62
C ALA D 483 38.52 6.87 21.40
N LEU D 484 38.63 6.60 22.71
CA LEU D 484 37.44 6.54 23.55
C LEU D 484 36.75 7.89 23.63
N PHE D 485 37.53 8.97 23.67
CA PHE D 485 36.95 10.31 23.68
C PHE D 485 36.20 10.61 22.39
N ALA D 486 36.75 10.20 21.25
CA ALA D 486 36.05 10.42 19.99
C ALA D 486 34.76 9.62 19.92
N ILE D 487 34.77 8.38 20.41
CA ILE D 487 33.53 7.60 20.46
C ILE D 487 32.51 8.26 21.37
N SER D 488 32.98 8.77 22.51
CA SER D 488 32.10 9.50 23.42
C SER D 488 31.50 10.72 22.74
N ASN D 489 32.30 11.42 21.93
CA ASN D 489 31.81 12.58 21.20
C ASN D 489 30.69 12.18 20.24
N ILE D 490 30.87 11.08 19.52
CA ILE D 490 29.81 10.61 18.63
C ILE D 490 28.54 10.33 19.41
N LEU D 491 28.66 9.60 20.52
CA LEU D 491 27.47 9.25 21.30
C LEU D 491 26.80 10.49 21.90
N SER D 492 27.59 11.44 22.39
CA SER D 492 27.03 12.65 22.97
C SER D 492 26.28 13.45 21.93
N SER D 493 26.85 13.60 20.73
CA SER D 493 26.16 14.35 19.69
C SER D 493 24.91 13.60 19.20
N LEU D 494 24.94 12.27 19.18
CA LEU D 494 23.76 11.51 18.79
C LEU D 494 22.69 11.50 19.86
N ARG D 495 23.03 11.83 21.09
CA ARG D 495 22.05 11.95 22.17
C ARG D 495 21.03 13.05 21.91
N LEU D 496 21.29 13.97 20.97
CA LEU D 496 20.34 15.03 20.67
C LEU D 496 19.08 14.54 19.99
N ILE D 497 19.08 13.33 19.42
CA ILE D 497 17.89 12.84 18.75
C ILE D 497 16.75 12.62 19.73
N SER D 498 17.04 12.48 21.02
CA SER D 498 15.97 12.34 22.00
C SER D 498 15.19 13.64 22.20
N LEU D 499 15.78 14.78 21.83
CA LEU D 499 15.06 16.05 21.88
C LEU D 499 14.11 16.23 20.71
N PHE D 500 14.15 15.34 19.73
CA PHE D 500 13.20 15.40 18.62
C PHE D 500 11.77 15.17 19.10
N THR D 501 11.59 14.48 20.22
CA THR D 501 10.25 14.18 20.72
C THR D 501 9.46 15.43 21.01
N ALA D 502 10.13 16.50 21.44
CA ALA D 502 9.48 17.75 21.79
C ALA D 502 8.97 18.52 20.57
N ASN D 503 9.26 18.08 19.35
CA ASN D 503 8.91 18.81 18.15
C ASN D 503 7.76 18.12 17.43
N SER D 504 6.85 18.92 16.88
CA SER D 504 5.68 18.38 16.20
C SER D 504 6.06 17.63 14.94
N HIS D 505 7.13 18.04 14.26
CA HIS D 505 7.56 17.43 13.01
C HIS D 505 8.61 16.36 13.21
N LEU D 506 9.61 16.61 14.07
CA LEU D 506 10.68 15.66 14.29
C LEU D 506 10.26 14.50 15.19
N GLY D 507 9.29 14.71 16.06
CA GLY D 507 8.85 13.69 16.98
C GLY D 507 8.32 12.43 16.34
N PRO D 508 7.33 12.57 15.44
CA PRO D 508 6.85 11.39 14.70
C PRO D 508 7.93 10.73 13.85
N LEU D 509 8.85 11.52 13.30
CA LEU D 509 9.97 10.95 12.57
C LEU D 509 10.83 10.08 13.47
N GLN D 510 11.13 10.56 14.68
CA GLN D 510 11.89 9.76 15.62
C GLN D 510 11.14 8.50 16.01
N ILE D 511 9.82 8.61 16.20
CA ILE D 511 9.03 7.43 16.56
C ILE D 511 9.11 6.37 15.45
N SER D 512 8.94 6.80 14.21
CA SER D 512 9.00 5.88 13.08
C SER D 512 10.40 5.25 12.95
N LEU D 513 11.44 6.07 13.09
CA LEU D 513 12.79 5.57 12.97
C LEU D 513 13.11 4.54 14.05
N GLY D 514 12.75 4.85 15.29
CA GLY D 514 12.99 3.92 16.37
C GLY D 514 12.17 2.66 16.25
N ARG D 515 10.98 2.74 15.65
CA ARG D 515 10.19 1.54 15.49
C ARG D 515 10.70 0.65 14.36
N MET D 516 11.31 1.23 13.31
CA MET D 516 11.90 0.38 12.29
C MET D 516 13.32 -0.06 12.62
N LEU D 517 13.94 0.51 13.66
CA LEU D 517 15.20 -0.05 14.13
C LEU D 517 15.06 -1.53 14.50
N LEU D 518 13.86 -1.98 14.87
CA LEU D 518 13.69 -3.38 15.29
C LEU D 518 13.78 -4.33 14.10
N ASP D 519 13.10 -4.01 13.00
CA ASP D 519 13.26 -4.85 11.82
C ASP D 519 14.65 -4.69 11.22
N ILE D 520 15.29 -3.54 11.44
CA ILE D 520 16.71 -3.43 11.12
C ILE D 520 17.51 -4.45 11.90
N LEU D 521 17.22 -4.63 13.20
CA LEU D 521 17.95 -5.60 14.02
C LEU D 521 17.74 -7.03 13.52
N LYS D 522 16.51 -7.36 13.17
CA LYS D 522 16.21 -8.71 12.66
C LYS D 522 16.93 -8.98 11.34
N PHE D 523 16.87 -8.02 10.42
CA PHE D 523 17.65 -8.12 9.20
C PHE D 523 19.15 -8.18 9.51
N LEU D 524 19.58 -7.52 10.57
CA LEU D 524 20.99 -7.58 10.95
C LEU D 524 21.37 -9.00 11.34
N PHE D 525 20.46 -9.71 12.01
CA PHE D 525 20.72 -11.11 12.32
C PHE D 525 20.91 -11.94 11.06
N ILE D 526 19.97 -11.84 10.11
CA ILE D 526 20.11 -12.64 8.89
C ILE D 526 21.35 -12.22 8.09
N TYR D 527 21.62 -10.91 8.04
CA TYR D 527 22.78 -10.40 7.32
C TYR D 527 24.07 -10.90 7.93
N CYS D 528 24.17 -10.91 9.25
CA CYS D 528 25.38 -11.39 9.91
C CYS D 528 25.57 -12.88 9.70
N LEU D 529 24.48 -13.64 9.63
CA LEU D 529 24.63 -15.06 9.33
C LEU D 529 25.18 -15.27 7.92
N VAL D 530 24.63 -14.55 6.94
CA VAL D 530 25.14 -14.65 5.57
C VAL D 530 26.58 -14.19 5.49
N LEU D 531 26.89 -13.08 6.16
CA LEU D 531 28.25 -12.56 6.24
C LEU D 531 29.21 -13.60 6.77
N LEU D 532 28.85 -14.26 7.86
CA LEU D 532 29.73 -15.24 8.48
C LEU D 532 29.92 -16.46 7.59
N ALA D 533 28.84 -16.90 6.92
CA ALA D 533 28.95 -18.01 5.98
C ALA D 533 29.96 -17.71 4.87
N PHE D 534 29.81 -16.55 4.23
CA PHE D 534 30.69 -16.25 3.11
C PHE D 534 32.09 -15.88 3.56
N ALA D 535 32.24 -15.32 4.77
CA ALA D 535 33.56 -15.11 5.31
C ALA D 535 34.27 -16.42 5.57
N ASN D 536 33.55 -17.41 6.11
CA ASN D 536 34.12 -18.74 6.27
C ASN D 536 34.62 -19.28 4.93
N GLY D 537 33.77 -19.22 3.90
CA GLY D 537 34.19 -19.75 2.61
C GLY D 537 35.38 -19.02 2.01
N LEU D 538 35.32 -17.68 1.99
CA LEU D 538 36.40 -16.89 1.40
C LEU D 538 37.71 -17.05 2.16
N ASN D 539 37.65 -17.08 3.49
CA ASN D 539 38.88 -17.25 4.26
C ASN D 539 39.44 -18.65 4.07
N GLN D 540 38.58 -19.67 4.04
CA GLN D 540 39.04 -21.02 3.78
C GLN D 540 39.73 -21.12 2.43
N LEU D 541 39.23 -20.37 1.45
CA LEU D 541 39.90 -20.35 0.16
C LEU D 541 41.24 -19.64 0.21
N TYR D 542 41.25 -18.40 0.69
CA TYR D 542 42.37 -17.48 0.48
C TYR D 542 43.38 -17.47 1.61
N PHE D 543 43.23 -18.28 2.65
CA PHE D 543 44.16 -18.16 3.76
C PHE D 543 45.54 -18.74 3.45
N TYR D 544 45.70 -19.46 2.34
CA TYR D 544 47.02 -19.95 1.96
C TYR D 544 47.88 -18.82 1.40
N TYR D 545 47.28 -17.90 0.68
CA TYR D 545 48.00 -16.85 -0.04
C TYR D 545 48.22 -15.61 0.80
N GLU D 546 48.19 -15.73 2.12
CA GLU D 546 48.48 -14.59 2.99
C GLU D 546 49.91 -14.15 2.80
N THR D 547 50.09 -12.94 2.28
CA THR D 547 51.42 -12.38 2.10
C THR D 547 51.82 -11.57 3.34
N ARG D 548 53.11 -11.54 3.60
CA ARG D 548 53.63 -10.82 4.76
C ARG D 548 53.65 -9.32 4.46
N ALA D 549 53.41 -8.53 5.51
CA ALA D 549 53.24 -7.08 5.33
C ALA D 549 54.46 -6.44 4.69
N ILE D 550 55.65 -7.01 4.88
CA ILE D 550 56.85 -6.47 4.26
C ILE D 550 56.77 -6.61 2.75
N ASP D 551 56.18 -7.70 2.26
CA ASP D 551 56.11 -7.96 0.83
C ASP D 551 55.12 -7.07 0.11
N GLU D 552 54.35 -6.28 0.82
CA GLU D 552 53.37 -5.43 0.17
C GLU D 552 54.01 -4.12 -0.27
N PRO D 553 53.39 -3.44 -1.25
CA PRO D 553 54.01 -2.24 -1.83
C PRO D 553 54.58 -1.24 -0.84
N ASN D 554 53.74 -0.70 0.04
CA ASN D 554 54.15 0.36 0.96
C ASN D 554 54.27 -0.15 2.39
N ASN D 555 54.60 -1.44 2.55
CA ASN D 555 54.62 -2.10 3.85
C ASN D 555 53.26 -1.98 4.54
N CYS D 556 52.20 -2.08 3.74
CA CYS D 556 50.83 -1.92 4.22
C CYS D 556 50.07 -3.19 3.90
N LYS D 557 49.46 -3.79 4.91
CA LYS D 557 48.70 -5.02 4.76
C LYS D 557 47.25 -4.79 5.10
N GLY D 558 46.36 -5.31 4.26
CA GLY D 558 44.93 -5.18 4.49
C GLY D 558 44.25 -4.32 3.44
N ILE D 559 42.96 -4.08 3.68
CA ILE D 559 42.10 -3.41 2.73
C ILE D 559 41.99 -1.92 2.99
N ARG D 560 42.64 -1.41 4.03
CA ARG D 560 42.73 0.04 4.21
C ARG D 560 44.00 0.62 3.62
N CYS D 561 44.57 -0.02 2.62
CA CYS D 561 45.74 0.45 1.91
C CYS D 561 45.33 1.06 0.57
N GLU D 562 46.27 1.77 -0.04
CA GLU D 562 46.09 2.21 -1.42
C GLU D 562 45.90 1.03 -2.35
N LYS D 563 46.82 0.08 -2.29
CA LYS D 563 46.70 -1.23 -2.92
C LYS D 563 46.10 -2.18 -1.90
N GLN D 564 44.78 -2.35 -1.95
CA GLN D 564 44.14 -3.33 -1.10
C GLN D 564 44.71 -4.71 -1.36
N ASN D 565 44.99 -5.42 -0.28
CA ASN D 565 45.62 -6.72 -0.37
C ASN D 565 45.24 -7.49 0.87
N ASN D 566 45.40 -8.81 0.79
CA ASN D 566 45.10 -9.69 1.92
C ASN D 566 43.68 -9.48 2.42
N ALA D 567 42.74 -9.39 1.48
CA ALA D 567 41.35 -9.11 1.84
C ALA D 567 40.71 -10.28 2.56
N PHE D 568 41.07 -11.50 2.20
CA PHE D 568 40.46 -12.71 2.76
C PHE D 568 41.52 -13.63 3.37
N SER D 569 42.62 -13.06 3.83
CA SER D 569 43.71 -13.85 4.39
C SER D 569 43.41 -14.33 5.79
N THR D 570 42.67 -13.55 6.57
CA THR D 570 42.25 -13.92 7.91
C THR D 570 40.74 -13.78 8.01
N LEU D 571 40.18 -14.26 9.11
CA LEU D 571 38.74 -14.22 9.28
C LEU D 571 38.24 -12.81 9.61
N PHE D 572 38.93 -12.11 10.50
CA PHE D 572 38.52 -10.76 10.86
C PHE D 572 38.64 -9.83 9.66
N GLU D 573 39.74 -9.93 8.94
CA GLU D 573 39.91 -9.14 7.70
C GLU D 573 38.81 -9.48 6.69
N THR D 574 38.51 -10.76 6.48
CA THR D 574 37.45 -11.17 5.53
C THR D 574 36.14 -10.53 5.95
N LEU D 575 35.85 -10.54 7.25
CA LEU D 575 34.59 -9.95 7.77
C LEU D 575 34.56 -8.47 7.44
N GLN D 576 35.67 -7.76 7.65
CA GLN D 576 35.78 -6.35 7.27
C GLN D 576 35.64 -6.14 5.77
N SER D 577 36.27 -7.02 4.98
CA SER D 577 36.22 -6.89 3.53
C SER D 577 34.81 -7.07 3.00
N LEU D 578 34.07 -8.05 3.53
CA LEU D 578 32.70 -8.25 3.08
C LEU D 578 31.81 -7.09 3.50
N PHE D 579 32.00 -6.60 4.72
CA PHE D 579 31.29 -5.41 5.17
C PHE D 579 31.52 -4.24 4.22
N TRP D 580 32.78 -4.01 3.84
CA TRP D 580 33.08 -2.85 3.01
C TRP D 580 32.73 -3.07 1.56
N SER D 581 32.65 -4.32 1.12
CA SER D 581 32.09 -4.63 -0.19
C SER D 581 30.63 -4.24 -0.26
N VAL D 582 29.90 -4.36 0.85
CA VAL D 582 28.53 -3.86 0.89
C VAL D 582 28.43 -2.41 0.39
N PHE D 583 29.47 -1.62 0.61
CA PHE D 583 29.47 -0.22 0.20
C PHE D 583 30.32 0.05 -1.03
N GLY D 584 30.79 -1.00 -1.70
CA GLY D 584 31.59 -0.82 -2.89
C GLY D 584 33.00 -0.34 -2.66
N LEU D 585 33.47 -0.35 -1.42
CA LEU D 585 34.81 0.13 -1.12
C LEU D 585 35.86 -0.97 -1.18
N LEU D 586 35.47 -2.20 -1.49
CA LEU D 586 36.40 -3.28 -1.75
C LEU D 586 36.57 -3.44 -3.26
N ASN D 587 37.79 -3.28 -3.73
CA ASN D 587 38.09 -3.40 -5.14
C ASN D 587 38.09 -4.86 -5.56
N LEU D 588 37.98 -5.09 -6.86
CA LEU D 588 37.88 -6.45 -7.36
C LEU D 588 39.21 -7.18 -7.37
N TYR D 589 40.32 -6.47 -7.54
CA TYR D 589 41.62 -7.11 -7.65
C TYR D 589 42.03 -7.84 -6.37
N VAL D 590 41.33 -7.58 -5.25
CA VAL D 590 41.58 -8.32 -4.03
C VAL D 590 41.25 -9.80 -4.17
N THR D 591 40.54 -10.19 -5.22
CA THR D 591 40.15 -11.60 -5.42
C THR D 591 41.20 -12.30 -6.24
N ASN D 592 42.39 -11.71 -6.34
CA ASN D 592 43.47 -12.26 -7.19
C ASN D 592 44.67 -12.58 -6.32
N VAL D 593 45.37 -13.69 -6.58
CA VAL D 593 46.53 -14.13 -5.74
C VAL D 593 47.84 -13.91 -6.53
N LYS D 594 48.97 -13.74 -5.84
CA LYS D 594 50.24 -13.56 -6.54
C LYS D 594 50.59 -14.79 -7.38
N ALA D 595 50.26 -15.98 -6.89
CA ALA D 595 50.56 -17.20 -7.62
C ALA D 595 49.77 -17.32 -8.92
N ARG D 596 48.76 -16.48 -9.12
CA ARG D 596 47.94 -16.49 -10.33
C ARG D 596 47.32 -17.87 -10.57
N HIS D 597 46.62 -18.35 -9.56
CA HIS D 597 45.88 -19.61 -9.63
C HIS D 597 44.50 -19.28 -10.16
N GLU D 598 44.30 -19.44 -11.47
CA GLU D 598 43.11 -18.91 -12.12
C GLU D 598 41.83 -19.56 -11.62
N PHE D 599 41.86 -20.87 -11.34
CA PHE D 599 40.66 -21.52 -10.82
C PHE D 599 40.32 -21.02 -9.41
N THR D 600 41.32 -20.90 -8.54
CA THR D 600 41.09 -20.39 -7.16
C THR D 600 40.63 -18.95 -7.21
N GLU D 601 41.19 -18.16 -8.12
CA GLU D 601 40.83 -16.72 -8.22
C GLU D 601 39.43 -16.58 -8.81
N PHE D 602 39.03 -17.48 -9.70
CA PHE D 602 37.65 -17.46 -10.19
C PHE D 602 36.68 -17.91 -9.12
N VAL D 603 37.03 -18.93 -8.34
CA VAL D 603 36.15 -19.40 -7.28
C VAL D 603 35.98 -18.32 -6.21
N GLY D 604 37.07 -17.62 -5.87
CA GLY D 604 36.96 -16.51 -4.94
C GLY D 604 36.13 -15.37 -5.48
N ALA D 605 36.32 -15.02 -6.76
CA ALA D 605 35.51 -13.98 -7.38
C ALA D 605 34.05 -14.37 -7.45
N THR D 606 33.75 -15.66 -7.63
CA THR D 606 32.36 -16.09 -7.68
C THR D 606 31.72 -16.16 -6.30
N MET D 607 32.50 -16.53 -5.27
CA MET D 607 32.02 -16.37 -3.89
C MET D 607 31.73 -14.91 -3.58
N PHE D 608 32.62 -14.02 -4.00
CA PHE D 608 32.43 -12.59 -3.79
C PHE D 608 31.22 -12.07 -4.54
N GLY D 609 31.02 -12.53 -5.77
CA GLY D 609 29.84 -12.13 -6.53
C GLY D 609 28.55 -12.68 -5.95
N THR D 610 28.56 -13.91 -5.46
CA THR D 610 27.38 -14.46 -4.80
C THR D 610 27.07 -13.71 -3.52
N TYR D 611 28.11 -13.34 -2.76
CA TYR D 611 27.88 -12.51 -1.58
C TYR D 611 27.27 -11.16 -1.96
N ASN D 612 27.76 -10.55 -3.04
CA ASN D 612 27.24 -9.27 -3.46
C ASN D 612 25.79 -9.37 -3.91
N VAL D 613 25.44 -10.45 -4.61
CA VAL D 613 24.06 -10.65 -5.03
C VAL D 613 23.17 -10.91 -3.81
N ILE D 614 23.62 -11.77 -2.89
CA ILE D 614 22.79 -12.14 -1.76
C ILE D 614 22.57 -10.97 -0.83
N SER D 615 23.60 -10.16 -0.61
CA SER D 615 23.50 -9.07 0.35
C SER D 615 22.94 -7.80 -0.28
N LEU D 616 23.53 -7.39 -1.40
CA LEU D 616 23.26 -6.05 -1.92
C LEU D 616 21.94 -5.95 -2.66
N VAL D 617 21.47 -7.04 -3.26
CA VAL D 617 20.26 -6.96 -4.06
C VAL D 617 19.27 -8.04 -3.66
N VAL D 618 19.44 -8.62 -2.48
CA VAL D 618 18.43 -9.53 -1.96
C VAL D 618 18.07 -9.13 -0.53
N LEU D 619 19.08 -9.05 0.35
CA LEU D 619 18.82 -8.71 1.74
C LEU D 619 18.57 -7.22 1.95
N LEU D 620 19.26 -6.36 1.20
CA LEU D 620 18.98 -4.94 1.30
C LEU D 620 17.57 -4.62 0.80
N ASN D 621 17.11 -5.34 -0.22
CA ASN D 621 15.74 -5.15 -0.68
C ASN D 621 14.73 -5.81 0.24
N MET D 622 15.11 -6.90 0.91
CA MET D 622 14.37 -7.35 2.09
C MET D 622 14.16 -6.20 3.06
N LEU D 623 15.25 -5.51 3.39
CA LEU D 623 15.17 -4.40 4.34
C LEU D 623 14.25 -3.31 3.84
N ILE D 624 14.34 -2.97 2.55
CA ILE D 624 13.51 -1.89 2.01
C ILE D 624 12.04 -2.24 2.09
N ALA D 625 11.67 -3.45 1.65
CA ALA D 625 10.27 -3.86 1.69
C ALA D 625 9.75 -3.99 3.12
N MET D 626 10.56 -4.60 4.00
CA MET D 626 10.18 -4.74 5.39
C MET D 626 10.00 -3.38 6.06
N MET D 627 10.87 -2.42 5.74
CA MET D 627 10.73 -1.09 6.27
C MET D 627 9.47 -0.42 5.77
N ASN D 628 9.14 -0.60 4.49
CA ASN D 628 7.91 0.01 3.98
C ASN D 628 6.68 -0.55 4.70
N ASN D 629 6.64 -1.87 4.90
CA ASN D 629 5.51 -2.46 5.61
C ASN D 629 5.44 -1.93 7.04
N SER D 630 6.54 -2.02 7.78
CA SER D 630 6.56 -1.55 9.16
C SER D 630 6.26 -0.06 9.24
N TYR D 631 6.61 0.70 8.20
CA TYR D 631 6.39 2.14 8.23
C TYR D 631 4.92 2.47 7.99
N GLN D 632 4.22 1.67 7.18
CA GLN D 632 2.78 1.82 7.09
C GLN D 632 2.12 1.54 8.44
N LEU D 633 2.50 0.42 9.07
CA LEU D 633 1.98 0.13 10.40
C LEU D 633 2.31 1.23 11.40
N ILE D 634 3.48 1.85 11.27
CA ILE D 634 3.83 2.99 12.13
C ILE D 634 2.91 4.15 11.85
N ALA D 635 2.85 4.60 10.60
CA ALA D 635 2.14 5.80 10.24
C ALA D 635 0.67 5.74 10.62
N ASP D 636 0.13 4.53 10.80
CA ASP D 636 -1.24 4.44 11.31
C ASP D 636 -1.37 5.05 12.70
N HIS D 637 -0.43 4.76 13.61
CA HIS D 637 -0.51 5.16 15.02
C HIS D 637 0.54 6.18 15.44
N ALA D 638 1.30 6.73 14.50
CA ALA D 638 2.46 7.56 14.85
C ALA D 638 2.08 8.76 15.69
N ASP D 639 0.90 9.35 15.48
CA ASP D 639 0.51 10.52 16.25
C ASP D 639 0.34 10.17 17.73
N ILE D 640 -0.34 9.08 18.02
CA ILE D 640 -0.54 8.66 19.41
C ILE D 640 0.79 8.27 20.04
N GLU D 641 1.63 7.56 19.29
CA GLU D 641 2.93 7.17 19.83
C GLU D 641 3.79 8.39 20.15
N TRP D 642 3.81 9.37 19.25
CA TRP D 642 4.61 10.56 19.49
C TRP D 642 4.05 11.37 20.65
N LYS D 643 2.73 11.49 20.75
CA LYS D 643 2.16 12.25 21.86
C LYS D 643 2.45 11.58 23.20
N PHE D 644 2.43 10.24 23.23
CA PHE D 644 2.81 9.54 24.46
C PHE D 644 4.27 9.78 24.82
N ALA D 645 5.15 9.71 23.82
CA ALA D 645 6.57 9.93 24.08
C ALA D 645 6.83 11.38 24.53
N ARG D 646 6.13 12.34 23.92
CA ARG D 646 6.28 13.73 24.32
C ARG D 646 5.71 13.98 25.70
N THR D 647 4.64 13.28 26.08
CA THR D 647 4.15 13.38 27.44
C THR D 647 5.16 12.86 28.44
N LYS D 648 5.82 11.74 28.11
CA LYS D 648 6.88 11.24 28.99
C LYS D 648 8.02 12.26 29.12
N LEU D 649 8.43 12.84 27.99
CA LEU D 649 9.46 13.86 28.00
C LEU D 649 9.05 15.05 28.86
N TRP D 650 7.82 15.53 28.69
CA TRP D 650 7.34 16.67 29.46
C TRP D 650 7.28 16.35 30.94
N MET D 651 6.74 15.17 31.30
CA MET D 651 6.64 14.77 32.69
C MET D 651 8.01 14.67 33.34
N SER D 652 9.04 14.36 32.55
CA SER D 652 10.39 14.34 33.10
C SER D 652 10.85 15.71 33.59
N TYR D 653 10.20 16.79 33.16
CA TYR D 653 10.55 18.13 33.58
C TYR D 653 9.57 18.73 34.57
N PHE D 654 8.55 17.98 35.00
CA PHE D 654 7.59 18.51 35.96
C PHE D 654 8.06 18.35 37.40
N ASP D 655 9.05 17.50 37.64
CA ASP D 655 9.50 17.18 38.98
C ASP D 655 10.61 18.12 39.44
N GLU D 656 10.68 18.35 40.75
CA GLU D 656 11.69 19.25 41.29
C GLU D 656 13.08 18.66 41.20
N GLY D 657 13.21 17.34 41.36
CA GLY D 657 14.51 16.70 41.26
C GLY D 657 15.04 16.80 39.84
N GLY D 658 16.29 17.20 39.69
CA GLY D 658 16.86 17.40 38.38
C GLY D 658 16.57 18.75 37.78
N THR D 659 16.32 19.77 38.61
CA THR D 659 16.05 21.10 38.08
C THR D 659 17.29 21.68 37.42
N LEU D 660 18.42 21.66 38.10
CA LEU D 660 19.64 22.28 37.61
C LEU D 660 20.29 21.40 36.55
N PRO D 661 20.58 21.92 35.37
CA PRO D 661 21.29 21.12 34.37
C PRO D 661 22.77 21.06 34.67
N PRO D 662 23.49 20.08 34.11
CA PRO D 662 24.94 20.10 34.23
C PRO D 662 25.50 21.35 33.59
N PRO D 663 26.59 21.89 34.14
CA PRO D 663 27.38 21.36 35.25
C PRO D 663 26.90 21.79 36.63
N PHE D 664 25.80 22.53 36.71
CA PHE D 664 25.37 23.11 37.98
C PHE D 664 24.70 22.11 38.91
N ASN D 665 24.38 20.91 38.43
CA ASN D 665 23.72 19.93 39.29
C ASN D 665 24.65 19.31 40.31
N ILE D 666 25.96 19.58 40.22
CA ILE D 666 26.92 19.04 41.17
C ILE D 666 27.43 20.18 42.05
N ILE D 667 26.57 21.16 42.29
CA ILE D 667 26.88 22.33 43.12
C ILE D 667 28.02 23.13 42.50
N SER D 709 -8.04 13.45 51.80
CA SER D 709 -7.88 12.15 51.16
C SER D 709 -9.23 11.52 50.88
N LEU D 710 -10.07 11.43 51.92
CA LEU D 710 -11.40 10.85 51.75
C LEU D 710 -12.25 11.72 50.83
N ILE D 711 -12.16 13.03 50.98
CA ILE D 711 -12.92 13.93 50.11
C ILE D 711 -12.43 13.85 48.68
N GLN D 712 -11.12 13.58 48.50
CA GLN D 712 -10.60 13.37 47.15
C GLN D 712 -11.23 12.15 46.51
N ASN D 713 -11.38 11.07 47.28
CA ASN D 713 -12.06 9.89 46.78
C ASN D 713 -13.52 10.16 46.49
N GLN D 714 -14.17 10.97 47.32
CA GLN D 714 -15.57 11.31 47.08
C GLN D 714 -15.74 12.07 45.78
N HIS D 715 -14.88 13.07 45.54
CA HIS D 715 -14.97 13.85 44.31
C HIS D 715 -14.65 13.00 43.09
N TYR D 716 -13.66 12.12 43.22
CA TYR D 716 -13.36 11.21 42.12
C TYR D 716 -14.54 10.28 41.84
N GLN D 717 -15.20 9.78 42.89
CA GLN D 717 -16.32 8.88 42.68
C GLN D 717 -17.51 9.59 42.06
N GLU D 718 -17.75 10.85 42.42
CA GLU D 718 -18.81 11.61 41.76
C GLU D 718 -18.51 11.86 40.30
N VAL D 719 -17.28 12.28 39.99
CA VAL D 719 -16.89 12.50 38.60
C VAL D 719 -16.98 11.20 37.81
N ILE D 720 -16.60 10.08 38.42
CA ILE D 720 -16.66 8.79 37.77
C ILE D 720 -18.11 8.37 37.55
N ARG D 721 -18.98 8.64 38.52
CA ARG D 721 -20.40 8.39 38.36
C ARG D 721 -20.94 9.12 37.13
N ASN D 722 -20.64 10.42 37.03
CA ASN D 722 -21.12 11.19 35.89
C ASN D 722 -20.54 10.69 34.58
N LEU D 723 -19.25 10.39 34.53
CA LEU D 723 -18.63 9.92 33.31
C LEU D 723 -19.17 8.56 32.89
N VAL D 724 -19.41 7.67 33.85
CA VAL D 724 -19.96 6.36 33.53
C VAL D 724 -21.37 6.50 32.98
N LYS D 725 -22.18 7.39 33.57
CA LYS D 725 -23.52 7.62 33.03
C LYS D 725 -23.45 8.14 31.61
N ARG D 726 -22.58 9.12 31.35
CA ARG D 726 -22.45 9.66 30.01
C ARG D 726 -21.97 8.61 29.02
N TYR D 727 -20.99 7.80 29.42
CA TYR D 727 -20.46 6.77 28.53
C TYR D 727 -21.51 5.70 28.24
N VAL D 728 -22.29 5.31 29.25
CA VAL D 728 -23.34 4.32 29.06
C VAL D 728 -24.38 4.83 28.07
N ALA D 729 -24.82 6.08 28.26
CA ALA D 729 -25.77 6.67 27.33
C ALA D 729 -25.18 6.75 25.92
N ALA D 730 -23.91 7.14 25.81
CA ALA D 730 -23.28 7.27 24.51
C ALA D 730 -23.20 5.93 23.79
N MET D 731 -22.81 4.87 24.50
CA MET D 731 -22.69 3.57 23.85
C MET D 731 -24.05 2.96 23.53
N ILE D 732 -25.06 3.23 24.38
CA ILE D 732 -26.41 2.78 24.05
C ILE D 732 -26.90 3.46 22.78
N ARG D 733 -26.66 4.76 22.64
CA ARG D 733 -27.05 5.44 21.40
C ARG D 733 -26.24 4.94 20.20
N ASN D 734 -24.93 4.72 20.39
CA ASN D 734 -24.11 4.21 19.29
C ASN D 734 -24.53 2.82 18.86
N SER D 735 -25.19 2.05 19.74
CA SER D 735 -25.82 0.81 19.31
C SER D 735 -26.94 1.09 18.31
N LYS D 736 -27.70 2.15 18.53
CA LYS D 736 -28.78 2.55 17.63
C LYS D 736 -28.30 3.52 16.56
#